data_2V7Q
#
_entry.id   2V7Q
#
_cell.length_a   262.534
_cell.length_b   103.271
_cell.length_c   135.559
_cell.angle_alpha   90.00
_cell.angle_beta   90.00
_cell.angle_gamma   90.00
#
_symmetry.space_group_name_H-M   'P 21 21 21'
#
loop_
_entity.id
_entity.type
_entity.pdbx_description
1 polymer 'ATP SYNTHASE SUBUNIT ALPHA HEART ISOFORM'
2 polymer 'ATP SYNTHASE SUBUNIT BETA'
3 polymer 'ATP SYNTHASE GAMMA CHAIN'
4 polymer 'ATP SYNTHASE DELTA CHAIN'
5 polymer 'ATP SYNTHASE EPSILON CHAIN'
6 polymer 'ATPASE INHIBITOR'
7 non-polymer "ADENOSINE-5'-TRIPHOSPHATE"
8 non-polymer 'MAGNESIUM ION'
9 non-polymer "ADENOSINE-5'-DIPHOSPHATE"
10 non-polymer 'PHOSPHATE ION'
11 water water
#
loop_
_entity_poly.entity_id
_entity_poly.type
_entity_poly.pdbx_seq_one_letter_code
_entity_poly.pdbx_strand_id
1 'polypeptide(L)'
;EKTGTAEVSSILEERILGADTSVDLEETGRVLSIGDGIARVHGLRNVQAEEMVEFSSGLKGMSLNLEPDNVGVVVFGNDK
LIKEGDIVKRTGAIVDVPVGEELLGRVVDALGNAIDGKGPIGSKARRRVGLKAPGIIPRISVREPMQTGIKAVDSLVPIG
RGQRELIIGDRQTGKTSIAIDTIINQKRFNDGTDEKKKLYCIYVAIGQKRSTVAQLVKRLTDADAMKYTIVVSATASDAA
PLQYLAPYSGCSMGEYFRDNGKHALIIYDDLSKQAVAYRQMSLLLRRPPGREAYPGDVFYLHSRLLERAAKMNDAFGGGS
LTALPVIETQAGDVSAYIPTNVISITDGQIFLETELFYKGIRPAINVGLSVSRVGSAAQTRAMKQVAGTMKLELAQYREV
AAFAQFGSDLDAATQQLLSRGVRLTELLKQGQYSPMAIEEQVAVIYAGVRGYLDKLEPSKITKFENAFLSHVISQHQALL
SKIRTDGKISEESDAKLKEIVTNFLAGFEA
;
A,B,C
2 'polypeptide(L)'
;AAQASPSPKAGATTGRIVAVIGAVVDVQFDEGLPPILNALEVQGRETRLVLEVAQHLGESTVRTIAMDGTEGLVRGQKVL
DSGAPIRIPVGPETLGRIMNVIGEPIDERGPIKTKQFAAIHAEAPEFVEMSVEQEILVTGIKVVDLLAPYAKGGKIGLFG
GAGVGKTVLIMELINNVAKAHGGYSVFAGVGERTREGNDLYHEMIESGVINLKDATSKVALVYGQMNEPPGARARVALTG
LTVAEYFRDQEGQDVLLFIDNIFRFTQAGSEVSALLGRIPSAVGYQPTLATDMGTMQERITTTKKGSITSVQAIYVPADD
LTDPAPATTFAHLDATTVLSRAIAELGIYPAVDPLDSTSRIMDPNIVGSEHYDVARGVQKILQDYKSLQDIIAILGMDEL
SEEDKLTVSRARKIQRFLSQPFQVAEVFTGHLGKLVPLKETIKGFQQILAGEYDHLPEQAFYMVGPIEEAVAKADKLAEE
HS
;
D,E,F
3 'polypeptide(L)'
;ATLKDITRRLKSIKNIQKITKSMKMVAAAKYARAERELKPARVYGVGSLALYEKADIKTPEDKKKHLIIGVSSDRGLCGA
IHSSVAKQMKSEAANLAAAGKEVKIIGVGDKIRSILHRTHSDQFLVTFKEVGRRPPTFGDASVIALELLNSGYEFDEGSI
IFNRFRSVISYKTEEKPIFSLDTISSAESMSIYDDIDADVLRNYQEYSLANIIYYSLKESTTSEQSARMTAMDNASKNAS
EMIDKLTLTFNRTRQAVITKELIEIISGAAAL
;
G
4 'polypeptide(L)'
;AEAAAAQAPAAGPGQMSFTFASPTQVFFNSANVRQVDVPTQTGAFGILAAHVPTLQVLRPGLVVVHAEDGTTSKYFVSSG
SVTVNADSSVQLLAEEAVTLDMLDLGAAKANLEKAQSELLGAADEATRAEIQIRIEANEALVKALE
;
H
5 'polypeptide(L)' VAYWRQAGLSYIRYSQICAKAVRDALKTEFKANAMKTSGSTIKIVKVKKE I
6 'polypeptide(L)' GSESGDNVRSSAGAVRDAGGAFGKREQAEEERYFRARAKEQLAALKKHHENEISHHAKEIHHHHHH J
#
# COMPACT_ATOMS: atom_id res chain seq x y z
N ASP A 24 33.66 -49.44 -2.36
CA ASP A 24 32.87 -49.10 -3.59
C ASP A 24 32.24 -47.72 -3.44
N LEU A 25 33.00 -46.69 -3.83
CA LEU A 25 32.52 -45.31 -3.71
C LEU A 25 31.65 -44.89 -4.90
N GLU A 26 31.48 -45.83 -5.84
CA GLU A 26 30.57 -45.63 -6.96
C GLU A 26 29.13 -45.95 -6.61
N GLU A 27 28.94 -46.97 -5.76
CA GLU A 27 27.61 -47.48 -5.42
C GLU A 27 27.20 -47.11 -4.00
N THR A 28 28.19 -46.69 -3.20
CA THR A 28 27.98 -46.30 -1.82
C THR A 28 28.73 -44.99 -1.53
N GLY A 29 28.39 -44.38 -0.40
CA GLY A 29 29.07 -43.21 0.08
C GLY A 29 28.96 -43.16 1.59
N ARG A 30 29.52 -42.10 2.19
CA ARG A 30 29.44 -41.85 3.62
C ARG A 30 29.03 -40.42 3.90
N VAL A 31 28.23 -40.23 4.96
CA VAL A 31 27.78 -38.91 5.39
C VAL A 31 28.92 -38.01 5.93
N LEU A 32 29.13 -36.87 5.26
CA LEU A 32 30.10 -35.86 5.68
C LEU A 32 29.51 -34.95 6.76
N SER A 33 28.26 -34.54 6.57
CA SER A 33 27.58 -33.65 7.49
C SER A 33 26.08 -33.85 7.34
N ILE A 34 25.34 -33.51 8.39
CA ILE A 34 23.89 -33.64 8.38
C ILE A 34 23.31 -32.60 9.31
N GLY A 35 22.36 -31.82 8.80
CA GLY A 35 21.62 -30.91 9.67
C GLY A 35 20.44 -30.39 8.89
N ASP A 36 19.36 -30.06 9.59
CA ASP A 36 18.15 -29.53 8.95
C ASP A 36 17.66 -30.41 7.78
N GLY A 37 17.85 -31.72 7.90
CA GLY A 37 17.35 -32.68 6.92
C GLY A 37 18.14 -32.79 5.63
N ILE A 38 19.29 -32.14 5.55
CA ILE A 38 20.17 -32.23 4.39
C ILE A 38 21.37 -33.06 4.80
N ALA A 39 21.63 -34.14 4.06
CA ALA A 39 22.85 -34.91 4.27
C ALA A 39 23.76 -34.69 3.07
N ARG A 40 25.00 -34.31 3.34
CA ARG A 40 26.03 -34.16 2.32
C ARG A 40 26.79 -35.46 2.36
N VAL A 41 26.95 -36.11 1.21
CA VAL A 41 27.47 -37.47 1.19
C VAL A 41 28.71 -37.50 0.29
N HIS A 42 29.79 -38.07 0.81
CA HIS A 42 31.00 -38.35 0.04
C HIS A 42 30.79 -39.68 -0.69
N GLY A 43 31.22 -39.78 -1.95
CA GLY A 43 31.05 -41.01 -2.74
C GLY A 43 29.79 -41.00 -3.61
N LEU A 44 29.16 -42.15 -3.76
CA LEU A 44 28.01 -42.32 -4.67
C LEU A 44 28.30 -41.77 -6.07
N ARG A 45 29.49 -42.06 -6.57
CA ARG A 45 29.95 -41.46 -7.83
C ARG A 45 29.03 -41.75 -9.02
N ASN A 46 28.35 -42.89 -8.97
CA ASN A 46 27.47 -43.34 -10.06
C ASN A 46 25.98 -43.05 -9.86
N VAL A 47 25.65 -42.33 -8.78
CA VAL A 47 24.27 -41.97 -8.47
C VAL A 47 23.72 -40.99 -9.54
N GLN A 48 22.44 -41.16 -9.88
CA GLN A 48 21.72 -40.25 -10.77
C GLN A 48 21.06 -39.11 -10.03
N ALA A 49 20.86 -37.99 -10.73
CA ALA A 49 20.02 -36.91 -10.20
C ALA A 49 18.59 -37.45 -10.02
N GLU A 50 18.04 -37.27 -8.82
CA GLU A 50 16.66 -37.68 -8.48
C GLU A 50 16.50 -39.18 -8.22
N GLU A 51 17.61 -39.84 -7.90
CA GLU A 51 17.63 -41.24 -7.52
C GLU A 51 17.30 -41.42 -6.03
N MET A 52 16.53 -42.46 -5.73
CA MET A 52 16.34 -42.94 -4.37
C MET A 52 17.62 -43.55 -3.79
N VAL A 53 18.08 -43.04 -2.65
CA VAL A 53 19.18 -43.69 -1.92
C VAL A 53 18.69 -44.19 -0.57
N GLU A 54 19.43 -45.11 0.04
CA GLU A 54 19.08 -45.66 1.36
C GLU A 54 20.18 -45.45 2.42
N PHE A 55 19.80 -44.93 3.58
CA PHE A 55 20.72 -44.73 4.71
C PHE A 55 20.82 -45.96 5.62
N SER A 56 21.86 -45.99 6.46
CA SER A 56 22.19 -47.13 7.34
C SER A 56 21.08 -47.57 8.30
N SER A 57 20.26 -46.61 8.74
CA SER A 57 19.14 -46.87 9.63
C SER A 57 17.97 -47.58 8.95
N GLY A 58 17.78 -47.27 7.66
CA GLY A 58 16.65 -47.79 6.89
C GLY A 58 15.90 -46.68 6.15
N LEU A 59 16.13 -45.44 6.58
CA LEU A 59 15.55 -44.24 5.96
C LEU A 59 15.89 -44.14 4.48
N LYS A 60 14.95 -43.63 3.70
CA LYS A 60 15.17 -43.36 2.29
C LYS A 60 15.52 -41.88 2.07
N GLY A 61 16.28 -41.60 1.02
CA GLY A 61 16.60 -40.23 0.65
C GLY A 61 16.53 -40.04 -0.84
N MET A 62 16.60 -38.79 -1.29
CA MET A 62 16.70 -38.47 -2.72
C MET A 62 17.91 -37.58 -3.02
N SER A 63 18.71 -38.00 -4.00
CA SER A 63 19.87 -37.24 -4.49
C SER A 63 19.46 -36.06 -5.37
N LEU A 64 19.33 -34.87 -4.79
CA LEU A 64 18.93 -33.68 -5.59
C LEU A 64 20.06 -32.78 -6.12
N ASN A 65 21.19 -32.74 -5.40
CA ASN A 65 22.35 -31.94 -5.82
C ASN A 65 23.52 -32.86 -6.08
N LEU A 66 23.93 -32.99 -7.34
CA LEU A 66 25.14 -33.72 -7.63
C LEU A 66 26.24 -32.66 -7.76
N GLU A 67 27.17 -32.62 -6.80
CA GLU A 67 28.24 -31.61 -6.80
C GLU A 67 29.59 -32.28 -7.01
N PRO A 68 30.65 -31.52 -7.33
CA PRO A 68 31.92 -32.19 -7.64
C PRO A 68 32.48 -33.07 -6.49
N ASP A 69 32.28 -32.68 -5.24
CA ASP A 69 32.86 -33.42 -4.12
C ASP A 69 31.86 -33.94 -3.09
N ASN A 70 30.57 -33.83 -3.39
CA ASN A 70 29.53 -34.28 -2.47
C ASN A 70 28.20 -34.45 -3.19
N VAL A 71 27.32 -35.29 -2.62
CA VAL A 71 25.92 -35.34 -3.04
C VAL A 71 25.09 -34.73 -1.92
N GLY A 72 24.18 -33.82 -2.28
CA GLY A 72 23.24 -33.28 -1.30
C GLY A 72 21.99 -34.14 -1.33
N VAL A 73 21.68 -34.81 -0.22
CA VAL A 73 20.55 -35.74 -0.15
C VAL A 73 19.46 -35.20 0.79
N VAL A 74 18.24 -35.12 0.28
CA VAL A 74 17.09 -34.77 1.12
C VAL A 74 16.48 -36.07 1.67
N VAL A 75 16.06 -36.06 2.92
CA VAL A 75 15.67 -37.31 3.61
C VAL A 75 14.16 -37.49 3.69
N PHE A 76 13.67 -38.62 3.16
CA PHE A 76 12.25 -38.97 3.12
C PHE A 76 11.78 -39.57 4.46
N GLY A 77 12.15 -38.92 5.55
CA GLY A 77 11.82 -39.42 6.87
C GLY A 77 12.53 -38.64 7.94
N ASN A 78 12.74 -39.28 9.09
CA ASN A 78 13.33 -38.61 10.23
C ASN A 78 14.84 -38.45 10.08
N ASP A 79 15.26 -37.33 9.51
CA ASP A 79 16.68 -37.04 9.27
C ASP A 79 17.52 -36.89 10.55
N LYS A 80 16.85 -36.75 11.69
CA LYS A 80 17.50 -36.75 13.01
C LYS A 80 18.24 -38.05 13.34
N LEU A 81 17.88 -39.14 12.66
CA LEU A 81 18.49 -40.47 12.87
C LEU A 81 19.83 -40.68 12.12
N ILE A 82 20.22 -39.72 11.28
CA ILE A 82 21.45 -39.80 10.49
C ILE A 82 22.63 -39.13 11.22
N LYS A 83 23.81 -39.75 11.14
CA LYS A 83 25.01 -39.26 11.82
C LYS A 83 26.19 -39.14 10.85
N GLU A 84 27.14 -38.24 11.13
CA GLU A 84 28.38 -38.16 10.36
C GLU A 84 28.98 -39.55 10.24
N GLY A 85 29.37 -39.93 9.03
CA GLY A 85 29.97 -41.25 8.80
C GLY A 85 29.05 -42.38 8.36
N ASP A 86 27.75 -42.18 8.48
CA ASP A 86 26.77 -43.21 8.10
C ASP A 86 26.95 -43.61 6.64
N ILE A 87 26.76 -44.88 6.36
CA ILE A 87 26.83 -45.40 5.00
C ILE A 87 25.52 -45.11 4.31
N VAL A 88 25.61 -44.75 3.02
CA VAL A 88 24.47 -44.45 2.18
C VAL A 88 24.67 -45.30 0.91
N LYS A 89 23.61 -45.90 0.40
CA LYS A 89 23.73 -46.75 -0.80
C LYS A 89 22.75 -46.35 -1.92
N ARG A 90 23.16 -46.60 -3.16
CA ARG A 90 22.28 -46.46 -4.32
C ARG A 90 21.14 -47.48 -4.29
N THR A 91 20.01 -47.13 -4.93
CA THR A 91 18.98 -48.12 -5.25
C THR A 91 18.94 -48.36 -6.74
N GLY A 92 19.57 -47.47 -7.51
CA GLY A 92 19.57 -47.58 -8.97
C GLY A 92 18.32 -47.01 -9.63
N ALA A 93 17.32 -46.65 -8.83
CA ALA A 93 16.05 -46.19 -9.38
C ALA A 93 15.67 -44.75 -9.05
N ILE A 94 15.24 -44.04 -10.09
CA ILE A 94 14.62 -42.73 -9.98
C ILE A 94 13.39 -42.90 -9.09
N VAL A 95 13.16 -41.94 -8.20
CA VAL A 95 12.07 -42.02 -7.22
C VAL A 95 10.74 -42.46 -7.85
N ASP A 96 10.16 -43.54 -7.33
CA ASP A 96 8.87 -44.01 -7.85
C ASP A 96 7.91 -44.51 -6.76
N VAL A 97 6.69 -44.86 -7.16
CA VAL A 97 5.62 -45.26 -6.23
C VAL A 97 4.76 -46.38 -6.82
N PRO A 98 4.06 -47.14 -5.95
CA PRO A 98 3.10 -48.12 -6.47
C PRO A 98 1.90 -47.44 -7.11
N VAL A 99 1.29 -48.15 -8.05
CA VAL A 99 0.17 -47.63 -8.82
C VAL A 99 -0.75 -48.79 -9.18
N GLY A 100 -2.04 -48.52 -9.34
CA GLY A 100 -3.02 -49.55 -9.71
C GLY A 100 -4.29 -49.53 -8.87
N GLU A 101 -5.14 -50.53 -9.11
CA GLU A 101 -6.44 -50.59 -8.45
C GLU A 101 -6.38 -51.07 -7.00
N GLU A 102 -5.27 -51.68 -6.61
CA GLU A 102 -5.06 -52.14 -5.23
C GLU A 102 -4.94 -50.98 -4.20
N LEU A 103 -4.75 -49.76 -4.70
CA LEU A 103 -4.66 -48.58 -3.83
C LEU A 103 -6.04 -48.03 -3.47
N LEU A 104 -7.06 -48.39 -4.23
CA LEU A 104 -8.42 -47.91 -3.98
C LEU A 104 -8.85 -48.37 -2.60
N GLY A 105 -9.50 -47.48 -1.85
CA GLY A 105 -9.94 -47.78 -0.48
C GLY A 105 -8.86 -47.64 0.59
N ARG A 106 -7.68 -47.20 0.18
CA ARG A 106 -6.52 -47.19 1.06
C ARG A 106 -6.04 -45.78 1.37
N VAL A 107 -5.49 -45.60 2.56
CA VAL A 107 -4.78 -44.39 2.93
C VAL A 107 -3.29 -44.72 2.96
N VAL A 108 -2.52 -44.03 2.12
CA VAL A 108 -1.08 -44.24 2.04
C VAL A 108 -0.31 -42.95 2.34
N ASP A 109 0.98 -43.09 2.62
CA ASP A 109 1.84 -41.90 2.73
C ASP A 109 2.37 -41.52 1.35
N ALA A 110 3.25 -40.51 1.33
CA ALA A 110 3.80 -39.97 0.08
C ALA A 110 4.54 -41.00 -0.77
N LEU A 111 5.13 -42.01 -0.12
CA LEU A 111 5.83 -43.08 -0.87
C LEU A 111 4.89 -44.22 -1.29
N GLY A 112 3.64 -44.12 -0.87
CA GLY A 112 2.64 -45.16 -1.20
C GLY A 112 2.61 -46.36 -0.27
N ASN A 113 3.21 -46.22 0.91
CA ASN A 113 3.12 -47.19 2.01
C ASN A 113 1.79 -47.01 2.72
N ALA A 114 1.16 -48.12 3.10
CA ALA A 114 -0.11 -48.08 3.83
C ALA A 114 0.05 -47.52 5.24
N ILE A 115 -0.86 -46.63 5.61
CA ILE A 115 -0.87 -46.05 6.95
C ILE A 115 -2.21 -46.28 7.65
N ASP A 116 -3.09 -47.08 7.03
CA ASP A 116 -4.41 -47.34 7.56
C ASP A 116 -4.49 -48.58 8.47
N GLY A 117 -3.37 -49.31 8.55
CA GLY A 117 -3.30 -50.53 9.36
C GLY A 117 -3.98 -51.74 8.73
N LYS A 118 -4.26 -51.66 7.44
CA LYS A 118 -4.99 -52.72 6.72
C LYS A 118 -4.06 -53.67 5.94
N GLY A 119 -2.76 -53.59 6.19
CA GLY A 119 -1.79 -54.45 5.52
C GLY A 119 -1.13 -53.85 4.29
N PRO A 120 -0.23 -54.62 3.63
CA PRO A 120 0.48 -54.16 2.45
C PRO A 120 -0.43 -53.88 1.24
N ILE A 121 0.00 -52.93 0.41
CA ILE A 121 -0.67 -52.64 -0.85
C ILE A 121 -0.26 -53.72 -1.84
N GLY A 122 -1.22 -54.49 -2.35
CA GLY A 122 -0.89 -55.61 -3.22
C GLY A 122 -0.52 -55.17 -4.63
N SER A 123 0.50 -54.30 -4.75
CA SER A 123 0.77 -53.58 -6.00
C SER A 123 1.56 -54.34 -7.06
N LYS A 124 1.01 -54.36 -8.28
CA LYS A 124 1.63 -55.02 -9.42
C LYS A 124 2.61 -54.08 -10.14
N ALA A 125 2.29 -52.79 -10.14
CA ALA A 125 3.02 -51.82 -10.95
C ALA A 125 3.54 -50.64 -10.14
N ARG A 126 4.66 -50.07 -10.58
CA ARG A 126 5.17 -48.82 -10.03
C ARG A 126 5.27 -47.78 -11.14
N ARG A 127 5.39 -46.52 -10.74
CA ARG A 127 5.45 -45.43 -11.70
C ARG A 127 6.39 -44.35 -11.17
N ARG A 128 7.31 -43.88 -12.01
CA ARG A 128 8.17 -42.74 -11.65
C ARG A 128 7.29 -41.56 -11.28
N VAL A 129 7.63 -40.89 -10.19
CA VAL A 129 6.81 -39.77 -9.75
C VAL A 129 6.88 -38.57 -10.71
N GLY A 130 8.00 -38.42 -11.42
CA GLY A 130 8.25 -37.24 -12.24
C GLY A 130 8.18 -37.43 -13.75
N LEU A 131 7.28 -38.30 -14.21
CA LEU A 131 7.06 -38.54 -15.65
C LEU A 131 6.45 -37.36 -16.39
N LYS A 132 6.93 -37.12 -17.61
CA LYS A 132 6.47 -36.04 -18.48
C LYS A 132 4.97 -36.12 -18.76
N ALA A 133 4.33 -34.95 -18.84
CA ALA A 133 2.92 -34.86 -19.21
C ALA A 133 2.71 -35.31 -20.66
N PRO A 134 1.49 -35.78 -21.02
CA PRO A 134 1.22 -35.98 -22.44
C PRO A 134 1.41 -34.72 -23.25
N GLY A 135 1.84 -34.86 -24.50
CA GLY A 135 2.08 -33.72 -25.38
C GLY A 135 0.83 -33.24 -26.10
N ILE A 136 1.04 -32.46 -27.14
CA ILE A 136 -0.05 -31.88 -27.92
C ILE A 136 -0.94 -32.96 -28.55
N ILE A 137 -0.32 -33.89 -29.29
CA ILE A 137 -1.05 -34.86 -30.12
C ILE A 137 -2.00 -35.81 -29.39
N PRO A 138 -1.53 -36.46 -28.30
CA PRO A 138 -2.40 -37.43 -27.63
C PRO A 138 -3.72 -36.87 -27.08
N ARG A 139 -3.85 -35.55 -27.00
CA ARG A 139 -4.97 -34.94 -26.29
C ARG A 139 -6.12 -34.61 -27.22
N ILE A 140 -7.28 -34.37 -26.62
CA ILE A 140 -8.42 -33.80 -27.33
C ILE A 140 -9.17 -32.90 -26.35
N SER A 141 -9.89 -31.92 -26.88
CA SER A 141 -10.49 -30.88 -26.04
C SER A 141 -11.46 -31.47 -25.06
N VAL A 142 -11.48 -30.90 -23.85
CA VAL A 142 -12.33 -31.35 -22.78
C VAL A 142 -13.79 -31.25 -23.23
N ARG A 143 -14.53 -32.36 -23.13
CA ARG A 143 -15.91 -32.45 -23.63
C ARG A 143 -16.85 -33.36 -22.82
N GLU A 144 -16.34 -33.96 -21.74
CA GLU A 144 -17.16 -34.80 -20.84
C GLU A 144 -17.38 -34.09 -19.51
N PRO A 145 -18.62 -34.12 -18.98
CA PRO A 145 -18.88 -33.50 -17.68
C PRO A 145 -18.16 -34.18 -16.52
N MET A 146 -17.54 -33.39 -15.66
CA MET A 146 -17.07 -33.90 -14.37
C MET A 146 -17.98 -33.23 -13.32
N GLN A 147 -19.03 -33.94 -12.92
CA GLN A 147 -20.12 -33.37 -12.11
C GLN A 147 -19.82 -33.34 -10.62
N THR A 148 -19.85 -32.14 -10.04
CA THR A 148 -19.60 -31.97 -8.61
C THR A 148 -20.83 -32.27 -7.77
N GLY A 149 -22.01 -32.14 -8.37
CA GLY A 149 -23.26 -32.23 -7.63
C GLY A 149 -23.61 -30.94 -6.88
N ILE A 150 -22.81 -29.90 -7.10
CA ILE A 150 -22.98 -28.60 -6.46
C ILE A 150 -23.58 -27.66 -7.51
N LYS A 151 -24.77 -27.11 -7.24
CA LYS A 151 -25.53 -26.37 -8.25
C LYS A 151 -24.76 -25.19 -8.84
N ALA A 152 -24.14 -24.39 -7.97
CA ALA A 152 -23.40 -23.21 -8.40
C ALA A 152 -22.26 -23.56 -9.36
N VAL A 153 -21.54 -24.64 -9.06
CA VAL A 153 -20.45 -25.13 -9.89
C VAL A 153 -20.95 -25.73 -11.21
N ASP A 154 -21.88 -26.69 -11.13
CA ASP A 154 -22.28 -27.41 -12.35
C ASP A 154 -23.03 -26.52 -13.33
N SER A 155 -23.67 -25.46 -12.82
CA SER A 155 -24.36 -24.51 -13.70
C SER A 155 -23.47 -23.35 -14.16
N LEU A 156 -22.66 -22.82 -13.25
CA LEU A 156 -21.97 -21.56 -13.52
C LEU A 156 -20.44 -21.67 -13.64
N VAL A 157 -19.83 -22.67 -13.00
CA VAL A 157 -18.39 -22.87 -13.12
C VAL A 157 -18.10 -24.32 -13.56
N PRO A 158 -18.71 -24.77 -14.68
CA PRO A 158 -18.69 -26.20 -14.97
C PRO A 158 -17.30 -26.75 -15.22
N ILE A 159 -17.09 -28.00 -14.81
CA ILE A 159 -15.80 -28.65 -14.92
C ILE A 159 -15.95 -29.85 -15.85
N GLY A 160 -15.00 -30.02 -16.75
CA GLY A 160 -14.97 -31.20 -17.62
C GLY A 160 -13.81 -32.13 -17.30
N ARG A 161 -13.92 -33.35 -17.79
CA ARG A 161 -12.95 -34.41 -17.54
C ARG A 161 -11.64 -34.13 -18.29
N GLY A 162 -10.57 -33.96 -17.52
CA GLY A 162 -9.27 -33.57 -18.07
C GLY A 162 -8.88 -32.13 -17.74
N GLN A 163 -9.83 -31.41 -17.14
CA GLN A 163 -9.64 -30.00 -16.81
C GLN A 163 -8.79 -29.84 -15.55
N ARG A 164 -8.15 -28.70 -15.42
CA ARG A 164 -7.55 -28.28 -14.15
C ARG A 164 -8.31 -27.05 -13.65
N GLU A 165 -8.99 -27.19 -12.53
CA GLU A 165 -9.83 -26.12 -12.00
C GLU A 165 -9.41 -25.84 -10.58
N LEU A 166 -8.97 -24.61 -10.35
CA LEU A 166 -8.47 -24.19 -9.07
C LEU A 166 -9.61 -23.89 -8.12
N ILE A 167 -9.49 -24.40 -6.89
CA ILE A 167 -10.34 -23.95 -5.79
C ILE A 167 -9.50 -23.04 -4.88
N ILE A 168 -9.95 -21.81 -4.72
CA ILE A 168 -9.11 -20.80 -4.11
C ILE A 168 -9.90 -19.90 -3.12
N GLY A 169 -9.24 -19.48 -2.05
CA GLY A 169 -9.86 -18.57 -1.06
C GLY A 169 -9.11 -18.62 0.26
N ASP A 170 -9.47 -17.73 1.18
CA ASP A 170 -8.81 -17.65 2.47
C ASP A 170 -9.17 -18.88 3.29
N ARG A 171 -8.47 -19.08 4.41
CA ARG A 171 -8.83 -20.17 5.33
C ARG A 171 -10.34 -20.18 5.64
N GLN A 172 -10.92 -21.37 5.69
CA GLN A 172 -12.28 -21.60 6.21
C GLN A 172 -13.43 -20.99 5.39
N THR A 173 -13.28 -20.99 4.07
CA THR A 173 -14.32 -20.46 3.19
C THR A 173 -15.12 -21.60 2.54
N GLY A 174 -14.68 -22.84 2.76
CA GLY A 174 -15.39 -24.02 2.26
C GLY A 174 -14.67 -24.80 1.16
N LYS A 175 -13.36 -24.59 1.02
CA LYS A 175 -12.55 -25.16 -0.09
C LYS A 175 -12.51 -26.68 -0.10
N THR A 176 -12.15 -27.29 1.03
CA THR A 176 -12.08 -28.75 1.14
C THR A 176 -13.46 -29.37 0.93
N SER A 177 -14.48 -28.72 1.50
CA SER A 177 -15.86 -29.17 1.35
C SER A 177 -16.33 -29.28 -0.13
N ILE A 178 -15.82 -28.39 -1.00
CA ILE A 178 -16.10 -28.51 -2.43
C ILE A 178 -15.55 -29.84 -2.96
N ALA A 179 -14.27 -30.06 -2.70
CA ALA A 179 -13.59 -31.27 -3.12
C ALA A 179 -14.24 -32.55 -2.59
N ILE A 180 -14.58 -32.56 -1.30
CA ILE A 180 -15.19 -33.76 -0.68
C ILE A 180 -16.59 -34.07 -1.22
N ASP A 181 -17.43 -33.05 -1.34
CA ASP A 181 -18.75 -33.26 -1.94
C ASP A 181 -18.66 -33.76 -3.40
N THR A 182 -17.64 -33.30 -4.13
CA THR A 182 -17.40 -33.78 -5.49
C THR A 182 -17.08 -35.29 -5.50
N ILE A 183 -16.16 -35.70 -4.65
CA ILE A 183 -15.80 -37.11 -4.48
C ILE A 183 -17.02 -37.99 -4.16
N ILE A 184 -17.79 -37.57 -3.15
CA ILE A 184 -19.04 -38.24 -2.76
C ILE A 184 -20.04 -38.34 -3.92
N ASN A 185 -20.11 -37.30 -4.75
CA ASN A 185 -21.04 -37.27 -5.88
C ASN A 185 -20.84 -38.41 -6.90
N GLN A 186 -19.62 -38.95 -6.99
CA GLN A 186 -19.29 -39.92 -8.06
C GLN A 186 -19.85 -41.33 -7.82
N LYS A 187 -20.33 -41.57 -6.60
CA LYS A 187 -20.97 -42.85 -6.22
C LYS A 187 -22.11 -43.24 -7.16
N ARG A 188 -22.96 -42.27 -7.44
CA ARG A 188 -24.07 -42.39 -8.38
C ARG A 188 -23.64 -43.03 -9.70
N PHE A 189 -22.46 -42.62 -10.19
CA PHE A 189 -21.93 -43.17 -11.43
C PHE A 189 -21.19 -44.49 -11.19
N ASN A 190 -20.40 -44.53 -10.12
CA ASN A 190 -19.56 -45.68 -9.83
C ASN A 190 -20.33 -46.95 -9.42
N ASP A 191 -21.55 -46.75 -8.92
CA ASP A 191 -22.45 -47.85 -8.58
C ASP A 191 -23.13 -48.44 -9.82
N GLY A 192 -23.28 -47.62 -10.86
CA GLY A 192 -24.03 -48.00 -12.06
C GLY A 192 -23.33 -48.90 -13.05
N THR A 193 -23.86 -48.93 -14.26
CA THR A 193 -23.43 -49.86 -15.31
C THR A 193 -22.75 -49.18 -16.49
N ASP A 194 -22.81 -47.85 -16.54
CA ASP A 194 -22.14 -47.08 -17.59
C ASP A 194 -20.69 -46.80 -17.20
N GLU A 195 -19.77 -47.57 -17.80
CA GLU A 195 -18.35 -47.49 -17.45
C GLU A 195 -17.70 -46.18 -17.87
N LYS A 196 -18.32 -45.48 -18.83
CA LYS A 196 -17.80 -44.21 -19.32
C LYS A 196 -17.97 -43.07 -18.33
N LYS A 197 -18.97 -43.17 -17.47
CA LYS A 197 -19.28 -42.12 -16.49
C LYS A 197 -18.57 -42.32 -15.16
N LYS A 198 -17.91 -43.48 -15.00
CA LYS A 198 -17.21 -43.77 -13.76
C LYS A 198 -16.03 -42.85 -13.56
N LEU A 199 -15.74 -42.56 -12.29
CA LEU A 199 -14.65 -41.65 -11.90
C LEU A 199 -14.01 -42.12 -10.61
N TYR A 200 -12.76 -42.55 -10.69
CA TYR A 200 -11.95 -42.86 -9.50
C TYR A 200 -11.33 -41.61 -8.95
N CYS A 201 -11.20 -41.54 -7.63
CA CYS A 201 -10.83 -40.29 -6.98
C CYS A 201 -9.57 -40.42 -6.14
N ILE A 202 -8.72 -39.40 -6.16
CA ILE A 202 -7.53 -39.37 -5.30
C ILE A 202 -7.48 -38.07 -4.51
N TYR A 203 -7.38 -38.17 -3.18
CA TYR A 203 -7.32 -37.00 -2.33
C TYR A 203 -5.94 -36.91 -1.72
N VAL A 204 -5.19 -35.87 -2.07
CA VAL A 204 -3.85 -35.68 -1.53
C VAL A 204 -3.90 -34.62 -0.45
N ALA A 205 -3.66 -35.03 0.79
CA ALA A 205 -3.55 -34.10 1.90
C ALA A 205 -2.08 -33.71 2.10
N ILE A 206 -1.80 -32.42 2.14
CA ILE A 206 -0.42 -31.94 2.29
C ILE A 206 -0.33 -30.94 3.41
N GLY A 207 0.46 -31.26 4.42
CA GLY A 207 0.69 -30.36 5.56
C GLY A 207 -0.45 -30.23 6.56
N GLN A 208 -1.47 -31.07 6.43
CA GLN A 208 -2.60 -31.04 7.37
C GLN A 208 -2.22 -31.83 8.62
N LYS A 209 -2.91 -31.60 9.73
CA LYS A 209 -2.69 -32.46 10.90
C LYS A 209 -3.44 -33.80 10.77
N ARG A 210 -2.90 -34.85 11.38
CA ARG A 210 -3.44 -36.23 11.26
C ARG A 210 -4.90 -36.40 11.69
N SER A 211 -5.33 -35.68 12.74
CA SER A 211 -6.73 -35.80 13.18
C SER A 211 -7.72 -35.25 12.15
N THR A 212 -7.31 -34.22 11.41
CA THR A 212 -8.10 -33.67 10.30
C THR A 212 -8.27 -34.73 9.21
N VAL A 213 -7.18 -35.37 8.81
CA VAL A 213 -7.25 -36.36 7.76
C VAL A 213 -8.13 -37.54 8.18
N ALA A 214 -8.05 -37.93 9.45
CA ALA A 214 -8.88 -39.01 9.99
C ALA A 214 -10.37 -38.68 9.90
N GLN A 215 -10.73 -37.42 10.20
CA GLN A 215 -12.12 -36.98 10.07
C GLN A 215 -12.58 -37.02 8.60
N LEU A 216 -11.69 -36.61 7.71
CA LEU A 216 -11.92 -36.63 6.27
C LEU A 216 -12.19 -38.07 5.80
N VAL A 217 -11.31 -38.98 6.18
CA VAL A 217 -11.48 -40.42 5.88
C VAL A 217 -12.76 -41.02 6.49
N LYS A 218 -13.08 -40.65 7.73
CA LYS A 218 -14.32 -41.08 8.35
C LYS A 218 -15.51 -40.71 7.46
N ARG A 219 -15.55 -39.45 7.02
CA ARG A 219 -16.58 -38.91 6.15
C ARG A 219 -16.72 -39.71 4.86
N LEU A 220 -15.59 -39.95 4.19
CA LEU A 220 -15.61 -40.70 2.93
C LEU A 220 -16.04 -42.14 3.15
N THR A 221 -15.67 -42.72 4.29
CA THR A 221 -16.05 -44.10 4.60
C THR A 221 -17.55 -44.17 4.84
N ASP A 222 -18.06 -43.25 5.68
CA ASP A 222 -19.48 -43.16 5.97
C ASP A 222 -20.32 -42.99 4.70
N ALA A 223 -19.82 -42.20 3.75
CA ALA A 223 -20.50 -42.01 2.46
C ALA A 223 -20.35 -43.20 1.50
N ASP A 224 -19.61 -44.22 1.94
CA ASP A 224 -19.14 -45.31 1.06
C ASP A 224 -18.49 -44.77 -0.21
N ALA A 225 -17.69 -43.71 -0.07
CA ALA A 225 -16.91 -43.17 -1.19
C ALA A 225 -15.44 -43.64 -1.18
N MET A 226 -15.00 -44.20 -0.05
CA MET A 226 -13.61 -44.73 0.05
C MET A 226 -13.32 -45.87 -0.95
N LYS A 227 -14.35 -46.60 -1.37
CA LYS A 227 -14.14 -47.73 -2.27
C LYS A 227 -13.63 -47.36 -3.66
N TYR A 228 -13.82 -46.10 -4.07
CA TYR A 228 -13.31 -45.62 -5.36
C TYR A 228 -12.27 -44.50 -5.23
N THR A 229 -11.79 -44.31 -4.00
CA THR A 229 -10.89 -43.22 -3.65
C THR A 229 -9.57 -43.73 -3.08
N ILE A 230 -8.49 -43.04 -3.43
CA ILE A 230 -7.18 -43.22 -2.80
C ILE A 230 -6.87 -41.95 -2.00
N VAL A 231 -6.49 -42.13 -0.74
CA VAL A 231 -6.04 -40.98 0.05
C VAL A 231 -4.52 -41.07 0.22
N VAL A 232 -3.82 -40.06 -0.29
CA VAL A 232 -2.39 -39.94 -0.14
C VAL A 232 -2.13 -38.78 0.82
N SER A 233 -1.48 -39.07 1.94
CA SER A 233 -1.38 -38.07 2.99
C SER A 233 0.06 -37.85 3.45
N ALA A 234 0.51 -36.59 3.41
CA ALA A 234 1.82 -36.24 3.95
C ALA A 234 1.55 -35.10 4.89
N THR A 235 1.49 -35.43 6.18
CA THR A 235 0.93 -34.52 7.16
C THR A 235 1.99 -33.59 7.72
N ALA A 236 1.59 -32.73 8.66
CA ALA A 236 2.44 -31.62 9.12
C ALA A 236 3.74 -32.05 9.80
N SER A 237 3.77 -33.21 10.44
CA SER A 237 5.00 -33.70 11.07
C SER A 237 5.84 -34.59 10.16
N ASP A 238 5.41 -34.74 8.90
CA ASP A 238 6.18 -35.49 7.89
C ASP A 238 7.25 -34.56 7.33
N ALA A 239 8.44 -35.10 7.11
CA ALA A 239 9.58 -34.34 6.62
C ALA A 239 9.19 -33.64 5.34
N ALA A 240 9.75 -32.44 5.11
CA ALA A 240 9.45 -31.65 3.90
C ALA A 240 9.49 -32.40 2.58
N PRO A 241 10.53 -33.24 2.33
CA PRO A 241 10.53 -33.93 1.03
C PRO A 241 9.32 -34.82 0.80
N LEU A 242 8.73 -35.33 1.88
CA LEU A 242 7.51 -36.14 1.78
C LEU A 242 6.31 -35.28 1.34
N GLN A 243 6.21 -34.05 1.83
CA GLN A 243 5.13 -33.12 1.45
C GLN A 243 5.32 -32.60 0.04
N TYR A 244 6.57 -32.34 -0.32
CA TYR A 244 6.88 -32.01 -1.70
C TYR A 244 6.50 -33.17 -2.65
N LEU A 245 6.80 -34.39 -2.24
CA LEU A 245 6.60 -35.58 -3.09
C LEU A 245 5.11 -36.00 -3.28
N ALA A 246 4.30 -35.80 -2.26
CA ALA A 246 2.93 -36.37 -2.21
C ALA A 246 2.01 -36.06 -3.42
N PRO A 247 1.98 -34.79 -3.89
CA PRO A 247 1.19 -34.51 -5.09
C PRO A 247 1.63 -35.29 -6.32
N TYR A 248 2.95 -35.45 -6.50
CA TYR A 248 3.45 -36.16 -7.69
C TYR A 248 3.14 -37.65 -7.61
N SER A 249 3.22 -38.21 -6.40
CA SER A 249 2.83 -39.60 -6.12
C SER A 249 1.34 -39.85 -6.42
N GLY A 250 0.49 -38.99 -5.88
CA GLY A 250 -0.93 -39.07 -6.15
C GLY A 250 -1.17 -38.89 -7.64
N CYS A 251 -0.50 -37.92 -8.25
CA CYS A 251 -0.61 -37.69 -9.69
C CYS A 251 -0.30 -38.95 -10.50
N SER A 252 0.75 -39.68 -10.13
CA SER A 252 1.14 -40.90 -10.87
C SER A 252 0.10 -42.01 -10.71
N MET A 253 -0.53 -42.05 -9.53
CA MET A 253 -1.65 -42.97 -9.32
C MET A 253 -2.80 -42.67 -10.29
N GLY A 254 -3.11 -41.38 -10.49
CA GLY A 254 -4.20 -40.98 -11.39
C GLY A 254 -3.89 -41.29 -12.85
N GLU A 255 -2.62 -41.16 -13.20
CA GLU A 255 -2.16 -41.38 -14.57
C GLU A 255 -2.27 -42.82 -14.99
N TYR A 256 -2.19 -43.74 -14.03
CA TYR A 256 -2.47 -45.15 -14.30
C TYR A 256 -3.87 -45.29 -14.86
N PHE A 257 -4.82 -44.56 -14.28
CA PHE A 257 -6.19 -44.62 -14.76
C PHE A 257 -6.34 -43.91 -16.11
N ARG A 258 -5.72 -42.74 -16.24
CA ARG A 258 -5.73 -41.97 -17.50
C ARG A 258 -5.24 -42.79 -18.71
N ASP A 259 -4.20 -43.59 -18.50
CA ASP A 259 -3.53 -44.28 -19.61
C ASP A 259 -4.20 -45.61 -19.98
N ASN A 260 -5.02 -46.10 -19.05
CA ASN A 260 -5.74 -47.36 -19.20
C ASN A 260 -7.22 -47.15 -19.51
N GLY A 261 -7.54 -46.07 -20.22
CA GLY A 261 -8.91 -45.83 -20.67
C GLY A 261 -9.92 -45.43 -19.60
N LYS A 262 -9.45 -45.25 -18.37
CA LYS A 262 -10.34 -44.83 -17.27
C LYS A 262 -10.26 -43.33 -16.95
N HIS A 263 -11.03 -42.90 -15.96
CA HIS A 263 -11.18 -41.50 -15.62
C HIS A 263 -10.91 -41.33 -14.14
N ALA A 264 -10.00 -40.42 -13.80
CA ALA A 264 -9.71 -40.13 -12.39
C ALA A 264 -9.79 -38.65 -12.08
N LEU A 265 -10.10 -38.35 -10.82
CA LEU A 265 -10.14 -37.00 -10.31
C LEU A 265 -9.10 -36.91 -9.20
N ILE A 266 -8.31 -35.84 -9.20
CA ILE A 266 -7.30 -35.68 -8.15
C ILE A 266 -7.41 -34.31 -7.49
N ILE A 267 -7.38 -34.30 -6.16
CA ILE A 267 -7.47 -33.09 -5.38
C ILE A 267 -6.13 -32.88 -4.71
N TYR A 268 -5.58 -31.67 -4.86
CA TYR A 268 -4.34 -31.34 -4.15
C TYR A 268 -4.65 -30.35 -3.06
N ASP A 269 -4.76 -30.85 -1.82
CA ASP A 269 -5.17 -30.03 -0.68
C ASP A 269 -4.06 -29.93 0.39
N ASP A 270 -3.22 -28.90 0.33
CA ASP A 270 -3.25 -27.88 -0.73
C ASP A 270 -1.85 -27.58 -1.28
N LEU A 271 -1.80 -26.89 -2.43
CA LEU A 271 -0.51 -26.60 -3.09
C LEU A 271 0.29 -25.50 -2.39
N SER A 272 -0.38 -24.67 -1.58
CA SER A 272 0.31 -23.64 -0.79
C SER A 272 1.30 -24.31 0.14
N LYS A 273 0.83 -25.35 0.86
CA LYS A 273 1.67 -26.11 1.75
C LYS A 273 2.78 -26.91 1.05
N GLN A 274 2.52 -27.43 -0.14
CA GLN A 274 3.56 -28.10 -0.94
C GLN A 274 4.71 -27.16 -1.32
N ALA A 275 4.38 -25.91 -1.71
CA ALA A 275 5.41 -24.93 -2.07
C ALA A 275 6.25 -24.51 -0.87
N VAL A 276 5.62 -24.40 0.30
CA VAL A 276 6.38 -24.09 1.52
C VAL A 276 7.41 -25.18 1.84
N ALA A 277 6.98 -26.42 1.77
CA ALA A 277 7.88 -27.56 1.94
C ALA A 277 9.02 -27.55 0.91
N TYR A 278 8.70 -27.22 -0.33
CA TYR A 278 9.74 -27.18 -1.37
C TYR A 278 10.72 -26.07 -1.11
N ARG A 279 10.19 -24.94 -0.61
CA ARG A 279 11.04 -23.79 -0.30
C ARG A 279 12.00 -24.13 0.83
N GLN A 280 11.53 -24.88 1.83
CA GLN A 280 12.41 -25.33 2.92
C GLN A 280 13.63 -26.12 2.41
N MET A 281 13.37 -27.12 1.57
CA MET A 281 14.41 -27.97 0.99
C MET A 281 15.38 -27.15 0.19
N SER A 282 14.84 -26.28 -0.67
CA SER A 282 15.65 -25.46 -1.58
C SER A 282 16.55 -24.50 -0.85
N LEU A 283 16.01 -23.80 0.16
CA LEU A 283 16.81 -22.88 0.95
C LEU A 283 17.91 -23.61 1.71
N LEU A 284 17.59 -24.79 2.24
CA LEU A 284 18.57 -25.51 3.07
C LEU A 284 19.64 -26.13 2.18
N LEU A 285 19.30 -26.44 0.93
CA LEU A 285 20.29 -26.80 -0.10
C LEU A 285 21.09 -25.60 -0.61
N ARG A 286 20.78 -24.43 -0.06
CA ARG A 286 21.46 -23.17 -0.40
C ARG A 286 21.30 -22.82 -1.88
N ARG A 287 20.18 -23.23 -2.46
CA ARG A 287 19.82 -22.77 -3.79
C ARG A 287 19.38 -21.31 -3.70
N PRO A 288 19.72 -20.51 -4.72
CA PRO A 288 19.43 -19.07 -4.66
C PRO A 288 17.93 -18.81 -4.42
N PRO A 289 17.61 -17.99 -3.41
CA PRO A 289 16.23 -17.65 -3.11
C PRO A 289 15.69 -16.52 -4.00
N GLY A 290 14.37 -16.50 -4.20
CA GLY A 290 13.74 -15.43 -4.95
C GLY A 290 12.66 -14.74 -4.16
N ARG A 291 11.59 -14.36 -4.86
CA ARG A 291 10.48 -13.63 -4.27
C ARG A 291 9.83 -14.49 -3.18
N GLU A 292 9.49 -13.85 -2.05
CA GLU A 292 8.98 -14.54 -0.83
C GLU A 292 9.85 -15.73 -0.36
N ALA A 293 11.14 -15.65 -0.68
CA ALA A 293 12.14 -16.71 -0.48
C ALA A 293 11.89 -18.04 -1.23
N TYR A 294 10.86 -18.08 -2.09
CA TYR A 294 10.67 -19.24 -2.96
C TYR A 294 11.77 -19.29 -4.01
N PRO A 295 12.21 -20.49 -4.39
CA PRO A 295 13.22 -20.59 -5.43
C PRO A 295 12.61 -20.29 -6.80
N GLY A 296 13.45 -20.04 -7.80
CA GLY A 296 12.99 -19.71 -9.15
C GLY A 296 12.16 -20.78 -9.83
N ASP A 297 12.37 -22.04 -9.46
CA ASP A 297 11.73 -23.18 -10.10
C ASP A 297 10.41 -23.58 -9.45
N VAL A 298 9.92 -22.72 -8.56
CA VAL A 298 8.65 -22.96 -7.89
C VAL A 298 7.47 -22.90 -8.87
N PHE A 299 7.58 -22.09 -9.91
CA PHE A 299 6.57 -22.09 -10.97
C PHE A 299 6.55 -23.45 -11.65
N TYR A 300 7.75 -23.92 -11.94
CA TYR A 300 8.02 -25.15 -12.68
C TYR A 300 7.59 -26.35 -11.86
N LEU A 301 7.72 -26.25 -10.52
CA LEU A 301 7.20 -27.26 -9.59
C LEU A 301 5.71 -27.52 -9.85
N HIS A 302 4.93 -26.45 -9.96
CA HIS A 302 3.49 -26.59 -10.11
C HIS A 302 3.05 -26.82 -11.55
N SER A 303 3.80 -26.29 -12.50
CA SER A 303 3.46 -26.42 -13.92
C SER A 303 3.62 -27.85 -14.43
N ARG A 304 4.68 -28.53 -14.02
CA ARG A 304 4.87 -29.91 -14.45
C ARG A 304 3.84 -30.85 -13.81
N LEU A 305 3.44 -30.53 -12.58
CA LEU A 305 2.41 -31.29 -11.88
C LEU A 305 1.03 -31.17 -12.54
N LEU A 306 0.60 -29.95 -12.78
CA LEU A 306 -0.76 -29.72 -13.26
C LEU A 306 -0.93 -29.96 -14.76
N GLU A 307 0.15 -29.91 -15.53
CA GLU A 307 0.05 -30.20 -16.97
C GLU A 307 -0.13 -31.70 -17.24
N ARG A 308 0.03 -32.52 -16.20
CA ARG A 308 -0.15 -33.98 -16.31
C ARG A 308 -1.64 -34.38 -16.25
N ALA A 309 -2.47 -33.52 -15.68
CA ALA A 309 -3.90 -33.66 -15.89
C ALA A 309 -4.21 -33.38 -17.38
N ALA A 310 -4.95 -34.28 -18.01
CA ALA A 310 -5.17 -34.23 -19.46
C ALA A 310 -6.39 -35.05 -19.87
N LYS A 311 -6.96 -34.71 -21.02
CA LYS A 311 -8.01 -35.53 -21.66
C LYS A 311 -7.39 -36.21 -22.87
N MET A 312 -7.33 -37.54 -22.83
CA MET A 312 -6.76 -38.34 -23.91
C MET A 312 -7.76 -38.62 -25.03
N ASN A 313 -7.31 -38.53 -26.27
CA ASN A 313 -8.16 -38.89 -27.39
C ASN A 313 -8.36 -40.41 -27.48
N ASP A 314 -9.34 -40.84 -28.26
CA ASP A 314 -9.67 -42.25 -28.43
C ASP A 314 -8.49 -43.13 -28.91
N ALA A 315 -7.59 -42.55 -29.69
CA ALA A 315 -6.44 -43.29 -30.21
C ALA A 315 -5.44 -43.60 -29.12
N PHE A 316 -5.57 -42.90 -27.99
CA PHE A 316 -4.75 -43.13 -26.81
C PHE A 316 -5.54 -43.67 -25.60
N GLY A 317 -6.68 -44.28 -25.86
CA GLY A 317 -7.46 -44.94 -24.82
C GLY A 317 -8.72 -44.22 -24.37
N GLY A 318 -8.76 -42.90 -24.51
CA GLY A 318 -9.98 -42.14 -24.17
C GLY A 318 -10.06 -41.63 -22.74
N GLY A 319 -9.12 -42.07 -21.91
CA GLY A 319 -9.14 -41.76 -20.48
C GLY A 319 -8.88 -40.30 -20.16
N SER A 320 -8.92 -39.95 -18.88
CA SER A 320 -8.67 -38.57 -18.46
C SER A 320 -8.18 -38.46 -17.03
N LEU A 321 -7.49 -37.37 -16.72
CA LEU A 321 -7.21 -37.02 -15.33
C LEU A 321 -7.61 -35.58 -15.14
N THR A 322 -8.47 -35.34 -14.15
CA THR A 322 -8.96 -34.02 -13.81
C THR A 322 -8.33 -33.60 -12.50
N ALA A 323 -7.85 -32.36 -12.42
CA ALA A 323 -7.18 -31.88 -11.20
C ALA A 323 -7.93 -30.73 -10.54
N LEU A 324 -8.10 -30.83 -9.21
CA LEU A 324 -8.66 -29.76 -8.40
C LEU A 324 -7.62 -29.34 -7.38
N PRO A 325 -6.64 -28.51 -7.80
CA PRO A 325 -5.70 -28.01 -6.81
C PRO A 325 -6.39 -26.99 -5.93
N VAL A 326 -5.93 -26.92 -4.70
CA VAL A 326 -6.45 -25.98 -3.73
C VAL A 326 -5.33 -25.04 -3.37
N ILE A 327 -5.66 -23.75 -3.37
CA ILE A 327 -4.75 -22.71 -2.89
C ILE A 327 -5.40 -21.94 -1.75
N GLU A 328 -4.63 -21.74 -0.67
CA GLU A 328 -5.03 -20.80 0.37
C GLU A 328 -4.45 -19.39 0.14
N THR A 329 -5.32 -18.40 -0.02
CA THR A 329 -4.89 -17.00 -0.09
C THR A 329 -4.87 -16.37 1.30
N GLN A 330 -4.07 -15.30 1.42
CA GLN A 330 -3.95 -14.56 2.66
C GLN A 330 -4.57 -13.20 2.43
N ALA A 331 -5.63 -12.90 3.17
CA ALA A 331 -6.38 -11.65 3.02
C ALA A 331 -6.92 -11.45 1.60
N GLY A 332 -7.05 -12.55 0.86
CA GLY A 332 -7.60 -12.52 -0.48
C GLY A 332 -6.67 -11.99 -1.54
N ASP A 333 -5.37 -11.99 -1.27
CA ASP A 333 -4.39 -11.47 -2.22
C ASP A 333 -4.01 -12.55 -3.24
N VAL A 334 -4.61 -12.47 -4.42
CA VAL A 334 -4.32 -13.37 -5.54
C VAL A 334 -3.04 -12.99 -6.28
N SER A 335 -2.52 -11.81 -5.95
CA SER A 335 -1.26 -11.33 -6.52
C SER A 335 -0.02 -11.85 -5.80
N ALA A 336 -0.20 -12.56 -4.68
CA ALA A 336 0.91 -13.25 -4.02
C ALA A 336 1.53 -14.27 -4.97
N TYR A 337 2.79 -14.61 -4.71
CA TYR A 337 3.63 -15.35 -5.65
C TYR A 337 3.03 -16.70 -6.07
N ILE A 338 2.70 -17.54 -5.10
CA ILE A 338 2.19 -18.89 -5.36
C ILE A 338 0.76 -18.91 -5.94
N PRO A 339 -0.17 -18.14 -5.36
CA PRO A 339 -1.47 -18.05 -6.05
C PRO A 339 -1.36 -17.51 -7.49
N THR A 340 -0.50 -16.52 -7.73
CA THR A 340 -0.23 -16.01 -9.09
C THR A 340 0.15 -17.14 -10.04
N ASN A 341 1.15 -17.93 -9.66
CA ASN A 341 1.63 -19.06 -10.45
C ASN A 341 0.49 -20.02 -10.82
N VAL A 342 -0.24 -20.50 -9.83
CA VAL A 342 -1.27 -21.52 -10.02
C VAL A 342 -2.48 -21.05 -10.85
N ILE A 343 -2.97 -19.84 -10.57
CA ILE A 343 -4.00 -19.19 -11.41
C ILE A 343 -3.56 -19.16 -12.88
N SER A 344 -2.28 -18.89 -13.13
CA SER A 344 -1.78 -18.78 -14.51
C SER A 344 -1.66 -20.15 -15.18
N ILE A 345 -1.56 -21.20 -14.38
CA ILE A 345 -1.41 -22.57 -14.89
C ILE A 345 -2.78 -23.21 -15.22
N THR A 346 -3.73 -23.07 -14.32
CA THR A 346 -4.99 -23.79 -14.40
C THR A 346 -5.94 -23.22 -15.46
N ASP A 347 -7.02 -23.96 -15.73
CA ASP A 347 -8.04 -23.57 -16.72
C ASP A 347 -9.19 -22.77 -16.10
N GLY A 348 -9.00 -22.28 -14.88
CA GLY A 348 -10.05 -21.53 -14.22
C GLY A 348 -9.99 -21.69 -12.73
N GLN A 349 -10.81 -20.91 -12.03
CA GLN A 349 -10.87 -20.94 -10.57
C GLN A 349 -12.29 -20.81 -10.03
N ILE A 350 -12.55 -21.55 -8.96
CA ILE A 350 -13.75 -21.32 -8.15
C ILE A 350 -13.25 -20.53 -6.97
N PHE A 351 -13.71 -19.28 -6.84
CA PHE A 351 -13.24 -18.42 -5.76
C PHE A 351 -14.23 -18.32 -4.60
N LEU A 352 -13.76 -18.61 -3.39
CA LEU A 352 -14.62 -18.55 -2.21
C LEU A 352 -14.27 -17.40 -1.27
N GLU A 353 -15.29 -16.89 -0.58
CA GLU A 353 -15.15 -15.66 0.23
C GLU A 353 -15.86 -15.75 1.56
N THR A 354 -15.20 -15.27 2.61
CA THR A 354 -15.76 -15.22 3.97
C THR A 354 -17.01 -14.34 4.10
N GLU A 355 -17.03 -13.22 3.38
CA GLU A 355 -18.17 -12.30 3.41
C GLU A 355 -19.43 -12.97 2.88
N LEU A 356 -19.29 -13.66 1.73
CA LEU A 356 -20.39 -14.43 1.16
C LEU A 356 -20.87 -15.54 2.09
N PHE A 357 -19.91 -16.24 2.70
CA PHE A 357 -20.17 -17.32 3.64
C PHE A 357 -21.08 -16.85 4.78
N TYR A 358 -20.70 -15.78 5.46
CA TYR A 358 -21.50 -15.25 6.57
C TYR A 358 -22.81 -14.53 6.20
N LYS A 359 -22.89 -14.03 4.96
CA LYS A 359 -24.14 -13.50 4.40
C LYS A 359 -25.21 -14.58 4.19
N GLY A 360 -24.78 -15.85 4.17
CA GLY A 360 -25.68 -16.96 3.94
C GLY A 360 -25.50 -17.59 2.57
N ILE A 361 -24.62 -16.99 1.76
CA ILE A 361 -24.20 -17.63 0.51
C ILE A 361 -23.25 -18.76 0.84
N ARG A 362 -23.82 -19.94 0.99
CA ARG A 362 -23.05 -21.17 1.21
C ARG A 362 -23.59 -22.20 0.22
N PRO A 363 -22.71 -22.77 -0.64
CA PRO A 363 -21.25 -22.54 -0.71
C PRO A 363 -20.91 -21.10 -1.11
N ALA A 364 -19.82 -20.59 -0.55
CA ALA A 364 -19.46 -19.17 -0.61
C ALA A 364 -18.75 -18.78 -1.91
N ILE A 365 -19.35 -19.17 -3.04
CA ILE A 365 -18.75 -18.97 -4.36
C ILE A 365 -19.02 -17.57 -4.89
N ASN A 366 -17.96 -16.80 -5.12
CA ASN A 366 -18.09 -15.53 -5.81
C ASN A 366 -18.18 -15.83 -7.28
N VAL A 367 -19.39 -15.76 -7.83
CA VAL A 367 -19.62 -16.11 -9.24
C VAL A 367 -18.91 -15.14 -10.18
N GLY A 368 -18.96 -13.85 -9.84
CA GLY A 368 -18.28 -12.80 -10.59
C GLY A 368 -16.80 -13.08 -10.81
N LEU A 369 -16.12 -13.51 -9.74
CA LEU A 369 -14.68 -13.81 -9.80
C LEU A 369 -14.35 -15.25 -10.22
N SER A 370 -15.36 -16.10 -10.37
CA SER A 370 -15.11 -17.50 -10.74
C SER A 370 -15.25 -17.71 -12.24
N VAL A 371 -14.39 -18.56 -12.80
CA VAL A 371 -14.44 -18.91 -14.22
C VAL A 371 -14.04 -20.36 -14.51
N SER A 372 -14.63 -20.91 -15.57
CA SER A 372 -14.20 -22.16 -16.18
C SER A 372 -13.93 -21.87 -17.66
N ARG A 373 -12.67 -21.95 -18.07
CA ARG A 373 -12.33 -21.59 -19.45
C ARG A 373 -12.68 -22.67 -20.49
N VAL A 374 -13.03 -23.86 -20.00
CA VAL A 374 -13.67 -24.89 -20.81
C VAL A 374 -15.16 -24.52 -20.99
N GLY A 375 -15.82 -24.16 -19.89
CA GLY A 375 -17.18 -23.66 -19.92
C GLY A 375 -18.22 -24.62 -20.48
N SER A 376 -19.03 -24.11 -21.41
CA SER A 376 -20.15 -24.85 -22.00
C SER A 376 -19.86 -26.28 -22.47
N ALA A 377 -18.64 -26.51 -22.97
CA ALA A 377 -18.27 -27.81 -23.55
C ALA A 377 -18.32 -28.95 -22.55
N ALA A 378 -18.28 -28.60 -21.27
CA ALA A 378 -18.26 -29.58 -20.17
C ALA A 378 -19.64 -29.81 -19.53
N GLN A 379 -20.68 -29.29 -20.17
CA GLN A 379 -22.04 -29.38 -19.66
C GLN A 379 -22.93 -30.22 -20.56
N THR A 380 -23.87 -30.93 -19.94
CA THR A 380 -24.94 -31.59 -20.69
C THR A 380 -25.82 -30.51 -21.32
N ARG A 381 -26.53 -30.88 -22.38
CA ARG A 381 -27.42 -29.96 -23.09
C ARG A 381 -28.52 -29.41 -22.17
N ALA A 382 -29.05 -30.28 -21.31
CA ALA A 382 -30.09 -29.92 -20.36
C ALA A 382 -29.64 -28.75 -19.46
N MET A 383 -28.45 -28.90 -18.89
CA MET A 383 -27.86 -27.84 -18.07
C MET A 383 -27.55 -26.62 -18.90
N LYS A 384 -26.85 -26.82 -20.02
CA LYS A 384 -26.51 -25.77 -20.98
C LYS A 384 -27.71 -24.88 -21.31
N GLN A 385 -28.90 -25.49 -21.39
CA GLN A 385 -30.15 -24.77 -21.60
C GLN A 385 -30.34 -23.73 -20.50
N VAL A 386 -30.63 -24.21 -19.29
CA VAL A 386 -31.02 -23.37 -18.16
C VAL A 386 -29.89 -22.51 -17.60
N ALA A 387 -28.67 -23.05 -17.58
CA ALA A 387 -27.52 -22.34 -17.04
C ALA A 387 -27.21 -21.10 -17.85
N GLY A 388 -27.34 -21.22 -19.17
CA GLY A 388 -27.08 -20.10 -20.08
C GLY A 388 -27.83 -18.85 -19.70
N THR A 389 -29.13 -19.00 -19.43
CA THR A 389 -29.98 -17.88 -19.05
C THR A 389 -29.71 -17.41 -17.62
N MET A 390 -29.53 -18.35 -16.69
CA MET A 390 -29.21 -18.01 -15.30
C MET A 390 -27.92 -17.18 -15.17
N LYS A 391 -26.90 -17.56 -15.95
CA LYS A 391 -25.64 -16.80 -16.02
C LYS A 391 -25.88 -15.34 -16.41
N LEU A 392 -26.69 -15.14 -17.45
CA LEU A 392 -27.03 -13.83 -17.96
C LEU A 392 -27.75 -12.97 -16.90
N GLU A 393 -28.79 -13.54 -16.30
CA GLU A 393 -29.65 -12.84 -15.34
C GLU A 393 -28.95 -12.52 -14.02
N LEU A 394 -28.00 -13.36 -13.61
CA LEU A 394 -27.20 -13.06 -12.43
C LEU A 394 -26.18 -11.96 -12.71
N ALA A 395 -25.62 -11.97 -13.93
CA ALA A 395 -24.68 -10.95 -14.37
C ALA A 395 -25.34 -9.59 -14.53
N GLN A 396 -26.61 -9.58 -14.94
CA GLN A 396 -27.42 -8.37 -15.02
C GLN A 396 -27.76 -7.86 -13.60
N TYR A 397 -28.14 -8.80 -12.74
CA TYR A 397 -28.49 -8.52 -11.35
C TYR A 397 -27.32 -8.00 -10.52
N ARG A 398 -26.12 -8.51 -10.82
CA ARG A 398 -24.94 -8.14 -10.05
C ARG A 398 -24.55 -6.68 -10.25
N GLU A 399 -25.00 -6.11 -11.36
CA GLU A 399 -24.77 -4.70 -11.70
C GLU A 399 -25.77 -3.77 -11.00
N VAL A 400 -26.89 -4.33 -10.55
CA VAL A 400 -27.97 -3.54 -9.94
C VAL A 400 -28.11 -3.88 -8.46
N ALA A 401 -27.40 -4.91 -8.01
CA ALA A 401 -27.54 -5.48 -6.66
C ALA A 401 -27.50 -4.47 -5.50
N ALA A 402 -26.65 -3.45 -5.65
CA ALA A 402 -26.55 -2.37 -4.66
C ALA A 402 -27.84 -1.54 -4.56
N PHE A 403 -28.53 -1.38 -5.69
CA PHE A 403 -29.78 -0.59 -5.74
C PHE A 403 -30.95 -1.23 -5.00
N ALA A 404 -30.85 -2.52 -4.70
CA ALA A 404 -31.87 -3.23 -3.92
C ALA A 404 -31.85 -2.79 -2.46
N GLN A 405 -30.65 -2.69 -1.90
CA GLN A 405 -30.46 -2.34 -0.49
C GLN A 405 -30.77 -0.86 -0.19
N PHE A 406 -30.73 -0.03 -1.23
CA PHE A 406 -31.17 1.36 -1.14
C PHE A 406 -31.54 1.95 -2.52
N GLY A 407 -32.82 1.84 -2.85
CA GLY A 407 -33.34 2.34 -4.13
C GLY A 407 -34.84 2.12 -4.24
N SER A 408 -35.60 3.20 -4.17
CA SER A 408 -37.06 3.14 -4.16
C SER A 408 -37.68 3.52 -5.50
N ASP A 409 -37.47 4.77 -5.91
CA ASP A 409 -38.12 5.31 -7.11
C ASP A 409 -37.47 4.84 -8.41
N LEU A 410 -37.15 3.56 -8.47
CA LEU A 410 -36.48 2.98 -9.64
C LEU A 410 -37.45 2.24 -10.57
N ASP A 411 -37.22 2.38 -11.87
CA ASP A 411 -38.08 1.83 -12.92
C ASP A 411 -38.27 0.32 -12.79
N ALA A 412 -39.45 -0.15 -13.19
CA ALA A 412 -39.83 -1.56 -13.05
C ALA A 412 -38.89 -2.53 -13.77
N ALA A 413 -38.16 -2.02 -14.76
CA ALA A 413 -37.19 -2.81 -15.53
C ALA A 413 -36.05 -3.30 -14.64
N THR A 414 -35.47 -2.39 -13.87
CA THR A 414 -34.42 -2.74 -12.90
C THR A 414 -35.02 -3.46 -11.68
N GLN A 415 -36.32 -3.28 -11.44
CA GLN A 415 -37.02 -4.01 -10.39
C GLN A 415 -37.19 -5.48 -10.76
N GLN A 416 -37.36 -5.73 -12.06
CA GLN A 416 -37.46 -7.08 -12.60
C GLN A 416 -36.13 -7.84 -12.43
N LEU A 417 -35.01 -7.15 -12.70
CA LEU A 417 -33.69 -7.74 -12.57
C LEU A 417 -33.36 -8.09 -11.12
N LEU A 418 -33.78 -7.23 -10.20
CA LEU A 418 -33.52 -7.43 -8.78
C LEU A 418 -34.34 -8.56 -8.19
N SER A 419 -35.61 -8.64 -8.56
CA SER A 419 -36.49 -9.73 -8.13
C SER A 419 -36.03 -11.10 -8.63
N ARG A 420 -35.69 -11.20 -9.91
CA ARG A 420 -35.10 -12.42 -10.46
C ARG A 420 -33.81 -12.80 -9.75
N GLY A 421 -32.90 -11.82 -9.65
CA GLY A 421 -31.59 -12.03 -9.06
C GLY A 421 -31.58 -12.55 -7.65
N VAL A 422 -32.32 -11.90 -6.74
CA VAL A 422 -32.36 -12.35 -5.35
C VAL A 422 -32.93 -13.76 -5.21
N ARG A 423 -33.78 -14.15 -6.16
CA ARG A 423 -34.41 -15.47 -6.13
C ARG A 423 -33.52 -16.58 -6.68
N LEU A 424 -32.88 -16.32 -7.82
CA LEU A 424 -31.88 -17.23 -8.40
C LEU A 424 -30.70 -17.44 -7.45
N THR A 425 -30.34 -16.39 -6.73
CA THR A 425 -29.27 -16.40 -5.75
C THR A 425 -29.55 -17.42 -4.64
N GLU A 426 -30.80 -17.47 -4.18
CA GLU A 426 -31.24 -18.46 -3.18
C GLU A 426 -31.13 -19.90 -3.68
N LEU A 427 -31.27 -20.11 -4.99
CA LEU A 427 -31.16 -21.44 -5.60
C LEU A 427 -29.72 -21.93 -5.66
N LEU A 428 -28.78 -21.02 -5.50
CA LEU A 428 -27.36 -21.37 -5.49
C LEU A 428 -26.87 -21.81 -4.11
N LYS A 429 -27.73 -21.61 -3.10
CA LYS A 429 -27.40 -22.04 -1.73
C LYS A 429 -27.56 -23.55 -1.66
N GLN A 430 -26.66 -24.19 -0.91
CA GLN A 430 -26.68 -25.64 -0.79
C GLN A 430 -26.03 -26.06 0.51
N GLY A 431 -26.67 -26.98 1.21
CA GLY A 431 -26.11 -27.57 2.42
C GLY A 431 -24.96 -28.49 2.07
N GLN A 432 -24.21 -28.87 3.10
CA GLN A 432 -23.03 -29.71 2.94
C GLN A 432 -23.44 -31.18 2.83
N TYR A 433 -22.57 -31.97 2.20
CA TYR A 433 -22.73 -33.43 2.08
C TYR A 433 -24.00 -33.90 1.36
N SER A 434 -24.54 -33.06 0.49
CA SER A 434 -25.75 -33.44 -0.27
C SER A 434 -25.66 -33.16 -1.78
N PRO A 435 -24.70 -33.80 -2.48
CA PRO A 435 -24.55 -33.50 -3.91
C PRO A 435 -25.78 -33.95 -4.69
N MET A 436 -26.12 -33.20 -5.74
CA MET A 436 -27.35 -33.43 -6.50
C MET A 436 -27.15 -34.06 -7.88
N ALA A 437 -28.10 -34.88 -8.29
CA ALA A 437 -28.11 -35.45 -9.62
C ALA A 437 -28.37 -34.32 -10.62
N ILE A 438 -27.65 -34.34 -11.74
CA ILE A 438 -27.78 -33.29 -12.75
C ILE A 438 -29.25 -32.91 -13.07
N GLU A 439 -30.12 -33.92 -13.23
CA GLU A 439 -31.53 -33.72 -13.56
C GLU A 439 -32.27 -32.93 -12.49
N GLU A 440 -31.88 -33.15 -11.24
CA GLU A 440 -32.50 -32.47 -10.10
C GLU A 440 -32.09 -31.01 -10.07
N GLN A 441 -30.83 -30.73 -10.39
CA GLN A 441 -30.32 -29.37 -10.47
C GLN A 441 -31.11 -28.61 -11.53
N VAL A 442 -31.22 -29.20 -12.71
CA VAL A 442 -31.87 -28.52 -13.84
C VAL A 442 -33.37 -28.33 -13.64
N ALA A 443 -33.97 -29.16 -12.80
CA ALA A 443 -35.40 -29.01 -12.47
C ALA A 443 -35.66 -27.79 -11.59
N VAL A 444 -34.78 -27.56 -10.62
CA VAL A 444 -34.92 -26.39 -9.74
C VAL A 444 -34.48 -25.11 -10.43
N ILE A 445 -33.48 -25.21 -11.29
CA ILE A 445 -32.99 -24.07 -12.08
C ILE A 445 -34.02 -23.65 -13.13
N TYR A 446 -34.68 -24.63 -13.72
CA TYR A 446 -35.79 -24.43 -14.67
C TYR A 446 -36.91 -23.63 -14.02
N ALA A 447 -37.25 -23.99 -12.78
CA ALA A 447 -38.28 -23.29 -12.02
C ALA A 447 -37.95 -21.80 -11.87
N GLY A 448 -36.69 -21.51 -11.58
CA GLY A 448 -36.23 -20.13 -11.42
C GLY A 448 -36.16 -19.32 -12.71
N VAL A 449 -35.57 -19.91 -13.75
CA VAL A 449 -35.37 -19.24 -15.03
C VAL A 449 -36.64 -19.09 -15.89
N ARG A 450 -37.63 -19.93 -15.65
CA ARG A 450 -38.90 -19.82 -16.36
C ARG A 450 -39.88 -18.87 -15.66
N GLY A 451 -39.52 -18.45 -14.45
CA GLY A 451 -40.26 -17.41 -13.75
C GLY A 451 -41.32 -17.91 -12.77
N TYR A 452 -41.20 -19.15 -12.34
CA TYR A 452 -42.16 -19.75 -11.41
C TYR A 452 -41.88 -19.41 -9.95
N LEU A 453 -40.88 -18.56 -9.70
CA LEU A 453 -40.56 -18.13 -8.35
C LEU A 453 -40.80 -16.64 -8.19
N ASP A 454 -41.09 -15.96 -9.31
CA ASP A 454 -41.14 -14.50 -9.37
C ASP A 454 -42.16 -13.84 -8.44
N LYS A 455 -43.23 -14.56 -8.13
CA LYS A 455 -44.27 -14.04 -7.24
C LYS A 455 -44.12 -14.56 -5.82
N LEU A 456 -43.07 -15.35 -5.59
CA LEU A 456 -42.82 -15.96 -4.29
C LEU A 456 -41.83 -15.14 -3.46
N GLU A 457 -42.07 -15.11 -2.15
CA GLU A 457 -41.18 -14.47 -1.18
C GLU A 457 -39.77 -15.09 -1.23
N PRO A 458 -38.71 -14.25 -1.17
CA PRO A 458 -37.32 -14.74 -1.21
C PRO A 458 -36.98 -15.70 -0.07
N SER A 459 -37.59 -15.49 1.09
CA SER A 459 -37.37 -16.36 2.26
C SER A 459 -37.96 -17.75 2.08
N LYS A 460 -38.87 -17.88 1.11
CA LYS A 460 -39.61 -19.11 0.85
C LYS A 460 -39.03 -19.95 -0.28
N ILE A 461 -38.00 -19.44 -0.96
CA ILE A 461 -37.43 -20.09 -2.14
C ILE A 461 -36.78 -21.44 -1.84
N THR A 462 -36.06 -21.51 -0.71
CA THR A 462 -35.40 -22.74 -0.27
C THR A 462 -36.42 -23.78 0.20
N LYS A 463 -37.45 -23.32 0.93
CA LYS A 463 -38.57 -24.16 1.30
C LYS A 463 -39.24 -24.72 0.04
N PHE A 464 -39.47 -23.85 -0.95
CA PHE A 464 -40.05 -24.25 -2.23
C PHE A 464 -39.17 -25.25 -2.98
N GLU A 465 -37.88 -24.94 -3.06
CA GLU A 465 -36.93 -25.82 -3.74
C GLU A 465 -36.96 -27.23 -3.15
N ASN A 466 -36.85 -27.33 -1.83
CA ASN A 466 -36.89 -28.63 -1.12
C ASN A 466 -38.19 -29.37 -1.34
N ALA A 467 -39.31 -28.65 -1.22
CA ALA A 467 -40.63 -29.22 -1.41
C ALA A 467 -40.82 -29.66 -2.84
N PHE A 468 -40.46 -28.79 -3.79
CA PHE A 468 -40.62 -29.07 -5.22
C PHE A 468 -39.79 -30.27 -5.67
N LEU A 469 -38.59 -30.39 -5.11
CA LEU A 469 -37.71 -31.51 -5.43
C LEU A 469 -38.25 -32.82 -4.85
N SER A 470 -38.75 -32.77 -3.62
CA SER A 470 -39.36 -33.94 -2.99
C SER A 470 -40.55 -34.44 -3.81
N HIS A 471 -41.36 -33.49 -4.29
CA HIS A 471 -42.52 -33.78 -5.12
C HIS A 471 -42.16 -34.45 -6.46
N VAL A 472 -41.18 -33.90 -7.17
CA VAL A 472 -40.77 -34.44 -8.48
C VAL A 472 -40.04 -35.79 -8.38
N ILE A 473 -39.31 -35.99 -7.29
CA ILE A 473 -38.60 -37.24 -7.05
C ILE A 473 -39.58 -38.35 -6.68
N SER A 474 -40.55 -38.00 -5.84
CA SER A 474 -41.54 -38.96 -5.36
C SER A 474 -42.44 -39.48 -6.47
N GLN A 475 -42.88 -38.58 -7.35
CA GLN A 475 -43.94 -38.92 -8.31
C GLN A 475 -43.73 -38.57 -9.78
N HIS A 476 -42.52 -38.14 -10.14
CA HIS A 476 -42.19 -37.86 -11.55
C HIS A 476 -40.80 -38.36 -11.95
N GLN A 477 -40.48 -39.58 -11.52
CA GLN A 477 -39.21 -40.24 -11.87
C GLN A 477 -39.02 -40.39 -13.38
N ALA A 478 -40.12 -40.71 -14.07
CA ALA A 478 -40.12 -40.92 -15.53
C ALA A 478 -39.65 -39.68 -16.31
N LEU A 479 -40.05 -38.51 -15.85
CA LEU A 479 -39.61 -37.24 -16.42
C LEU A 479 -38.13 -36.98 -16.09
N LEU A 480 -37.74 -37.27 -14.85
CA LEU A 480 -36.35 -37.08 -14.41
C LEU A 480 -35.40 -38.06 -15.09
N SER A 481 -35.87 -39.28 -15.31
CA SER A 481 -35.10 -40.33 -15.98
C SER A 481 -34.78 -40.00 -17.42
N LYS A 482 -35.80 -39.58 -18.17
CA LYS A 482 -35.65 -39.24 -19.59
C LYS A 482 -34.69 -38.07 -19.82
N ILE A 483 -34.84 -37.01 -19.04
CA ILE A 483 -33.93 -35.86 -19.06
C ILE A 483 -32.48 -36.29 -18.80
N ARG A 484 -32.29 -37.22 -17.85
CA ARG A 484 -30.99 -37.83 -17.61
C ARG A 484 -30.48 -38.57 -18.85
N THR A 485 -31.23 -39.59 -19.27
CA THR A 485 -30.85 -40.47 -20.37
C THR A 485 -30.52 -39.69 -21.64
N ASP A 486 -31.45 -38.82 -22.05
CA ASP A 486 -31.29 -38.05 -23.27
C ASP A 486 -30.25 -36.94 -23.12
N GLY A 487 -30.06 -36.50 -21.87
CA GLY A 487 -29.08 -35.45 -21.56
C GLY A 487 -29.53 -34.07 -22.00
N LYS A 488 -30.77 -33.99 -22.46
CA LYS A 488 -31.36 -32.74 -22.93
C LYS A 488 -32.82 -32.64 -22.51
N ILE A 489 -33.38 -31.44 -22.64
CA ILE A 489 -34.81 -31.25 -22.43
C ILE A 489 -35.48 -31.11 -23.81
N SER A 490 -36.23 -32.14 -24.20
CA SER A 490 -36.97 -32.12 -25.46
C SER A 490 -38.17 -31.18 -25.32
N GLU A 491 -38.86 -30.94 -26.44
CA GLU A 491 -40.07 -30.11 -26.42
C GLU A 491 -41.18 -30.76 -25.60
N GLU A 492 -41.26 -32.10 -25.67
CA GLU A 492 -42.20 -32.89 -24.87
C GLU A 492 -41.83 -32.86 -23.38
N SER A 493 -40.52 -32.87 -23.09
CA SER A 493 -40.03 -32.78 -21.71
C SER A 493 -40.29 -31.41 -21.08
N ASP A 494 -40.13 -30.37 -21.89
CA ASP A 494 -40.31 -28.99 -21.45
C ASP A 494 -41.78 -28.69 -21.18
N ALA A 495 -42.66 -29.25 -22.03
CA ALA A 495 -44.11 -29.12 -21.86
C ALA A 495 -44.56 -29.88 -20.61
N LYS A 496 -43.96 -31.03 -20.37
CA LYS A 496 -44.24 -31.84 -19.18
C LYS A 496 -43.80 -31.11 -17.91
N LEU A 497 -42.55 -30.65 -17.88
CA LEU A 497 -42.00 -29.91 -16.73
C LEU A 497 -42.75 -28.59 -16.49
N LYS A 498 -43.19 -27.94 -17.57
CA LYS A 498 -44.00 -26.73 -17.48
C LYS A 498 -45.25 -26.93 -16.62
N GLU A 499 -45.92 -28.05 -16.80
CA GLU A 499 -47.18 -28.33 -16.11
C GLU A 499 -46.96 -28.73 -14.66
N ILE A 500 -45.92 -29.53 -14.41
CA ILE A 500 -45.58 -30.02 -13.07
C ILE A 500 -45.31 -28.86 -12.10
N VAL A 501 -44.44 -27.93 -12.52
CA VAL A 501 -44.12 -26.76 -11.69
C VAL A 501 -45.38 -25.92 -11.44
N THR A 502 -46.16 -25.68 -12.50
CA THR A 502 -47.39 -24.88 -12.42
C THR A 502 -48.38 -25.46 -11.40
N ASN A 503 -48.59 -26.77 -11.45
CA ASN A 503 -49.51 -27.43 -10.53
C ASN A 503 -48.95 -27.53 -9.11
N PHE A 504 -47.65 -27.78 -8.98
CA PHE A 504 -47.03 -27.79 -7.65
C PHE A 504 -47.10 -26.42 -6.97
N LEU A 505 -46.71 -25.37 -7.70
CA LEU A 505 -46.73 -23.99 -7.22
C LEU A 505 -48.14 -23.53 -6.80
N ALA A 506 -49.15 -23.98 -7.53
CA ALA A 506 -50.54 -23.58 -7.29
C ALA A 506 -51.07 -23.99 -5.91
N GLY A 507 -50.55 -25.09 -5.37
CA GLY A 507 -50.97 -25.58 -4.05
C GLY A 507 -49.83 -25.63 -3.06
N PHE A 508 -48.93 -24.66 -3.15
CA PHE A 508 -47.67 -24.67 -2.40
C PHE A 508 -47.82 -24.41 -0.90
N GLU A 509 -48.21 -23.18 -0.53
CA GLU A 509 -48.32 -22.82 0.89
C GLU A 509 -49.61 -23.33 1.52
N ALA A 510 -49.50 -24.46 2.23
CA ALA A 510 -50.63 -25.08 2.90
C ALA A 510 -50.91 -24.41 4.24
N ASP B 24 54.36 -13.04 -22.49
CA ASP B 24 54.81 -11.93 -21.59
C ASP B 24 53.65 -11.48 -20.71
N LEU B 25 53.64 -11.97 -19.47
CA LEU B 25 52.52 -11.73 -18.56
C LEU B 25 52.51 -10.34 -17.92
N GLU B 26 53.52 -9.54 -18.20
CA GLU B 26 53.50 -8.12 -17.80
C GLU B 26 52.56 -7.30 -18.69
N GLU B 27 52.56 -7.57 -19.99
CA GLU B 27 51.80 -6.73 -20.93
C GLU B 27 50.62 -7.47 -21.53
N THR B 28 50.49 -8.74 -21.16
CA THR B 28 49.50 -9.62 -21.73
C THR B 28 48.87 -10.43 -20.59
N GLY B 29 47.71 -11.01 -20.84
CA GLY B 29 47.02 -11.83 -19.85
C GLY B 29 46.22 -12.91 -20.55
N ARG B 30 45.63 -13.80 -19.78
CA ARG B 30 44.77 -14.86 -20.33
C ARG B 30 43.48 -14.98 -19.56
N VAL B 31 42.37 -15.11 -20.28
CA VAL B 31 41.05 -15.17 -19.63
C VAL B 31 40.91 -16.43 -18.75
N LEU B 32 40.53 -16.20 -17.49
CA LEU B 32 40.27 -17.27 -16.54
C LEU B 32 38.80 -17.69 -16.60
N SER B 33 37.91 -16.71 -16.63
CA SER B 33 36.48 -16.99 -16.62
C SER B 33 35.67 -15.86 -17.25
N ILE B 34 34.51 -16.22 -17.77
CA ILE B 34 33.67 -15.29 -18.54
C ILE B 34 32.22 -15.77 -18.43
N GLY B 35 31.29 -14.83 -18.51
CA GLY B 35 29.87 -15.16 -18.49
C GLY B 35 29.15 -14.68 -17.24
N ASP B 36 29.88 -14.09 -16.30
CA ASP B 36 29.27 -13.60 -15.06
C ASP B 36 29.32 -12.06 -14.98
N GLY B 37 29.28 -11.42 -16.15
CA GLY B 37 29.46 -9.98 -16.28
C GLY B 37 30.89 -9.62 -16.67
N ILE B 38 31.66 -9.18 -15.68
CA ILE B 38 33.07 -8.85 -15.85
C ILE B 38 33.88 -10.10 -16.25
N ALA B 39 34.84 -9.96 -17.17
CA ALA B 39 35.79 -11.03 -17.48
C ALA B 39 36.93 -11.05 -16.47
N ARG B 40 37.33 -12.23 -16.02
CA ARG B 40 38.48 -12.33 -15.13
C ARG B 40 39.69 -12.78 -15.90
N VAL B 41 40.77 -12.01 -15.76
CA VAL B 41 41.95 -12.20 -16.59
C VAL B 41 43.17 -12.40 -15.69
N HIS B 42 43.95 -13.45 -15.98
CA HIS B 42 45.22 -13.71 -15.32
C HIS B 42 46.30 -12.91 -16.04
N GLY B 43 47.23 -12.33 -15.29
CA GLY B 43 48.37 -11.61 -15.88
C GLY B 43 48.14 -10.12 -15.84
N LEU B 44 48.59 -9.46 -16.92
CA LEU B 44 48.48 -8.00 -17.08
C LEU B 44 49.03 -7.30 -15.85
N ARG B 45 50.18 -7.76 -15.39
CA ARG B 45 50.78 -7.26 -14.18
C ARG B 45 51.03 -5.76 -14.23
N ASN B 46 51.39 -5.26 -15.40
CA ASN B 46 51.68 -3.84 -15.58
C ASN B 46 50.47 -2.96 -15.96
N VAL B 47 49.29 -3.57 -16.11
CA VAL B 47 48.08 -2.84 -16.53
C VAL B 47 47.65 -1.80 -15.48
N GLN B 48 47.22 -0.65 -15.97
CA GLN B 48 46.72 0.45 -15.13
C GLN B 48 45.26 0.25 -14.84
N ALA B 49 44.79 0.84 -13.74
CA ALA B 49 43.36 0.88 -13.45
C ALA B 49 42.70 1.81 -14.48
N GLU B 50 41.62 1.33 -15.07
CA GLU B 50 40.81 2.05 -16.07
C GLU B 50 41.45 2.06 -17.46
N GLU B 51 42.46 1.20 -17.66
CA GLU B 51 43.15 1.12 -18.94
C GLU B 51 42.32 0.29 -19.91
N MET B 52 42.29 0.71 -21.17
CA MET B 52 41.66 -0.06 -22.23
C MET B 52 42.54 -1.23 -22.59
N VAL B 53 41.92 -2.41 -22.74
CA VAL B 53 42.62 -3.63 -23.13
C VAL B 53 41.94 -4.26 -24.34
N GLU B 54 42.66 -5.12 -25.06
CA GLU B 54 42.16 -5.72 -26.30
C GLU B 54 42.06 -7.23 -26.17
N PHE B 55 40.89 -7.79 -26.50
CA PHE B 55 40.71 -9.23 -26.60
C PHE B 55 41.00 -9.72 -28.02
N SER B 56 41.38 -11.00 -28.13
CA SER B 56 41.75 -11.60 -29.44
C SER B 56 40.62 -11.62 -30.47
N SER B 57 39.38 -11.58 -29.99
CA SER B 57 38.21 -11.58 -30.86
C SER B 57 37.93 -10.20 -31.46
N GLY B 58 38.75 -9.22 -31.11
CA GLY B 58 38.61 -7.87 -31.66
C GLY B 58 37.81 -6.94 -30.76
N LEU B 59 37.31 -7.46 -29.65
CA LEU B 59 36.61 -6.66 -28.66
C LEU B 59 37.58 -5.81 -27.84
N LYS B 60 37.08 -4.70 -27.29
CA LYS B 60 37.82 -3.92 -26.30
C LYS B 60 37.18 -4.08 -24.92
N GLY B 61 37.96 -3.83 -23.88
CA GLY B 61 37.46 -3.86 -22.51
C GLY B 61 38.14 -2.82 -21.63
N MET B 62 37.66 -2.65 -20.40
CA MET B 62 38.29 -1.72 -19.47
C MET B 62 38.70 -2.41 -18.17
N SER B 63 39.97 -2.27 -17.79
CA SER B 63 40.46 -2.83 -16.51
C SER B 63 39.79 -2.12 -15.36
N LEU B 64 38.82 -2.77 -14.74
CA LEU B 64 38.08 -2.16 -13.66
C LEU B 64 38.66 -2.51 -12.28
N ASN B 65 38.85 -3.80 -12.05
CA ASN B 65 39.26 -4.35 -10.78
C ASN B 65 40.69 -4.85 -10.87
N LEU B 66 41.60 -4.25 -10.09
CA LEU B 66 42.95 -4.78 -9.96
C LEU B 66 43.06 -5.57 -8.65
N GLU B 67 43.19 -6.90 -8.78
CA GLU B 67 43.23 -7.77 -7.61
C GLU B 67 44.56 -8.51 -7.53
N PRO B 68 44.92 -9.03 -6.34
CA PRO B 68 46.20 -9.73 -6.24
C PRO B 68 46.41 -10.80 -7.32
N ASP B 69 45.35 -11.51 -7.69
CA ASP B 69 45.42 -12.72 -8.52
C ASP B 69 44.76 -12.61 -9.91
N ASN B 70 44.05 -11.51 -10.15
CA ASN B 70 43.35 -11.34 -11.42
C ASN B 70 43.05 -9.89 -11.71
N VAL B 71 42.76 -9.62 -12.97
CA VAL B 71 42.22 -8.36 -13.43
C VAL B 71 40.77 -8.57 -13.88
N GLY B 72 39.85 -7.77 -13.32
CA GLY B 72 38.46 -7.78 -13.73
C GLY B 72 38.23 -6.76 -14.83
N VAL B 73 37.75 -7.23 -15.96
CA VAL B 73 37.67 -6.45 -17.20
C VAL B 73 36.22 -6.31 -17.69
N VAL B 74 35.74 -5.07 -17.75
CA VAL B 74 34.41 -4.76 -18.29
C VAL B 74 34.52 -4.82 -19.82
N VAL B 75 33.66 -5.62 -20.45
CA VAL B 75 33.74 -5.85 -21.87
C VAL B 75 32.82 -4.91 -22.67
N PHE B 76 33.41 -4.14 -23.59
CA PHE B 76 32.64 -3.21 -24.43
C PHE B 76 32.05 -3.87 -25.69
N GLY B 77 31.29 -4.93 -25.48
CA GLY B 77 30.74 -5.71 -26.59
C GLY B 77 30.17 -7.00 -26.06
N ASN B 78 29.91 -7.94 -26.95
CA ASN B 78 29.29 -9.22 -26.58
C ASN B 78 30.33 -10.18 -25.96
N ASP B 79 30.24 -10.32 -24.64
CA ASP B 79 31.18 -11.11 -23.84
C ASP B 79 31.15 -12.58 -24.20
N LYS B 80 30.07 -13.00 -24.86
CA LYS B 80 29.89 -14.37 -25.27
C LYS B 80 30.87 -14.78 -26.37
N LEU B 81 31.53 -13.79 -26.97
CA LEU B 81 32.58 -14.02 -27.95
C LEU B 81 33.94 -14.32 -27.31
N ILE B 82 34.01 -14.22 -25.99
CA ILE B 82 35.24 -14.49 -25.25
C ILE B 82 35.22 -15.88 -24.63
N LYS B 83 36.37 -16.56 -24.63
CA LYS B 83 36.51 -17.89 -24.08
C LYS B 83 37.66 -17.90 -23.08
N GLU B 84 37.58 -18.81 -22.09
CA GLU B 84 38.70 -19.11 -21.20
C GLU B 84 39.94 -19.39 -22.03
N GLY B 85 41.07 -18.80 -21.65
CA GLY B 85 42.31 -19.01 -22.39
C GLY B 85 42.63 -17.97 -23.44
N ASP B 86 41.64 -17.16 -23.82
CA ASP B 86 41.86 -16.09 -24.80
C ASP B 86 42.90 -15.08 -24.36
N ILE B 87 43.65 -14.57 -25.33
CA ILE B 87 44.75 -13.62 -25.09
C ILE B 87 44.19 -12.21 -24.94
N VAL B 88 44.68 -11.50 -23.92
CA VAL B 88 44.24 -10.14 -23.64
C VAL B 88 45.50 -9.27 -23.68
N LYS B 89 45.42 -8.13 -24.38
CA LYS B 89 46.58 -7.25 -24.55
C LYS B 89 46.37 -5.83 -24.00
N ARG B 90 47.37 -5.31 -23.31
CA ARG B 90 47.40 -3.89 -22.90
C ARG B 90 47.41 -2.93 -24.09
N THR B 91 46.71 -1.80 -23.99
CA THR B 91 46.90 -0.69 -24.96
C THR B 91 47.76 0.40 -24.37
N GLY B 92 47.88 0.42 -23.05
CA GLY B 92 48.67 1.44 -22.37
C GLY B 92 47.93 2.76 -22.19
N ALA B 93 46.69 2.83 -22.67
CA ALA B 93 45.93 4.07 -22.61
C ALA B 93 44.67 3.93 -21.79
N ILE B 94 44.47 4.86 -20.86
CA ILE B 94 43.23 5.00 -20.12
C ILE B 94 42.09 5.21 -21.13
N VAL B 95 40.95 4.58 -20.87
CA VAL B 95 39.83 4.59 -21.82
C VAL B 95 39.60 5.99 -22.39
N ASP B 96 39.74 6.08 -23.72
CA ASP B 96 39.53 7.31 -24.44
C ASP B 96 38.77 7.11 -25.77
N VAL B 97 38.38 8.19 -26.43
CA VAL B 97 37.59 8.13 -27.66
C VAL B 97 38.09 9.17 -28.66
N PRO B 98 37.80 8.95 -29.96
CA PRO B 98 38.14 9.98 -30.96
C PRO B 98 37.28 11.24 -30.72
N VAL B 99 37.88 12.39 -30.99
CA VAL B 99 37.31 13.68 -30.65
C VAL B 99 37.69 14.62 -31.81
N GLY B 100 36.93 15.71 -32.03
CA GLY B 100 37.24 16.66 -33.10
C GLY B 100 36.12 16.90 -34.08
N GLU B 101 36.34 17.82 -35.02
CA GLU B 101 35.30 18.17 -36.00
C GLU B 101 35.05 17.12 -37.09
N GLU B 102 35.91 16.12 -37.20
CA GLU B 102 35.71 15.04 -38.17
C GLU B 102 34.47 14.21 -37.85
N LEU B 103 34.01 14.28 -36.60
CA LEU B 103 32.86 13.55 -36.13
C LEU B 103 31.54 14.20 -36.54
N LEU B 104 31.59 15.47 -36.95
CA LEU B 104 30.38 16.20 -37.36
C LEU B 104 29.77 15.58 -38.61
N GLY B 105 28.47 15.33 -38.57
CA GLY B 105 27.79 14.63 -39.65
C GLY B 105 27.91 13.11 -39.61
N ARG B 106 28.57 12.57 -38.57
CA ARG B 106 28.81 11.13 -38.53
C ARG B 106 27.97 10.42 -37.45
N VAL B 107 27.64 9.15 -37.69
CA VAL B 107 27.04 8.29 -36.67
C VAL B 107 28.10 7.31 -36.17
N VAL B 108 28.33 7.30 -34.86
CA VAL B 108 29.31 6.41 -34.25
C VAL B 108 28.70 5.58 -33.11
N ASP B 109 29.31 4.44 -32.78
CA ASP B 109 28.92 3.71 -31.56
C ASP B 109 29.64 4.33 -30.37
N ALA B 110 29.53 3.68 -29.21
CA ALA B 110 29.98 4.21 -27.93
C ALA B 110 31.50 4.35 -27.85
N LEU B 111 32.23 3.57 -28.64
CA LEU B 111 33.68 3.65 -28.71
C LEU B 111 34.21 4.68 -29.74
N GLY B 112 33.29 5.33 -30.46
CA GLY B 112 33.66 6.35 -31.45
C GLY B 112 33.98 5.77 -32.82
N ASN B 113 33.57 4.52 -33.05
CA ASN B 113 33.72 3.86 -34.34
C ASN B 113 32.51 4.09 -35.23
N ALA B 114 32.73 4.25 -36.54
CA ALA B 114 31.64 4.55 -37.48
C ALA B 114 30.66 3.38 -37.70
N ILE B 115 29.37 3.70 -37.73
CA ILE B 115 28.33 2.69 -37.94
C ILE B 115 27.38 3.11 -39.05
N ASP B 116 27.68 4.24 -39.68
CA ASP B 116 26.88 4.79 -40.77
C ASP B 116 27.30 4.27 -42.14
N GLY B 117 28.42 3.54 -42.20
CA GLY B 117 28.89 2.94 -43.45
C GLY B 117 29.77 3.83 -44.32
N LYS B 118 30.16 4.98 -43.80
CA LYS B 118 30.88 5.96 -44.62
C LYS B 118 32.41 5.94 -44.43
N GLY B 119 32.90 4.92 -43.74
CA GLY B 119 34.34 4.70 -43.59
C GLY B 119 34.94 5.39 -42.38
N PRO B 120 36.29 5.48 -42.32
CA PRO B 120 36.98 5.92 -41.11
C PRO B 120 36.63 7.35 -40.73
N ILE B 121 36.61 7.63 -39.43
CA ILE B 121 36.28 8.97 -38.96
C ILE B 121 37.36 10.00 -39.37
N GLY B 122 38.63 9.64 -39.18
CA GLY B 122 39.74 10.51 -39.59
C GLY B 122 40.19 11.47 -38.50
N SER B 123 39.83 11.15 -37.25
CA SER B 123 40.12 11.97 -36.08
C SER B 123 41.62 12.14 -35.85
N LYS B 124 42.01 13.32 -35.35
CA LYS B 124 43.41 13.61 -35.06
C LYS B 124 43.70 13.72 -33.57
N ALA B 125 42.63 13.75 -32.77
CA ALA B 125 42.74 13.91 -31.32
C ALA B 125 41.86 12.90 -30.60
N ARG B 126 42.18 12.68 -29.32
CA ARG B 126 41.41 11.81 -28.43
C ARG B 126 41.32 12.45 -27.04
N ARG B 127 40.29 12.06 -26.27
CA ARG B 127 40.11 12.51 -24.87
C ARG B 127 39.69 11.35 -23.96
N ARG B 128 40.22 11.32 -22.74
CA ARG B 128 39.74 10.34 -21.73
C ARG B 128 38.25 10.52 -21.45
N VAL B 129 37.51 9.41 -21.46
CA VAL B 129 36.06 9.44 -21.19
C VAL B 129 35.71 9.77 -19.75
N GLY B 130 36.62 9.49 -18.83
CA GLY B 130 36.32 9.64 -17.40
C GLY B 130 36.91 10.89 -16.76
N LEU B 131 37.37 11.82 -17.59
CA LEU B 131 38.06 13.03 -17.13
C LEU B 131 37.17 13.86 -16.19
N LYS B 132 37.69 14.27 -15.04
CA LYS B 132 36.90 15.03 -14.06
C LYS B 132 36.47 16.41 -14.60
N ALA B 133 35.26 16.84 -14.24
CA ALA B 133 34.73 18.13 -14.69
C ALA B 133 35.55 19.31 -14.16
N PRO B 134 35.57 20.42 -14.91
CA PRO B 134 36.25 21.63 -14.46
C PRO B 134 35.82 22.05 -13.05
N GLY B 135 36.77 22.55 -12.26
CA GLY B 135 36.48 23.03 -10.91
C GLY B 135 35.82 24.40 -10.88
N ILE B 136 35.81 25.03 -9.71
CA ILE B 136 35.18 26.32 -9.52
C ILE B 136 35.83 27.43 -10.35
N ILE B 137 37.17 27.54 -10.26
CA ILE B 137 37.89 28.66 -10.85
C ILE B 137 37.82 28.80 -12.38
N PRO B 138 37.92 27.68 -13.15
CA PRO B 138 37.88 27.82 -14.62
C PRO B 138 36.54 28.22 -15.22
N ARG B 139 35.54 28.48 -14.38
CA ARG B 139 34.17 28.72 -14.84
C ARG B 139 33.75 30.18 -14.69
N ILE B 140 32.66 30.54 -15.35
CA ILE B 140 32.00 31.83 -15.12
C ILE B 140 30.49 31.58 -15.28
N SER B 141 29.67 32.44 -14.67
CA SER B 141 28.21 32.29 -14.70
C SER B 141 27.65 32.31 -16.12
N VAL B 142 26.66 31.46 -16.39
CA VAL B 142 26.07 31.38 -17.72
C VAL B 142 25.28 32.67 -18.03
N ARG B 143 25.49 33.19 -19.24
CA ARG B 143 24.91 34.47 -19.64
C ARG B 143 24.43 34.53 -21.10
N GLU B 144 24.84 33.58 -21.93
CA GLU B 144 24.40 33.54 -23.33
C GLU B 144 23.23 32.58 -23.50
N PRO B 145 22.16 33.03 -24.18
CA PRO B 145 21.00 32.17 -24.45
C PRO B 145 21.36 30.92 -25.24
N MET B 146 20.73 29.81 -24.90
CA MET B 146 20.75 28.61 -25.74
C MET B 146 19.33 28.51 -26.24
N GLN B 147 19.09 28.95 -27.48
CA GLN B 147 17.72 29.08 -28.00
C GLN B 147 17.15 27.79 -28.61
N THR B 148 16.02 27.35 -28.06
CA THR B 148 15.30 26.15 -28.51
C THR B 148 14.32 26.43 -29.65
N GLY B 149 13.76 27.62 -29.66
CA GLY B 149 12.74 27.99 -30.66
C GLY B 149 11.35 27.54 -30.27
N ILE B 150 11.24 26.96 -29.07
CA ILE B 150 9.97 26.48 -28.53
C ILE B 150 9.49 27.51 -27.50
N LYS B 151 8.34 28.11 -27.79
CA LYS B 151 7.82 29.23 -26.98
C LYS B 151 7.85 28.96 -25.48
N ALA B 152 7.38 27.78 -25.09
CA ALA B 152 7.22 27.42 -23.68
C ALA B 152 8.54 27.31 -22.95
N VAL B 153 9.60 26.95 -23.68
CA VAL B 153 10.92 26.83 -23.08
C VAL B 153 11.61 28.21 -23.07
N ASP B 154 11.74 28.83 -24.24
CA ASP B 154 12.46 30.10 -24.32
C ASP B 154 11.86 31.22 -23.49
N SER B 155 10.55 31.15 -23.24
CA SER B 155 9.88 32.14 -22.39
C SER B 155 9.93 31.78 -20.91
N LEU B 156 9.53 30.55 -20.58
CA LEU B 156 9.30 30.17 -19.18
C LEU B 156 10.43 29.38 -18.55
N VAL B 157 11.19 28.66 -19.37
CA VAL B 157 12.25 27.80 -18.83
C VAL B 157 13.57 28.04 -19.56
N PRO B 158 13.98 29.33 -19.70
CA PRO B 158 15.06 29.64 -20.64
C PRO B 158 16.34 28.90 -20.29
N ILE B 159 17.04 28.36 -21.30
CA ILE B 159 18.30 27.67 -21.09
C ILE B 159 19.43 28.63 -21.43
N GLY B 160 20.52 28.55 -20.67
CA GLY B 160 21.71 29.33 -20.93
C GLY B 160 22.85 28.40 -21.30
N ARG B 161 23.82 28.92 -22.06
CA ARG B 161 24.94 28.13 -22.55
C ARG B 161 25.88 27.73 -21.43
N GLY B 162 26.03 26.41 -21.25
CA GLY B 162 26.74 25.83 -20.09
C GLY B 162 25.83 25.29 -18.99
N GLN B 163 24.54 25.47 -19.17
CA GLN B 163 23.53 24.93 -18.24
C GLN B 163 23.27 23.43 -18.46
N ARG B 164 22.75 22.78 -17.44
CA ARG B 164 22.17 21.43 -17.54
C ARG B 164 20.69 21.59 -17.27
N GLU B 165 19.87 21.14 -18.22
CA GLU B 165 18.42 21.24 -18.07
C GLU B 165 17.81 19.91 -18.42
N LEU B 166 17.17 19.28 -17.44
CA LEU B 166 16.56 17.98 -17.60
C LEU B 166 15.25 18.03 -18.38
N ILE B 167 15.07 17.09 -19.31
CA ILE B 167 13.74 16.86 -19.91
C ILE B 167 13.19 15.58 -19.29
N ILE B 168 12.06 15.71 -18.59
CA ILE B 168 11.50 14.61 -17.78
C ILE B 168 10.00 14.42 -17.98
N GLY B 169 9.59 13.16 -18.20
CA GLY B 169 8.16 12.81 -18.31
C GLY B 169 7.99 11.34 -18.64
N ASP B 170 6.75 10.88 -18.72
CA ASP B 170 6.45 9.48 -19.04
C ASP B 170 6.82 9.18 -20.49
N ARG B 171 6.74 7.90 -20.86
CA ARG B 171 6.90 7.47 -22.24
C ARG B 171 5.93 8.22 -23.14
N GLN B 172 6.40 8.55 -24.34
CA GLN B 172 5.58 9.18 -25.40
C GLN B 172 4.91 10.48 -24.95
N THR B 173 5.63 11.35 -24.25
CA THR B 173 5.06 12.63 -23.83
C THR B 173 5.70 13.80 -24.57
N GLY B 174 6.61 13.50 -25.49
CA GLY B 174 7.23 14.53 -26.35
C GLY B 174 8.64 14.93 -25.93
N LYS B 175 9.35 14.08 -25.18
CA LYS B 175 10.68 14.42 -24.68
C LYS B 175 11.71 14.59 -25.80
N THR B 176 11.83 13.58 -26.65
CA THR B 176 12.78 13.57 -27.76
C THR B 176 12.54 14.73 -28.72
N SER B 177 11.27 15.05 -28.97
CA SER B 177 10.88 16.18 -29.84
C SER B 177 11.42 17.53 -29.40
N ILE B 178 11.40 17.79 -28.10
CA ILE B 178 12.01 19.02 -27.56
C ILE B 178 13.49 19.06 -27.98
N ALA B 179 14.17 17.94 -27.79
CA ALA B 179 15.61 17.83 -28.08
C ALA B 179 15.92 18.04 -29.55
N ILE B 180 15.14 17.39 -30.41
CA ILE B 180 15.33 17.43 -31.85
C ILE B 180 15.03 18.80 -32.45
N ASP B 181 13.91 19.41 -32.03
CA ASP B 181 13.61 20.77 -32.43
C ASP B 181 14.67 21.77 -31.95
N THR B 182 15.29 21.48 -30.81
CA THR B 182 16.38 22.35 -30.33
C THR B 182 17.59 22.29 -31.28
N ILE B 183 17.96 21.07 -31.69
CA ILE B 183 19.09 20.87 -32.61
C ILE B 183 18.85 21.55 -33.96
N ILE B 184 17.65 21.34 -34.51
CA ILE B 184 17.29 21.89 -35.81
C ILE B 184 17.27 23.43 -35.78
N ASN B 185 16.79 23.99 -34.68
CA ASN B 185 16.80 25.44 -34.49
C ASN B 185 18.17 26.15 -34.67
N GLN B 186 19.27 25.43 -34.45
CA GLN B 186 20.59 26.06 -34.46
C GLN B 186 21.12 26.34 -35.85
N LYS B 187 20.50 25.73 -36.86
CA LYS B 187 20.87 25.90 -38.27
C LYS B 187 20.93 27.39 -38.65
N ARG B 188 19.95 28.14 -38.16
CA ARG B 188 19.84 29.57 -38.40
C ARG B 188 21.07 30.32 -37.91
N PHE B 189 21.62 29.92 -36.76
CA PHE B 189 22.84 30.53 -36.23
C PHE B 189 24.09 29.98 -36.93
N ASN B 190 24.10 28.68 -37.16
CA ASN B 190 25.26 28.01 -37.75
C ASN B 190 25.52 28.37 -39.22
N ASP B 191 24.47 28.79 -39.94
CA ASP B 191 24.60 29.30 -41.31
C ASP B 191 25.07 30.76 -41.40
N GLY B 192 24.89 31.50 -40.31
CA GLY B 192 25.16 32.94 -40.29
C GLY B 192 26.61 33.29 -40.05
N THR B 193 26.82 34.53 -39.60
CA THR B 193 28.17 35.04 -39.35
C THR B 193 28.50 35.03 -37.85
N ASP B 194 27.59 35.60 -37.05
CA ASP B 194 27.76 35.75 -35.60
C ASP B 194 28.28 34.48 -34.94
N GLU B 195 29.60 34.38 -34.82
CA GLU B 195 30.26 33.14 -34.38
C GLU B 195 30.06 32.76 -32.92
N LYS B 196 29.78 33.74 -32.07
CA LYS B 196 29.47 33.47 -30.68
C LYS B 196 28.13 32.73 -30.57
N LYS B 197 27.34 32.81 -31.62
CA LYS B 197 25.99 32.25 -31.62
C LYS B 197 25.90 30.83 -32.16
N LYS B 198 26.97 30.35 -32.81
CA LYS B 198 26.99 28.97 -33.33
C LYS B 198 26.92 27.90 -32.23
N LEU B 199 26.34 26.75 -32.55
CA LEU B 199 26.13 25.68 -31.58
C LEU B 199 26.24 24.31 -32.24
N TYR B 200 27.24 23.54 -31.80
CA TYR B 200 27.44 22.18 -32.31
C TYR B 200 26.70 21.20 -31.42
N CYS B 201 26.00 20.24 -32.02
CA CYS B 201 25.14 19.34 -31.25
C CYS B 201 25.64 17.89 -31.23
N ILE B 202 25.35 17.23 -30.12
CA ILE B 202 25.69 15.82 -29.95
C ILE B 202 24.44 15.17 -29.42
N TYR B 203 23.93 14.21 -30.17
CA TYR B 203 22.79 13.44 -29.72
C TYR B 203 23.31 12.08 -29.28
N VAL B 204 23.17 11.77 -27.99
CA VAL B 204 23.54 10.43 -27.52
C VAL B 204 22.26 9.62 -27.32
N ALA B 205 22.16 8.52 -28.05
CA ALA B 205 21.05 7.59 -27.94
C ALA B 205 21.50 6.40 -27.12
N ILE B 206 20.82 6.18 -26.00
CA ILE B 206 21.15 5.06 -25.12
C ILE B 206 19.94 4.14 -25.00
N GLY B 207 20.07 2.91 -25.51
CA GLY B 207 19.09 1.84 -25.26
C GLY B 207 17.87 1.85 -26.15
N GLN B 208 17.91 2.70 -27.17
CA GLN B 208 16.82 2.86 -28.14
C GLN B 208 16.89 1.79 -29.23
N LYS B 209 15.84 1.66 -30.04
CA LYS B 209 15.90 0.75 -31.18
C LYS B 209 16.72 1.39 -32.31
N ARG B 210 17.43 0.55 -33.07
CA ARG B 210 18.21 1.00 -34.22
C ARG B 210 17.32 1.67 -35.26
N SER B 211 16.14 1.11 -35.51
CA SER B 211 15.16 1.72 -36.43
C SER B 211 14.81 3.16 -36.03
N THR B 212 14.62 3.39 -34.73
CA THR B 212 14.30 4.71 -34.18
C THR B 212 15.44 5.70 -34.39
N VAL B 213 16.67 5.24 -34.17
CA VAL B 213 17.83 6.09 -34.34
C VAL B 213 18.03 6.48 -35.81
N ALA B 214 17.74 5.54 -36.72
CA ALA B 214 17.85 5.75 -38.17
C ALA B 214 16.79 6.72 -38.70
N GLN B 215 15.59 6.65 -38.14
CA GLN B 215 14.51 7.59 -38.46
C GLN B 215 14.87 8.99 -37.96
N LEU B 216 15.61 9.03 -36.86
CA LEU B 216 15.99 10.29 -36.23
C LEU B 216 17.13 10.98 -37.00
N VAL B 217 18.13 10.22 -37.43
CA VAL B 217 19.18 10.77 -38.32
C VAL B 217 18.62 11.16 -39.69
N LYS B 218 17.61 10.44 -40.17
CA LYS B 218 16.92 10.85 -41.39
C LYS B 218 16.33 12.26 -41.26
N ARG B 219 15.48 12.47 -40.25
CA ARG B 219 14.89 13.76 -39.96
C ARG B 219 15.95 14.88 -39.85
N LEU B 220 17.02 14.64 -39.08
CA LEU B 220 18.12 15.61 -38.98
C LEU B 220 18.76 15.92 -40.34
N THR B 221 18.89 14.91 -41.19
CA THR B 221 19.48 15.05 -42.53
C THR B 221 18.55 15.85 -43.44
N ASP B 222 17.25 15.52 -43.38
CA ASP B 222 16.22 16.29 -44.07
C ASP B 222 16.24 17.78 -43.68
N ALA B 223 16.52 18.07 -42.42
CA ALA B 223 16.50 19.45 -41.94
C ALA B 223 17.85 20.15 -42.11
N ASP B 224 18.82 19.43 -42.65
CA ASP B 224 20.20 19.91 -42.78
C ASP B 224 20.85 20.19 -41.40
N ALA B 225 20.50 19.37 -40.43
CA ALA B 225 21.06 19.51 -39.09
C ALA B 225 22.25 18.58 -38.88
N MET B 226 22.40 17.56 -39.72
CA MET B 226 23.45 16.57 -39.51
C MET B 226 24.85 17.15 -39.67
N LYS B 227 25.02 18.11 -40.57
CA LYS B 227 26.34 18.71 -40.78
C LYS B 227 26.99 19.31 -39.52
N TYR B 228 26.18 19.71 -38.54
CA TYR B 228 26.72 20.22 -37.26
C TYR B 228 26.43 19.32 -36.03
N THR B 229 25.98 18.10 -36.29
CA THR B 229 25.59 17.14 -35.25
C THR B 229 26.47 15.87 -35.28
N ILE B 230 26.76 15.32 -34.11
CA ILE B 230 27.40 14.01 -33.99
C ILE B 230 26.35 13.10 -33.38
N VAL B 231 26.10 11.93 -33.96
CA VAL B 231 25.25 10.96 -33.27
C VAL B 231 26.10 9.82 -32.68
N VAL B 232 25.93 9.59 -31.37
CA VAL B 232 26.59 8.51 -30.67
C VAL B 232 25.50 7.55 -30.25
N SER B 233 25.63 6.29 -30.65
CA SER B 233 24.54 5.35 -30.39
C SER B 233 24.99 4.03 -29.75
N ALA B 234 24.43 3.76 -28.58
CA ALA B 234 24.48 2.42 -27.98
C ALA B 234 23.05 1.91 -27.77
N THR B 235 22.61 1.01 -28.65
CA THR B 235 21.20 0.69 -28.77
C THR B 235 20.77 -0.50 -27.92
N ALA B 236 19.54 -0.94 -28.13
CA ALA B 236 18.91 -1.97 -27.29
C ALA B 236 19.60 -3.34 -27.33
N SER B 237 20.22 -3.71 -28.44
CA SER B 237 20.93 -5.00 -28.51
C SER B 237 22.44 -4.91 -28.22
N ASP B 238 22.91 -3.69 -27.90
CA ASP B 238 24.31 -3.46 -27.49
C ASP B 238 24.46 -3.83 -26.03
N ALA B 239 25.55 -4.52 -25.69
CA ALA B 239 25.83 -4.91 -24.28
C ALA B 239 25.71 -3.74 -23.32
N ALA B 240 25.33 -4.03 -22.08
CA ALA B 240 25.14 -2.98 -21.09
C ALA B 240 26.32 -2.02 -20.94
N PRO B 241 27.57 -2.54 -20.92
CA PRO B 241 28.71 -1.63 -20.77
C PRO B 241 28.82 -0.59 -21.88
N LEU B 242 28.29 -0.89 -23.06
CA LEU B 242 28.30 0.09 -24.15
C LEU B 242 27.30 1.22 -23.85
N GLN B 243 26.16 0.84 -23.27
CA GLN B 243 25.11 1.80 -22.91
C GLN B 243 25.60 2.63 -21.72
N TYR B 244 26.32 1.99 -20.82
CA TYR B 244 27.00 2.69 -19.74
C TYR B 244 27.95 3.75 -20.27
N LEU B 245 28.78 3.37 -21.24
CA LEU B 245 29.86 4.22 -21.77
C LEU B 245 29.40 5.40 -22.66
N ALA B 246 28.39 5.15 -23.49
CA ALA B 246 27.91 6.11 -24.48
C ALA B 246 27.84 7.59 -24.05
N PRO B 247 27.18 7.90 -22.92
CA PRO B 247 27.11 9.32 -22.52
C PRO B 247 28.48 9.93 -22.21
N TYR B 248 29.40 9.15 -21.61
CA TYR B 248 30.74 9.66 -21.33
C TYR B 248 31.49 9.94 -22.63
N SER B 249 31.32 9.06 -23.61
CA SER B 249 31.96 9.21 -24.92
C SER B 249 31.45 10.45 -25.64
N GLY B 250 30.13 10.61 -25.72
CA GLY B 250 29.51 11.83 -26.27
C GLY B 250 29.97 13.09 -25.52
N CYS B 251 29.97 13.02 -24.20
CA CYS B 251 30.37 14.15 -23.41
C CYS B 251 31.79 14.62 -23.75
N SER B 252 32.73 13.67 -23.90
CA SER B 252 34.11 13.97 -24.27
C SER B 252 34.20 14.70 -25.62
N MET B 253 33.40 14.24 -26.59
CA MET B 253 33.31 14.92 -27.89
C MET B 253 32.81 16.34 -27.74
N GLY B 254 31.85 16.56 -26.84
CA GLY B 254 31.36 17.90 -26.54
C GLY B 254 32.43 18.77 -25.91
N GLU B 255 33.25 18.14 -25.08
CA GLU B 255 34.29 18.84 -24.32
C GLU B 255 35.40 19.40 -25.20
N TYR B 256 35.61 18.76 -26.35
CA TYR B 256 36.54 19.29 -27.35
C TYR B 256 36.11 20.68 -27.79
N PHE B 257 34.81 20.88 -28.01
CA PHE B 257 34.30 22.21 -28.38
C PHE B 257 34.40 23.15 -27.18
N ARG B 258 33.92 22.68 -26.02
CA ARG B 258 33.90 23.43 -24.76
C ARG B 258 35.27 24.02 -24.41
N ASP B 259 36.34 23.30 -24.72
CA ASP B 259 37.67 23.70 -24.29
C ASP B 259 38.45 24.43 -25.38
N ASN B 260 37.87 24.50 -26.56
CA ASN B 260 38.51 25.17 -27.67
C ASN B 260 37.76 26.42 -28.13
N GLY B 261 37.04 27.02 -27.20
CA GLY B 261 36.40 28.32 -27.42
C GLY B 261 35.12 28.24 -28.20
N LYS B 262 34.56 27.05 -28.30
CA LYS B 262 33.33 26.82 -29.05
C LYS B 262 32.20 26.37 -28.12
N HIS B 263 30.98 26.39 -28.65
CA HIS B 263 29.80 26.00 -27.89
C HIS B 263 29.14 24.74 -28.46
N ALA B 264 28.94 23.77 -27.59
CA ALA B 264 28.28 22.52 -27.97
C ALA B 264 27.07 22.25 -27.09
N LEU B 265 26.11 21.50 -27.64
CA LEU B 265 24.93 21.09 -26.91
C LEU B 265 24.88 19.58 -26.95
N ILE B 266 24.72 18.96 -25.78
CA ILE B 266 24.62 17.50 -25.73
C ILE B 266 23.27 17.01 -25.20
N ILE B 267 22.71 16.03 -25.89
CA ILE B 267 21.46 15.40 -25.49
C ILE B 267 21.74 13.96 -25.05
N TYR B 268 21.38 13.63 -23.80
CA TYR B 268 21.48 12.24 -23.36
C TYR B 268 20.11 11.56 -23.34
N ASP B 269 19.83 10.74 -24.37
CA ASP B 269 18.50 10.19 -24.55
C ASP B 269 18.48 8.67 -24.52
N ASP B 270 18.28 8.05 -23.35
CA ASP B 270 18.03 8.75 -22.08
C ASP B 270 18.89 8.17 -20.96
N LEU B 271 18.96 8.89 -19.84
CA LEU B 271 19.74 8.48 -18.66
C LEU B 271 19.06 7.40 -17.80
N SER B 272 17.74 7.25 -17.94
CA SER B 272 17.01 6.15 -17.34
C SER B 272 17.53 4.82 -17.88
N LYS B 273 17.71 4.76 -19.19
CA LYS B 273 18.25 3.56 -19.81
C LYS B 273 19.74 3.35 -19.48
N GLN B 274 20.52 4.42 -19.34
CA GLN B 274 21.93 4.30 -18.94
C GLN B 274 22.00 3.69 -17.54
N ALA B 275 21.20 4.22 -16.61
CA ALA B 275 21.20 3.73 -15.23
C ALA B 275 20.78 2.26 -15.09
N VAL B 276 19.82 1.78 -15.90
CA VAL B 276 19.49 0.35 -15.82
C VAL B 276 20.59 -0.57 -16.41
N ALA B 277 21.38 -0.07 -17.36
CA ALA B 277 22.55 -0.82 -17.84
C ALA B 277 23.61 -0.89 -16.74
N TYR B 278 23.82 0.23 -16.06
CA TYR B 278 24.74 0.25 -14.92
C TYR B 278 24.25 -0.62 -13.74
N ARG B 279 22.95 -0.63 -13.50
CA ARG B 279 22.40 -1.53 -12.47
C ARG B 279 22.64 -2.99 -12.86
N GLN B 280 22.48 -3.32 -14.15
CA GLN B 280 22.77 -4.69 -14.59
C GLN B 280 24.21 -5.07 -14.31
N MET B 281 25.15 -4.17 -14.64
CA MET B 281 26.59 -4.35 -14.38
C MET B 281 26.90 -4.49 -12.90
N SER B 282 26.28 -3.63 -12.09
CA SER B 282 26.47 -3.63 -10.65
C SER B 282 25.92 -4.89 -9.95
N LEU B 283 24.73 -5.34 -10.37
CA LEU B 283 24.17 -6.58 -9.82
C LEU B 283 25.03 -7.80 -10.15
N LEU B 284 25.51 -7.89 -11.39
CA LEU B 284 26.38 -9.01 -11.77
C LEU B 284 27.71 -9.01 -11.04
N LEU B 285 28.20 -7.82 -10.71
CA LEU B 285 29.35 -7.65 -9.82
C LEU B 285 28.98 -7.88 -8.34
N ARG B 286 27.70 -8.12 -8.07
CA ARG B 286 27.21 -8.32 -6.70
C ARG B 286 27.46 -7.13 -5.76
N ARG B 287 27.41 -5.93 -6.31
CA ARG B 287 27.38 -4.75 -5.45
C ARG B 287 26.02 -4.72 -4.75
N PRO B 288 25.99 -4.25 -3.48
CA PRO B 288 24.77 -4.26 -2.68
C PRO B 288 23.75 -3.25 -3.18
N PRO B 289 22.58 -3.73 -3.67
CA PRO B 289 21.49 -2.88 -4.15
C PRO B 289 20.72 -2.14 -3.05
N GLY B 290 20.26 -0.93 -3.37
CA GLY B 290 19.39 -0.14 -2.50
C GLY B 290 18.02 -0.04 -3.14
N ARG B 291 17.46 1.17 -3.15
CA ARG B 291 16.12 1.41 -3.71
C ARG B 291 16.14 1.01 -5.15
N GLU B 292 15.06 0.34 -5.56
CA GLU B 292 14.89 -0.32 -6.87
C GLU B 292 16.07 -1.18 -7.29
N ALA B 293 16.80 -1.72 -6.32
CA ALA B 293 17.98 -2.53 -6.63
C ALA B 293 19.13 -1.80 -7.33
N TYR B 294 19.12 -0.46 -7.28
CA TYR B 294 20.23 0.32 -7.82
C TYR B 294 21.37 0.35 -6.81
N PRO B 295 22.63 0.35 -7.29
CA PRO B 295 23.77 0.47 -6.37
C PRO B 295 23.86 1.88 -5.81
N GLY B 296 24.60 2.04 -4.72
CA GLY B 296 24.66 3.31 -4.00
C GLY B 296 25.35 4.42 -4.79
N ASP B 297 26.08 4.04 -5.82
CA ASP B 297 26.79 5.00 -6.68
C ASP B 297 26.04 5.43 -7.97
N VAL B 298 24.74 5.11 -8.10
CA VAL B 298 23.96 5.65 -9.23
C VAL B 298 23.89 7.17 -9.30
N PHE B 299 23.82 7.86 -8.17
CA PHE B 299 23.83 9.33 -8.21
C PHE B 299 25.12 9.83 -8.87
N TYR B 300 26.24 9.31 -8.37
CA TYR B 300 27.55 9.70 -8.84
C TYR B 300 27.76 9.36 -10.32
N LEU B 301 27.24 8.23 -10.77
CA LEU B 301 27.17 7.92 -12.21
C LEU B 301 26.73 9.13 -13.03
N HIS B 302 25.65 9.76 -12.60
CA HIS B 302 25.10 10.90 -13.35
C HIS B 302 25.68 12.26 -12.97
N SER B 303 26.12 12.41 -11.72
CA SER B 303 26.62 13.68 -11.24
C SER B 303 27.96 14.03 -11.88
N ARG B 304 28.85 13.03 -11.99
CA ARG B 304 30.15 13.26 -12.63
C ARG B 304 30.01 13.59 -14.10
N LEU B 305 29.04 12.96 -14.76
CA LEU B 305 28.76 13.21 -16.18
C LEU B 305 28.23 14.63 -16.39
N LEU B 306 27.26 15.00 -15.57
CA LEU B 306 26.54 16.25 -15.80
C LEU B 306 27.30 17.49 -15.35
N GLU B 307 28.19 17.30 -14.38
CA GLU B 307 29.13 18.34 -13.99
C GLU B 307 30.00 18.83 -15.16
N ARG B 308 30.12 18.02 -16.21
CA ARG B 308 31.04 18.33 -17.29
C ARG B 308 30.45 19.31 -18.29
N ALA B 309 29.13 19.49 -18.27
CA ALA B 309 28.52 20.59 -18.98
C ALA B 309 28.79 21.80 -18.12
N ALA B 310 29.40 22.81 -18.75
CA ALA B 310 29.98 23.96 -18.05
C ALA B 310 30.10 25.14 -18.99
N LYS B 311 30.13 26.34 -18.42
CA LYS B 311 30.52 27.56 -19.12
C LYS B 311 31.93 27.96 -18.64
N MET B 312 32.86 28.10 -19.58
CA MET B 312 34.24 28.39 -19.23
C MET B 312 34.46 29.89 -19.14
N ASN B 313 35.31 30.32 -18.23
CA ASN B 313 35.76 31.71 -18.24
C ASN B 313 36.69 31.93 -19.43
N ASP B 314 37.01 33.20 -19.71
CA ASP B 314 37.78 33.56 -20.89
C ASP B 314 39.20 33.03 -20.85
N ALA B 315 39.78 32.92 -19.66
CA ALA B 315 41.13 32.37 -19.50
C ALA B 315 41.21 30.91 -19.95
N PHE B 316 40.06 30.24 -19.97
CA PHE B 316 39.96 28.88 -20.47
C PHE B 316 39.28 28.85 -21.85
N GLY B 317 39.24 30.01 -22.51
CA GLY B 317 38.75 30.09 -23.89
C GLY B 317 37.30 30.50 -24.13
N GLY B 318 36.49 30.57 -23.07
CA GLY B 318 35.13 31.13 -23.21
C GLY B 318 34.07 30.16 -23.72
N GLY B 319 34.47 28.93 -24.06
CA GLY B 319 33.52 27.95 -24.59
C GLY B 319 32.51 27.47 -23.56
N SER B 320 31.58 26.64 -24.02
CA SER B 320 30.58 26.04 -23.14
C SER B 320 30.11 24.69 -23.68
N LEU B 321 29.60 23.85 -22.79
CA LEU B 321 28.90 22.63 -23.15
C LEU B 321 27.60 22.64 -22.38
N THR B 322 26.49 22.57 -23.10
CA THR B 322 25.16 22.59 -22.53
C THR B 322 24.62 21.16 -22.60
N ALA B 323 23.92 20.72 -21.55
CA ALA B 323 23.41 19.35 -21.53
C ALA B 323 21.90 19.26 -21.36
N LEU B 324 21.26 18.44 -22.20
CA LEU B 324 19.86 18.12 -22.01
C LEU B 324 19.67 16.63 -21.74
N PRO B 325 19.81 16.20 -20.46
CA PRO B 325 19.58 14.79 -20.17
C PRO B 325 18.09 14.48 -20.26
N VAL B 326 17.75 13.26 -20.64
CA VAL B 326 16.37 12.85 -20.68
C VAL B 326 16.16 11.76 -19.64
N ILE B 327 15.09 11.89 -18.86
CA ILE B 327 14.67 10.87 -17.90
C ILE B 327 13.21 10.46 -18.17
N GLU B 328 12.94 9.16 -18.25
CA GLU B 328 11.57 8.68 -18.36
C GLU B 328 11.00 8.28 -16.99
N THR B 329 9.91 8.92 -16.58
CA THR B 329 9.22 8.57 -15.34
C THR B 329 8.21 7.46 -15.61
N GLN B 330 7.76 6.80 -14.54
CA GLN B 330 6.71 5.79 -14.63
C GLN B 330 5.44 6.34 -14.01
N ALA B 331 4.39 6.44 -14.81
CA ALA B 331 3.10 6.95 -14.36
C ALA B 331 3.22 8.25 -13.54
N GLY B 332 4.05 9.17 -14.04
CA GLY B 332 4.21 10.50 -13.45
C GLY B 332 4.95 10.60 -12.14
N ASP B 333 5.73 9.58 -11.80
CA ASP B 333 6.37 9.56 -10.49
C ASP B 333 7.76 10.21 -10.53
N VAL B 334 7.78 11.49 -10.20
CA VAL B 334 8.98 12.31 -10.24
C VAL B 334 9.71 12.26 -8.91
N SER B 335 9.08 11.63 -7.92
CA SER B 335 9.67 11.40 -6.60
C SER B 335 10.46 10.09 -6.54
N ALA B 336 10.55 9.37 -7.65
CA ALA B 336 11.35 8.15 -7.70
C ALA B 336 12.86 8.43 -7.62
N TYR B 337 13.64 7.38 -7.39
CA TYR B 337 15.07 7.45 -7.11
C TYR B 337 15.91 8.14 -8.20
N ILE B 338 15.88 7.59 -9.41
CA ILE B 338 16.62 8.15 -10.54
C ILE B 338 16.14 9.56 -10.94
N PRO B 339 14.82 9.78 -11.10
CA PRO B 339 14.37 11.19 -11.25
C PRO B 339 14.86 12.20 -10.16
N THR B 340 14.72 11.91 -8.87
CA THR B 340 15.17 12.89 -7.86
C THR B 340 16.70 13.11 -7.83
N ASN B 341 17.45 12.09 -8.20
CA ASN B 341 18.90 12.18 -8.33
C ASN B 341 19.26 13.23 -9.37
N VAL B 342 18.71 13.08 -10.57
CA VAL B 342 18.99 13.96 -11.68
C VAL B 342 18.45 15.38 -11.45
N ILE B 343 17.23 15.50 -10.92
CA ILE B 343 16.72 16.82 -10.53
C ILE B 343 17.73 17.51 -9.59
N SER B 344 18.31 16.76 -8.66
CA SER B 344 19.28 17.31 -7.70
C SER B 344 20.65 17.53 -8.33
N ILE B 345 20.81 17.20 -9.60
CA ILE B 345 22.06 17.46 -10.33
C ILE B 345 21.93 18.65 -11.29
N THR B 346 20.86 18.67 -12.07
CA THR B 346 20.73 19.65 -13.16
C THR B 346 20.31 21.04 -12.64
N ASP B 347 20.34 22.05 -13.52
CA ASP B 347 20.02 23.43 -13.16
C ASP B 347 18.59 23.75 -13.54
N GLY B 348 17.72 22.75 -13.50
CA GLY B 348 16.32 22.96 -13.84
C GLY B 348 15.79 21.74 -14.54
N GLN B 349 14.47 21.74 -14.75
CA GLN B 349 13.78 20.62 -15.41
C GLN B 349 12.59 21.16 -16.18
N ILE B 350 12.33 20.53 -17.33
CA ILE B 350 11.12 20.72 -18.12
C ILE B 350 10.29 19.46 -17.90
N PHE B 351 9.20 19.58 -17.14
CA PHE B 351 8.31 18.47 -16.82
C PHE B 351 7.23 18.35 -17.87
N LEU B 352 7.21 17.23 -18.57
CA LEU B 352 6.14 16.92 -19.53
C LEU B 352 5.15 15.96 -18.89
N GLU B 353 3.85 16.19 -19.11
CA GLU B 353 2.80 15.43 -18.46
C GLU B 353 1.84 14.77 -19.45
N THR B 354 1.48 13.52 -19.15
CA THR B 354 0.62 12.69 -20.00
C THR B 354 -0.78 13.30 -20.11
N GLU B 355 -1.30 13.80 -19.00
CA GLU B 355 -2.65 14.37 -18.94
C GLU B 355 -2.81 15.61 -19.82
N LEU B 356 -1.81 16.49 -19.78
CA LEU B 356 -1.73 17.63 -20.69
C LEU B 356 -1.55 17.17 -22.13
N PHE B 357 -0.68 16.18 -22.32
CA PHE B 357 -0.38 15.63 -23.65
C PHE B 357 -1.59 15.12 -24.41
N TYR B 358 -2.23 14.06 -23.90
CA TYR B 358 -3.28 13.38 -24.65
C TYR B 358 -4.59 14.18 -24.70
N LYS B 359 -4.61 15.29 -23.96
CA LYS B 359 -5.63 16.32 -24.08
C LYS B 359 -5.34 17.23 -25.28
N GLY B 360 -4.09 17.23 -25.74
CA GLY B 360 -3.71 17.99 -26.93
C GLY B 360 -2.81 19.18 -26.67
N ILE B 361 -2.54 19.45 -25.40
CA ILE B 361 -1.66 20.55 -24.99
C ILE B 361 -0.22 20.12 -25.25
N ARG B 362 0.32 20.53 -26.39
CA ARG B 362 1.66 20.10 -26.84
C ARG B 362 2.50 21.30 -27.30
N PRO B 363 3.74 21.41 -26.81
CA PRO B 363 4.39 20.48 -25.85
C PRO B 363 3.70 20.48 -24.49
N ALA B 364 3.60 19.29 -23.90
CA ALA B 364 2.83 19.07 -22.68
C ALA B 364 3.58 19.54 -21.43
N ILE B 365 4.14 20.74 -21.51
CA ILE B 365 4.91 21.29 -20.40
C ILE B 365 3.96 21.67 -19.27
N ASN B 366 4.23 21.13 -18.09
CA ASN B 366 3.64 21.60 -16.87
C ASN B 366 4.39 22.84 -16.46
N VAL B 367 3.83 24.00 -16.82
CA VAL B 367 4.45 25.31 -16.58
C VAL B 367 4.69 25.60 -15.10
N GLY B 368 3.90 24.94 -14.25
CA GLY B 368 4.05 25.09 -12.81
C GLY B 368 5.36 24.50 -12.34
N LEU B 369 5.50 23.18 -12.47
CA LEU B 369 6.65 22.45 -11.96
C LEU B 369 7.98 22.73 -12.68
N SER B 370 7.91 23.16 -13.94
CA SER B 370 9.11 23.32 -14.74
C SER B 370 9.88 24.59 -14.38
N VAL B 371 11.12 24.41 -13.94
CA VAL B 371 11.98 25.51 -13.52
C VAL B 371 13.33 25.55 -14.25
N SER B 372 13.90 26.73 -14.34
CA SER B 372 15.27 26.92 -14.81
C SER B 372 16.06 27.56 -13.66
N ARG B 373 16.84 26.76 -12.93
CA ARG B 373 17.61 27.23 -11.75
C ARG B 373 18.61 28.35 -12.10
N VAL B 374 18.61 28.76 -13.37
CA VAL B 374 19.32 29.95 -13.79
C VAL B 374 18.32 31.11 -13.90
N GLY B 375 17.22 30.86 -14.61
CA GLY B 375 16.13 31.82 -14.75
C GLY B 375 16.46 33.01 -15.64
N SER B 376 16.09 34.19 -15.16
CA SER B 376 16.23 35.46 -15.87
C SER B 376 17.64 35.76 -16.43
N ALA B 377 18.68 35.21 -15.80
CA ALA B 377 20.08 35.52 -16.11
C ALA B 377 20.48 35.38 -17.57
N ALA B 378 19.98 34.35 -18.25
CA ALA B 378 20.38 34.06 -19.62
C ALA B 378 19.23 34.20 -20.63
N GLN B 379 18.59 35.37 -20.62
CA GLN B 379 17.41 35.62 -21.45
C GLN B 379 17.40 37.08 -21.95
N THR B 380 17.01 37.26 -23.21
CA THR B 380 16.92 38.60 -23.82
C THR B 380 15.91 39.48 -23.07
N ARG B 381 16.22 40.77 -22.97
CA ARG B 381 15.38 41.72 -22.24
C ARG B 381 13.91 41.69 -22.68
N ALA B 382 13.67 41.60 -24.00
CA ALA B 382 12.32 41.56 -24.56
C ALA B 382 11.48 40.38 -24.04
N MET B 383 12.16 39.30 -23.66
CA MET B 383 11.48 38.14 -23.09
C MET B 383 11.11 38.34 -21.63
N LYS B 384 11.98 38.98 -20.86
CA LYS B 384 11.66 39.34 -19.48
C LYS B 384 10.43 40.25 -19.40
N GLN B 385 10.29 41.14 -20.39
CA GLN B 385 9.21 42.12 -20.43
C GLN B 385 7.83 41.50 -20.65
N VAL B 386 7.81 40.26 -21.12
CA VAL B 386 6.55 39.52 -21.33
C VAL B 386 6.43 38.29 -20.43
N ALA B 387 7.46 37.44 -20.46
CA ALA B 387 7.48 36.20 -19.69
C ALA B 387 7.62 36.44 -18.18
N GLY B 388 8.07 37.63 -17.81
CA GLY B 388 8.27 38.00 -16.41
C GLY B 388 6.98 38.21 -15.64
N THR B 389 5.86 37.93 -16.30
CA THR B 389 4.52 37.98 -15.69
C THR B 389 3.73 36.74 -16.06
N MET B 390 4.07 36.12 -17.18
CA MET B 390 3.43 34.91 -17.67
C MET B 390 3.84 33.70 -16.83
N LYS B 391 5.08 33.69 -16.38
CA LYS B 391 5.62 32.62 -15.53
C LYS B 391 4.85 32.50 -14.22
N LEU B 392 4.53 33.66 -13.65
CA LEU B 392 3.87 33.75 -12.35
C LEU B 392 2.38 33.37 -12.42
N GLU B 393 1.73 33.82 -13.50
CA GLU B 393 0.30 33.60 -13.73
C GLU B 393 -0.08 32.15 -14.06
N LEU B 394 0.89 31.23 -14.01
CA LEU B 394 0.66 29.85 -14.44
C LEU B 394 0.90 28.77 -13.39
N ALA B 395 1.73 29.06 -12.39
CA ALA B 395 1.83 28.19 -11.23
C ALA B 395 0.68 28.49 -10.28
N GLN B 396 0.24 29.75 -10.27
CA GLN B 396 -0.96 30.18 -9.54
C GLN B 396 -2.21 29.52 -10.11
N TYR B 397 -2.28 29.49 -11.44
CA TYR B 397 -3.39 28.86 -12.17
C TYR B 397 -3.50 27.37 -11.90
N ARG B 398 -2.36 26.68 -11.96
CA ARG B 398 -2.31 25.23 -11.77
C ARG B 398 -2.93 24.78 -10.45
N GLU B 399 -2.59 25.49 -9.37
CA GLU B 399 -3.14 25.20 -8.03
C GLU B 399 -4.64 24.98 -8.04
N VAL B 400 -5.37 25.88 -8.69
CA VAL B 400 -6.83 25.81 -8.75
C VAL B 400 -7.29 25.06 -10.02
N ALA B 401 -6.93 23.78 -10.09
CA ALA B 401 -7.32 22.92 -11.21
C ALA B 401 -7.42 21.45 -10.78
N LEU B 410 -21.10 33.25 -9.66
CA LEU B 410 -20.01 34.17 -9.99
C LEU B 410 -18.95 34.22 -8.90
N ASP B 411 -17.69 34.41 -9.30
CA ASP B 411 -16.57 34.46 -8.36
C ASP B 411 -15.69 35.68 -8.62
N ALA B 412 -14.76 35.95 -7.69
CA ALA B 412 -13.91 37.14 -7.75
C ALA B 412 -12.61 36.92 -8.54
N ALA B 413 -11.51 37.48 -8.04
CA ALA B 413 -10.20 37.41 -8.68
C ALA B 413 -9.67 35.99 -8.84
N THR B 414 -10.21 35.07 -8.05
CA THR B 414 -9.89 33.64 -8.15
C THR B 414 -10.28 33.06 -9.51
N GLN B 415 -11.43 33.50 -10.03
CA GLN B 415 -11.94 33.00 -11.30
C GLN B 415 -11.19 33.62 -12.49
N GLN B 416 -10.81 34.88 -12.37
CA GLN B 416 -10.09 35.57 -13.44
C GLN B 416 -8.65 35.06 -13.59
N LEU B 417 -8.15 34.41 -12.54
CA LEU B 417 -6.87 33.69 -12.60
C LEU B 417 -7.01 32.52 -13.56
N LEU B 418 -8.18 31.87 -13.51
CA LEU B 418 -8.50 30.74 -14.38
C LEU B 418 -8.73 31.15 -15.83
N SER B 419 -9.34 32.33 -16.01
CA SER B 419 -9.59 32.89 -17.34
C SER B 419 -8.30 33.26 -18.07
N ARG B 420 -7.36 33.85 -17.34
CA ARG B 420 -6.04 34.16 -17.91
C ARG B 420 -5.24 32.90 -18.18
N GLY B 421 -5.21 31.99 -17.21
CA GLY B 421 -4.46 30.74 -17.29
C GLY B 421 -4.76 29.85 -18.49
N VAL B 422 -6.02 29.79 -18.89
CA VAL B 422 -6.44 28.98 -20.04
C VAL B 422 -5.99 29.59 -21.38
N ARG B 423 -6.08 30.91 -21.49
CA ARG B 423 -5.64 31.61 -22.68
C ARG B 423 -4.13 31.46 -22.86
N LEU B 424 -3.39 31.67 -21.78
CA LEU B 424 -1.93 31.62 -21.80
C LEU B 424 -1.43 30.23 -22.14
N THR B 425 -2.10 29.20 -21.59
CA THR B 425 -1.78 27.81 -21.89
C THR B 425 -1.89 27.52 -23.38
N GLU B 426 -3.00 27.95 -23.97
CA GLU B 426 -3.26 27.77 -25.41
C GLU B 426 -2.26 28.53 -26.25
N LEU B 427 -1.80 29.66 -25.70
CA LEU B 427 -0.86 30.54 -26.36
C LEU B 427 0.53 29.89 -26.41
N LEU B 428 0.80 28.99 -25.47
CA LEU B 428 2.07 28.30 -25.36
C LEU B 428 2.12 26.98 -26.14
N LYS B 429 1.00 26.59 -26.74
CA LYS B 429 0.95 25.43 -27.63
C LYS B 429 1.78 25.72 -28.88
N GLN B 430 2.36 24.66 -29.45
CA GLN B 430 3.26 24.79 -30.59
C GLN B 430 3.37 23.45 -31.29
N GLY B 431 3.20 23.45 -32.61
CA GLY B 431 3.38 22.26 -33.42
C GLY B 431 4.83 21.82 -33.49
N GLN B 432 5.05 20.55 -33.82
CA GLN B 432 6.38 19.99 -33.94
C GLN B 432 7.09 20.65 -35.14
N TYR B 433 8.41 20.68 -35.13
CA TYR B 433 9.21 21.28 -36.20
C TYR B 433 8.71 22.66 -36.65
N SER B 434 8.36 23.51 -35.68
CA SER B 434 7.85 24.85 -35.99
C SER B 434 8.67 25.93 -35.29
N PRO B 435 9.97 26.03 -35.60
CA PRO B 435 10.86 26.94 -34.85
C PRO B 435 10.40 28.39 -34.92
N MET B 436 10.56 29.10 -33.81
CA MET B 436 10.31 30.53 -33.78
C MET B 436 11.51 31.27 -33.25
N ALA B 437 11.88 32.34 -33.95
CA ALA B 437 12.91 33.25 -33.49
C ALA B 437 12.38 33.99 -32.27
N ILE B 438 13.28 34.38 -31.37
CA ILE B 438 12.91 35.05 -30.13
C ILE B 438 11.96 36.27 -30.30
N GLU B 439 12.14 37.03 -31.39
CA GLU B 439 11.33 38.22 -31.65
C GLU B 439 9.89 37.88 -32.06
N GLU B 440 9.72 36.77 -32.78
CA GLU B 440 8.41 36.28 -33.17
C GLU B 440 7.69 35.72 -31.94
N GLN B 441 8.47 35.17 -31.02
CA GLN B 441 7.96 34.64 -29.77
C GLN B 441 7.41 35.73 -28.85
N VAL B 442 8.17 36.82 -28.69
CA VAL B 442 7.75 37.90 -27.78
C VAL B 442 6.48 38.60 -28.27
N ALA B 443 6.32 38.70 -29.60
CA ALA B 443 5.16 39.32 -30.22
C ALA B 443 3.89 38.50 -29.99
N VAL B 444 4.04 37.19 -30.04
CA VAL B 444 2.95 36.26 -29.75
C VAL B 444 2.59 36.32 -28.25
N ILE B 445 3.59 36.14 -27.39
CA ILE B 445 3.40 36.24 -25.94
C ILE B 445 2.79 37.59 -25.55
N TYR B 446 3.22 38.66 -26.22
CA TYR B 446 2.74 40.02 -25.97
C TYR B 446 1.22 40.11 -26.08
N ALA B 447 0.69 39.65 -27.21
CA ALA B 447 -0.74 39.67 -27.48
C ALA B 447 -1.54 39.06 -26.34
N GLY B 448 -1.08 37.91 -25.85
CA GLY B 448 -1.73 37.21 -24.73
C GLY B 448 -1.54 37.88 -23.39
N VAL B 449 -0.29 38.22 -23.06
CA VAL B 449 0.07 38.72 -21.73
C VAL B 449 -0.50 40.11 -21.42
N ARG B 450 -0.84 40.86 -22.46
CA ARG B 450 -1.36 42.22 -22.29
C ARG B 450 -2.89 42.24 -22.17
N GLY B 451 -3.52 41.10 -22.46
CA GLY B 451 -4.95 40.92 -22.23
C GLY B 451 -5.82 41.14 -23.45
N TYR B 452 -5.25 40.97 -24.64
CA TYR B 452 -6.00 41.17 -25.87
C TYR B 452 -6.91 40.00 -26.19
N LEU B 453 -6.44 38.80 -25.86
CA LEU B 453 -7.19 37.58 -26.12
C LEU B 453 -8.10 37.21 -24.94
N ASP B 454 -8.11 38.05 -23.91
CA ASP B 454 -8.95 37.85 -22.73
C ASP B 454 -10.44 37.88 -23.06
N LYS B 455 -10.82 38.67 -24.07
CA LYS B 455 -12.21 38.72 -24.54
C LYS B 455 -12.52 37.54 -25.49
N LEU B 456 -11.46 36.96 -26.05
CA LEU B 456 -11.58 35.89 -27.04
C LEU B 456 -11.96 34.57 -26.39
N GLU B 457 -12.42 33.61 -27.20
CA GLU B 457 -12.75 32.27 -26.72
C GLU B 457 -11.52 31.35 -26.85
N PRO B 458 -11.25 30.53 -25.82
CA PRO B 458 -10.04 29.69 -25.76
C PRO B 458 -9.80 28.84 -27.00
N SER B 459 -10.87 28.31 -27.58
CA SER B 459 -10.79 27.50 -28.80
C SER B 459 -10.13 28.23 -29.96
N LYS B 460 -10.37 29.53 -30.06
CA LYS B 460 -9.92 30.36 -31.18
C LYS B 460 -8.46 30.83 -31.08
N ILE B 461 -7.86 30.68 -29.89
CA ILE B 461 -6.49 31.18 -29.64
C ILE B 461 -5.47 30.63 -30.65
N THR B 462 -5.54 29.32 -30.88
CA THR B 462 -4.65 28.65 -31.83
C THR B 462 -4.74 29.27 -33.23
N LYS B 463 -5.97 29.46 -33.73
CA LYS B 463 -6.17 30.04 -35.06
C LYS B 463 -5.67 31.48 -35.12
N PHE B 464 -5.89 32.25 -34.05
CA PHE B 464 -5.37 33.61 -33.95
C PHE B 464 -3.86 33.66 -34.11
N GLU B 465 -3.17 32.81 -33.35
CA GLU B 465 -1.71 32.80 -33.37
C GLU B 465 -1.14 32.53 -34.77
N ASN B 466 -1.66 31.51 -35.45
CA ASN B 466 -1.17 31.14 -36.78
C ASN B 466 -1.35 32.23 -37.83
N ALA B 467 -2.52 32.86 -37.84
CA ALA B 467 -2.79 33.96 -38.76
C ALA B 467 -2.05 35.24 -38.35
N PHE B 468 -1.98 35.49 -37.05
CA PHE B 468 -1.33 36.69 -36.53
C PHE B 468 0.17 36.67 -36.79
N LEU B 469 0.80 35.54 -36.49
CA LEU B 469 2.23 35.36 -36.69
C LEU B 469 2.61 35.48 -38.16
N SER B 470 1.85 34.81 -39.03
CA SER B 470 2.16 34.85 -40.46
C SER B 470 1.92 36.24 -41.07
N HIS B 471 1.08 37.04 -40.42
CA HIS B 471 0.83 38.42 -40.85
C HIS B 471 1.97 39.37 -40.43
N VAL B 472 2.41 39.27 -39.17
CA VAL B 472 3.54 40.06 -38.68
C VAL B 472 4.84 39.65 -39.38
N ILE B 473 4.88 38.40 -39.87
CA ILE B 473 6.02 37.92 -40.66
C ILE B 473 6.00 38.47 -42.10
N SER B 474 4.80 38.77 -42.60
CA SER B 474 4.62 39.17 -44.00
C SER B 474 5.00 40.63 -44.26
N GLN B 475 4.50 41.54 -43.41
CA GLN B 475 4.69 42.98 -43.63
C GLN B 475 5.47 43.67 -42.52
N HIS B 476 5.41 43.12 -41.31
CA HIS B 476 6.04 43.75 -40.14
C HIS B 476 7.38 43.11 -39.75
N GLN B 477 8.20 42.86 -40.76
CA GLN B 477 9.59 42.45 -40.57
C GLN B 477 10.42 43.57 -39.96
N ALA B 478 9.99 44.81 -40.18
CA ALA B 478 10.64 45.98 -39.58
C ALA B 478 10.52 45.95 -38.07
N LEU B 479 9.32 45.65 -37.58
CA LEU B 479 9.05 45.55 -36.15
C LEU B 479 9.85 44.42 -35.50
N LEU B 480 9.77 43.24 -36.10
CA LEU B 480 10.49 42.06 -35.59
C LEU B 480 12.00 42.29 -35.62
N SER B 481 12.47 42.97 -36.66
CA SER B 481 13.87 43.35 -36.79
C SER B 481 14.30 44.29 -35.68
N LYS B 482 13.45 45.26 -35.37
CA LYS B 482 13.70 46.23 -34.29
C LYS B 482 13.82 45.58 -32.92
N ILE B 483 12.93 44.62 -32.65
CA ILE B 483 12.91 43.91 -31.37
C ILE B 483 14.12 42.98 -31.24
N ARG B 484 14.54 42.38 -32.35
CA ARG B 484 15.68 41.47 -32.36
C ARG B 484 16.99 42.20 -32.08
N THR B 485 17.30 43.19 -32.93
CA THR B 485 18.55 43.95 -32.85
C THR B 485 18.68 44.72 -31.54
N ASP B 486 17.62 45.40 -31.13
CA ASP B 486 17.62 46.14 -29.87
C ASP B 486 17.60 45.22 -28.66
N GLY B 487 17.20 43.96 -28.87
CA GLY B 487 17.07 42.97 -27.81
C GLY B 487 16.09 43.40 -26.72
N LYS B 488 15.14 44.24 -27.11
CA LYS B 488 14.19 44.87 -26.19
C LYS B 488 12.96 45.32 -26.97
N ILE B 489 11.83 45.47 -26.27
CA ILE B 489 10.66 46.13 -26.84
C ILE B 489 10.71 47.62 -26.47
N SER B 490 11.23 48.44 -27.40
CA SER B 490 11.33 49.89 -27.17
C SER B 490 9.93 50.51 -27.20
N GLU B 491 9.82 51.75 -26.73
CA GLU B 491 8.53 52.44 -26.69
C GLU B 491 7.91 52.57 -28.08
N GLU B 492 8.76 52.73 -29.09
CA GLU B 492 8.33 52.82 -30.48
C GLU B 492 7.86 51.47 -31.02
N SER B 493 8.43 50.40 -30.48
CA SER B 493 7.99 49.03 -30.82
C SER B 493 6.70 48.68 -30.06
N ASP B 494 6.65 49.09 -28.80
CA ASP B 494 5.51 48.84 -27.91
C ASP B 494 4.21 49.44 -28.45
N ALA B 495 4.28 50.69 -28.91
CA ALA B 495 3.12 51.39 -29.47
C ALA B 495 2.74 50.89 -30.86
N LYS B 496 3.74 50.42 -31.62
CA LYS B 496 3.53 49.86 -32.95
C LYS B 496 2.74 48.56 -32.86
N LEU B 497 3.22 47.67 -32.00
CA LEU B 497 2.63 46.36 -31.77
C LEU B 497 1.20 46.47 -31.24
N LYS B 498 0.97 47.43 -30.35
CA LYS B 498 -0.34 47.72 -29.77
C LYS B 498 -1.36 48.05 -30.86
N GLU B 499 -0.92 48.80 -31.88
CA GLU B 499 -1.76 49.13 -33.02
C GLU B 499 -1.98 47.94 -33.97
N ILE B 500 -1.00 47.04 -34.04
CA ILE B 500 -1.10 45.84 -34.87
C ILE B 500 -2.15 44.89 -34.32
N VAL B 501 -2.02 44.53 -33.05
CA VAL B 501 -2.92 43.57 -32.39
C VAL B 501 -4.38 44.05 -32.37
N THR B 502 -4.57 45.32 -32.01
CA THR B 502 -5.91 45.92 -31.91
C THR B 502 -6.66 45.90 -33.25
N ASN B 503 -5.96 46.31 -34.31
CA ASN B 503 -6.55 46.35 -35.65
C ASN B 503 -6.72 44.96 -36.27
N PHE B 504 -5.82 44.04 -35.90
CA PHE B 504 -5.90 42.64 -36.35
C PHE B 504 -7.06 41.90 -35.69
N LEU B 505 -7.13 42.00 -34.36
CA LEU B 505 -8.17 41.35 -33.54
C LEU B 505 -9.57 41.40 -34.18
N ALA B 506 -9.99 42.58 -34.62
CA ALA B 506 -11.24 42.71 -35.36
C ALA B 506 -10.98 42.60 -36.86
N GLY B 507 -11.69 41.69 -37.53
CA GLY B 507 -11.61 41.55 -38.98
C GLY B 507 -11.31 40.16 -39.53
N PHE B 508 -12.21 39.23 -39.26
CA PHE B 508 -12.13 37.88 -39.83
C PHE B 508 -13.51 37.21 -39.85
N GLU B 509 -13.60 36.06 -40.50
CA GLU B 509 -14.88 35.36 -40.68
C GLU B 509 -15.05 34.22 -39.66
N ALA B 510 -16.10 34.34 -38.85
CA ALA B 510 -16.45 33.34 -37.84
C ALA B 510 -17.93 33.00 -37.90
N VAL C 23 54.89 -14.22 23.76
CA VAL C 23 53.49 -14.04 24.26
C VAL C 23 52.96 -15.34 24.90
N ASP C 24 52.36 -15.19 26.08
CA ASP C 24 51.59 -16.26 26.71
C ASP C 24 50.24 -16.31 26.01
N LEU C 25 50.02 -17.35 25.22
CA LEU C 25 48.83 -17.43 24.37
C LEU C 25 47.55 -17.86 25.06
N GLU C 26 47.68 -18.34 26.30
CA GLU C 26 46.53 -18.61 27.17
C GLU C 26 45.89 -17.32 27.70
N GLU C 27 46.74 -16.36 28.09
CA GLU C 27 46.29 -15.13 28.75
C GLU C 27 46.35 -13.88 27.87
N THR C 28 47.05 -13.97 26.74
CA THR C 28 47.23 -12.80 25.88
C THR C 28 47.15 -13.17 24.40
N GLY C 29 46.95 -12.16 23.57
CA GLY C 29 46.82 -12.34 22.13
C GLY C 29 47.39 -11.14 21.41
N ARG C 30 47.48 -11.23 20.10
CA ARG C 30 47.90 -10.12 19.25
C ARG C 30 46.83 -9.91 18.18
N VAL C 31 46.58 -8.64 17.86
CA VAL C 31 45.61 -8.27 16.84
C VAL C 31 46.03 -8.79 15.47
N LEU C 32 45.16 -9.56 14.84
CA LEU C 32 45.32 -10.03 13.46
C LEU C 32 44.86 -8.96 12.46
N SER C 33 43.72 -8.35 12.75
CA SER C 33 43.14 -7.32 11.90
C SER C 33 42.25 -6.43 12.73
N ILE C 34 42.10 -5.18 12.30
CA ILE C 34 41.29 -4.17 13.02
C ILE C 34 40.64 -3.27 11.99
N GLY C 35 39.33 -3.10 12.13
CA GLY C 35 38.52 -2.32 11.21
C GLY C 35 37.15 -2.10 11.83
N ASP C 36 36.67 -0.86 11.73
CA ASP C 36 35.32 -0.48 12.18
C ASP C 36 34.90 -1.08 13.52
N GLY C 37 35.73 -0.91 14.54
CA GLY C 37 35.39 -1.27 15.92
C GLY C 37 35.55 -2.71 16.32
N ILE C 38 36.07 -3.53 15.41
CA ILE C 38 36.22 -4.98 15.62
C ILE C 38 37.66 -5.39 15.40
N ALA C 39 38.26 -5.91 16.46
CA ALA C 39 39.57 -6.53 16.38
C ALA C 39 39.38 -8.04 16.32
N ARG C 40 40.00 -8.70 15.36
CA ARG C 40 40.18 -10.13 15.41
C ARG C 40 41.51 -10.38 16.10
N VAL C 41 41.50 -11.24 17.12
CA VAL C 41 42.66 -11.45 17.98
C VAL C 41 43.10 -12.92 18.02
N HIS C 42 44.38 -13.16 17.76
CA HIS C 42 44.97 -14.48 17.85
C HIS C 42 45.27 -14.75 19.34
N GLY C 43 45.30 -16.01 19.79
CA GLY C 43 45.63 -16.31 21.19
C GLY C 43 44.43 -16.17 22.12
N LEU C 44 44.64 -15.56 23.28
CA LEU C 44 43.61 -15.51 24.33
C LEU C 44 42.87 -16.86 24.50
N ARG C 45 43.60 -17.98 24.40
CA ARG C 45 42.98 -19.30 24.50
C ARG C 45 42.10 -19.50 25.74
N ASN C 46 42.49 -18.93 26.87
CA ASN C 46 41.69 -19.10 28.09
C ASN C 46 40.58 -18.07 28.30
N VAL C 47 40.34 -17.22 27.31
CA VAL C 47 39.35 -16.14 27.43
C VAL C 47 37.91 -16.67 27.43
N GLN C 48 37.07 -16.08 28.28
CA GLN C 48 35.64 -16.39 28.35
C GLN C 48 34.82 -15.54 27.40
N ALA C 49 33.70 -16.09 26.94
CA ALA C 49 32.67 -15.31 26.23
C ALA C 49 32.20 -14.19 27.16
N GLU C 50 32.19 -12.97 26.63
CA GLU C 50 31.71 -11.78 27.34
C GLU C 50 32.72 -11.26 28.38
N GLU C 51 33.96 -11.73 28.28
CA GLU C 51 35.05 -11.23 29.13
C GLU C 51 35.54 -9.89 28.60
N MET C 52 35.92 -9.03 29.54
CA MET C 52 36.61 -7.79 29.24
C MET C 52 38.07 -8.07 28.98
N VAL C 53 38.60 -7.52 27.90
CA VAL C 53 40.02 -7.56 27.61
C VAL C 53 40.55 -6.12 27.57
N GLU C 54 41.87 -5.98 27.52
CA GLU C 54 42.53 -4.67 27.54
C GLU C 54 43.59 -4.62 26.45
N PHE C 55 43.55 -3.57 25.64
CA PHE C 55 44.51 -3.40 24.55
C PHE C 55 45.72 -2.64 25.10
N SER C 56 46.90 -2.88 24.53
CA SER C 56 48.15 -2.21 24.99
C SER C 56 48.02 -0.69 24.98
N SER C 57 47.17 -0.18 24.10
CA SER C 57 46.98 1.26 23.99
C SER C 57 46.15 1.87 25.13
N GLY C 58 45.59 1.01 25.99
CA GLY C 58 44.74 1.51 27.08
C GLY C 58 43.25 1.23 26.93
N LEU C 59 42.83 0.91 25.71
CA LEU C 59 41.41 0.62 25.41
C LEU C 59 40.96 -0.68 26.07
N LYS C 60 39.66 -0.77 26.38
CA LYS C 60 39.03 -2.03 26.77
C LYS C 60 38.18 -2.61 25.63
N GLY C 61 37.90 -3.91 25.73
CA GLY C 61 37.07 -4.58 24.73
C GLY C 61 36.33 -5.72 25.36
N MET C 62 35.42 -6.33 24.61
CA MET C 62 34.66 -7.49 25.09
C MET C 62 34.78 -8.63 24.10
N SER C 63 35.14 -9.82 24.56
CA SER C 63 35.18 -11.00 23.68
C SER C 63 33.79 -11.57 23.44
N LEU C 64 33.25 -11.29 22.25
CA LEU C 64 31.91 -11.76 21.87
C LEU C 64 31.91 -13.01 21.01
N ASN C 65 32.87 -13.10 20.08
CA ASN C 65 32.92 -14.23 19.16
C ASN C 65 34.15 -15.04 19.50
N LEU C 66 33.96 -16.22 20.09
CA LEU C 66 35.05 -17.16 20.29
C LEU C 66 35.04 -18.15 19.14
N GLU C 67 36.09 -18.12 18.32
CA GLU C 67 36.16 -18.96 17.13
C GLU C 67 37.41 -19.86 17.17
N PRO C 68 37.44 -20.93 16.36
CA PRO C 68 38.62 -21.80 16.46
C PRO C 68 39.98 -21.09 16.34
N ASP C 69 40.13 -20.15 15.40
CA ASP C 69 41.43 -19.49 15.22
C ASP C 69 41.52 -18.01 15.61
N ASN C 70 40.48 -17.47 16.22
CA ASN C 70 40.52 -16.06 16.59
C ASN C 70 39.39 -15.70 17.54
N VAL C 71 39.55 -14.58 18.26
CA VAL C 71 38.49 -13.99 19.10
C VAL C 71 38.03 -12.69 18.44
N GLY C 72 36.72 -12.56 18.23
CA GLY C 72 36.18 -11.30 17.72
C GLY C 72 35.94 -10.39 18.89
N VAL C 73 36.82 -9.40 19.03
CA VAL C 73 36.76 -8.44 20.12
C VAL C 73 36.10 -7.14 19.63
N VAL C 74 35.16 -6.69 20.43
CA VAL C 74 34.37 -5.52 20.18
C VAL C 74 34.96 -4.43 21.10
N VAL C 75 35.31 -3.30 20.51
CA VAL C 75 36.16 -2.31 21.20
C VAL C 75 35.34 -1.21 21.87
N PHE C 76 35.50 -1.06 23.18
CA PHE C 76 34.81 -0.01 23.96
C PHE C 76 35.50 1.36 23.87
N GLY C 77 35.60 1.89 22.66
CA GLY C 77 36.17 3.22 22.48
C GLY C 77 36.70 3.40 21.07
N ASN C 78 37.62 4.34 20.92
CA ASN C 78 38.19 4.69 19.63
C ASN C 78 39.06 3.56 19.08
N ASP C 79 38.41 2.64 18.37
CA ASP C 79 39.07 1.48 17.78
C ASP C 79 40.17 1.86 16.79
N LYS C 80 40.13 3.10 16.30
CA LYS C 80 41.15 3.60 15.37
C LYS C 80 42.56 3.77 15.97
N LEU C 81 42.68 3.56 17.28
CA LEU C 81 43.99 3.61 17.98
C LEU C 81 44.72 2.27 18.01
N ILE C 82 44.04 1.22 17.55
CA ILE C 82 44.54 -0.15 17.59
C ILE C 82 45.19 -0.50 16.25
N LYS C 83 46.26 -1.29 16.31
CA LYS C 83 47.01 -1.71 15.12
C LYS C 83 47.22 -3.22 15.12
N GLU C 84 47.31 -3.80 13.93
CA GLU C 84 47.74 -5.18 13.75
C GLU C 84 48.99 -5.41 14.61
N GLY C 85 49.04 -6.52 15.35
CA GLY C 85 50.23 -6.81 16.16
C GLY C 85 50.12 -6.39 17.61
N ASP C 86 49.24 -5.41 17.91
CA ASP C 86 49.07 -4.93 19.28
C ASP C 86 48.73 -6.07 20.25
N ILE C 87 49.25 -5.97 21.47
CA ILE C 87 48.99 -6.98 22.50
C ILE C 87 47.63 -6.74 23.14
N VAL C 88 46.88 -7.83 23.32
CA VAL C 88 45.59 -7.82 24.00
C VAL C 88 45.67 -8.81 25.16
N LYS C 89 45.19 -8.40 26.33
CA LYS C 89 45.33 -9.19 27.57
C LYS C 89 43.98 -9.50 28.17
N ARG C 90 43.85 -10.70 28.75
CA ARG C 90 42.66 -11.05 29.55
C ARG C 90 42.59 -10.20 30.80
N THR C 91 41.38 -9.91 31.27
CA THR C 91 41.24 -9.38 32.63
C THR C 91 40.70 -10.46 33.58
N GLY C 92 40.17 -11.54 33.03
CA GLY C 92 39.56 -12.60 33.83
C GLY C 92 38.14 -12.33 34.28
N ALA C 93 37.61 -11.15 33.96
CA ALA C 93 36.29 -10.78 34.48
C ALA C 93 35.27 -10.54 33.38
N ILE C 94 34.09 -11.12 33.57
CA ILE C 94 32.93 -10.84 32.73
C ILE C 94 32.63 -9.36 32.95
N VAL C 95 32.22 -8.68 31.90
CA VAL C 95 32.02 -7.23 31.93
C VAL C 95 31.10 -6.81 33.07
N ASP C 96 31.57 -5.86 33.87
CA ASP C 96 30.81 -5.37 35.00
C ASP C 96 30.97 -3.88 35.18
N VAL C 97 30.15 -3.31 36.07
CA VAL C 97 30.15 -1.88 36.32
C VAL C 97 30.12 -1.58 37.82
N PRO C 98 30.59 -0.39 38.22
CA PRO C 98 30.41 0.02 39.61
C PRO C 98 28.94 0.28 39.86
N VAL C 99 28.49 -0.02 41.08
CA VAL C 99 27.13 0.27 41.53
C VAL C 99 27.23 0.82 42.95
N GLY C 100 26.14 1.39 43.45
CA GLY C 100 26.12 1.92 44.80
C GLY C 100 25.59 3.34 44.79
N GLU C 101 25.32 3.88 45.97
CA GLU C 101 24.79 5.22 46.10
C GLU C 101 25.79 6.32 45.72
N GLU C 102 27.05 5.95 45.53
CA GLU C 102 28.09 6.93 45.15
C GLU C 102 27.89 7.44 43.73
N LEU C 103 27.08 6.74 42.94
CA LEU C 103 26.79 7.17 41.57
C LEU C 103 25.71 8.26 41.53
N LEU C 104 24.96 8.40 42.62
CA LEU C 104 23.90 9.41 42.71
C LEU C 104 24.49 10.81 42.57
N GLY C 105 23.88 11.62 41.70
CA GLY C 105 24.36 12.97 41.43
C GLY C 105 25.51 13.02 40.42
N ARG C 106 25.79 11.89 39.78
CA ARG C 106 26.94 11.83 38.87
C ARG C 106 26.51 11.49 37.46
N VAL C 107 27.28 11.98 36.49
CA VAL C 107 27.10 11.59 35.09
C VAL C 107 28.24 10.68 34.72
N VAL C 108 27.91 9.51 34.17
CA VAL C 108 28.91 8.50 33.83
C VAL C 108 28.72 7.94 32.43
N ASP C 109 29.77 7.32 31.91
CA ASP C 109 29.69 6.63 30.61
C ASP C 109 29.16 5.20 30.78
N ALA C 110 29.06 4.44 29.69
CA ALA C 110 28.45 3.11 29.75
C ALA C 110 29.26 2.12 30.60
N LEU C 111 30.51 2.46 30.93
CA LEU C 111 31.37 1.60 31.73
C LEU C 111 31.51 2.13 33.15
N GLY C 112 30.70 3.13 33.49
CA GLY C 112 30.66 3.66 34.86
C GLY C 112 31.73 4.69 35.23
N ASN C 113 32.51 5.13 34.26
CA ASN C 113 33.52 6.19 34.45
C ASN C 113 32.90 7.58 34.57
N ALA C 114 33.42 8.41 35.46
CA ALA C 114 32.93 9.78 35.59
C ALA C 114 33.23 10.58 34.33
N ILE C 115 32.23 11.31 33.83
CA ILE C 115 32.42 12.23 32.69
C ILE C 115 31.90 13.64 33.01
N ASP C 116 31.57 13.86 34.29
CA ASP C 116 31.11 15.16 34.78
C ASP C 116 32.24 16.02 35.37
N GLY C 117 33.46 15.50 35.32
CA GLY C 117 34.64 16.23 35.78
C GLY C 117 34.73 16.40 37.30
N LYS C 118 33.86 15.73 38.04
CA LYS C 118 33.80 15.88 39.50
C LYS C 118 34.63 14.85 40.28
N GLY C 119 35.54 14.17 39.58
CA GLY C 119 36.43 13.21 40.22
C GLY C 119 35.90 11.79 40.17
N PRO C 120 36.66 10.84 40.75
CA PRO C 120 36.33 9.42 40.63
C PRO C 120 35.07 9.01 41.41
N ILE C 121 34.42 7.96 40.95
CA ILE C 121 33.33 7.34 41.70
C ILE C 121 33.96 6.46 42.80
N GLY C 122 33.53 6.65 44.04
CA GLY C 122 34.11 5.93 45.17
C GLY C 122 33.33 4.68 45.54
N SER C 123 32.86 3.96 44.52
CA SER C 123 32.01 2.79 44.74
C SER C 123 32.83 1.61 45.25
N LYS C 124 32.29 0.91 46.24
CA LYS C 124 33.00 -0.23 46.82
C LYS C 124 32.41 -1.56 46.31
N ALA C 125 31.48 -1.46 45.37
CA ALA C 125 30.75 -2.62 44.85
C ALA C 125 30.63 -2.59 43.34
N ARG C 126 30.63 -3.77 42.74
CA ARG C 126 30.45 -3.90 41.30
C ARG C 126 29.44 -5.00 40.99
N ARG C 127 28.88 -4.93 39.79
CA ARG C 127 27.84 -5.86 39.38
C ARG C 127 28.03 -6.19 37.92
N ARG C 128 27.91 -7.47 37.55
CA ARG C 128 27.96 -7.86 36.13
C ARG C 128 26.82 -7.19 35.37
N VAL C 129 27.03 -6.82 34.12
CA VAL C 129 26.00 -6.08 33.39
C VAL C 129 24.87 -6.96 32.86
N GLY C 130 25.16 -8.25 32.65
CA GLY C 130 24.23 -9.19 32.04
C GLY C 130 23.64 -10.25 32.96
N LEU C 131 23.38 -9.88 34.21
CA LEU C 131 22.81 -10.79 35.20
C LEU C 131 21.33 -11.08 34.96
N LYS C 132 20.95 -12.33 35.20
CA LYS C 132 19.58 -12.81 35.04
C LYS C 132 18.56 -11.98 35.84
N ALA C 133 17.38 -11.80 35.27
CA ALA C 133 16.24 -11.20 35.97
C ALA C 133 15.76 -12.13 37.10
N PRO C 134 15.19 -11.56 38.18
CA PRO C 134 14.57 -12.36 39.23
C PRO C 134 13.51 -13.33 38.67
N GLY C 135 13.49 -14.55 39.21
CA GLY C 135 12.52 -15.57 38.83
C GLY C 135 11.13 -15.31 39.40
N ILE C 136 10.28 -16.33 39.31
CA ILE C 136 8.90 -16.29 39.82
C ILE C 136 8.86 -16.08 41.34
N ILE C 137 9.70 -16.81 42.06
CA ILE C 137 9.62 -16.83 43.53
C ILE C 137 9.99 -15.51 44.24
N PRO C 138 11.14 -14.88 43.88
CA PRO C 138 11.56 -13.64 44.57
C PRO C 138 10.61 -12.44 44.42
N ARG C 139 9.59 -12.57 43.57
CA ARG C 139 8.72 -11.44 43.22
C ARG C 139 7.43 -11.41 44.01
N ILE C 140 6.75 -10.26 43.95
CA ILE C 140 5.42 -10.12 44.50
C ILE C 140 4.61 -9.13 43.66
N SER C 141 3.30 -9.29 43.66
CA SER C 141 2.33 -8.40 43.02
C SER C 141 2.72 -6.92 43.24
N VAL C 142 2.76 -6.13 42.17
CA VAL C 142 3.03 -4.68 42.24
C VAL C 142 2.03 -4.02 43.20
N ARG C 143 2.52 -3.16 44.11
CA ARG C 143 1.74 -2.69 45.27
C ARG C 143 1.74 -1.17 45.54
N GLU C 144 2.72 -0.47 44.99
CA GLU C 144 2.95 0.95 45.34
C GLU C 144 2.91 1.80 44.07
N PRO C 145 2.40 3.04 44.18
CA PRO C 145 2.39 3.92 43.01
C PRO C 145 3.77 4.50 42.65
N MET C 146 4.05 4.59 41.34
CA MET C 146 5.15 5.37 40.81
C MET C 146 4.54 6.63 40.21
N GLN C 147 4.63 7.74 40.95
CA GLN C 147 3.90 8.97 40.60
C GLN C 147 4.72 9.85 39.66
N THR C 148 4.13 10.19 38.52
CA THR C 148 4.81 11.00 37.49
C THR C 148 4.57 12.48 37.74
N GLY C 149 3.45 12.78 38.38
CA GLY C 149 3.02 14.17 38.57
C GLY C 149 2.43 14.76 37.30
N ILE C 150 2.15 13.89 36.33
CA ILE C 150 1.48 14.28 35.10
C ILE C 150 0.05 13.77 35.18
N LYS C 151 -0.90 14.71 35.14
CA LYS C 151 -2.33 14.43 35.32
C LYS C 151 -2.89 13.33 34.44
N ALA C 152 -2.53 13.35 33.15
CA ALA C 152 -3.03 12.37 32.19
C ALA C 152 -2.56 10.96 32.53
N VAL C 153 -1.31 10.85 32.98
CA VAL C 153 -0.76 9.55 33.37
C VAL C 153 -1.33 9.09 34.72
N ASP C 154 -1.09 9.88 35.77
CA ASP C 154 -1.47 9.48 37.14
C ASP C 154 -2.97 9.17 37.33
N SER C 155 -3.82 9.81 36.53
CA SER C 155 -5.25 9.55 36.58
C SER C 155 -5.66 8.40 35.65
N LEU C 156 -5.17 8.43 34.42
CA LEU C 156 -5.70 7.54 33.39
C LEU C 156 -4.80 6.36 33.00
N VAL C 157 -3.48 6.56 33.09
CA VAL C 157 -2.49 5.52 32.77
C VAL C 157 -1.56 5.28 33.98
N PRO C 158 -2.13 5.03 35.18
CA PRO C 158 -1.28 5.05 36.38
C PRO C 158 -0.21 3.95 36.40
N ILE C 159 1.01 4.31 36.82
CA ILE C 159 2.17 3.38 36.81
C ILE C 159 2.49 2.90 38.23
N GLY C 160 2.77 1.61 38.36
CA GLY C 160 3.14 1.03 39.66
C GLY C 160 4.60 0.67 39.72
N ARG C 161 5.14 0.53 40.93
CA ARG C 161 6.55 0.24 41.12
C ARG C 161 6.88 -1.23 40.84
N GLY C 162 7.79 -1.44 39.90
CA GLY C 162 8.13 -2.77 39.39
C GLY C 162 7.63 -3.00 37.98
N GLN C 163 6.81 -2.07 37.50
CA GLN C 163 6.21 -2.14 36.18
C GLN C 163 7.19 -1.69 35.09
N ARG C 164 6.85 -2.03 33.85
CA ARG C 164 7.56 -1.55 32.67
C ARG C 164 6.52 -0.87 31.79
N GLU C 165 6.60 0.45 31.70
CA GLU C 165 5.68 1.25 30.90
C GLU C 165 6.44 1.91 29.78
N LEU C 166 6.11 1.56 28.54
CA LEU C 166 6.76 2.12 27.37
C LEU C 166 6.26 3.53 27.07
N ILE C 167 7.19 4.40 26.69
CA ILE C 167 6.85 5.68 26.11
C ILE C 167 7.23 5.61 24.62
N ILE C 168 6.24 5.75 23.75
CA ILE C 168 6.45 5.52 22.33
C ILE C 168 5.76 6.58 21.47
N GLY C 169 6.44 7.03 20.41
CA GLY C 169 5.92 8.05 19.50
C GLY C 169 6.95 8.50 18.49
N ASP C 170 6.54 9.30 17.53
CA ASP C 170 7.47 9.85 16.56
C ASP C 170 8.45 10.82 17.23
N ARG C 171 9.47 11.22 16.48
CA ARG C 171 10.38 12.27 16.92
C ARG C 171 9.56 13.53 17.31
N GLN C 172 10.00 14.15 18.41
CA GLN C 172 9.47 15.42 18.88
C GLN C 172 7.97 15.44 19.27
N THR C 173 7.49 14.32 19.79
CA THR C 173 6.13 14.21 20.34
C THR C 173 6.05 14.43 21.85
N GLY C 174 7.19 14.52 22.51
CA GLY C 174 7.24 14.81 23.96
C GLY C 174 7.68 13.65 24.85
N LYS C 175 8.36 12.67 24.25
CA LYS C 175 8.73 11.45 24.96
C LYS C 175 9.68 11.72 26.14
N THR C 176 10.82 12.35 25.84
CA THR C 176 11.81 12.68 26.87
C THR C 176 11.19 13.51 27.99
N SER C 177 10.35 14.47 27.61
CA SER C 177 9.65 15.34 28.54
C SER C 177 8.87 14.64 29.64
N ILE C 178 8.18 13.54 29.28
CA ILE C 178 7.46 12.69 30.26
C ILE C 178 8.43 12.12 31.29
N ALA C 179 9.54 11.57 30.77
CA ALA C 179 10.59 10.97 31.58
C ALA C 179 11.16 11.98 32.56
N ILE C 180 11.49 13.18 32.07
CA ILE C 180 12.10 14.23 32.90
C ILE C 180 11.15 14.77 33.99
N ASP C 181 9.92 15.09 33.62
CA ASP C 181 8.91 15.50 34.60
C ASP C 181 8.78 14.46 35.72
N THR C 182 8.78 13.17 35.34
CA THR C 182 8.67 12.07 36.29
C THR C 182 9.84 12.06 37.29
N ILE C 183 11.06 12.20 36.78
CA ILE C 183 12.26 12.29 37.63
C ILE C 183 12.14 13.48 38.57
N ILE C 184 11.79 14.64 38.01
CA ILE C 184 11.61 15.88 38.81
C ILE C 184 10.54 15.74 39.91
N ASN C 185 9.48 14.99 39.62
CA ASN C 185 8.40 14.82 40.58
C ASN C 185 8.80 14.09 41.86
N GLN C 186 9.90 13.35 41.79
CA GLN C 186 10.27 12.48 42.91
C GLN C 186 10.82 13.24 44.11
N LYS C 187 11.26 14.48 43.87
CA LYS C 187 11.80 15.34 44.93
C LYS C 187 10.84 15.45 46.13
N ARG C 188 9.55 15.63 45.88
CA ARG C 188 8.57 15.76 46.97
C ARG C 188 8.60 14.54 47.89
N PHE C 189 8.99 13.38 47.36
CA PHE C 189 9.12 12.15 48.16
C PHE C 189 10.51 12.03 48.79
N ASN C 190 11.54 12.33 48.00
CA ASN C 190 12.94 12.18 48.42
C ASN C 190 13.38 13.18 49.49
N ASP C 191 12.67 14.30 49.60
CA ASP C 191 12.89 15.25 50.68
C ASP C 191 12.08 14.89 51.93
N GLY C 192 11.18 13.91 51.78
CA GLY C 192 10.28 13.50 52.87
C GLY C 192 10.94 12.60 53.90
N THR C 193 10.21 12.35 54.99
CA THR C 193 10.72 11.50 56.08
C THR C 193 10.27 10.04 55.95
N ASP C 194 9.38 9.77 54.99
CA ASP C 194 8.89 8.41 54.73
C ASP C 194 9.78 7.68 53.73
N GLU C 195 10.57 6.73 54.24
CA GLU C 195 11.65 6.08 53.49
C GLU C 195 11.15 5.22 52.32
N LYS C 196 9.95 4.66 52.48
CA LYS C 196 9.38 3.70 51.53
C LYS C 196 8.84 4.35 50.26
N LYS C 197 8.65 5.67 50.32
CA LYS C 197 8.10 6.44 49.20
C LYS C 197 9.21 7.02 48.34
N LYS C 198 10.44 6.98 48.84
CA LYS C 198 11.60 7.52 48.11
C LYS C 198 11.85 6.74 46.81
N LEU C 199 12.29 7.44 45.78
CA LEU C 199 12.56 6.79 44.50
C LEU C 199 13.82 7.34 43.82
N TYR C 200 14.80 6.46 43.63
CA TYR C 200 16.05 6.86 43.02
C TYR C 200 15.96 6.70 41.51
N CYS C 201 16.51 7.65 40.78
CA CYS C 201 16.28 7.70 39.34
C CYS C 201 17.54 7.45 38.54
N ILE C 202 17.38 6.78 37.40
CA ILE C 202 18.48 6.52 36.48
C ILE C 202 18.02 6.88 35.09
N TYR C 203 18.70 7.84 34.48
CA TYR C 203 18.43 8.21 33.09
C TYR C 203 19.53 7.67 32.20
N VAL C 204 19.20 6.75 31.29
CA VAL C 204 20.18 6.23 30.33
C VAL C 204 19.95 6.94 29.00
N ALA C 205 20.97 7.68 28.55
CA ALA C 205 20.95 8.37 27.26
C ALA C 205 21.75 7.55 26.25
N ILE C 206 21.09 7.08 25.20
CA ILE C 206 21.73 6.26 24.16
C ILE C 206 21.62 6.94 22.79
N GLY C 207 22.75 7.29 22.19
CA GLY C 207 22.77 7.78 20.82
C GLY C 207 22.46 9.25 20.65
N GLN C 208 22.21 9.95 21.77
CA GLN C 208 21.90 11.38 21.77
C GLN C 208 23.17 12.19 21.57
N LYS C 209 23.06 13.44 21.14
CA LYS C 209 24.23 14.30 21.16
C LYS C 209 24.52 14.82 22.58
N ARG C 210 25.80 15.09 22.87
CA ARG C 210 26.25 15.53 24.20
C ARG C 210 25.62 16.83 24.70
N SER C 211 25.37 17.77 23.79
CA SER C 211 24.73 19.03 24.19
C SER C 211 23.28 18.83 24.68
N THR C 212 22.60 17.83 24.14
CA THR C 212 21.24 17.48 24.57
C THR C 212 21.27 16.88 25.97
N VAL C 213 22.24 16.00 26.24
CA VAL C 213 22.40 15.44 27.57
C VAL C 213 22.75 16.56 28.57
N ALA C 214 23.57 17.51 28.14
CA ALA C 214 23.95 18.64 28.99
C ALA C 214 22.76 19.52 29.36
N GLN C 215 21.88 19.79 28.40
CA GLN C 215 20.62 20.51 28.65
C GLN C 215 19.76 19.76 29.67
N LEU C 216 19.71 18.45 29.51
CA LEU C 216 19.03 17.53 30.41
C LEU C 216 19.53 17.62 31.85
N VAL C 217 20.84 17.45 32.07
CA VAL C 217 21.36 17.50 33.45
C VAL C 217 21.20 18.90 34.03
N LYS C 218 21.20 19.90 33.16
CA LYS C 218 20.98 21.28 33.61
C LYS C 218 19.54 21.44 34.10
N ARG C 219 18.59 20.91 33.33
CA ARG C 219 17.18 20.88 33.74
C ARG C 219 16.98 20.14 35.07
N LEU C 220 17.65 19.00 35.22
CA LEU C 220 17.57 18.20 36.44
C LEU C 220 18.23 18.89 37.63
N THR C 221 19.33 19.59 37.38
CA THR C 221 20.07 20.33 38.42
C THR C 221 19.28 21.55 38.90
N ASP C 222 18.68 22.29 37.98
CA ASP C 222 17.85 23.45 38.31
C ASP C 222 16.65 23.03 39.14
N ALA C 223 16.19 21.80 38.97
CA ALA C 223 15.04 21.30 39.70
C ALA C 223 15.41 20.60 41.00
N ASP C 224 16.71 20.57 41.28
CA ASP C 224 17.27 19.88 42.45
C ASP C 224 17.00 18.35 42.39
N ALA C 225 17.07 17.82 41.17
CA ALA C 225 16.74 16.44 40.90
C ALA C 225 17.97 15.58 40.63
N MET C 226 19.13 16.19 40.41
CA MET C 226 20.36 15.43 40.15
C MET C 226 20.84 14.68 41.37
N LYS C 227 20.56 15.22 42.57
CA LYS C 227 21.01 14.63 43.83
C LYS C 227 20.54 13.19 44.06
N TYR C 228 19.47 12.78 43.39
CA TYR C 228 18.95 11.41 43.51
C TYR C 228 18.90 10.67 42.18
N THR C 229 19.63 11.19 41.19
CA THR C 229 19.63 10.67 39.83
C THR C 229 21.05 10.26 39.40
N ILE C 230 21.15 9.13 38.70
CA ILE C 230 22.37 8.75 37.99
C ILE C 230 22.08 8.94 36.51
N VAL C 231 22.95 9.67 35.82
CA VAL C 231 22.84 9.78 34.37
C VAL C 231 23.92 8.88 33.74
N VAL C 232 23.51 7.89 32.95
CA VAL C 232 24.42 7.03 32.20
C VAL C 232 24.34 7.43 30.72
N SER C 233 25.46 7.79 30.14
CA SER C 233 25.41 8.39 28.81
C SER C 233 26.34 7.70 27.85
N ALA C 234 25.75 7.20 26.77
CA ALA C 234 26.49 6.66 25.64
C ALA C 234 25.98 7.37 24.41
N THR C 235 26.64 8.49 24.10
CA THR C 235 26.19 9.46 23.10
C THR C 235 26.58 9.07 21.66
N ALA C 236 26.23 9.91 20.69
CA ALA C 236 26.34 9.53 19.26
C ALA C 236 27.76 9.21 18.74
N SER C 237 28.79 9.80 19.34
CA SER C 237 30.16 9.53 18.92
C SER C 237 30.87 8.50 19.82
N ASP C 238 30.14 7.91 20.75
CA ASP C 238 30.65 6.76 21.51
C ASP C 238 30.51 5.49 20.65
N ALA C 239 31.54 4.66 20.65
CA ALA C 239 31.54 3.40 19.86
C ALA C 239 30.25 2.58 20.05
N ALA C 240 29.79 1.91 18.99
CA ALA C 240 28.59 1.05 19.05
C ALA C 240 28.44 0.12 20.29
N PRO C 241 29.52 -0.57 20.75
CA PRO C 241 29.45 -1.42 21.94
C PRO C 241 29.05 -0.72 23.24
N LEU C 242 29.51 0.52 23.41
CA LEU C 242 29.16 1.34 24.54
C LEU C 242 27.67 1.70 24.51
N GLN C 243 27.12 1.92 23.31
CA GLN C 243 25.70 2.24 23.19
C GLN C 243 24.83 1.00 23.42
N TYR C 244 25.28 -0.14 22.90
CA TYR C 244 24.68 -1.44 23.22
C TYR C 244 24.66 -1.71 24.73
N LEU C 245 25.77 -1.41 25.40
CA LEU C 245 25.98 -1.79 26.78
C LEU C 245 25.24 -0.87 27.75
N ALA C 246 25.07 0.39 27.36
CA ALA C 246 24.53 1.42 28.26
C ALA C 246 23.27 1.01 29.02
N PRO C 247 22.22 0.55 28.31
CA PRO C 247 21.03 0.14 29.05
C PRO C 247 21.31 -0.91 30.15
N TYR C 248 22.17 -1.89 29.87
CA TYR C 248 22.49 -2.93 30.86
C TYR C 248 23.30 -2.42 32.04
N SER C 249 24.22 -1.50 31.80
CA SER C 249 24.96 -0.83 32.88
C SER C 249 24.03 -0.06 33.81
N GLY C 250 23.18 0.79 33.23
CA GLY C 250 22.20 1.54 34.02
C GLY C 250 21.30 0.60 34.81
N CYS C 251 20.92 -0.52 34.21
CA CYS C 251 20.00 -1.48 34.82
C CYS C 251 20.63 -2.11 36.05
N SER C 252 21.88 -2.56 35.93
CA SER C 252 22.67 -3.05 37.07
C SER C 252 22.70 -2.07 38.25
N MET C 253 22.88 -0.80 37.94
CA MET C 253 22.89 0.26 38.95
C MET C 253 21.53 0.42 39.63
N GLY C 254 20.44 0.25 38.88
CA GLY C 254 19.10 0.19 39.47
C GLY C 254 18.86 -1.06 40.30
N GLU C 255 19.41 -2.19 39.85
CA GLU C 255 19.25 -3.48 40.53
C GLU C 255 19.90 -3.50 41.92
N TYR C 256 20.89 -2.64 42.12
CA TYR C 256 21.51 -2.50 43.41
C TYR C 256 20.49 -1.90 44.40
N PHE C 257 19.64 -0.99 43.90
CA PHE C 257 18.59 -0.44 44.74
C PHE C 257 17.49 -1.49 44.95
N ARG C 258 17.10 -2.14 43.85
CA ARG C 258 16.06 -3.19 43.85
C ARG C 258 16.34 -4.26 44.90
N ASP C 259 17.61 -4.67 44.99
CA ASP C 259 18.00 -5.80 45.82
C ASP C 259 18.40 -5.41 47.24
N ASN C 260 18.62 -4.13 47.48
CA ASN C 260 18.96 -3.64 48.82
C ASN C 260 17.82 -2.85 49.47
N GLY C 261 16.59 -3.32 49.24
CA GLY C 261 15.41 -2.81 49.90
C GLY C 261 14.94 -1.42 49.49
N LYS C 262 15.47 -0.88 48.39
CA LYS C 262 15.09 0.46 47.95
C LYS C 262 14.38 0.40 46.61
N HIS C 263 13.90 1.57 46.14
CA HIS C 263 13.19 1.66 44.88
C HIS C 263 13.88 2.57 43.89
N ALA C 264 13.95 2.12 42.65
CA ALA C 264 14.58 2.87 41.57
C ALA C 264 13.68 2.91 40.35
N LEU C 265 13.82 3.98 39.58
CA LEU C 265 13.15 4.16 38.32
C LEU C 265 14.24 4.31 37.29
N ILE C 266 14.14 3.55 36.20
CA ILE C 266 15.09 3.66 35.10
C ILE C 266 14.44 4.04 33.77
N ILE C 267 15.05 4.99 33.08
CA ILE C 267 14.59 5.46 31.78
C ILE C 267 15.63 5.08 30.74
N TYR C 268 15.19 4.38 29.69
CA TYR C 268 16.08 4.03 28.58
C TYR C 268 15.72 4.86 27.36
N ASP C 269 16.53 5.89 27.11
CA ASP C 269 16.21 6.92 26.14
C ASP C 269 17.28 7.00 25.04
N ASP C 270 17.15 6.21 23.97
CA ASP C 270 16.01 5.32 23.74
C ASP C 270 16.47 3.97 23.16
N LEU C 271 15.55 3.01 23.12
CA LEU C 271 15.91 1.64 22.81
C LEU C 271 16.01 1.40 21.31
N SER C 272 15.47 2.33 20.54
CA SER C 272 15.63 2.36 19.08
C SER C 272 17.09 2.52 18.66
N LYS C 273 17.77 3.44 19.34
CA LYS C 273 19.17 3.73 19.07
C LYS C 273 20.08 2.62 19.60
N GLN C 274 19.69 1.98 20.69
CA GLN C 274 20.44 0.82 21.16
C GLN C 274 20.36 -0.34 20.16
N ALA C 275 19.19 -0.56 19.57
CA ALA C 275 19.08 -1.65 18.59
C ALA C 275 19.94 -1.41 17.36
N VAL C 276 20.05 -0.15 16.95
CA VAL C 276 20.84 0.24 15.78
C VAL C 276 22.31 -0.06 16.06
N ALA C 277 22.80 0.35 17.23
CA ALA C 277 24.17 0.06 17.63
C ALA C 277 24.41 -1.47 17.70
N TYR C 278 23.46 -2.20 18.29
CA TYR C 278 23.57 -3.66 18.31
C TYR C 278 23.67 -4.25 16.90
N ARG C 279 22.90 -3.68 15.97
CA ARG C 279 22.93 -4.13 14.56
C ARG C 279 24.29 -3.89 13.91
N GLN C 280 24.84 -2.70 14.08
CA GLN C 280 26.19 -2.40 13.57
C GLN C 280 27.22 -3.41 14.07
N MET C 281 27.29 -3.57 15.38
CA MET C 281 28.27 -4.41 16.05
C MET C 281 28.17 -5.84 15.55
N SER C 282 26.94 -6.34 15.50
CA SER C 282 26.71 -7.72 15.12
C SER C 282 27.08 -7.97 13.66
N LEU C 283 26.74 -7.04 12.77
CA LEU C 283 27.04 -7.19 11.32
C LEU C 283 28.55 -7.22 11.10
N LEU C 284 29.27 -6.36 11.81
CA LEU C 284 30.72 -6.25 11.66
C LEU C 284 31.46 -7.42 12.34
N LEU C 285 30.80 -8.08 13.29
CA LEU C 285 31.27 -9.37 13.78
C LEU C 285 31.01 -10.49 12.79
N ARG C 286 30.33 -10.19 11.68
CA ARG C 286 30.00 -11.15 10.62
C ARG C 286 28.90 -12.15 11.01
N ARG C 287 28.08 -11.79 12.00
CA ARG C 287 26.86 -12.52 12.32
C ARG C 287 25.78 -12.12 11.30
N PRO C 288 25.19 -13.10 10.57
CA PRO C 288 24.31 -12.75 9.45
C PRO C 288 23.14 -11.79 9.78
N PRO C 289 22.82 -10.87 8.85
CA PRO C 289 21.75 -9.89 9.06
C PRO C 289 20.37 -10.55 9.00
N GLY C 290 19.51 -10.19 9.96
CA GLY C 290 18.16 -10.73 10.01
C GLY C 290 17.16 -9.75 9.45
N ARG C 291 15.96 -9.75 10.02
CA ARG C 291 14.90 -8.85 9.59
C ARG C 291 15.35 -7.38 9.77
N GLU C 292 15.19 -6.60 8.71
CA GLU C 292 15.71 -5.22 8.59
C GLU C 292 17.21 -5.11 8.88
N ALA C 293 17.95 -6.18 8.60
CA ALA C 293 19.39 -6.28 8.87
C ALA C 293 19.74 -6.35 10.38
N TYR C 294 18.72 -6.28 11.24
CA TYR C 294 18.91 -6.51 12.68
C TYR C 294 19.35 -7.96 12.98
N PRO C 295 20.05 -8.17 14.10
CA PRO C 295 20.40 -9.53 14.49
C PRO C 295 19.13 -10.35 14.76
N GLY C 296 19.23 -11.67 14.60
CA GLY C 296 18.10 -12.57 14.81
C GLY C 296 17.49 -12.46 16.20
N ASP C 297 18.30 -12.09 17.20
CA ASP C 297 17.83 -12.00 18.57
C ASP C 297 17.62 -10.58 19.11
N VAL C 298 17.21 -9.64 18.25
CA VAL C 298 16.90 -8.27 18.72
C VAL C 298 15.76 -8.24 19.71
N PHE C 299 14.81 -9.18 19.58
CA PHE C 299 13.75 -9.28 20.59
C PHE C 299 14.37 -9.50 21.96
N TYR C 300 15.22 -10.52 22.03
CA TYR C 300 15.91 -10.93 23.26
C TYR C 300 16.73 -9.78 23.89
N LEU C 301 17.38 -8.98 23.04
CA LEU C 301 18.14 -7.81 23.49
C LEU C 301 17.29 -6.96 24.42
N HIS C 302 16.03 -6.72 24.00
CA HIS C 302 15.13 -5.91 24.80
C HIS C 302 14.36 -6.69 25.88
N SER C 303 13.96 -7.93 25.59
CA SER C 303 13.16 -8.71 26.55
C SER C 303 13.95 -9.01 27.82
N ARG C 304 15.24 -9.33 27.66
CA ARG C 304 16.07 -9.67 28.83
C ARG C 304 16.35 -8.46 29.74
N LEU C 305 16.41 -7.29 29.13
CA LEU C 305 16.63 -6.03 29.83
C LEU C 305 15.44 -5.64 30.69
N LEU C 306 14.28 -5.57 30.05
CA LEU C 306 13.05 -5.12 30.68
C LEU C 306 12.50 -6.08 31.75
N GLU C 307 12.86 -7.36 31.64
CA GLU C 307 12.46 -8.41 32.59
C GLU C 307 13.17 -8.19 33.92
N ARG C 308 14.24 -7.40 33.88
CA ARG C 308 14.99 -7.06 35.10
C ARG C 308 14.31 -6.03 36.01
N ALA C 309 13.45 -5.19 35.44
CA ALA C 309 12.51 -4.42 36.23
C ALA C 309 11.54 -5.40 36.90
N ALA C 310 11.39 -5.27 38.21
CA ALA C 310 10.63 -6.21 39.01
C ALA C 310 10.22 -5.63 40.35
N LYS C 311 9.17 -6.17 40.94
CA LYS C 311 8.86 -5.89 42.35
C LYS C 311 9.23 -7.11 43.17
N MET C 312 10.06 -6.90 44.21
CA MET C 312 10.59 -7.97 45.06
C MET C 312 9.72 -8.21 46.30
N ASN C 313 9.61 -9.48 46.71
CA ASN C 313 8.91 -9.80 47.95
C ASN C 313 9.76 -9.46 49.18
N ASP C 314 9.16 -9.55 50.36
CA ASP C 314 9.77 -9.11 51.62
C ASP C 314 11.00 -9.91 52.02
N ALA C 315 10.95 -11.21 51.79
CA ALA C 315 12.08 -12.10 51.99
C ALA C 315 13.29 -11.70 51.13
N PHE C 316 13.05 -10.94 50.06
CA PHE C 316 14.14 -10.42 49.23
C PHE C 316 14.39 -8.92 49.43
N GLY C 317 13.65 -8.30 50.34
CA GLY C 317 13.89 -6.90 50.69
C GLY C 317 12.80 -5.91 50.35
N GLY C 318 11.78 -6.32 49.61
CA GLY C 318 10.65 -5.45 49.32
C GLY C 318 10.95 -4.34 48.32
N GLY C 319 12.19 -4.28 47.83
CA GLY C 319 12.60 -3.26 46.85
C GLY C 319 11.96 -3.45 45.50
N SER C 320 12.26 -2.54 44.57
CA SER C 320 11.63 -2.56 43.26
C SER C 320 12.45 -1.77 42.25
N LEU C 321 12.32 -2.14 40.99
CA LEU C 321 12.85 -1.33 39.89
C LEU C 321 11.77 -1.22 38.84
N THR C 322 11.45 0.03 38.47
CA THR C 322 10.46 0.36 37.44
C THR C 322 11.19 0.87 36.20
N ALA C 323 10.75 0.45 35.01
CA ALA C 323 11.38 0.87 33.77
C ALA C 323 10.44 1.67 32.88
N LEU C 324 10.93 2.79 32.38
CA LEU C 324 10.27 3.53 31.32
C LEU C 324 11.17 3.51 30.08
N PRO C 325 11.07 2.45 29.28
CA PRO C 325 11.79 2.51 27.99
C PRO C 325 11.14 3.49 27.01
N VAL C 326 11.93 3.98 26.06
CA VAL C 326 11.46 4.94 25.08
C VAL C 326 11.75 4.36 23.68
N ILE C 327 10.74 4.37 22.82
CA ILE C 327 10.86 3.88 21.44
C ILE C 327 10.45 4.98 20.48
N GLU C 328 11.29 5.25 19.48
CA GLU C 328 10.95 6.22 18.44
C GLU C 328 10.32 5.51 17.26
N THR C 329 9.07 5.86 16.95
CA THR C 329 8.45 5.36 15.71
C THR C 329 8.78 6.26 14.53
N GLN C 330 8.54 5.75 13.32
CA GLN C 330 8.73 6.49 12.08
C GLN C 330 7.37 6.68 11.44
N ALA C 331 7.00 7.93 11.21
CA ALA C 331 5.71 8.27 10.59
C ALA C 331 4.53 7.53 11.22
N GLY C 332 4.54 7.41 12.54
CA GLY C 332 3.46 6.77 13.30
C GLY C 332 3.38 5.25 13.21
N ASP C 333 4.41 4.60 12.68
CA ASP C 333 4.34 3.16 12.42
C ASP C 333 4.67 2.33 13.66
N VAL C 334 3.64 2.07 14.48
CA VAL C 334 3.80 1.20 15.66
C VAL C 334 3.90 -0.28 15.27
N SER C 335 3.38 -0.62 14.10
CA SER C 335 3.47 -1.97 13.56
C SER C 335 4.88 -2.34 13.11
N ALA C 336 5.81 -1.39 13.18
CA ALA C 336 7.21 -1.65 12.81
C ALA C 336 7.86 -2.69 13.72
N TYR C 337 8.92 -3.32 13.21
CA TYR C 337 9.62 -4.41 13.87
C TYR C 337 10.02 -4.15 15.34
N ILE C 338 10.87 -3.16 15.58
CA ILE C 338 11.35 -2.92 16.94
C ILE C 338 10.23 -2.40 17.87
N PRO C 339 9.43 -1.41 17.40
CA PRO C 339 8.27 -1.00 18.19
C PRO C 339 7.37 -2.15 18.63
N THR C 340 7.00 -3.05 17.72
CA THR C 340 6.15 -4.21 18.06
C THR C 340 6.79 -5.12 19.09
N ASN C 341 8.10 -5.38 18.97
CA ASN C 341 8.80 -6.16 19.99
C ASN C 341 8.58 -5.64 21.41
N VAL C 342 8.82 -4.34 21.58
CA VAL C 342 8.81 -3.72 22.89
C VAL C 342 7.39 -3.53 23.44
N ILE C 343 6.44 -3.24 22.54
CA ILE C 343 5.03 -3.21 22.93
C ILE C 343 4.63 -4.56 23.55
N SER C 344 5.08 -5.64 22.92
CA SER C 344 4.74 -6.99 23.35
C SER C 344 5.43 -7.38 24.66
N ILE C 345 6.46 -6.64 25.06
CA ILE C 345 7.21 -6.95 26.28
C ILE C 345 6.61 -6.22 27.47
N THR C 346 6.29 -4.94 27.27
CA THR C 346 5.94 -4.04 28.38
C THR C 346 4.56 -4.31 28.99
N ASP C 347 4.37 -3.78 30.20
CA ASP C 347 3.12 -3.98 30.91
C ASP C 347 2.05 -3.06 30.35
N GLY C 348 2.49 -1.90 29.88
CA GLY C 348 1.62 -0.96 29.24
C GLY C 348 2.43 -0.01 28.40
N GLN C 349 1.74 0.93 27.77
CA GLN C 349 2.38 1.93 26.94
C GLN C 349 1.61 3.23 26.86
N ILE C 350 2.39 4.32 26.83
CA ILE C 350 1.91 5.67 26.64
C ILE C 350 2.22 6.04 25.18
N PHE C 351 1.16 6.16 24.38
CA PHE C 351 1.27 6.48 22.97
C PHE C 351 1.15 7.99 22.78
N LEU C 352 2.16 8.57 22.16
CA LEU C 352 2.17 10.00 21.84
C LEU C 352 1.99 10.17 20.34
N GLU C 353 1.29 11.22 19.94
CA GLU C 353 1.01 11.47 18.53
C GLU C 353 1.24 12.91 18.10
N THR C 354 1.84 13.09 16.92
CA THR C 354 2.08 14.40 16.34
C THR C 354 0.79 15.20 16.15
N GLU C 355 -0.24 14.59 15.57
CA GLU C 355 -1.53 15.26 15.36
C GLU C 355 -1.99 15.91 16.66
N LEU C 356 -1.97 15.13 17.75
CA LEU C 356 -2.44 15.60 19.05
C LEU C 356 -1.59 16.74 19.55
N PHE C 357 -0.27 16.56 19.48
CA PHE C 357 0.68 17.60 19.86
C PHE C 357 0.35 18.94 19.21
N TYR C 358 0.19 18.95 17.89
CA TYR C 358 -0.05 20.20 17.18
C TYR C 358 -1.45 20.77 17.33
N LYS C 359 -2.41 19.90 17.65
CA LYS C 359 -3.78 20.30 17.97
C LYS C 359 -3.88 21.01 19.30
N GLY C 360 -2.81 20.98 20.09
CA GLY C 360 -2.82 21.59 21.42
C GLY C 360 -2.86 20.59 22.57
N ILE C 361 -3.03 19.30 22.24
CA ILE C 361 -3.01 18.25 23.25
C ILE C 361 -1.55 18.00 23.65
N ARG C 362 -1.12 18.66 24.72
CA ARG C 362 0.21 18.46 25.28
C ARG C 362 0.09 18.35 26.79
N PRO C 363 0.55 17.24 27.39
CA PRO C 363 1.25 16.10 26.75
C PRO C 363 0.39 15.34 25.72
N ALA C 364 1.02 14.96 24.61
CA ALA C 364 0.33 14.48 23.43
C ALA C 364 -0.13 13.02 23.51
N ILE C 365 -0.60 12.63 24.70
CA ILE C 365 -1.01 11.26 24.98
C ILE C 365 -2.35 10.92 24.32
N ASN C 366 -2.37 9.79 23.62
CA ASN C 366 -3.60 9.23 23.08
C ASN C 366 -4.19 8.35 24.17
N VAL C 367 -5.17 8.91 24.87
CA VAL C 367 -5.78 8.29 26.05
C VAL C 367 -6.49 6.99 25.69
N GLY C 368 -7.15 6.99 24.53
CA GLY C 368 -7.84 5.82 24.02
C GLY C 368 -6.93 4.62 23.84
N LEU C 369 -5.73 4.84 23.30
CA LEU C 369 -4.78 3.76 22.98
C LEU C 369 -3.84 3.42 24.12
N SER C 370 -3.54 4.42 24.96
CA SER C 370 -2.61 4.27 26.07
C SER C 370 -3.21 3.38 27.15
N VAL C 371 -2.38 2.47 27.63
CA VAL C 371 -2.80 1.47 28.59
C VAL C 371 -1.75 1.30 29.67
N SER C 372 -2.22 1.00 30.88
CA SER C 372 -1.36 0.65 31.99
C SER C 372 -2.01 -0.54 32.65
N ARG C 373 -1.21 -1.40 33.29
CA ARG C 373 -1.79 -2.53 34.01
C ARG C 373 -2.42 -2.10 35.35
N VAL C 374 -3.77 -2.56 35.44
CA VAL C 374 -4.70 -2.21 36.55
C VAL C 374 -4.21 -1.11 37.53
N GLY C 375 -3.59 -1.52 38.63
CA GLY C 375 -3.02 -0.57 39.57
C GLY C 375 -3.28 -0.81 41.04
N SER C 376 -2.81 -1.96 41.53
CA SER C 376 -2.54 -2.22 42.96
C SER C 376 -3.68 -1.93 43.95
N ALA C 377 -4.86 -1.58 43.43
CA ALA C 377 -5.87 -0.78 44.16
C ALA C 377 -5.27 0.60 44.43
N ALA C 378 -4.01 0.60 44.91
CA ALA C 378 -3.27 1.83 45.21
C ALA C 378 -2.67 2.53 43.98
N GLN C 379 -3.41 3.49 43.45
CA GLN C 379 -2.82 4.59 42.69
C GLN C 379 -2.91 5.77 43.67
N THR C 380 -4.11 5.92 44.24
CA THR C 380 -4.42 6.68 45.46
C THR C 380 -5.83 6.21 45.84
N ARG C 381 -6.61 7.08 46.49
CA ARG C 381 -7.99 6.74 46.85
C ARG C 381 -8.97 7.87 46.50
N ALA C 382 -8.56 9.04 46.75
CA ALA C 382 -9.29 10.24 46.31
C ALA C 382 -9.03 10.51 44.81
N MET C 383 -7.90 10.03 44.31
CA MET C 383 -7.61 10.07 42.88
C MET C 383 -8.47 9.01 42.17
N LYS C 384 -8.60 7.84 42.79
CA LYS C 384 -9.44 6.76 42.27
C LYS C 384 -10.90 7.22 42.12
N GLN C 385 -11.35 8.06 43.03
CA GLN C 385 -12.69 8.66 42.95
C GLN C 385 -12.87 9.47 41.67
N VAL C 386 -12.15 10.60 41.59
CA VAL C 386 -12.37 11.60 40.53
C VAL C 386 -11.92 11.16 39.13
N ALA C 387 -10.85 10.39 39.07
CA ALA C 387 -10.35 9.86 37.81
C ALA C 387 -11.21 8.68 37.36
N GLY C 388 -11.89 8.06 38.31
CA GLY C 388 -12.84 6.98 38.00
C GLY C 388 -13.98 7.50 37.14
N THR C 389 -14.53 8.65 37.52
CA THR C 389 -15.61 9.29 36.76
C THR C 389 -15.10 9.92 35.46
N MET C 390 -13.89 10.47 35.49
CA MET C 390 -13.26 11.03 34.29
C MET C 390 -12.99 9.98 33.21
N LYS C 391 -12.52 8.81 33.63
CA LYS C 391 -12.30 7.68 32.72
C LYS C 391 -13.61 7.28 32.01
N LEU C 392 -14.68 7.13 32.79
CA LEU C 392 -16.01 6.83 32.24
C LEU C 392 -16.48 7.94 31.31
N GLU C 393 -16.31 9.19 31.74
CA GLU C 393 -16.83 10.36 31.03
C GLU C 393 -16.07 10.61 29.73
N LEU C 394 -14.77 10.31 29.71
CA LEU C 394 -13.97 10.47 28.50
C LEU C 394 -14.14 9.32 27.51
N ALA C 395 -14.40 8.12 28.02
CA ALA C 395 -14.66 6.97 27.15
C ALA C 395 -15.96 7.17 26.37
N GLN C 396 -16.99 7.66 27.04
CA GLN C 396 -18.26 8.00 26.41
C GLN C 396 -18.07 9.14 25.41
N TYR C 397 -17.26 10.12 25.80
CA TYR C 397 -16.90 11.24 24.92
C TYR C 397 -16.20 10.77 23.63
N ARG C 398 -15.15 9.96 23.79
CA ARG C 398 -14.35 9.43 22.68
C ARG C 398 -15.24 8.78 21.61
N GLU C 399 -16.36 8.21 22.03
CA GLU C 399 -17.33 7.58 21.13
C GLU C 399 -18.07 8.58 20.21
N VAL C 400 -18.09 9.85 20.61
CA VAL C 400 -18.81 10.90 19.88
C VAL C 400 -17.86 12.05 19.44
N ALA C 401 -16.68 12.09 20.05
CA ALA C 401 -15.64 13.10 19.80
C ALA C 401 -15.49 13.55 18.33
N ALA C 402 -15.60 12.59 17.41
CA ALA C 402 -15.38 12.81 15.98
C ALA C 402 -16.29 13.87 15.33
N PHE C 403 -17.31 14.33 16.04
CA PHE C 403 -18.19 15.39 15.54
C PHE C 403 -17.50 16.75 15.53
N ALA C 404 -16.65 16.97 16.54
CA ALA C 404 -15.75 18.13 16.64
C ALA C 404 -16.34 19.44 16.10
N LEU C 410 -23.06 21.06 10.87
CA LEU C 410 -23.40 21.66 12.16
C LEU C 410 -23.87 20.59 13.15
N ASP C 411 -23.99 20.95 14.42
CA ASP C 411 -24.36 19.99 15.46
C ASP C 411 -25.64 20.42 16.20
N ALA C 412 -26.53 19.46 16.45
CA ALA C 412 -27.88 19.75 16.96
C ALA C 412 -28.08 19.57 18.48
N ALA C 413 -27.89 18.34 18.96
CA ALA C 413 -27.98 17.98 20.38
C ALA C 413 -26.81 17.08 20.73
N THR C 414 -26.06 16.73 19.68
CA THR C 414 -24.78 16.05 19.83
C THR C 414 -23.80 16.92 20.65
N GLN C 415 -24.24 18.13 21.02
CA GLN C 415 -23.41 19.05 21.80
C GLN C 415 -23.48 18.88 23.32
N GLN C 416 -24.59 18.36 23.85
CA GLN C 416 -24.60 17.91 25.25
C GLN C 416 -23.77 16.64 25.41
N LEU C 417 -23.65 15.89 24.31
CA LEU C 417 -22.80 14.69 24.27
C LEU C 417 -21.31 15.06 24.26
N LEU C 418 -21.00 16.28 23.82
CA LEU C 418 -19.62 16.75 23.68
C LEU C 418 -19.11 17.58 24.85
N SER C 419 -20.02 18.24 25.57
CA SER C 419 -19.69 19.28 26.57
C SER C 419 -18.63 18.90 27.59
N ARG C 420 -18.96 17.94 28.45
CA ARG C 420 -18.08 17.51 29.55
C ARG C 420 -16.72 17.07 29.04
N GLY C 421 -16.75 16.17 28.06
CA GLY C 421 -15.54 15.60 27.47
C GLY C 421 -14.57 16.63 26.94
N VAL C 422 -15.10 17.68 26.29
CA VAL C 422 -14.25 18.74 25.74
C VAL C 422 -13.53 19.51 26.85
N ARG C 423 -14.26 19.84 27.91
CA ARG C 423 -13.70 20.46 29.11
C ARG C 423 -12.63 19.58 29.76
N LEU C 424 -12.93 18.29 29.90
CA LEU C 424 -11.99 17.34 30.52
C LEU C 424 -10.69 17.20 29.73
N THR C 425 -10.82 17.22 28.41
CA THR C 425 -9.65 17.15 27.51
C THR C 425 -8.71 18.34 27.73
N GLU C 426 -9.29 19.52 27.97
CA GLU C 426 -8.51 20.72 28.26
C GLU C 426 -7.83 20.64 29.63
N LEU C 427 -8.46 19.97 30.58
CA LEU C 427 -7.91 19.81 31.94
C LEU C 427 -6.76 18.80 32.04
N LEU C 428 -6.54 18.01 31.00
CA LEU C 428 -5.44 17.04 30.96
C LEU C 428 -4.21 17.60 30.26
N LYS C 429 -4.36 18.79 29.71
CA LYS C 429 -3.24 19.56 29.19
C LYS C 429 -2.39 20.03 30.37
N GLN C 430 -1.08 20.05 30.17
CA GLN C 430 -0.14 20.38 31.24
C GLN C 430 1.14 20.92 30.66
N GLY C 431 1.67 21.99 31.26
CA GLY C 431 2.96 22.54 30.91
C GLY C 431 4.11 21.66 31.37
N GLN C 432 5.33 22.10 31.06
CA GLN C 432 6.53 21.33 31.33
C GLN C 432 7.20 21.71 32.64
N TYR C 433 7.95 20.75 33.20
CA TYR C 433 8.83 20.97 34.35
C TYR C 433 8.10 21.39 35.64
N SER C 434 6.78 21.27 35.64
CA SER C 434 5.98 21.55 36.82
C SER C 434 5.10 20.35 37.19
N PRO C 435 5.72 19.23 37.61
CA PRO C 435 4.88 18.08 37.96
C PRO C 435 4.07 18.37 39.22
N MET C 436 2.88 17.77 39.30
CA MET C 436 1.90 18.19 40.31
C MET C 436 1.69 17.12 41.38
N ALA C 437 1.43 17.58 42.61
CA ALA C 437 1.04 16.68 43.68
C ALA C 437 -0.32 16.03 43.35
N ILE C 438 -0.54 14.85 43.91
CA ILE C 438 -1.78 14.11 43.63
C ILE C 438 -3.04 14.90 44.05
N GLU C 439 -2.96 15.60 45.18
CA GLU C 439 -4.07 16.41 45.68
C GLU C 439 -4.35 17.62 44.78
N GLU C 440 -3.29 18.17 44.19
CA GLU C 440 -3.41 19.28 43.25
C GLU C 440 -4.10 18.83 41.96
N GLN C 441 -3.74 17.63 41.49
CA GLN C 441 -4.38 17.01 40.32
C GLN C 441 -5.86 16.72 40.56
N VAL C 442 -6.16 16.20 41.75
CA VAL C 442 -7.54 15.89 42.13
C VAL C 442 -8.40 17.16 42.13
N ALA C 443 -7.86 18.23 42.73
CA ALA C 443 -8.58 19.51 42.85
C ALA C 443 -9.00 20.12 41.51
N VAL C 444 -8.13 20.01 40.50
CA VAL C 444 -8.43 20.53 39.17
C VAL C 444 -9.36 19.63 38.37
N ILE C 445 -9.09 18.32 38.40
CA ILE C 445 -9.97 17.32 37.78
C ILE C 445 -11.39 17.44 38.34
N TYR C 446 -11.51 17.61 39.65
CA TYR C 446 -12.78 17.79 40.35
C TYR C 446 -13.64 18.88 39.72
N ALA C 447 -13.05 20.07 39.55
CA ALA C 447 -13.72 21.23 38.96
C ALA C 447 -14.36 20.92 37.61
N GLY C 448 -13.68 20.11 36.79
CA GLY C 448 -14.21 19.69 35.50
C GLY C 448 -15.26 18.61 35.65
N VAL C 449 -14.93 17.58 36.44
CA VAL C 449 -15.77 16.40 36.63
C VAL C 449 -17.11 16.68 37.32
N ARG C 450 -17.14 17.65 38.22
CA ARG C 450 -18.39 18.07 38.85
C ARG C 450 -19.13 19.12 38.02
N GLY C 451 -18.71 19.28 36.77
CA GLY C 451 -19.42 20.09 35.78
C GLY C 451 -19.43 21.59 36.01
N TYR C 452 -18.43 22.09 36.73
CA TYR C 452 -18.36 23.51 37.05
C TYR C 452 -17.74 24.39 35.96
N LEU C 453 -17.31 23.79 34.86
CA LEU C 453 -16.75 24.52 33.72
C LEU C 453 -17.56 24.32 32.45
N ASP C 454 -18.71 23.65 32.57
CA ASP C 454 -19.53 23.26 31.42
C ASP C 454 -20.03 24.43 30.55
N LYS C 455 -20.04 25.64 31.10
CA LYS C 455 -20.45 26.82 30.33
C LYS C 455 -19.30 27.78 30.01
N LEU C 456 -18.11 27.48 30.53
CA LEU C 456 -16.92 28.28 30.22
C LEU C 456 -16.35 27.90 28.85
N GLU C 457 -15.97 28.93 28.09
CA GLU C 457 -15.35 28.78 26.77
C GLU C 457 -14.17 27.82 26.85
N PRO C 458 -14.23 26.69 26.12
CA PRO C 458 -13.20 25.64 26.20
C PRO C 458 -11.77 26.15 26.00
N SER C 459 -11.62 27.27 25.31
CA SER C 459 -10.31 27.89 25.09
C SER C 459 -9.74 28.59 26.32
N LYS C 460 -10.62 28.92 27.28
CA LYS C 460 -10.20 29.62 28.49
C LYS C 460 -9.65 28.67 29.55
N ILE C 461 -10.07 27.40 29.49
CA ILE C 461 -9.82 26.43 30.55
C ILE C 461 -8.35 26.35 30.96
N THR C 462 -7.47 26.47 29.97
CA THR C 462 -6.02 26.53 30.19
C THR C 462 -5.63 27.68 31.13
N LYS C 463 -6.13 28.88 30.82
CA LYS C 463 -5.95 30.07 31.66
C LYS C 463 -6.57 29.88 33.03
N PHE C 464 -7.77 29.32 33.04
CA PHE C 464 -8.52 29.07 34.26
C PHE C 464 -7.74 28.18 35.23
N GLU C 465 -7.28 27.03 34.73
CA GLU C 465 -6.65 26.02 35.57
C GLU C 465 -5.44 26.56 36.30
N ASN C 466 -4.52 27.18 35.54
CA ASN C 466 -3.31 27.78 36.10
C ASN C 466 -3.62 28.79 37.20
N ALA C 467 -4.53 29.72 36.89
CA ALA C 467 -4.93 30.75 37.84
C ALA C 467 -5.61 30.14 39.05
N PHE C 468 -6.56 29.22 38.80
CA PHE C 468 -7.29 28.54 39.87
C PHE C 468 -6.34 27.76 40.78
N LEU C 469 -5.43 27.00 40.17
CA LEU C 469 -4.49 26.16 40.90
C LEU C 469 -3.50 26.97 41.74
N SER C 470 -2.98 28.06 41.17
CA SER C 470 -2.10 28.98 41.89
C SER C 470 -2.77 29.52 43.16
N HIS C 471 -4.05 29.88 43.04
CA HIS C 471 -4.81 30.45 44.15
C HIS C 471 -5.08 29.43 45.25
N VAL C 472 -5.31 28.17 44.85
CA VAL C 472 -5.57 27.09 45.81
C VAL C 472 -4.30 26.71 46.55
N ILE C 473 -3.18 26.63 45.83
CA ILE C 473 -1.87 26.35 46.41
C ILE C 473 -1.52 27.40 47.47
N SER C 474 -1.64 28.67 47.10
CA SER C 474 -1.22 29.80 47.93
C SER C 474 -2.09 30.01 49.18
N GLN C 475 -3.40 30.03 49.00
CA GLN C 475 -4.31 30.42 50.08
C GLN C 475 -5.12 29.27 50.69
N HIS C 476 -5.21 28.14 49.97
CA HIS C 476 -6.04 27.02 50.43
C HIS C 476 -5.24 25.73 50.60
N GLN C 477 -4.09 25.85 51.28
CA GLN C 477 -3.21 24.73 51.56
C GLN C 477 -3.87 23.74 52.53
N ALA C 478 -4.68 24.29 53.44
CA ALA C 478 -5.44 23.50 54.41
C ALA C 478 -6.44 22.56 53.72
N LEU C 479 -6.94 22.98 52.57
CA LEU C 479 -7.88 22.18 51.78
C LEU C 479 -7.22 20.96 51.14
N LEU C 480 -6.01 21.23 50.74
CA LEU C 480 -5.18 20.09 50.35
C LEU C 480 -4.63 19.47 51.64
N SER C 481 -5.46 18.66 52.28
CA SER C 481 -5.14 18.08 53.58
C SER C 481 -5.80 16.73 53.74
N LYS C 482 -5.09 15.81 54.41
CA LYS C 482 -5.46 14.39 54.57
C LYS C 482 -5.21 13.58 53.30
N ILE C 483 -5.17 14.51 52.12
CA ILE C 483 -4.63 13.86 50.92
C ILE C 483 -3.11 14.04 50.82
N ASP C 494 -14.70 14.42 51.74
CA ASP C 494 -15.55 14.76 50.62
C ASP C 494 -16.95 15.21 51.06
N ALA C 495 -17.06 15.60 52.32
CA ALA C 495 -18.29 16.21 52.84
C ALA C 495 -18.10 17.71 53.00
N LYS C 496 -17.06 18.07 53.76
CA LYS C 496 -16.66 19.48 53.92
C LYS C 496 -15.89 19.95 52.70
N LEU C 497 -15.04 19.07 52.15
CA LEU C 497 -14.23 19.36 50.97
C LEU C 497 -15.13 19.66 49.76
N LYS C 498 -16.20 18.90 49.62
CA LYS C 498 -17.15 19.05 48.53
C LYS C 498 -17.77 20.45 48.53
N GLU C 499 -18.19 20.92 49.69
CA GLU C 499 -18.81 22.24 49.83
C GLU C 499 -17.80 23.39 49.71
N ILE C 500 -16.56 23.14 50.11
CA ILE C 500 -15.53 24.19 50.13
C ILE C 500 -14.90 24.46 48.76
N VAL C 501 -14.84 23.43 47.90
CA VAL C 501 -14.27 23.61 46.56
C VAL C 501 -15.22 24.43 45.68
N THR C 502 -16.53 24.18 45.81
CA THR C 502 -17.55 24.90 45.05
C THR C 502 -17.66 26.35 45.50
N ASN C 503 -17.24 26.60 46.74
CA ASN C 503 -17.19 27.95 47.30
C ASN C 503 -16.17 28.81 46.56
N PHE C 504 -15.00 28.23 46.26
CA PHE C 504 -13.95 28.92 45.52
C PHE C 504 -14.30 28.97 44.04
N LEU C 505 -14.65 27.82 43.48
CA LEU C 505 -14.90 27.69 42.05
C LEU C 505 -15.96 28.66 41.54
N ALA C 506 -17.02 28.85 42.32
CA ALA C 506 -18.10 29.76 41.98
C ALA C 506 -17.60 31.20 41.89
N GLY C 507 -17.10 31.72 43.01
CA GLY C 507 -16.56 33.08 43.08
C GLY C 507 -15.43 33.36 42.10
N PHE C 508 -14.59 32.35 41.89
CA PHE C 508 -13.46 32.44 40.94
C PHE C 508 -13.96 32.62 39.52
N GLU C 509 -14.80 31.69 39.05
CA GLU C 509 -15.46 31.80 37.75
C GLU C 509 -16.39 33.02 37.75
N ALA C 510 -15.79 34.20 37.61
CA ALA C 510 -16.48 35.47 37.83
C ALA C 510 -17.39 35.88 36.67
N THR D 13 30.97 -39.87 27.18
CA THR D 13 32.19 -39.39 26.45
C THR D 13 32.29 -37.85 26.42
N THR D 14 33.53 -37.37 26.28
CA THR D 14 33.88 -35.97 26.49
C THR D 14 34.25 -35.24 25.19
N GLY D 15 33.63 -34.08 24.99
CA GLY D 15 33.99 -33.19 23.91
C GLY D 15 34.60 -31.90 24.45
N ARG D 16 35.05 -31.05 23.55
CA ARG D 16 35.64 -29.77 23.94
C ARG D 16 34.97 -28.67 23.12
N ILE D 17 34.59 -27.59 23.79
CA ILE D 17 34.05 -26.42 23.08
C ILE D 17 35.13 -25.86 22.13
N VAL D 18 34.75 -25.58 20.89
CA VAL D 18 35.68 -24.98 19.92
C VAL D 18 35.22 -23.58 19.46
N ALA D 19 33.93 -23.31 19.56
CA ALA D 19 33.41 -21.98 19.23
C ALA D 19 32.20 -21.65 20.08
N VAL D 20 32.07 -20.38 20.43
CA VAL D 20 30.88 -19.85 21.08
C VAL D 20 30.46 -18.57 20.34
N ILE D 21 29.24 -18.52 19.82
CA ILE D 21 28.72 -17.29 19.19
C ILE D 21 27.27 -17.12 19.66
N GLY D 22 27.06 -16.24 20.64
CA GLY D 22 25.73 -16.09 21.25
C GLY D 22 25.26 -17.44 21.80
N ALA D 23 24.03 -17.82 21.47
CA ALA D 23 23.42 -19.08 21.91
C ALA D 23 23.96 -20.34 21.20
N VAL D 24 24.84 -20.15 20.23
CA VAL D 24 25.32 -21.27 19.38
C VAL D 24 26.74 -21.68 19.76
N VAL D 25 26.91 -22.95 20.12
CA VAL D 25 28.21 -23.47 20.60
C VAL D 25 28.59 -24.70 19.77
N ASP D 26 29.82 -24.72 19.25
CA ASP D 26 30.35 -25.86 18.53
C ASP D 26 31.23 -26.67 19.43
N VAL D 27 31.09 -27.98 19.35
CA VAL D 27 31.82 -28.89 20.23
C VAL D 27 32.38 -30.00 19.39
N GLN D 28 33.65 -30.29 19.61
CA GLN D 28 34.35 -31.35 18.90
C GLN D 28 34.56 -32.55 19.82
N PHE D 29 34.32 -33.74 19.29
CA PHE D 29 34.44 -35.00 20.04
C PHE D 29 35.47 -35.87 19.34
N ASP D 30 36.41 -36.43 20.11
CA ASP D 30 37.46 -37.26 19.53
C ASP D 30 36.98 -38.63 19.07
N GLU D 31 36.12 -39.26 19.86
CA GLU D 31 35.64 -40.62 19.53
C GLU D 31 34.16 -40.64 19.13
N GLY D 32 33.26 -40.84 20.10
CA GLY D 32 31.84 -41.02 19.80
C GLY D 32 31.11 -39.71 19.62
N LEU D 33 30.46 -39.54 18.47
CA LEU D 33 29.74 -38.30 18.20
C LEU D 33 28.30 -38.40 18.71
N PRO D 34 27.86 -37.40 19.49
CA PRO D 34 26.50 -37.42 20.02
C PRO D 34 25.49 -37.21 18.90
N PRO D 35 24.44 -38.06 18.85
CA PRO D 35 23.41 -37.86 17.84
C PRO D 35 22.67 -36.52 18.02
N ILE D 36 22.17 -35.98 16.92
CA ILE D 36 21.27 -34.83 16.95
C ILE D 36 20.13 -35.01 17.98
N LEU D 37 19.85 -33.92 18.71
CA LEU D 37 18.88 -33.87 19.81
C LEU D 37 19.46 -34.28 21.16
N ASN D 38 20.65 -34.86 21.18
CA ASN D 38 21.28 -35.23 22.46
C ASN D 38 21.57 -34.03 23.32
N ALA D 39 21.33 -34.18 24.62
CA ALA D 39 21.66 -33.19 25.64
C ALA D 39 23.10 -33.40 26.06
N LEU D 40 23.86 -32.31 26.10
CA LEU D 40 25.26 -32.34 26.50
C LEU D 40 25.41 -31.46 27.73
N GLU D 41 26.24 -31.88 28.70
CA GLU D 41 26.43 -31.13 29.95
C GLU D 41 27.79 -30.44 29.99
N VAL D 42 27.78 -29.12 30.04
CA VAL D 42 29.03 -28.36 30.14
C VAL D 42 29.64 -28.51 31.52
N GLN D 43 30.88 -28.98 31.55
CA GLN D 43 31.60 -29.12 32.81
C GLN D 43 32.05 -27.77 33.34
N GLY D 44 32.36 -27.72 34.64
CA GLY D 44 32.91 -26.53 35.29
C GLY D 44 31.95 -25.35 35.37
N ARG D 45 30.67 -25.63 35.56
CA ARG D 45 29.67 -24.55 35.69
C ARG D 45 29.05 -24.54 37.08
N GLU D 46 28.74 -23.34 37.58
CA GLU D 46 28.09 -23.19 38.88
C GLU D 46 26.67 -23.74 38.84
N THR D 47 25.94 -23.41 37.77
CA THR D 47 24.63 -24.00 37.55
C THR D 47 24.64 -24.81 36.25
N ARG D 48 23.74 -25.78 36.17
CA ARG D 48 23.72 -26.77 35.08
C ARG D 48 23.50 -26.10 33.72
N LEU D 49 24.38 -26.37 32.76
CA LEU D 49 24.26 -25.82 31.41
C LEU D 49 24.22 -26.93 30.37
N VAL D 50 23.07 -27.03 29.69
CA VAL D 50 22.82 -28.06 28.70
C VAL D 50 22.95 -27.43 27.30
N LEU D 51 23.64 -28.14 26.42
CA LEU D 51 23.67 -27.82 25.01
C LEU D 51 22.93 -28.95 24.32
N GLU D 52 21.97 -28.62 23.46
CA GLU D 52 21.29 -29.63 22.65
C GLU D 52 21.86 -29.70 21.24
N VAL D 53 22.34 -30.88 20.83
CA VAL D 53 22.90 -31.08 19.48
C VAL D 53 21.86 -30.77 18.39
N ALA D 54 22.21 -29.86 17.47
CA ALA D 54 21.33 -29.43 16.39
C ALA D 54 21.80 -29.90 15.02
N GLN D 55 23.12 -30.08 14.87
CA GLN D 55 23.72 -30.38 13.57
C GLN D 55 25.04 -31.14 13.69
N HIS D 56 25.35 -31.99 12.71
CA HIS D 56 26.69 -32.55 12.56
C HIS D 56 27.37 -31.79 11.44
N LEU D 57 28.37 -31.00 11.81
CA LEU D 57 29.02 -30.12 10.87
C LEU D 57 30.04 -30.84 10.00
N GLY D 58 30.52 -31.98 10.49
CA GLY D 58 31.62 -32.69 9.83
C GLY D 58 32.89 -32.50 10.64
N GLU D 59 33.93 -33.25 10.29
CA GLU D 59 35.21 -33.22 11.04
C GLU D 59 35.01 -33.37 12.54
N SER D 60 34.12 -34.29 12.93
CA SER D 60 33.90 -34.65 14.34
C SER D 60 33.39 -33.51 15.24
N THR D 61 32.72 -32.53 14.62
CA THR D 61 32.23 -31.36 15.32
C THR D 61 30.72 -31.26 15.17
N VAL D 62 30.05 -31.01 16.29
CA VAL D 62 28.61 -30.74 16.29
C VAL D 62 28.36 -29.28 16.68
N ARG D 63 27.28 -28.73 16.14
CA ARG D 63 26.77 -27.43 16.46
C ARG D 63 25.58 -27.67 17.36
N THR D 64 25.51 -26.89 18.43
CA THR D 64 24.50 -27.07 19.45
C THR D 64 23.81 -25.74 19.76
N ILE D 65 22.65 -25.82 20.41
CA ILE D 65 22.00 -24.64 20.97
C ILE D 65 21.97 -24.74 22.50
N ALA D 66 22.37 -23.66 23.17
CA ALA D 66 22.44 -23.63 24.64
C ALA D 66 21.07 -23.41 25.27
N MET D 67 20.85 -24.02 26.43
CA MET D 67 19.61 -23.89 27.19
C MET D 67 19.69 -22.81 28.28
N ASP D 68 20.84 -22.16 28.39
CA ASP D 68 21.02 -21.03 29.32
C ASP D 68 22.13 -20.17 28.76
N GLY D 69 22.49 -19.11 29.47
CA GLY D 69 23.45 -18.14 28.93
C GLY D 69 24.80 -18.79 28.65
N THR D 70 25.55 -18.22 27.71
CA THR D 70 26.86 -18.76 27.34
C THR D 70 28.02 -17.88 27.86
N GLU D 71 27.70 -16.85 28.63
CA GLU D 71 28.74 -16.04 29.24
C GLU D 71 29.65 -16.94 30.08
N GLY D 72 30.93 -16.68 30.04
CA GLY D 72 31.88 -17.44 30.85
C GLY D 72 32.39 -18.73 30.22
N LEU D 73 31.84 -19.12 29.07
CA LEU D 73 32.32 -20.30 28.37
C LEU D 73 33.68 -20.02 27.76
N VAL D 74 34.56 -21.03 27.80
CA VAL D 74 35.94 -20.95 27.29
C VAL D 74 36.13 -22.04 26.22
N ARG D 75 36.85 -21.70 25.14
CA ARG D 75 37.29 -22.72 24.17
C ARG D 75 38.20 -23.74 24.86
N GLY D 76 37.95 -25.03 24.65
CA GLY D 76 38.68 -26.09 25.36
C GLY D 76 37.93 -26.61 26.59
N GLN D 77 36.88 -25.89 27.01
CA GLN D 77 36.07 -26.33 28.16
C GLN D 77 35.35 -27.65 27.85
N LYS D 78 35.30 -28.56 28.82
CA LYS D 78 34.79 -29.91 28.62
C LYS D 78 33.27 -30.01 28.64
N VAL D 79 32.78 -30.93 27.80
CA VAL D 79 31.35 -31.17 27.59
C VAL D 79 31.11 -32.68 27.61
N LEU D 80 30.23 -33.16 28.49
CA LEU D 80 29.87 -34.57 28.53
C LEU D 80 28.60 -34.86 27.72
N ASP D 81 28.65 -35.86 26.86
CA ASP D 81 27.44 -36.37 26.20
C ASP D 81 26.61 -37.20 27.18
N SER D 82 25.39 -36.75 27.49
CA SER D 82 24.50 -37.44 28.45
C SER D 82 23.98 -38.80 27.93
N GLY D 83 24.03 -38.98 26.61
CA GLY D 83 23.58 -40.23 25.98
C GLY D 83 22.12 -40.20 25.56
N ALA D 84 21.45 -39.07 25.76
CA ALA D 84 20.03 -38.99 25.52
C ALA D 84 19.58 -37.54 25.33
N PRO D 85 18.38 -37.33 24.76
CA PRO D 85 17.88 -35.95 24.75
C PRO D 85 17.54 -35.50 26.17
N ILE D 86 17.34 -34.20 26.34
CA ILE D 86 16.88 -33.64 27.61
C ILE D 86 15.79 -34.53 28.20
N ARG D 87 15.96 -34.90 29.47
CA ARG D 87 15.04 -35.78 30.19
C ARG D 87 14.59 -35.07 31.44
N ILE D 88 13.29 -35.09 31.70
CA ILE D 88 12.67 -34.34 32.81
C ILE D 88 11.78 -35.23 33.69
N PRO D 89 11.55 -34.83 34.96
CA PRO D 89 10.59 -35.52 35.81
C PRO D 89 9.20 -35.56 35.20
N VAL D 90 8.56 -36.73 35.17
CA VAL D 90 7.14 -36.83 34.80
C VAL D 90 6.38 -37.59 35.89
N GLY D 91 5.06 -37.42 35.94
CA GLY D 91 4.23 -38.17 36.86
C GLY D 91 3.67 -37.30 37.96
N PRO D 92 2.94 -37.91 38.92
CA PRO D 92 2.28 -37.21 40.03
C PRO D 92 3.18 -36.19 40.77
N GLU D 93 4.46 -36.45 40.86
CA GLU D 93 5.38 -35.57 41.57
C GLU D 93 5.61 -34.19 40.94
N THR D 94 5.19 -34.00 39.67
CA THR D 94 5.30 -32.69 39.01
C THR D 94 4.13 -31.79 39.42
N LEU D 95 3.07 -32.41 39.93
CA LEU D 95 1.85 -31.71 40.33
C LEU D 95 2.11 -30.79 41.50
N GLY D 96 1.75 -29.51 41.34
CA GLY D 96 1.95 -28.50 42.39
C GLY D 96 3.33 -27.85 42.36
N ARG D 97 4.16 -28.32 41.45
CA ARG D 97 5.54 -27.87 41.33
C ARG D 97 5.72 -26.97 40.10
N ILE D 98 6.77 -26.17 40.14
CA ILE D 98 7.20 -25.36 39.01
C ILE D 98 8.58 -25.83 38.58
N MET D 99 8.68 -26.20 37.31
CA MET D 99 9.94 -26.67 36.73
C MET D 99 10.41 -25.83 35.53
N ASN D 100 11.73 -25.90 35.31
CA ASN D 100 12.54 -25.43 34.15
C ASN D 100 12.32 -26.21 32.87
N VAL D 101 12.88 -25.69 31.76
CA VAL D 101 13.05 -26.40 30.47
C VAL D 101 13.65 -27.77 30.64
N ILE D 102 14.66 -27.81 31.50
CA ILE D 102 15.45 -29.02 31.72
C ILE D 102 15.02 -29.76 32.98
N GLY D 103 13.83 -29.42 33.48
CA GLY D 103 13.19 -30.20 34.53
C GLY D 103 13.61 -29.94 35.96
N GLU D 104 14.39 -28.87 36.19
CA GLU D 104 14.79 -28.47 37.53
C GLU D 104 13.66 -27.72 38.20
N PRO D 105 13.47 -27.94 39.52
CA PRO D 105 12.46 -27.17 40.24
C PRO D 105 12.88 -25.71 40.40
N ILE D 106 11.94 -24.80 40.24
CA ILE D 106 12.21 -23.37 40.36
C ILE D 106 11.22 -22.71 41.31
N ASP D 107 10.63 -23.51 42.20
CA ASP D 107 9.75 -23.00 43.25
C ASP D 107 10.40 -22.99 44.63
N GLU D 108 11.69 -23.33 44.68
CA GLU D 108 12.49 -23.32 45.91
C GLU D 108 11.97 -24.26 47.01
N ARG D 109 11.26 -25.31 46.60
CA ARG D 109 10.62 -26.23 47.53
C ARG D 109 11.38 -27.56 47.66
N GLY D 110 12.52 -27.66 46.96
CA GLY D 110 13.38 -28.84 47.02
C GLY D 110 13.35 -29.74 45.79
N PRO D 111 14.13 -30.84 45.82
CA PRO D 111 14.16 -31.78 44.70
C PRO D 111 12.79 -32.32 44.35
N ILE D 112 12.60 -32.59 43.07
CA ILE D 112 11.43 -33.28 42.58
C ILE D 112 11.82 -34.75 42.58
N LYS D 113 11.32 -35.50 43.56
CA LYS D 113 11.68 -36.92 43.69
C LYS D 113 10.76 -37.82 42.88
N THR D 114 10.95 -37.85 41.56
CA THR D 114 10.18 -38.77 40.71
C THR D 114 10.90 -40.10 40.53
N LYS D 115 10.14 -41.13 40.24
CA LYS D 115 10.67 -42.41 39.81
C LYS D 115 10.95 -42.34 38.31
N GLN D 116 10.07 -41.63 37.58
CA GLN D 116 10.05 -41.68 36.13
C GLN D 116 10.51 -40.38 35.46
N PHE D 117 11.27 -40.54 34.38
CA PHE D 117 11.75 -39.43 33.58
C PHE D 117 11.35 -39.67 32.12
N ALA D 118 11.26 -38.60 31.34
CA ALA D 118 10.94 -38.74 29.93
C ALA D 118 11.69 -37.73 29.06
N ALA D 119 12.13 -38.20 27.90
CA ALA D 119 12.76 -37.36 26.88
C ALA D 119 11.74 -36.32 26.44
N ILE D 120 12.16 -35.06 26.26
CA ILE D 120 11.22 -34.03 25.81
C ILE D 120 10.98 -34.10 24.31
N HIS D 121 11.83 -34.84 23.63
CA HIS D 121 11.64 -35.14 22.22
C HIS D 121 11.03 -36.52 22.09
N ALA D 122 10.06 -36.65 21.17
CA ALA D 122 9.31 -37.87 20.97
C ALA D 122 8.58 -37.80 19.64
N GLU D 123 8.19 -38.96 19.12
CA GLU D 123 7.47 -39.03 17.86
C GLU D 123 6.00 -38.70 18.08
N ALA D 124 5.41 -38.04 17.10
CA ALA D 124 3.99 -37.73 17.11
C ALA D 124 3.18 -39.02 16.95
N PRO D 125 2.02 -39.12 17.63
CA PRO D 125 1.17 -40.30 17.45
C PRO D 125 0.84 -40.53 15.97
N GLU D 126 0.77 -41.80 15.57
CA GLU D 126 0.53 -42.18 14.17
C GLU D 126 -0.91 -41.97 13.74
N PHE D 127 -1.14 -41.95 12.43
CA PHE D 127 -2.47 -41.77 11.88
C PHE D 127 -3.49 -42.76 12.44
N VAL D 128 -3.06 -44.00 12.69
CA VAL D 128 -3.94 -45.03 13.24
C VAL D 128 -4.37 -44.78 14.69
N GLU D 129 -3.66 -43.90 15.39
CA GLU D 129 -3.95 -43.60 16.81
C GLU D 129 -4.94 -42.44 16.98
N MET D 130 -5.36 -41.86 15.86
CA MET D 130 -6.27 -40.73 15.90
C MET D 130 -7.67 -41.09 16.40
N SER D 131 -8.25 -40.15 17.14
CA SER D 131 -9.60 -40.25 17.67
C SER D 131 -10.50 -39.34 16.85
N VAL D 132 -11.68 -39.83 16.50
CA VAL D 132 -12.65 -39.06 15.71
C VAL D 132 -13.82 -38.50 16.53
N GLU D 133 -13.75 -38.67 17.85
CA GLU D 133 -14.84 -38.29 18.75
C GLU D 133 -14.92 -36.78 18.88
N GLN D 134 -16.14 -36.24 18.76
CA GLN D 134 -16.35 -34.80 18.81
C GLN D 134 -17.53 -34.46 19.69
N GLU D 135 -17.23 -33.90 20.86
CA GLU D 135 -18.26 -33.55 21.81
C GLU D 135 -18.00 -32.15 22.36
N ILE D 136 -19.04 -31.33 22.35
CA ILE D 136 -18.97 -29.97 22.85
C ILE D 136 -18.42 -29.89 24.28
N LEU D 137 -17.51 -28.95 24.49
CA LEU D 137 -17.02 -28.59 25.81
C LEU D 137 -17.53 -27.18 26.12
N VAL D 138 -18.50 -27.10 27.04
CA VAL D 138 -19.12 -25.82 27.43
C VAL D 138 -18.25 -25.03 28.39
N THR D 139 -17.96 -23.78 28.04
CA THR D 139 -17.07 -22.93 28.81
C THR D 139 -17.81 -21.96 29.72
N GLY D 140 -19.08 -21.68 29.39
CA GLY D 140 -19.83 -20.61 30.06
C GLY D 140 -19.57 -19.23 29.48
N ILE D 141 -18.79 -19.17 28.41
CA ILE D 141 -18.50 -17.91 27.69
C ILE D 141 -19.39 -17.84 26.47
N LYS D 142 -20.33 -16.92 26.49
CA LYS D 142 -21.35 -16.78 25.45
C LYS D 142 -20.83 -16.82 24.01
N VAL D 143 -19.81 -16.01 23.68
CA VAL D 143 -19.34 -15.90 22.26
C VAL D 143 -18.82 -17.23 21.75
N VAL D 144 -17.98 -17.84 22.58
CA VAL D 144 -17.35 -19.11 22.32
C VAL D 144 -18.43 -20.19 22.11
N ASP D 145 -19.19 -20.48 23.17
CA ASP D 145 -20.18 -21.55 23.16
C ASP D 145 -21.18 -21.42 22.01
N LEU D 146 -21.57 -20.19 21.69
CA LEU D 146 -22.52 -19.93 20.62
C LEU D 146 -21.90 -20.11 19.24
N LEU D 147 -20.82 -19.38 18.95
CA LEU D 147 -20.34 -19.21 17.56
C LEU D 147 -19.21 -20.14 17.13
N ALA D 148 -18.33 -20.46 18.06
CA ALA D 148 -17.23 -21.37 17.78
C ALA D 148 -16.92 -22.24 18.99
N PRO D 149 -17.81 -23.21 19.28
CA PRO D 149 -17.69 -23.93 20.53
C PRO D 149 -16.47 -24.86 20.54
N TYR D 150 -15.89 -25.05 21.71
CA TYR D 150 -14.77 -25.95 21.86
C TYR D 150 -15.25 -27.40 21.94
N ALA D 151 -14.40 -28.34 21.53
CA ALA D 151 -14.66 -29.79 21.71
C ALA D 151 -13.72 -30.38 22.78
N LYS D 152 -14.25 -31.28 23.58
CA LYS D 152 -13.48 -31.97 24.59
C LYS D 152 -12.44 -32.82 23.90
N GLY D 153 -11.21 -32.78 24.41
CA GLY D 153 -10.09 -33.43 23.76
C GLY D 153 -9.66 -32.77 22.45
N GLY D 154 -10.18 -31.56 22.22
CA GLY D 154 -9.91 -30.79 21.02
C GLY D 154 -8.73 -29.84 21.14
N LYS D 155 -8.28 -29.32 20.00
CA LYS D 155 -7.21 -28.32 19.93
C LYS D 155 -7.80 -26.93 19.73
N ILE D 156 -7.52 -26.06 20.69
CA ILE D 156 -8.12 -24.73 20.73
C ILE D 156 -7.01 -23.71 20.61
N GLY D 157 -7.22 -22.69 19.76
CA GLY D 157 -6.24 -21.59 19.64
C GLY D 157 -6.84 -20.23 19.91
N LEU D 158 -6.18 -19.44 20.76
CA LEU D 158 -6.60 -18.06 21.02
C LEU D 158 -5.62 -17.09 20.36
N PHE D 159 -6.04 -16.53 19.23
CA PHE D 159 -5.24 -15.58 18.44
C PHE D 159 -5.48 -14.14 18.87
N GLY D 160 -4.42 -13.35 18.93
CA GLY D 160 -4.57 -11.91 19.17
C GLY D 160 -3.28 -11.11 19.19
N GLY D 161 -3.37 -9.88 18.69
CA GLY D 161 -2.29 -8.92 18.79
C GLY D 161 -1.96 -8.59 20.24
N ALA D 162 -1.05 -7.63 20.44
CA ALA D 162 -0.61 -7.28 21.78
C ALA D 162 -1.68 -6.58 22.58
N GLY D 163 -1.89 -7.06 23.80
CA GLY D 163 -2.79 -6.43 24.76
C GLY D 163 -4.27 -6.54 24.47
N VAL D 164 -4.68 -7.46 23.59
CA VAL D 164 -6.10 -7.59 23.24
C VAL D 164 -6.88 -8.51 24.20
N GLY D 165 -6.15 -9.38 24.90
CA GLY D 165 -6.75 -10.18 25.95
C GLY D 165 -6.57 -11.68 25.93
N LYS D 166 -5.48 -12.16 25.32
CA LYS D 166 -5.20 -13.60 25.25
C LYS D 166 -5.02 -14.23 26.63
N THR D 167 -4.20 -13.58 27.44
CA THR D 167 -3.85 -14.07 28.75
C THR D 167 -5.08 -14.03 29.65
N VAL D 168 -5.78 -12.90 29.71
CA VAL D 168 -7.06 -12.83 30.45
C VAL D 168 -8.02 -13.97 30.02
N LEU D 169 -8.17 -14.19 28.72
CA LEU D 169 -9.02 -15.27 28.23
C LEU D 169 -8.54 -16.65 28.70
N ILE D 170 -7.23 -16.90 28.61
CA ILE D 170 -6.71 -18.19 29.01
C ILE D 170 -6.89 -18.43 30.52
N MET D 171 -6.76 -17.38 31.33
CA MET D 171 -6.96 -17.50 32.79
C MET D 171 -8.42 -17.74 33.16
N GLU D 172 -9.34 -17.12 32.41
CA GLU D 172 -10.75 -17.37 32.58
C GLU D 172 -11.08 -18.82 32.23
N LEU D 173 -10.47 -19.33 31.16
CA LEU D 173 -10.62 -20.74 30.81
C LEU D 173 -10.07 -21.68 31.90
N ILE D 174 -8.95 -21.31 32.51
CA ILE D 174 -8.42 -22.09 33.65
C ILE D 174 -9.38 -22.01 34.85
N ASN D 175 -10.06 -20.89 35.00
CA ASN D 175 -11.06 -20.67 36.06
C ASN D 175 -12.35 -21.46 35.81
N ASN D 176 -12.78 -21.50 34.54
CA ASN D 176 -14.05 -22.10 34.16
C ASN D 176 -13.93 -23.59 33.91
N VAL D 177 -12.93 -23.98 33.12
CA VAL D 177 -12.76 -25.35 32.69
C VAL D 177 -11.95 -26.16 33.70
N ALA D 178 -10.73 -25.69 33.99
CA ALA D 178 -9.78 -26.44 34.81
C ALA D 178 -10.20 -26.61 36.26
N LYS D 179 -11.03 -25.70 36.76
CA LYS D 179 -11.53 -25.77 38.14
C LYS D 179 -12.75 -26.68 38.28
N ALA D 180 -13.30 -27.11 37.15
CA ALA D 180 -14.38 -28.10 37.13
C ALA D 180 -13.89 -29.44 36.57
N HIS D 181 -12.59 -29.52 36.29
CA HIS D 181 -11.97 -30.67 35.63
C HIS D 181 -11.64 -31.78 36.60
N GLY D 182 -12.04 -33.02 36.25
CA GLY D 182 -11.80 -34.18 37.12
C GLY D 182 -10.43 -34.83 36.99
N GLY D 183 -9.68 -34.49 35.93
CA GLY D 183 -8.34 -35.05 35.73
C GLY D 183 -7.23 -34.07 36.06
N TYR D 184 -6.18 -34.08 35.23
CA TYR D 184 -4.98 -33.28 35.50
C TYR D 184 -4.82 -32.11 34.50
N SER D 185 -4.22 -31.02 34.95
CA SER D 185 -3.91 -29.87 34.09
C SER D 185 -2.40 -29.62 34.01
N VAL D 186 -1.95 -29.11 32.87
CA VAL D 186 -0.58 -28.68 32.73
C VAL D 186 -0.57 -27.24 32.20
N PHE D 187 0.23 -26.38 32.80
CA PHE D 187 0.42 -25.05 32.25
C PHE D 187 1.87 -24.79 31.88
N ALA D 188 2.13 -24.49 30.61
CA ALA D 188 3.46 -24.08 30.14
C ALA D 188 3.50 -22.58 29.85
N GLY D 189 4.29 -21.86 30.66
CA GLY D 189 4.65 -20.48 30.40
C GLY D 189 5.81 -20.45 29.41
N VAL D 190 5.53 -19.99 28.19
CA VAL D 190 6.51 -19.99 27.10
C VAL D 190 6.77 -18.57 26.59
N GLY D 191 7.93 -18.02 26.95
CA GLY D 191 8.37 -16.74 26.39
C GLY D 191 7.52 -15.55 26.77
N GLU D 192 6.80 -15.64 27.89
CA GLU D 192 5.99 -14.52 28.34
C GLU D 192 6.60 -13.83 29.58
N ARG D 193 5.79 -13.12 30.36
CA ARG D 193 6.34 -12.29 31.45
C ARG D 193 6.48 -13.08 32.75
N THR D 194 7.64 -12.96 33.41
CA THR D 194 7.89 -13.69 34.64
C THR D 194 6.85 -13.30 35.70
N ARG D 195 6.52 -12.01 35.77
CA ARG D 195 5.52 -11.49 36.71
C ARG D 195 4.17 -12.21 36.58
N GLU D 196 3.78 -12.58 35.36
CA GLU D 196 2.58 -13.39 35.11
C GLU D 196 2.68 -14.81 35.62
N GLY D 197 3.89 -15.37 35.63
CA GLY D 197 4.15 -16.65 36.31
C GLY D 197 3.93 -16.54 37.81
N ASN D 198 4.42 -15.46 38.40
CA ASN D 198 4.16 -15.18 39.80
C ASN D 198 2.65 -15.03 40.09
N ASP D 199 1.95 -14.22 39.28
CA ASP D 199 0.50 -14.07 39.39
C ASP D 199 -0.22 -15.42 39.39
N LEU D 200 0.02 -16.21 38.35
CA LEU D 200 -0.60 -17.51 38.18
C LEU D 200 -0.33 -18.45 39.38
N TYR D 201 0.92 -18.55 39.79
CA TYR D 201 1.31 -19.41 40.92
C TYR D 201 0.57 -19.07 42.21
N HIS D 202 0.62 -17.81 42.61
CA HIS D 202 -0.05 -17.38 43.85
C HIS D 202 -1.57 -17.40 43.75
N GLU D 203 -2.11 -17.07 42.58
CA GLU D 203 -3.54 -17.25 42.35
C GLU D 203 -4.00 -18.71 42.58
N MET D 204 -3.24 -19.67 42.08
CA MET D 204 -3.64 -21.07 42.19
C MET D 204 -3.49 -21.63 43.60
N ILE D 205 -2.51 -21.12 44.35
CA ILE D 205 -2.40 -21.43 45.77
C ILE D 205 -3.58 -20.86 46.57
N GLU D 206 -3.96 -19.63 46.24
CA GLU D 206 -5.09 -18.97 46.90
C GLU D 206 -6.39 -19.76 46.68
N SER D 207 -6.61 -20.21 45.46
CA SER D 207 -7.83 -20.96 45.11
C SER D 207 -7.74 -22.46 45.40
N GLY D 208 -6.63 -22.89 46.02
CA GLY D 208 -6.45 -24.28 46.39
C GLY D 208 -6.15 -25.23 45.25
N VAL D 209 -6.09 -24.70 44.01
CA VAL D 209 -5.75 -25.49 42.83
C VAL D 209 -4.33 -26.10 42.96
N ILE D 210 -3.40 -25.33 43.52
CA ILE D 210 -2.14 -25.89 44.03
C ILE D 210 -2.29 -25.96 45.56
N ASN D 211 -2.00 -27.13 46.12
CA ASN D 211 -2.02 -27.33 47.56
C ASN D 211 -0.61 -27.64 48.04
N LEU D 212 -0.04 -26.73 48.82
CA LEU D 212 1.34 -26.83 49.27
C LEU D 212 1.50 -27.76 50.48
N LYS D 213 0.40 -28.19 51.07
CA LYS D 213 0.51 -28.99 52.29
C LYS D 213 0.20 -30.48 52.11
N ASP D 214 -0.19 -30.88 50.90
CA ASP D 214 -0.40 -32.31 50.62
C ASP D 214 -0.21 -32.66 49.14
N ALA D 215 -0.54 -33.91 48.80
CA ALA D 215 -0.34 -34.44 47.48
C ALA D 215 -1.53 -34.25 46.52
N THR D 216 -2.37 -33.24 46.78
CA THR D 216 -3.64 -33.11 46.05
C THR D 216 -3.68 -32.09 44.91
N SER D 217 -2.55 -31.46 44.58
CA SER D 217 -2.49 -30.48 43.50
C SER D 217 -2.83 -31.13 42.16
N LYS D 218 -3.56 -30.41 41.33
CA LYS D 218 -4.06 -31.00 40.10
C LYS D 218 -3.46 -30.33 38.87
N VAL D 219 -2.53 -29.40 39.08
CA VAL D 219 -1.82 -28.72 38.00
C VAL D 219 -0.30 -28.80 38.14
N ALA D 220 0.37 -29.03 37.02
CA ALA D 220 1.81 -28.95 36.90
C ALA D 220 2.22 -27.71 36.12
N LEU D 221 3.18 -26.96 36.63
CA LEU D 221 3.65 -25.74 35.97
C LEU D 221 5.04 -25.88 35.37
N VAL D 222 5.20 -25.42 34.13
CA VAL D 222 6.50 -25.37 33.46
C VAL D 222 6.67 -23.96 32.90
N TYR D 223 7.79 -23.31 33.23
CA TYR D 223 8.07 -21.95 32.77
C TYR D 223 9.42 -21.75 32.07
N GLY D 224 9.39 -21.00 30.96
CA GLY D 224 10.58 -20.54 30.25
C GLY D 224 10.24 -19.22 29.58
N GLN D 225 10.40 -18.12 30.33
CA GLN D 225 9.82 -16.85 29.95
C GLN D 225 10.73 -15.96 29.07
N MET D 226 10.32 -14.72 28.85
CA MET D 226 11.06 -13.88 27.87
C MET D 226 12.41 -13.37 28.39
N ASN D 227 12.67 -13.53 29.68
CA ASN D 227 14.01 -13.27 30.18
C ASN D 227 15.06 -14.30 29.74
N GLU D 228 14.60 -15.43 29.22
CA GLU D 228 15.47 -16.59 28.89
C GLU D 228 16.04 -16.53 27.50
N PRO D 229 17.26 -17.06 27.30
CA PRO D 229 17.82 -17.11 25.95
C PRO D 229 17.00 -18.01 25.03
N PRO D 230 17.16 -17.83 23.71
CA PRO D 230 16.20 -18.44 22.80
C PRO D 230 16.18 -19.96 22.79
N GLY D 231 17.26 -20.59 23.25
CA GLY D 231 17.30 -22.06 23.31
C GLY D 231 16.27 -22.59 24.29
N ALA D 232 16.26 -22.01 25.48
CA ALA D 232 15.29 -22.35 26.52
C ALA D 232 13.85 -22.10 26.04
N ARG D 233 13.63 -20.96 25.38
CA ARG D 233 12.30 -20.59 24.86
C ARG D 233 11.82 -21.52 23.76
N ALA D 234 12.74 -21.98 22.91
CA ALA D 234 12.44 -22.91 21.82
C ALA D 234 12.08 -24.30 22.31
N ARG D 235 12.57 -24.68 23.50
CA ARG D 235 12.35 -26.04 24.00
C ARG D 235 11.32 -26.18 25.13
N VAL D 236 11.03 -25.10 25.86
CA VAL D 236 10.08 -25.20 27.01
C VAL D 236 8.70 -25.74 26.68
N ALA D 237 8.17 -25.42 25.50
CA ALA D 237 6.86 -25.95 25.12
C ALA D 237 6.92 -27.47 25.10
N LEU D 238 8.04 -28.01 24.62
CA LEU D 238 8.24 -29.45 24.59
C LEU D 238 8.26 -30.05 26.00
N THR D 239 8.85 -29.33 26.94
CA THR D 239 8.89 -29.76 28.33
C THR D 239 7.48 -29.87 28.91
N GLY D 240 6.67 -28.85 28.68
CA GLY D 240 5.29 -28.83 29.14
C GLY D 240 4.46 -29.90 28.47
N LEU D 241 4.58 -30.05 27.15
CA LEU D 241 3.78 -31.07 26.47
C LEU D 241 4.21 -32.50 26.84
N THR D 242 5.49 -32.69 27.19
CA THR D 242 5.99 -33.96 27.68
C THR D 242 5.31 -34.42 28.99
N VAL D 243 5.18 -33.48 29.93
CA VAL D 243 4.45 -33.70 31.18
C VAL D 243 2.99 -34.11 30.89
N ALA D 244 2.34 -33.39 29.97
CA ALA D 244 0.98 -33.72 29.53
C ALA D 244 0.89 -35.10 28.88
N GLU D 245 1.86 -35.43 28.03
CA GLU D 245 1.91 -36.72 27.35
C GLU D 245 1.90 -37.92 28.29
N TYR D 246 2.66 -37.83 29.38
CA TYR D 246 2.72 -38.90 30.37
C TYR D 246 1.33 -39.12 30.94
N PHE D 247 0.70 -38.05 31.39
CA PHE D 247 -0.63 -38.13 31.96
C PHE D 247 -1.59 -38.75 30.97
N ARG D 248 -1.50 -38.35 29.70
CA ARG D 248 -2.40 -38.87 28.67
C ARG D 248 -2.25 -40.39 28.49
N ASP D 249 -1.01 -40.86 28.40
CA ASP D 249 -0.77 -42.24 27.98
C ASP D 249 -0.70 -43.25 29.12
N GLN D 250 -0.21 -42.83 30.27
CA GLN D 250 0.12 -43.77 31.34
C GLN D 250 -0.95 -43.78 32.42
N GLU D 251 -1.76 -42.72 32.45
CA GLU D 251 -2.85 -42.64 33.41
C GLU D 251 -4.23 -42.62 32.72
N GLY D 252 -5.29 -42.88 33.50
CA GLY D 252 -6.64 -43.03 32.97
C GLY D 252 -7.54 -41.80 32.96
N GLN D 253 -7.00 -40.64 33.36
CA GLN D 253 -7.81 -39.42 33.48
C GLN D 253 -7.55 -38.47 32.31
N ASP D 254 -8.53 -37.63 32.00
CA ASP D 254 -8.41 -36.66 30.91
C ASP D 254 -7.42 -35.55 31.28
N VAL D 255 -6.73 -34.99 30.29
CA VAL D 255 -5.71 -33.97 30.53
C VAL D 255 -6.08 -32.61 29.92
N LEU D 256 -5.78 -31.53 30.64
CA LEU D 256 -5.87 -30.18 30.08
C LEU D 256 -4.49 -29.60 29.89
N LEU D 257 -4.22 -29.05 28.69
CA LEU D 257 -2.92 -28.42 28.48
C LEU D 257 -3.11 -26.97 28.03
N PHE D 258 -2.61 -26.06 28.86
CA PHE D 258 -2.67 -24.65 28.52
C PHE D 258 -1.27 -24.15 28.23
N ILE D 259 -1.13 -23.36 27.17
CA ILE D 259 0.18 -22.80 26.75
C ILE D 259 0.04 -21.32 26.39
N ASP D 260 0.77 -20.48 27.11
CA ASP D 260 0.86 -19.04 26.84
C ASP D 260 2.34 -18.69 26.82
N ASN D 261 2.96 -18.46 25.65
CA ASN D 261 2.35 -18.26 24.34
C ASN D 261 3.12 -19.05 23.28
N ILE D 262 2.43 -19.80 22.44
CA ILE D 262 3.12 -20.72 21.53
C ILE D 262 3.85 -20.02 20.35
N PHE D 263 3.47 -18.78 20.03
CA PHE D 263 4.21 -17.98 19.07
C PHE D 263 5.67 -17.90 19.48
N ARG D 264 5.92 -17.88 20.77
CA ARG D 264 7.25 -17.62 21.29
C ARG D 264 8.19 -18.80 21.05
N PHE D 265 7.62 -19.98 20.78
CA PHE D 265 8.36 -21.17 20.36
C PHE D 265 8.92 -20.98 18.93
N THR D 266 8.09 -20.43 18.04
CA THR D 266 8.47 -20.11 16.68
C THR D 266 9.44 -18.94 16.63
N GLN D 267 9.14 -17.86 17.37
CA GLN D 267 10.05 -16.72 17.45
C GLN D 267 11.48 -17.12 17.92
N ALA D 268 11.54 -17.97 18.94
CA ALA D 268 12.79 -18.42 19.53
C ALA D 268 13.70 -19.14 18.53
N GLY D 269 13.10 -20.01 17.72
CA GLY D 269 13.79 -20.64 16.60
C GLY D 269 14.29 -19.68 15.51
N SER D 270 13.55 -18.61 15.25
CA SER D 270 14.02 -17.60 14.29
C SER D 270 15.23 -16.85 14.81
N GLU D 271 15.33 -16.74 16.15
CA GLU D 271 16.41 -15.96 16.79
C GLU D 271 17.81 -16.55 16.60
N VAL D 272 17.87 -17.86 16.38
CA VAL D 272 19.14 -18.58 16.22
C VAL D 272 19.35 -19.12 14.81
N SER D 273 18.30 -19.04 13.98
CA SER D 273 18.36 -19.66 12.67
C SER D 273 19.57 -19.20 11.85
N ALA D 274 19.85 -17.89 11.83
CA ALA D 274 20.98 -17.37 11.03
C ALA D 274 22.32 -17.91 11.55
N LEU D 275 22.48 -17.93 12.88
CA LEU D 275 23.69 -18.48 13.50
C LEU D 275 23.84 -20.01 13.34
N LEU D 276 22.72 -20.69 13.08
CA LEU D 276 22.78 -22.11 12.73
C LEU D 276 23.15 -22.31 11.25
N GLY D 277 23.30 -21.21 10.52
CA GLY D 277 23.71 -21.28 9.12
C GLY D 277 22.61 -21.35 8.08
N ARG D 278 21.39 -20.91 8.39
CA ARG D 278 20.33 -20.94 7.39
C ARG D 278 20.14 -19.61 6.67
N ILE D 279 19.82 -19.68 5.38
CA ILE D 279 19.33 -18.54 4.63
C ILE D 279 17.94 -18.23 5.19
N PRO D 280 17.64 -16.96 5.46
CA PRO D 280 16.31 -16.67 5.99
C PRO D 280 15.22 -16.88 4.97
N SER D 281 14.04 -17.26 5.46
CA SER D 281 12.87 -17.39 4.63
C SER D 281 12.17 -16.02 4.66
N ALA D 282 10.88 -16.00 4.34
CA ALA D 282 10.11 -14.76 4.25
C ALA D 282 9.79 -14.22 5.63
N VAL D 283 9.78 -12.88 5.74
CA VAL D 283 9.51 -12.13 6.98
C VAL D 283 10.54 -12.47 8.06
N GLY D 284 11.76 -12.78 7.63
CA GLY D 284 12.87 -13.07 8.55
C GLY D 284 12.79 -14.37 9.32
N TYR D 285 11.82 -15.23 8.98
CA TYR D 285 11.67 -16.49 9.70
C TYR D 285 12.59 -17.57 9.15
N GLN D 286 12.84 -18.56 9.99
CA GLN D 286 13.58 -19.75 9.63
C GLN D 286 12.85 -20.49 8.51
N PRO D 287 13.61 -21.12 7.59
CA PRO D 287 13.05 -21.92 6.50
C PRO D 287 12.24 -23.15 6.98
N THR D 288 12.50 -23.58 8.21
CA THR D 288 11.87 -24.76 8.80
C THR D 288 10.66 -24.40 9.68
N LEU D 289 10.19 -23.15 9.61
CA LEU D 289 9.05 -22.73 10.43
C LEU D 289 7.89 -23.75 10.41
N ALA D 290 7.43 -24.18 9.24
CA ALA D 290 6.25 -25.06 9.18
C ALA D 290 6.47 -26.49 9.70
N THR D 291 7.60 -27.10 9.34
CA THR D 291 7.90 -28.45 9.80
C THR D 291 8.24 -28.50 11.28
N ASP D 292 9.00 -27.51 11.76
CA ASP D 292 9.28 -27.37 13.22
C ASP D 292 7.98 -27.25 14.02
N MET D 293 7.07 -26.40 13.56
CA MET D 293 5.75 -26.32 14.18
C MET D 293 5.00 -27.66 14.09
N GLY D 294 4.98 -28.27 12.91
CA GLY D 294 4.36 -29.59 12.73
C GLY D 294 4.84 -30.70 13.67
N THR D 295 6.14 -30.86 13.82
CA THR D 295 6.66 -31.94 14.65
C THR D 295 6.34 -31.72 16.14
N MET D 296 6.22 -30.46 16.54
CA MET D 296 5.75 -30.11 17.87
C MET D 296 4.23 -30.22 18.00
N GLN D 297 3.49 -29.57 17.10
CA GLN D 297 2.02 -29.57 17.20
C GLN D 297 1.39 -30.95 17.14
N GLU D 298 1.94 -31.83 16.31
CA GLU D 298 1.34 -33.16 16.10
C GLU D 298 1.42 -34.09 17.32
N ARG D 299 2.21 -33.70 18.32
CA ARG D 299 2.25 -34.41 19.61
C ARG D 299 1.17 -33.92 20.57
N ILE D 300 0.77 -32.68 20.39
CA ILE D 300 -0.30 -32.11 21.22
C ILE D 300 -1.62 -32.56 20.63
N THR D 301 -2.12 -33.67 21.15
CA THR D 301 -3.30 -34.31 20.58
C THR D 301 -3.88 -35.41 21.46
N THR D 302 -5.20 -35.56 21.35
CA THR D 302 -5.91 -36.73 21.84
C THR D 302 -5.57 -37.92 20.96
N THR D 303 -5.49 -39.08 21.57
CA THR D 303 -5.27 -40.32 20.85
C THR D 303 -6.27 -41.35 21.33
N LYS D 304 -6.22 -42.53 20.75
CA LYS D 304 -6.99 -43.66 21.26
C LYS D 304 -6.61 -44.04 22.70
N LYS D 305 -5.41 -43.62 23.16
CA LYS D 305 -4.94 -43.90 24.53
C LYS D 305 -5.50 -42.94 25.58
N GLY D 306 -5.79 -41.70 25.18
CA GLY D 306 -6.24 -40.71 26.15
C GLY D 306 -6.48 -39.36 25.52
N SER D 307 -7.18 -38.50 26.25
CA SER D 307 -7.66 -37.24 25.74
C SER D 307 -6.88 -36.06 26.35
N ILE D 308 -6.40 -35.17 25.48
CA ILE D 308 -5.87 -33.87 25.90
C ILE D 308 -6.70 -32.76 25.27
N THR D 309 -7.32 -31.93 26.09
CA THR D 309 -7.89 -30.68 25.61
C THR D 309 -6.80 -29.60 25.68
N SER D 310 -6.39 -29.06 24.53
CA SER D 310 -5.28 -28.12 24.50
C SER D 310 -5.80 -26.74 24.17
N VAL D 311 -5.38 -25.75 24.95
CA VAL D 311 -5.71 -24.35 24.73
C VAL D 311 -4.40 -23.60 24.56
N GLN D 312 -4.17 -23.02 23.39
CA GLN D 312 -2.90 -22.33 23.14
C GLN D 312 -3.15 -20.86 22.83
N ALA D 313 -2.56 -19.97 23.63
CA ALA D 313 -2.56 -18.53 23.30
C ALA D 313 -1.55 -18.28 22.17
N ILE D 314 -1.96 -17.55 21.13
CA ILE D 314 -1.14 -17.37 19.92
C ILE D 314 -1.00 -15.89 19.57
N TYR D 315 0.17 -15.32 19.85
CA TYR D 315 0.47 -13.93 19.50
C TYR D 315 0.50 -13.72 17.97
N VAL D 316 -0.16 -12.66 17.55
CA VAL D 316 -0.25 -12.27 16.15
C VAL D 316 0.55 -10.95 16.00
N PRO D 317 1.82 -11.04 15.55
CA PRO D 317 2.66 -9.83 15.53
C PRO D 317 2.02 -8.69 14.75
N ALA D 318 1.98 -7.52 15.38
CA ALA D 318 1.38 -6.31 14.84
C ALA D 318 -0.07 -6.49 14.33
N ASP D 319 -0.80 -7.44 14.93
CA ASP D 319 -2.21 -7.76 14.56
C ASP D 319 -2.36 -8.33 13.13
N ASP D 320 -1.26 -8.76 12.52
CA ASP D 320 -1.30 -9.27 11.16
C ASP D 320 -1.50 -10.79 11.11
N LEU D 321 -2.73 -11.21 10.85
CA LEU D 321 -3.08 -12.63 10.86
C LEU D 321 -2.44 -13.41 9.72
N THR D 322 -1.94 -12.69 8.72
CA THR D 322 -1.30 -13.31 7.56
C THR D 322 0.22 -13.50 7.76
N ASP D 323 0.73 -13.06 8.90
CA ASP D 323 2.14 -13.27 9.26
C ASP D 323 2.37 -14.77 9.25
N PRO D 324 3.51 -15.24 8.71
CA PRO D 324 3.70 -16.70 8.63
C PRO D 324 3.50 -17.48 9.94
N ALA D 325 3.86 -16.92 11.10
CA ALA D 325 3.70 -17.69 12.33
C ALA D 325 2.23 -18.02 12.68
N PRO D 326 1.36 -17.02 12.92
CA PRO D 326 -0.02 -17.41 13.23
C PRO D 326 -0.77 -18.04 12.01
N ALA D 327 -0.38 -17.65 10.81
CA ALA D 327 -0.97 -18.16 9.57
C ALA D 327 -0.83 -19.67 9.43
N THR D 328 0.37 -20.15 9.77
CA THR D 328 0.71 -21.57 9.74
C THR D 328 0.07 -22.33 10.93
N THR D 329 -0.22 -21.61 12.02
CA THR D 329 -0.84 -22.22 13.20
C THR D 329 -2.30 -22.69 12.98
N PHE D 330 -3.04 -22.05 12.07
CA PHE D 330 -4.49 -22.32 11.90
C PHE D 330 -4.80 -23.77 11.54
N ALA D 331 -3.91 -24.38 10.76
CA ALA D 331 -4.13 -25.72 10.28
C ALA D 331 -4.05 -26.74 11.42
N HIS D 332 -3.55 -26.30 12.57
CA HIS D 332 -3.32 -27.22 13.67
C HIS D 332 -4.45 -27.24 14.70
N LEU D 333 -5.58 -26.61 14.41
CA LEU D 333 -6.59 -26.35 15.43
C LEU D 333 -7.97 -26.83 15.01
N ASP D 334 -8.77 -27.23 15.99
CA ASP D 334 -10.16 -27.61 15.79
C ASP D 334 -11.13 -26.45 16.06
N ALA D 335 -10.72 -25.53 16.93
CA ALA D 335 -11.47 -24.32 17.19
C ALA D 335 -10.53 -23.15 17.32
N THR D 336 -10.93 -22.02 16.75
CA THR D 336 -10.11 -20.81 16.81
C THR D 336 -10.92 -19.68 17.43
N THR D 337 -10.37 -19.04 18.45
CA THR D 337 -10.99 -17.86 19.02
C THR D 337 -10.10 -16.71 18.56
N VAL D 338 -10.59 -15.92 17.61
CA VAL D 338 -9.80 -14.81 17.07
C VAL D 338 -10.18 -13.49 17.74
N LEU D 339 -9.24 -12.93 18.50
CA LEU D 339 -9.43 -11.63 19.17
C LEU D 339 -9.06 -10.49 18.25
N SER D 340 -9.73 -9.34 18.42
CA SER D 340 -9.61 -8.25 17.48
C SER D 340 -9.46 -6.93 18.22
N ARG D 341 -8.46 -6.15 17.82
CA ARG D 341 -8.22 -4.84 18.45
C ARG D 341 -9.38 -3.87 18.27
N ALA D 342 -9.96 -3.85 17.07
CA ALA D 342 -11.11 -2.99 16.80
C ALA D 342 -12.25 -3.25 17.78
N ILE D 343 -12.52 -4.52 18.05
CA ILE D 343 -13.56 -4.93 19.00
C ILE D 343 -13.21 -4.57 20.46
N ALA D 344 -11.96 -4.79 20.87
CA ALA D 344 -11.50 -4.36 22.21
C ALA D 344 -11.58 -2.84 22.39
N GLU D 345 -11.26 -2.09 21.33
CA GLU D 345 -11.31 -0.62 21.40
C GLU D 345 -12.73 -0.06 21.48
N LEU D 346 -13.72 -0.87 21.11
CA LEU D 346 -15.13 -0.52 21.30
C LEU D 346 -15.59 -0.80 22.72
N GLY D 347 -14.72 -1.44 23.52
CA GLY D 347 -15.02 -1.78 24.91
C GLY D 347 -15.67 -3.14 25.10
N ILE D 348 -15.66 -3.96 24.06
CA ILE D 348 -16.25 -5.28 24.13
C ILE D 348 -15.19 -6.28 24.57
N TYR D 349 -15.41 -6.88 25.73
CA TYR D 349 -14.60 -7.98 26.23
C TYR D 349 -15.51 -9.16 26.56
N PRO D 350 -15.09 -10.39 26.23
CA PRO D 350 -13.84 -10.67 25.51
C PRO D 350 -13.92 -10.17 24.06
N ALA D 351 -12.80 -9.71 23.52
CA ALA D 351 -12.75 -9.03 22.22
C ALA D 351 -12.74 -10.00 21.03
N VAL D 352 -13.60 -11.00 21.09
CA VAL D 352 -13.70 -12.05 20.08
C VAL D 352 -14.37 -11.54 18.81
N ASP D 353 -13.75 -11.83 17.67
CA ASP D 353 -14.32 -11.53 16.36
C ASP D 353 -15.36 -12.61 15.99
N PRO D 354 -16.66 -12.24 15.97
CA PRO D 354 -17.71 -13.24 15.71
C PRO D 354 -17.72 -13.75 14.28
N LEU D 355 -17.05 -13.02 13.38
CA LEU D 355 -17.00 -13.39 11.98
C LEU D 355 -15.63 -13.90 11.56
N ASP D 356 -14.82 -14.34 12.52
CA ASP D 356 -13.47 -14.85 12.21
C ASP D 356 -13.03 -15.90 13.22
N SER D 357 -13.96 -16.33 14.07
CA SER D 357 -13.73 -17.43 15.00
C SER D 357 -14.52 -18.63 14.53
N THR D 358 -13.88 -19.80 14.50
CA THR D 358 -14.50 -20.99 13.91
C THR D 358 -14.35 -22.25 14.76
N SER D 359 -15.15 -23.26 14.43
CA SER D 359 -15.09 -24.54 15.10
C SER D 359 -15.57 -25.65 14.18
N ARG D 360 -14.80 -26.74 14.12
CA ARG D 360 -15.16 -27.91 13.31
C ARG D 360 -16.50 -28.57 13.74
N ILE D 361 -16.93 -28.30 14.97
CA ILE D 361 -18.19 -28.88 15.48
C ILE D 361 -19.40 -27.97 15.24
N MET D 362 -19.18 -26.77 14.69
CA MET D 362 -20.28 -25.87 14.33
C MET D 362 -20.96 -26.47 13.10
N ASP D 363 -21.88 -27.37 13.39
CA ASP D 363 -22.48 -28.28 12.42
C ASP D 363 -23.81 -28.72 13.05
N PRO D 364 -24.92 -28.61 12.31
CA PRO D 364 -26.24 -28.93 12.91
C PRO D 364 -26.38 -30.41 13.34
N ASN D 365 -25.58 -31.29 12.74
CA ASN D 365 -25.60 -32.70 13.13
C ASN D 365 -24.84 -32.94 14.44
N ILE D 366 -24.09 -31.93 14.90
CA ILE D 366 -23.32 -32.04 16.14
C ILE D 366 -23.89 -31.22 17.30
N VAL D 367 -24.13 -29.94 17.08
CA VAL D 367 -24.68 -29.05 18.13
C VAL D 367 -26.21 -28.95 18.05
N GLY D 368 -26.80 -29.47 16.97
CA GLY D 368 -28.25 -29.44 16.81
C GLY D 368 -28.65 -28.24 15.99
N SER D 369 -29.78 -28.36 15.30
CA SER D 369 -30.22 -27.33 14.35
C SER D 369 -30.55 -25.98 15.00
N GLU D 370 -31.07 -26.00 16.23
CA GLU D 370 -31.43 -24.76 16.95
C GLU D 370 -30.19 -23.93 17.26
N HIS D 371 -29.20 -24.55 17.90
CA HIS D 371 -27.90 -23.94 18.15
C HIS D 371 -27.30 -23.39 16.85
N TYR D 372 -27.20 -24.24 15.82
CA TYR D 372 -26.61 -23.86 14.56
C TYR D 372 -27.35 -22.69 13.88
N ASP D 373 -28.68 -22.74 13.87
CA ASP D 373 -29.49 -21.70 13.21
C ASP D 373 -29.38 -20.32 13.87
N VAL D 374 -29.30 -20.31 15.20
CA VAL D 374 -29.11 -19.08 15.96
C VAL D 374 -27.70 -18.54 15.74
N ALA D 375 -26.69 -19.43 15.74
CA ALA D 375 -25.32 -19.00 15.48
C ALA D 375 -25.20 -18.38 14.09
N ARG D 376 -25.79 -19.01 13.08
CA ARG D 376 -25.66 -18.49 11.71
C ARG D 376 -26.52 -17.23 11.46
N GLY D 377 -27.60 -17.11 12.22
CA GLY D 377 -28.46 -15.92 12.18
C GLY D 377 -27.77 -14.72 12.80
N VAL D 378 -27.10 -14.93 13.94
CA VAL D 378 -26.26 -13.91 14.57
C VAL D 378 -25.17 -13.45 13.59
N GLN D 379 -24.45 -14.39 13.00
CA GLN D 379 -23.41 -14.03 12.06
C GLN D 379 -23.96 -13.30 10.83
N LYS D 380 -25.15 -13.70 10.37
CA LYS D 380 -25.75 -13.06 9.20
C LYS D 380 -26.04 -11.58 9.51
N ILE D 381 -26.71 -11.32 10.63
CA ILE D 381 -27.01 -9.94 11.02
C ILE D 381 -25.74 -9.08 11.18
N LEU D 382 -24.68 -9.64 11.79
CA LEU D 382 -23.43 -8.91 11.97
C LEU D 382 -22.71 -8.66 10.65
N GLN D 383 -22.77 -9.63 9.74
CA GLN D 383 -22.24 -9.45 8.38
C GLN D 383 -23.03 -8.38 7.58
N ASP D 384 -24.36 -8.43 7.63
CA ASP D 384 -25.23 -7.42 6.98
C ASP D 384 -25.00 -6.02 7.55
N TYR D 385 -24.79 -5.98 8.86
CA TYR D 385 -24.41 -4.78 9.59
C TYR D 385 -23.15 -4.10 9.00
N LYS D 386 -22.14 -4.89 8.62
CA LYS D 386 -20.93 -4.35 7.98
C LYS D 386 -21.22 -3.58 6.69
N SER D 387 -22.10 -4.13 5.85
CA SER D 387 -22.48 -3.46 4.62
C SER D 387 -23.19 -2.13 4.89
N LEU D 388 -24.04 -2.13 5.91
CA LEU D 388 -24.79 -0.93 6.30
C LEU D 388 -23.91 0.17 6.87
N GLN D 389 -22.83 -0.19 7.56
CA GLN D 389 -21.92 0.82 8.13
C GLN D 389 -21.23 1.65 7.08
N ASP D 390 -20.91 1.04 5.94
CA ASP D 390 -20.36 1.77 4.79
C ASP D 390 -21.35 2.82 4.28
N ILE D 391 -22.62 2.44 4.21
CA ILE D 391 -23.68 3.35 3.74
C ILE D 391 -23.88 4.51 4.72
N ILE D 392 -24.02 4.18 6.00
CA ILE D 392 -24.13 5.14 7.10
C ILE D 392 -23.02 6.20 7.11
N ALA D 393 -21.81 5.78 6.72
CA ALA D 393 -20.63 6.65 6.70
C ALA D 393 -20.84 7.87 5.80
N ILE D 394 -21.72 7.72 4.83
CA ILE D 394 -22.08 8.77 3.89
C ILE D 394 -23.46 9.36 4.19
N LEU D 395 -24.44 8.47 4.38
CA LEU D 395 -25.84 8.87 4.51
C LEU D 395 -26.27 9.31 5.90
N GLY D 396 -25.63 8.79 6.94
CA GLY D 396 -26.09 9.01 8.32
C GLY D 396 -27.15 8.00 8.73
N MET D 397 -27.47 7.96 10.02
CA MET D 397 -28.44 7.00 10.56
C MET D 397 -29.90 7.31 10.23
N ASP D 398 -30.28 8.58 10.34
CA ASP D 398 -31.69 8.97 10.21
C ASP D 398 -32.25 8.68 8.81
N GLU D 399 -31.36 8.65 7.81
CA GLU D 399 -31.76 8.49 6.41
C GLU D 399 -32.03 7.04 6.00
N LEU D 400 -31.57 6.08 6.80
CA LEU D 400 -31.84 4.66 6.56
C LEU D 400 -33.33 4.31 6.64
N SER D 401 -33.72 3.30 5.86
CA SER D 401 -35.05 2.72 5.95
C SER D 401 -35.30 2.14 7.35
N GLU D 402 -36.57 2.02 7.72
CA GLU D 402 -36.94 1.44 9.03
C GLU D 402 -36.44 0.01 9.19
N GLU D 403 -36.42 -0.74 8.09
CA GLU D 403 -35.91 -2.12 8.09
C GLU D 403 -34.41 -2.15 8.40
N ASP D 404 -33.66 -1.22 7.82
CA ASP D 404 -32.20 -1.16 8.03
C ASP D 404 -31.85 -0.69 9.44
N LYS D 405 -32.50 0.36 9.91
CA LYS D 405 -32.34 0.83 11.29
C LYS D 405 -32.58 -0.30 12.30
N LEU D 406 -33.56 -1.15 12.00
CA LEU D 406 -33.86 -2.33 12.81
C LEU D 406 -32.73 -3.36 12.75
N THR D 407 -32.15 -3.58 11.58
CA THR D 407 -30.97 -4.45 11.45
C THR D 407 -29.80 -3.89 12.26
N VAL D 408 -29.58 -2.58 12.17
CA VAL D 408 -28.54 -1.92 12.96
C VAL D 408 -28.82 -2.00 14.47
N SER D 409 -30.04 -1.66 14.89
CA SER D 409 -30.44 -1.72 16.31
C SER D 409 -30.16 -3.12 16.88
N ARG D 410 -30.68 -4.14 16.22
CA ARG D 410 -30.49 -5.52 16.67
C ARG D 410 -29.05 -6.00 16.63
N ALA D 411 -28.33 -5.73 15.54
CA ALA D 411 -26.93 -6.12 15.46
C ALA D 411 -26.09 -5.52 16.59
N ARG D 412 -26.44 -4.28 16.98
CA ARG D 412 -25.73 -3.61 18.06
C ARG D 412 -26.02 -4.23 19.43
N LYS D 413 -27.28 -4.64 19.66
CA LYS D 413 -27.64 -5.35 20.89
C LYS D 413 -26.93 -6.70 20.98
N ILE D 414 -26.83 -7.39 19.84
CA ILE D 414 -26.12 -8.66 19.70
C ILE D 414 -24.63 -8.52 20.02
N GLN D 415 -23.97 -7.54 19.40
CA GLN D 415 -22.56 -7.24 19.69
C GLN D 415 -22.29 -7.10 21.18
N ARG D 416 -23.19 -6.39 21.88
CA ARG D 416 -23.00 -6.10 23.28
C ARG D 416 -23.38 -7.29 24.17
N PHE D 417 -24.41 -8.04 23.78
CA PHE D 417 -24.75 -9.27 24.51
C PHE D 417 -23.67 -10.36 24.38
N LEU D 418 -22.80 -10.22 23.39
CA LEU D 418 -21.65 -11.10 23.27
C LEU D 418 -20.52 -10.77 24.26
N SER D 419 -20.54 -9.57 24.83
CA SER D 419 -19.61 -9.22 25.90
C SER D 419 -20.03 -9.89 27.21
N GLN D 420 -19.10 -9.97 28.15
CA GLN D 420 -19.33 -10.76 29.36
C GLN D 420 -18.27 -10.44 30.42
N PRO D 421 -18.71 -10.17 31.67
CA PRO D 421 -17.75 -9.98 32.76
C PRO D 421 -17.10 -11.29 33.16
N PHE D 422 -15.78 -11.32 33.14
CA PHE D 422 -15.01 -12.53 33.45
C PHE D 422 -14.70 -12.50 34.93
N GLN D 423 -14.72 -13.65 35.60
CA GLN D 423 -14.39 -13.72 37.04
C GLN D 423 -12.97 -13.21 37.28
N VAL D 424 -12.10 -13.47 36.32
CA VAL D 424 -10.70 -13.16 36.46
C VAL D 424 -10.44 -11.67 36.20
N ALA D 425 -11.46 -10.98 35.66
CA ALA D 425 -11.37 -9.55 35.36
C ALA D 425 -12.07 -8.70 36.42
N GLU D 426 -12.53 -9.33 37.50
CA GLU D 426 -13.15 -8.63 38.62
C GLU D 426 -12.19 -7.61 39.26
N VAL D 427 -10.93 -7.63 38.80
CA VAL D 427 -9.90 -6.69 39.28
C VAL D 427 -9.87 -5.37 38.50
N PHE D 428 -10.16 -5.43 37.20
CA PHE D 428 -10.15 -4.23 36.35
C PHE D 428 -11.38 -3.34 36.63
N THR D 429 -12.55 -3.99 36.67
CA THR D 429 -13.83 -3.29 36.69
C THR D 429 -14.47 -3.22 38.07
N GLY D 430 -14.35 -4.30 38.84
CA GLY D 430 -15.05 -4.44 40.12
C GLY D 430 -16.39 -5.14 39.97
N HIS D 431 -16.73 -5.51 38.74
CA HIS D 431 -17.99 -6.20 38.42
C HIS D 431 -17.79 -7.71 38.49
N LEU D 432 -18.79 -8.41 39.01
CA LEU D 432 -18.70 -9.83 39.29
C LEU D 432 -18.72 -10.67 38.01
N GLY D 433 -17.83 -11.66 37.94
CA GLY D 433 -17.78 -12.58 36.83
C GLY D 433 -19.08 -13.35 36.64
N LYS D 434 -19.38 -13.73 35.40
CA LYS D 434 -20.62 -14.43 35.06
C LYS D 434 -20.35 -15.67 34.21
N LEU D 435 -21.05 -16.75 34.53
CA LEU D 435 -20.96 -17.98 33.74
C LEU D 435 -22.35 -18.29 33.18
N VAL D 436 -22.46 -18.42 31.86
CA VAL D 436 -23.77 -18.59 31.22
C VAL D 436 -23.91 -19.99 30.63
N PRO D 437 -24.90 -20.78 31.11
CA PRO D 437 -25.10 -22.10 30.54
C PRO D 437 -25.44 -22.01 29.06
N LEU D 438 -25.11 -23.05 28.30
CA LEU D 438 -25.30 -23.07 26.84
C LEU D 438 -26.73 -22.72 26.41
N LYS D 439 -27.70 -23.45 26.95
CA LYS D 439 -29.11 -23.26 26.59
C LYS D 439 -29.60 -21.85 26.87
N GLU D 440 -29.07 -21.21 27.92
CA GLU D 440 -29.36 -19.81 28.21
C GLU D 440 -28.77 -18.88 27.16
N THR D 441 -27.55 -19.17 26.72
CA THR D 441 -26.89 -18.43 25.66
C THR D 441 -27.70 -18.46 24.35
N ILE D 442 -28.14 -19.66 23.95
CA ILE D 442 -28.95 -19.85 22.74
C ILE D 442 -30.28 -19.08 22.82
N LYS D 443 -30.99 -19.24 23.93
CA LYS D 443 -32.27 -18.55 24.17
C LYS D 443 -32.17 -17.02 24.03
N GLY D 444 -31.20 -16.42 24.72
CA GLY D 444 -30.99 -14.97 24.68
C GLY D 444 -30.80 -14.38 23.29
N PHE D 445 -29.96 -15.02 22.49
CA PHE D 445 -29.69 -14.54 21.12
C PHE D 445 -30.86 -14.80 20.19
N GLN D 446 -31.53 -15.93 20.40
CA GLN D 446 -32.78 -16.26 19.72
C GLN D 446 -33.79 -15.13 19.93
N GLN D 447 -33.98 -14.75 21.18
CA GLN D 447 -34.93 -13.69 21.54
C GLN D 447 -34.56 -12.32 20.98
N ILE D 448 -33.29 -11.94 21.04
CA ILE D 448 -32.86 -10.66 20.46
C ILE D 448 -33.16 -10.62 18.95
N LEU D 449 -32.76 -11.68 18.24
CA LEU D 449 -32.95 -11.79 16.79
C LEU D 449 -34.43 -11.80 16.40
N ALA D 450 -35.26 -12.39 17.27
CA ALA D 450 -36.71 -12.47 17.04
C ALA D 450 -37.39 -11.13 17.29
N GLY D 451 -36.68 -10.20 17.93
CA GLY D 451 -37.16 -8.85 18.15
C GLY D 451 -37.82 -8.64 19.49
N GLU D 452 -37.56 -9.56 20.42
CA GLU D 452 -38.24 -9.56 21.71
C GLU D 452 -37.76 -8.47 22.65
N TYR D 453 -36.62 -7.85 22.34
CA TYR D 453 -36.10 -6.77 23.16
C TYR D 453 -35.82 -5.49 22.39
N ASP D 454 -36.56 -5.29 21.30
CA ASP D 454 -36.47 -4.08 20.49
C ASP D 454 -36.78 -2.81 21.30
N HIS D 455 -37.43 -2.98 22.44
CA HIS D 455 -37.87 -1.87 23.30
C HIS D 455 -36.87 -1.46 24.41
N LEU D 456 -35.77 -2.21 24.57
CA LEU D 456 -34.76 -1.88 25.58
C LEU D 456 -33.56 -1.20 24.92
N PRO D 457 -32.89 -0.29 25.66
CA PRO D 457 -31.67 0.32 25.13
C PRO D 457 -30.50 -0.68 25.10
N GLU D 458 -29.64 -0.55 24.09
CA GLU D 458 -28.53 -1.46 23.85
C GLU D 458 -27.56 -1.58 25.03
N GLN D 459 -27.48 -0.52 25.83
CA GLN D 459 -26.63 -0.47 27.00
C GLN D 459 -27.01 -1.52 28.06
N ALA D 460 -28.28 -1.90 28.10
CA ALA D 460 -28.77 -2.96 29.00
C ALA D 460 -28.14 -4.32 28.71
N PHE D 461 -27.70 -4.53 27.46
CA PHE D 461 -27.12 -5.80 27.01
C PHE D 461 -25.60 -5.88 27.18
N TYR D 462 -24.99 -4.74 27.53
CA TYR D 462 -23.55 -4.64 27.73
C TYR D 462 -23.08 -5.18 29.09
N MET D 463 -22.11 -6.08 29.06
CA MET D 463 -21.48 -6.65 30.26
C MET D 463 -22.45 -7.31 31.26
N VAL D 464 -23.29 -8.20 30.76
CA VAL D 464 -24.16 -8.97 31.63
C VAL D 464 -23.92 -10.47 31.43
N GLY D 465 -24.58 -11.30 32.23
CA GLY D 465 -24.57 -12.74 32.03
C GLY D 465 -25.75 -13.15 31.15
N PRO D 466 -26.77 -13.79 31.76
CA PRO D 466 -27.92 -14.26 31.00
C PRO D 466 -28.87 -13.12 30.60
N ILE D 467 -29.81 -13.41 29.72
CA ILE D 467 -30.73 -12.40 29.18
C ILE D 467 -31.56 -11.68 30.27
N GLU D 468 -31.82 -12.37 31.37
CA GLU D 468 -32.63 -11.82 32.49
C GLU D 468 -31.93 -10.67 33.21
N GLU D 469 -30.59 -10.69 33.22
CA GLU D 469 -29.80 -9.58 33.75
C GLU D 469 -29.87 -8.34 32.87
N ALA D 470 -30.04 -8.53 31.56
CA ALA D 470 -30.26 -7.40 30.66
C ALA D 470 -31.61 -6.72 30.94
N VAL D 471 -32.65 -7.52 31.08
CA VAL D 471 -33.99 -7.00 31.38
C VAL D 471 -33.94 -6.24 32.70
N ALA D 472 -33.17 -6.75 33.65
CA ALA D 472 -33.04 -6.14 34.97
C ALA D 472 -32.16 -4.89 34.93
N LYS D 473 -31.09 -4.92 34.14
CA LYS D 473 -30.24 -3.74 33.96
C LYS D 473 -31.03 -2.56 33.37
N ALA D 474 -31.88 -2.85 32.39
CA ALA D 474 -32.75 -1.84 31.79
C ALA D 474 -33.68 -1.19 32.82
N ASP D 475 -34.07 -1.97 33.83
CA ASP D 475 -34.92 -1.50 34.93
C ASP D 475 -34.18 -0.58 35.90
N LYS D 476 -32.92 -0.89 36.22
CA LYS D 476 -32.08 0.00 37.02
C LYS D 476 -31.87 1.34 36.32
N LEU D 477 -31.56 1.28 35.03
CA LEU D 477 -31.27 2.47 34.23
C LEU D 477 -32.49 3.38 34.05
N ALA D 478 -33.68 2.77 34.00
CA ALA D 478 -34.92 3.53 33.91
C ALA D 478 -35.15 4.35 35.18
N GLU D 479 -34.81 3.79 36.34
CA GLU D 479 -34.92 4.48 37.63
C GLU D 479 -33.93 5.64 37.76
N GLU D 480 -32.69 5.40 37.31
CA GLU D 480 -31.63 6.41 37.30
C GLU D 480 -31.84 7.49 36.24
N HIS D 481 -32.95 7.39 35.50
CA HIS D 481 -33.25 8.34 34.43
C HIS D 481 -34.28 9.38 34.89
N THR E 14 34.74 -34.41 -26.30
CA THR E 14 33.80 -35.13 -25.40
C THR E 14 34.01 -34.64 -23.97
N GLY E 15 33.03 -33.91 -23.46
CA GLY E 15 33.04 -33.45 -22.08
C GLY E 15 32.44 -34.50 -21.16
N ARG E 16 32.51 -34.23 -19.86
CA ARG E 16 31.96 -35.08 -18.81
C ARG E 16 31.21 -34.20 -17.82
N ILE E 17 30.03 -34.63 -17.43
CA ILE E 17 29.25 -33.94 -16.38
C ILE E 17 30.00 -33.98 -15.05
N VAL E 18 30.18 -32.81 -14.42
CA VAL E 18 30.77 -32.73 -13.08
C VAL E 18 29.79 -32.29 -11.97
N ALA E 19 28.70 -31.64 -12.34
CA ALA E 19 27.67 -31.22 -11.38
C ALA E 19 26.27 -31.17 -12.01
N VAL E 20 25.24 -31.48 -11.21
CA VAL E 20 23.85 -31.36 -11.67
C VAL E 20 23.03 -30.81 -10.52
N ILE E 21 22.38 -29.68 -10.72
CA ILE E 21 21.54 -29.08 -9.68
C ILE E 21 20.34 -28.52 -10.43
N GLY E 22 19.25 -29.27 -10.41
CA GLY E 22 18.04 -28.90 -11.15
C GLY E 22 18.41 -28.79 -12.61
N ALA E 23 18.03 -27.68 -13.25
CA ALA E 23 18.26 -27.50 -14.70
C ALA E 23 19.65 -26.94 -15.05
N VAL E 24 20.55 -26.89 -14.08
CA VAL E 24 21.90 -26.39 -14.28
C VAL E 24 22.87 -27.54 -14.25
N VAL E 25 23.64 -27.69 -15.32
CA VAL E 25 24.59 -28.78 -15.46
C VAL E 25 25.99 -28.19 -15.72
N ASP E 26 26.97 -28.58 -14.92
CA ASP E 26 28.37 -28.22 -15.18
C ASP E 26 29.07 -29.36 -15.90
N VAL E 27 29.91 -29.03 -16.89
CA VAL E 27 30.55 -30.02 -17.76
C VAL E 27 32.02 -29.66 -17.94
N GLN E 28 32.91 -30.64 -17.77
CA GLN E 28 34.33 -30.42 -17.95
C GLN E 28 34.76 -30.95 -19.31
N PHE E 29 35.62 -30.19 -19.99
CA PHE E 29 36.20 -30.59 -21.26
C PHE E 29 37.71 -30.59 -21.13
N ASP E 30 38.36 -31.64 -21.60
CA ASP E 30 39.83 -31.73 -21.52
C ASP E 30 40.60 -30.83 -22.49
N GLU E 31 40.02 -30.58 -23.67
CA GLU E 31 40.68 -29.73 -24.66
C GLU E 31 39.78 -28.71 -25.38
N GLY E 32 38.77 -29.19 -26.10
CA GLY E 32 37.93 -28.31 -26.92
C GLY E 32 36.76 -27.65 -26.20
N LEU E 33 37.06 -26.63 -25.39
CA LEU E 33 36.02 -25.92 -24.61
C LEU E 33 34.98 -25.22 -25.51
N PRO E 34 33.71 -25.58 -25.37
CA PRO E 34 32.66 -24.98 -26.19
C PRO E 34 32.38 -23.53 -25.81
N PRO E 35 32.44 -22.60 -26.78
CA PRO E 35 32.04 -21.20 -26.56
C PRO E 35 30.66 -21.05 -25.93
N ILE E 36 30.42 -19.92 -25.29
CA ILE E 36 29.10 -19.62 -24.70
C ILE E 36 28.04 -19.62 -25.80
N LEU E 37 26.85 -20.12 -25.48
CA LEU E 37 25.72 -20.33 -26.41
C LEU E 37 25.76 -21.63 -27.22
N ASN E 38 26.89 -22.34 -27.21
CA ASN E 38 26.99 -23.62 -27.93
C ASN E 38 26.04 -24.64 -27.34
N ALA E 39 25.47 -25.48 -28.20
CA ALA E 39 24.59 -26.57 -27.77
C ALA E 39 25.42 -27.80 -27.51
N LEU E 40 25.15 -28.49 -26.41
CA LEU E 40 25.81 -29.74 -26.07
C LEU E 40 24.79 -30.87 -26.03
N GLU E 41 25.19 -32.06 -26.47
CA GLU E 41 24.26 -33.18 -26.52
C GLU E 41 24.72 -34.24 -25.53
N VAL E 42 23.90 -34.47 -24.51
CA VAL E 42 24.21 -35.48 -23.49
C VAL E 42 24.05 -36.88 -24.05
N GLN E 43 25.10 -37.69 -23.94
CA GLN E 43 25.11 -39.04 -24.46
C GLN E 43 24.39 -40.05 -23.57
N GLY E 44 23.85 -41.09 -24.20
CA GLY E 44 23.21 -42.19 -23.48
C GLY E 44 21.87 -41.84 -22.88
N ARG E 45 21.06 -41.08 -23.62
CA ARG E 45 19.69 -40.79 -23.19
C ARG E 45 18.67 -41.09 -24.27
N GLU E 46 17.48 -41.48 -23.84
CA GLU E 46 16.48 -42.05 -24.74
C GLU E 46 15.89 -41.01 -25.68
N THR E 47 15.77 -39.79 -25.17
CA THR E 47 15.38 -38.62 -25.95
C THR E 47 16.48 -37.57 -25.87
N ARG E 48 16.50 -36.69 -26.86
CA ARG E 48 17.54 -35.68 -26.98
C ARG E 48 17.55 -34.70 -25.83
N LEU E 49 18.68 -34.60 -25.15
CA LEU E 49 18.86 -33.60 -24.10
C LEU E 49 19.97 -32.61 -24.47
N VAL E 50 19.56 -31.37 -24.73
CA VAL E 50 20.47 -30.33 -25.17
C VAL E 50 20.76 -29.41 -23.99
N LEU E 51 22.05 -29.12 -23.80
CA LEU E 51 22.51 -28.16 -22.81
C LEU E 51 23.11 -26.96 -23.57
N GLU E 52 22.68 -25.76 -23.21
CA GLU E 52 23.21 -24.54 -23.79
C GLU E 52 24.26 -23.91 -22.85
N VAL E 53 25.46 -23.70 -23.35
CA VAL E 53 26.54 -23.11 -22.54
C VAL E 53 26.19 -21.67 -22.14
N ALA E 54 26.30 -21.37 -20.84
CA ALA E 54 26.01 -20.07 -20.28
C ALA E 54 27.26 -19.34 -19.78
N GLN E 55 28.23 -20.08 -19.20
CA GLN E 55 29.42 -19.48 -18.62
C GLN E 55 30.63 -20.38 -18.77
N HIS E 56 31.81 -19.77 -18.69
CA HIS E 56 33.07 -20.50 -18.55
C HIS E 56 33.51 -20.25 -17.14
N LEU E 57 33.47 -21.30 -16.33
CA LEU E 57 33.72 -21.20 -14.88
C LEU E 57 35.18 -21.07 -14.50
N GLY E 58 36.06 -21.48 -15.43
CA GLY E 58 37.48 -21.60 -15.13
C GLY E 58 37.78 -23.07 -14.97
N GLU E 59 39.07 -23.39 -14.92
CA GLU E 59 39.56 -24.78 -14.89
C GLU E 59 38.85 -25.73 -15.89
N SER E 60 38.70 -25.28 -17.13
CA SER E 60 38.17 -26.09 -18.23
C SER E 60 36.74 -26.59 -18.01
N THR E 61 35.96 -25.83 -17.25
CA THR E 61 34.59 -26.21 -16.89
C THR E 61 33.61 -25.15 -17.38
N VAL E 62 32.48 -25.62 -17.90
CA VAL E 62 31.42 -24.70 -18.33
C VAL E 62 30.16 -24.93 -17.50
N ARG E 63 29.37 -23.87 -17.35
CA ARG E 63 28.02 -23.96 -16.79
C ARG E 63 27.04 -23.84 -17.93
N THR E 64 26.05 -24.73 -17.93
CA THR E 64 25.08 -24.83 -19.01
C THR E 64 23.66 -24.90 -18.46
N ILE E 65 22.71 -24.56 -19.30
CA ILE E 65 21.29 -24.61 -18.98
C ILE E 65 20.60 -25.70 -19.84
N ALA E 66 19.91 -26.61 -19.17
CA ALA E 66 19.28 -27.77 -19.81
C ALA E 66 17.98 -27.40 -20.50
N MET E 67 17.78 -27.96 -21.69
CA MET E 67 16.58 -27.69 -22.50
C MET E 67 15.46 -28.70 -22.22
N ASP E 68 15.74 -29.70 -21.39
CA ASP E 68 14.74 -30.67 -20.92
C ASP E 68 15.14 -31.16 -19.52
N GLY E 69 14.35 -32.05 -18.92
CA GLY E 69 14.58 -32.51 -17.54
C GLY E 69 15.95 -33.13 -17.34
N THR E 70 16.50 -33.02 -16.13
CA THR E 70 17.84 -33.56 -15.85
C THR E 70 17.85 -34.84 -15.01
N GLU E 71 16.68 -35.40 -14.73
CA GLU E 71 16.61 -36.64 -13.97
C GLU E 71 17.39 -37.75 -14.67
N GLY E 72 18.09 -38.54 -13.88
CA GLY E 72 18.85 -39.67 -14.43
C GLY E 72 20.26 -39.29 -14.88
N LEU E 73 20.62 -38.00 -14.80
CA LEU E 73 22.00 -37.60 -15.14
C LEU E 73 22.98 -38.08 -14.09
N VAL E 74 24.13 -38.54 -14.56
CA VAL E 74 25.19 -39.02 -13.69
C VAL E 74 26.49 -38.19 -13.87
N ARG E 75 27.20 -37.94 -12.78
CA ARG E 75 28.50 -37.27 -12.87
C ARG E 75 29.43 -38.23 -13.57
N GLY E 76 30.17 -37.74 -14.56
CA GLY E 76 31.00 -38.61 -15.39
C GLY E 76 30.35 -38.95 -16.73
N GLN E 77 29.05 -38.67 -16.85
CA GLN E 77 28.30 -38.95 -18.08
C GLN E 77 28.81 -38.06 -19.20
N LYS E 78 28.92 -38.63 -20.40
CA LYS E 78 29.59 -38.03 -21.55
C LYS E 78 28.69 -37.06 -22.29
N VAL E 79 29.30 -35.97 -22.76
CA VAL E 79 28.61 -34.86 -23.34
C VAL E 79 29.38 -34.41 -24.58
N LEU E 80 28.70 -34.34 -25.72
CA LEU E 80 29.34 -33.91 -26.96
C LEU E 80 29.07 -32.45 -27.27
N ASP E 81 30.13 -31.72 -27.62
CA ASP E 81 29.97 -30.37 -28.15
C ASP E 81 29.54 -30.51 -29.61
N SER E 82 28.40 -29.92 -29.97
CA SER E 82 27.95 -29.97 -31.38
C SER E 82 28.70 -29.02 -32.30
N GLY E 83 29.41 -28.05 -31.71
CA GLY E 83 30.21 -27.12 -32.49
C GLY E 83 29.51 -25.81 -32.82
N ALA E 84 28.26 -25.67 -32.40
CA ALA E 84 27.48 -24.47 -32.72
C ALA E 84 26.31 -24.26 -31.76
N PRO E 85 25.63 -23.11 -31.85
CA PRO E 85 24.42 -22.92 -31.07
C PRO E 85 23.34 -23.94 -31.48
N ILE E 86 22.22 -23.94 -30.77
CA ILE E 86 21.08 -24.73 -31.17
C ILE E 86 20.78 -24.34 -32.63
N ARG E 87 20.73 -25.34 -33.51
CA ARG E 87 20.38 -25.14 -34.94
C ARG E 87 19.09 -25.87 -35.27
N ILE E 88 18.19 -25.22 -36.01
CA ILE E 88 16.84 -25.76 -36.26
C ILE E 88 16.48 -25.75 -37.75
N PRO E 89 15.51 -26.60 -38.16
CA PRO E 89 15.04 -26.56 -39.53
C PRO E 89 14.44 -25.21 -39.93
N VAL E 90 14.83 -24.74 -41.12
CA VAL E 90 14.23 -23.54 -41.71
C VAL E 90 13.81 -23.79 -43.16
N GLY E 91 12.73 -23.14 -43.58
CA GLY E 91 12.25 -23.29 -44.96
C GLY E 91 10.77 -23.58 -45.03
N PRO E 92 10.24 -23.72 -46.26
CA PRO E 92 8.80 -23.91 -46.50
C PRO E 92 8.23 -25.15 -45.83
N GLU E 93 9.05 -26.17 -45.60
CA GLU E 93 8.56 -27.42 -45.01
C GLU E 93 8.25 -27.32 -43.52
N THR E 94 8.58 -26.19 -42.89
CA THR E 94 8.16 -25.92 -41.51
C THR E 94 6.70 -25.46 -41.40
N LEU E 95 6.12 -24.99 -42.50
CA LEU E 95 4.73 -24.51 -42.54
C LEU E 95 3.77 -25.66 -42.30
N GLY E 96 2.86 -25.46 -41.34
CA GLY E 96 1.87 -26.48 -40.96
C GLY E 96 2.39 -27.48 -39.95
N ARG E 97 3.67 -27.34 -39.58
CA ARG E 97 4.34 -28.22 -38.61
C ARG E 97 4.47 -27.54 -37.26
N ILE E 98 4.62 -28.35 -36.21
CA ILE E 98 4.98 -27.85 -34.89
C ILE E 98 6.36 -28.39 -34.52
N MET E 99 7.25 -27.49 -34.11
CA MET E 99 8.56 -27.89 -33.61
C MET E 99 8.73 -27.39 -32.19
N ASN E 100 9.65 -27.98 -31.44
CA ASN E 100 10.00 -27.47 -30.12
C ASN E 100 11.19 -26.49 -30.20
N VAL E 101 11.74 -26.11 -29.05
CA VAL E 101 12.83 -25.12 -29.01
C VAL E 101 14.07 -25.58 -29.79
N ILE E 102 14.29 -26.90 -29.83
CA ILE E 102 15.48 -27.45 -30.49
C ILE E 102 15.18 -27.98 -31.89
N GLY E 103 14.02 -27.61 -32.41
CA GLY E 103 13.66 -27.90 -33.79
C GLY E 103 13.23 -29.32 -34.13
N GLU E 104 12.96 -30.13 -33.11
CA GLU E 104 12.38 -31.45 -33.33
C GLU E 104 10.89 -31.32 -33.62
N PRO E 105 10.34 -32.18 -34.49
CA PRO E 105 8.89 -32.18 -34.67
C PRO E 105 8.19 -32.81 -33.47
N ILE E 106 7.17 -32.13 -32.95
CA ILE E 106 6.38 -32.66 -31.85
C ILE E 106 4.92 -32.86 -32.25
N ASP E 107 4.67 -33.00 -33.56
CA ASP E 107 3.32 -33.22 -34.09
C ASP E 107 3.09 -34.65 -34.62
N GLU E 108 4.03 -35.55 -34.31
CA GLU E 108 3.96 -36.97 -34.69
C GLU E 108 3.77 -37.23 -36.20
N ARG E 109 4.14 -36.24 -37.03
CA ARG E 109 4.04 -36.35 -38.48
C ARG E 109 5.42 -36.61 -39.14
N GLY E 110 6.37 -37.10 -38.35
CA GLY E 110 7.70 -37.44 -38.86
C GLY E 110 8.62 -36.27 -39.12
N PRO E 111 9.76 -36.52 -39.78
CA PRO E 111 10.83 -35.53 -39.96
C PRO E 111 10.40 -34.27 -40.72
N ILE E 112 10.88 -33.13 -40.25
CA ILE E 112 10.77 -31.87 -41.00
C ILE E 112 11.91 -31.85 -42.03
N LYS E 113 11.61 -32.30 -43.25
CA LYS E 113 12.64 -32.51 -44.27
C LYS E 113 13.05 -31.24 -44.99
N THR E 114 13.93 -30.49 -44.32
CA THR E 114 14.35 -29.18 -44.77
C THR E 114 15.73 -29.26 -45.44
N LYS E 115 16.00 -28.31 -46.33
CA LYS E 115 17.24 -28.34 -47.10
C LYS E 115 18.30 -27.44 -46.45
N GLN E 116 17.87 -26.73 -45.41
CA GLN E 116 18.73 -25.84 -44.64
C GLN E 116 18.39 -25.92 -43.15
N PHE E 117 19.41 -25.77 -42.31
CA PHE E 117 19.21 -25.53 -40.89
C PHE E 117 19.74 -24.12 -40.57
N ALA E 118 19.39 -23.60 -39.40
CA ALA E 118 19.84 -22.28 -38.97
C ALA E 118 20.00 -22.16 -37.45
N ALA E 119 21.04 -21.45 -37.02
CA ALA E 119 21.33 -21.22 -35.59
C ALA E 119 20.40 -20.15 -34.99
N ILE E 120 19.94 -20.37 -33.76
CA ILE E 120 18.89 -19.51 -33.17
C ILE E 120 19.35 -18.18 -32.52
N HIS E 121 20.65 -18.03 -32.32
CA HIS E 121 21.20 -16.81 -31.71
C HIS E 121 21.86 -15.87 -32.75
N ALA E 122 21.10 -15.51 -33.78
CA ALA E 122 21.60 -14.59 -34.81
C ALA E 122 21.65 -13.17 -34.28
N GLU E 123 22.58 -12.36 -34.78
CA GLU E 123 22.66 -10.95 -34.40
C GLU E 123 21.56 -10.13 -35.09
N ALA E 124 21.08 -9.10 -34.40
CA ALA E 124 20.14 -8.15 -34.97
C ALA E 124 20.80 -7.44 -36.14
N PRO E 125 20.00 -7.02 -37.15
CA PRO E 125 20.58 -6.28 -38.27
C PRO E 125 21.26 -4.99 -37.80
N GLU E 126 22.33 -4.62 -38.51
CA GLU E 126 23.14 -3.48 -38.12
C GLU E 126 22.41 -2.19 -38.45
N PHE E 127 22.96 -1.08 -37.94
CA PHE E 127 22.39 0.25 -38.14
C PHE E 127 22.29 0.63 -39.62
N VAL E 128 23.28 0.24 -40.44
CA VAL E 128 23.26 0.52 -41.89
C VAL E 128 22.15 -0.19 -42.66
N GLU E 129 21.69 -1.32 -42.11
CA GLU E 129 20.69 -2.15 -42.77
C GLU E 129 19.26 -1.65 -42.55
N MET E 130 19.13 -0.62 -41.71
CA MET E 130 17.81 -0.09 -41.32
C MET E 130 17.14 0.73 -42.40
N SER E 131 15.82 0.56 -42.53
CA SER E 131 15.00 1.43 -43.38
C SER E 131 14.78 2.75 -42.67
N VAL E 132 14.91 3.84 -43.42
CA VAL E 132 14.78 5.18 -42.88
C VAL E 132 13.32 5.60 -42.77
N GLU E 133 12.46 4.83 -43.44
CA GLU E 133 11.07 5.18 -43.60
C GLU E 133 10.13 4.29 -42.81
N GLN E 134 9.09 4.91 -42.22
CA GLN E 134 7.97 4.19 -41.64
C GLN E 134 6.99 3.79 -42.76
N GLU E 135 6.40 2.60 -42.64
CA GLU E 135 5.53 2.05 -43.68
C GLU E 135 4.40 1.19 -43.12
N ILE E 136 3.23 1.27 -43.74
CA ILE E 136 1.99 0.65 -43.25
C ILE E 136 1.81 -0.83 -43.63
N LEU E 137 1.40 -1.64 -42.66
CA LEU E 137 1.04 -3.05 -42.91
C LEU E 137 -0.47 -3.21 -42.85
N VAL E 138 -1.09 -3.29 -44.03
CA VAL E 138 -2.55 -3.40 -44.17
C VAL E 138 -3.04 -4.79 -43.75
N THR E 139 -3.87 -4.81 -42.70
CA THR E 139 -4.38 -6.04 -42.13
C THR E 139 -5.70 -6.45 -42.78
N GLY E 140 -6.41 -5.46 -43.34
CA GLY E 140 -7.74 -5.68 -43.88
C GLY E 140 -8.83 -5.59 -42.83
N ILE E 141 -8.42 -5.32 -41.59
CA ILE E 141 -9.35 -5.16 -40.48
C ILE E 141 -9.60 -3.67 -40.25
N LYS E 142 -10.87 -3.28 -40.28
CA LYS E 142 -11.29 -1.88 -40.25
C LYS E 142 -10.84 -1.06 -39.01
N VAL E 143 -11.06 -1.61 -37.80
CA VAL E 143 -10.62 -0.91 -36.57
C VAL E 143 -9.12 -0.65 -36.58
N VAL E 144 -8.34 -1.70 -36.87
CA VAL E 144 -6.89 -1.65 -36.83
C VAL E 144 -6.37 -0.64 -37.85
N ASP E 145 -6.67 -0.90 -39.12
CA ASP E 145 -6.13 -0.13 -40.23
C ASP E 145 -6.40 1.36 -40.14
N LEU E 146 -7.57 1.73 -39.62
CA LEU E 146 -7.96 3.14 -39.53
C LEU E 146 -7.39 3.83 -38.29
N LEU E 147 -7.65 3.27 -37.11
CA LEU E 147 -7.36 3.97 -35.84
C LEU E 147 -6.02 3.66 -35.19
N ALA E 148 -5.54 2.44 -35.40
CA ALA E 148 -4.29 2.01 -34.79
C ALA E 148 -3.48 1.12 -35.74
N PRO E 149 -3.05 1.69 -36.89
CA PRO E 149 -2.45 0.85 -37.92
C PRO E 149 -1.10 0.25 -37.54
N TYR E 150 -0.83 -0.93 -38.11
CA TYR E 150 0.39 -1.68 -37.88
C TYR E 150 1.48 -1.20 -38.84
N ALA E 151 2.72 -1.23 -38.39
CA ALA E 151 3.85 -0.84 -39.22
C ALA E 151 4.64 -2.08 -39.62
N LYS E 152 5.11 -2.13 -40.86
CA LYS E 152 6.03 -3.16 -41.32
C LYS E 152 7.33 -3.05 -40.56
N GLY E 153 7.78 -4.15 -40.00
CA GLY E 153 8.97 -4.16 -39.15
C GLY E 153 8.68 -3.78 -37.71
N GLY E 154 7.42 -3.47 -37.41
CA GLY E 154 7.04 -3.02 -36.07
C GLY E 154 6.66 -4.14 -35.11
N LYS E 155 6.46 -3.76 -33.85
CA LYS E 155 6.00 -4.67 -32.81
C LYS E 155 4.67 -4.16 -32.31
N ILE E 156 3.68 -5.05 -32.24
CA ILE E 156 2.34 -4.68 -31.77
C ILE E 156 2.00 -5.38 -30.46
N GLY E 157 1.48 -4.60 -29.52
CA GLY E 157 1.09 -5.14 -28.23
C GLY E 157 -0.37 -5.49 -28.27
N LEU E 158 -0.65 -6.79 -28.17
CA LEU E 158 -2.03 -7.27 -28.13
C LEU E 158 -2.46 -7.49 -26.69
N PHE E 159 -3.41 -6.67 -26.24
CA PHE E 159 -3.89 -6.68 -24.86
C PHE E 159 -5.26 -7.36 -24.76
N GLY E 160 -5.52 -8.00 -23.61
CA GLY E 160 -6.80 -8.68 -23.38
C GLY E 160 -6.66 -10.16 -23.09
N GLY E 161 -7.55 -10.67 -22.25
CA GLY E 161 -7.50 -12.06 -21.81
C GLY E 161 -8.20 -13.04 -22.74
N ALA E 162 -9.04 -13.89 -22.14
CA ALA E 162 -9.79 -14.91 -22.89
C ALA E 162 -11.19 -14.44 -23.25
N GLY E 163 -11.84 -15.16 -24.17
CA GLY E 163 -13.22 -14.91 -24.56
C GLY E 163 -13.47 -13.60 -25.29
N VAL E 164 -12.40 -13.00 -25.80
CA VAL E 164 -12.48 -11.73 -26.53
C VAL E 164 -12.11 -11.86 -28.02
N GLY E 165 -12.14 -13.08 -28.53
CA GLY E 165 -11.85 -13.35 -29.94
C GLY E 165 -10.38 -13.23 -30.30
N LYS E 166 -9.51 -13.40 -29.30
CA LYS E 166 -8.07 -13.24 -29.45
C LYS E 166 -7.45 -14.25 -30.44
N THR E 167 -7.84 -15.52 -30.32
CA THR E 167 -7.33 -16.57 -31.22
C THR E 167 -7.85 -16.38 -32.64
N VAL E 168 -9.10 -15.93 -32.76
CA VAL E 168 -9.72 -15.66 -34.06
C VAL E 168 -9.07 -14.46 -34.77
N LEU E 169 -8.64 -13.46 -33.99
CA LEU E 169 -7.93 -12.29 -34.53
C LEU E 169 -6.52 -12.66 -35.04
N ILE E 170 -5.77 -13.43 -34.24
CA ILE E 170 -4.47 -13.95 -34.64
C ILE E 170 -4.60 -14.71 -35.95
N MET E 171 -5.57 -15.63 -36.01
CA MET E 171 -5.81 -16.42 -37.21
C MET E 171 -6.25 -15.58 -38.40
N GLU E 172 -7.03 -14.53 -38.13
CA GLU E 172 -7.48 -13.63 -39.19
C GLU E 172 -6.30 -12.83 -39.75
N LEU E 173 -5.42 -12.38 -38.85
CA LEU E 173 -4.23 -11.67 -39.25
C LEU E 173 -3.34 -12.56 -40.11
N ILE E 174 -3.22 -13.84 -39.75
CA ILE E 174 -2.44 -14.80 -40.53
C ILE E 174 -3.10 -14.95 -41.90
N ASN E 175 -4.39 -15.25 -41.88
CA ASN E 175 -5.17 -15.49 -43.10
C ASN E 175 -5.12 -14.29 -44.06
N ASN E 176 -5.35 -13.10 -43.52
CA ASN E 176 -5.34 -11.87 -44.31
C ASN E 176 -3.97 -11.47 -44.85
N VAL E 177 -2.92 -11.69 -44.07
CA VAL E 177 -1.57 -11.35 -44.51
C VAL E 177 -1.11 -12.24 -45.67
N ALA E 178 -1.44 -13.53 -45.60
CA ALA E 178 -1.15 -14.46 -46.69
C ALA E 178 -2.11 -14.26 -47.87
N LYS E 179 -3.35 -13.88 -47.56
CA LYS E 179 -4.36 -13.62 -48.60
C LYS E 179 -3.99 -12.40 -49.45
N ALA E 180 -3.52 -11.34 -48.79
CA ALA E 180 -3.29 -10.06 -49.45
C ALA E 180 -1.87 -9.85 -49.95
N HIS E 181 -0.88 -10.16 -49.12
CA HIS E 181 0.52 -9.89 -49.46
C HIS E 181 1.26 -11.15 -49.96
N GLY E 182 0.79 -12.33 -49.54
CA GLY E 182 1.46 -13.59 -49.88
C GLY E 182 2.41 -14.09 -48.81
N GLY E 183 2.87 -13.19 -47.94
CA GLY E 183 3.79 -13.52 -46.84
C GLY E 183 3.29 -14.57 -45.86
N TYR E 184 4.22 -15.10 -45.06
CA TYR E 184 3.92 -16.20 -44.14
C TYR E 184 3.92 -15.77 -42.67
N SER E 185 3.43 -16.67 -41.82
CA SER E 185 3.42 -16.41 -40.38
C SER E 185 4.17 -17.48 -39.61
N VAL E 186 4.74 -17.06 -38.47
CA VAL E 186 5.31 -17.96 -37.49
C VAL E 186 4.64 -17.66 -36.16
N PHE E 187 4.28 -18.70 -35.42
CA PHE E 187 3.67 -18.55 -34.09
C PHE E 187 4.54 -19.25 -33.04
N ALA E 188 5.12 -18.46 -32.15
CA ALA E 188 5.87 -18.97 -31.01
C ALA E 188 4.99 -18.98 -29.79
N GLY E 189 4.60 -20.17 -29.34
CA GLY E 189 3.85 -20.33 -28.10
C GLY E 189 4.87 -20.47 -27.00
N VAL E 190 4.99 -19.42 -26.18
CA VAL E 190 6.01 -19.34 -25.10
C VAL E 190 5.33 -19.56 -23.76
N GLY E 191 5.61 -20.69 -23.11
CA GLY E 191 5.02 -21.03 -21.82
C GLY E 191 3.51 -21.20 -21.81
N GLU E 192 2.92 -21.62 -22.92
CA GLU E 192 1.48 -21.89 -23.00
C GLU E 192 1.12 -23.20 -22.30
N ARG E 193 -0.15 -23.34 -21.90
CA ARG E 193 -0.70 -24.62 -21.44
C ARG E 193 -0.72 -25.58 -22.64
N THR E 194 -0.38 -26.84 -22.40
CA THR E 194 -0.41 -27.86 -23.45
C THR E 194 -1.81 -28.00 -24.09
N ARG E 195 -2.82 -28.02 -23.24
CA ARG E 195 -4.22 -28.10 -23.69
C ARG E 195 -4.57 -26.96 -24.68
N GLU E 196 -3.98 -25.79 -24.47
CA GLU E 196 -4.26 -24.61 -25.31
C GLU E 196 -3.46 -24.62 -26.60
N GLY E 197 -2.31 -25.27 -26.59
CA GLY E 197 -1.51 -25.47 -27.78
C GLY E 197 -2.20 -26.44 -28.71
N ASN E 198 -2.85 -27.45 -28.12
CA ASN E 198 -3.64 -28.43 -28.86
C ASN E 198 -4.89 -27.81 -29.45
N ASP E 199 -5.60 -27.02 -28.64
CA ASP E 199 -6.77 -26.29 -29.10
C ASP E 199 -6.39 -25.42 -30.29
N LEU E 200 -5.32 -24.63 -30.17
CA LEU E 200 -4.90 -23.74 -31.25
C LEU E 200 -4.55 -24.50 -32.53
N TYR E 201 -3.75 -25.56 -32.39
CA TYR E 201 -3.41 -26.45 -33.52
C TYR E 201 -4.67 -26.90 -34.26
N HIS E 202 -5.65 -27.40 -33.53
CA HIS E 202 -6.88 -27.85 -34.16
C HIS E 202 -7.75 -26.69 -34.66
N GLU E 203 -7.78 -25.57 -33.93
CA GLU E 203 -8.50 -24.40 -34.43
C GLU E 203 -7.89 -23.88 -35.75
N MET E 204 -6.59 -24.09 -35.93
CA MET E 204 -5.89 -23.68 -37.15
C MET E 204 -6.17 -24.61 -38.32
N ILE E 205 -6.35 -25.89 -38.03
CA ILE E 205 -6.71 -26.88 -39.07
C ILE E 205 -8.13 -26.65 -39.59
N GLU E 206 -9.06 -26.33 -38.69
CA GLU E 206 -10.44 -26.05 -39.09
C GLU E 206 -10.53 -24.80 -39.98
N SER E 207 -9.76 -23.76 -39.64
CA SER E 207 -9.80 -22.50 -40.38
C SER E 207 -9.08 -22.55 -41.72
N GLY E 208 -8.12 -23.47 -41.84
CA GLY E 208 -7.37 -23.65 -43.08
C GLY E 208 -6.04 -22.92 -43.13
N VAL E 209 -5.67 -22.20 -42.06
CA VAL E 209 -4.33 -21.58 -42.02
C VAL E 209 -3.24 -22.66 -41.94
N ILE E 210 -3.57 -23.80 -41.32
CA ILE E 210 -2.77 -25.02 -41.38
C ILE E 210 -3.55 -26.08 -42.16
N ASN E 211 -2.87 -26.74 -43.09
CA ASN E 211 -3.47 -27.81 -43.89
C ASN E 211 -2.57 -29.03 -43.86
N LEU E 212 -3.10 -30.15 -43.38
CA LEU E 212 -2.32 -31.37 -43.18
C LEU E 212 -2.25 -32.26 -44.42
N LYS E 213 -2.93 -31.84 -45.48
CA LYS E 213 -3.05 -32.66 -46.69
C LYS E 213 -2.15 -32.19 -47.83
N ASP E 214 -1.78 -30.91 -47.80
CA ASP E 214 -1.01 -30.29 -48.87
C ASP E 214 0.02 -29.29 -48.36
N ALA E 215 0.48 -28.40 -49.26
CA ALA E 215 1.55 -27.45 -48.94
C ALA E 215 1.06 -26.02 -48.70
N THR E 216 -0.24 -25.87 -48.47
CA THR E 216 -0.87 -24.55 -48.41
C THR E 216 -0.94 -23.92 -47.02
N SER E 217 -0.29 -24.55 -46.04
CA SER E 217 -0.25 -24.00 -44.68
C SER E 217 0.42 -22.64 -44.66
N LYS E 218 -0.16 -21.70 -43.94
CA LYS E 218 0.31 -20.32 -43.91
C LYS E 218 1.20 -20.03 -42.69
N VAL E 219 1.16 -20.91 -41.69
CA VAL E 219 1.91 -20.73 -40.44
C VAL E 219 2.80 -21.91 -40.11
N ALA E 220 3.93 -21.61 -39.47
CA ALA E 220 4.74 -22.60 -38.76
C ALA E 220 4.62 -22.40 -37.23
N LEU E 221 4.49 -23.50 -36.50
CA LEU E 221 4.35 -23.41 -35.06
C LEU E 221 5.63 -23.86 -34.36
N VAL E 222 5.99 -23.10 -33.33
CA VAL E 222 7.07 -23.48 -32.42
C VAL E 222 6.47 -23.38 -31.04
N TYR E 223 6.54 -24.48 -30.27
CA TYR E 223 5.93 -24.57 -28.95
C TYR E 223 6.98 -24.82 -27.87
N GLY E 224 6.86 -24.06 -26.79
CA GLY E 224 7.72 -24.23 -25.62
C GLY E 224 6.81 -24.13 -24.42
N GLN E 225 6.29 -25.28 -23.99
CA GLN E 225 5.21 -25.35 -23.05
C GLN E 225 5.58 -24.97 -21.60
N MET E 226 4.54 -24.57 -20.88
CA MET E 226 4.59 -24.22 -19.45
C MET E 226 5.38 -25.20 -18.59
N ASN E 227 5.34 -26.49 -18.93
CA ASN E 227 6.01 -27.51 -18.11
C ASN E 227 7.44 -27.87 -18.55
N GLU E 228 8.05 -27.00 -19.34
CA GLU E 228 9.41 -27.25 -19.80
C GLU E 228 10.36 -26.40 -18.97
N PRO E 229 11.67 -26.75 -18.96
CA PRO E 229 12.59 -25.94 -18.15
C PRO E 229 12.63 -24.50 -18.66
N PRO E 230 13.02 -23.56 -17.80
CA PRO E 230 13.06 -22.13 -18.19
C PRO E 230 13.99 -21.86 -19.39
N GLY E 231 15.11 -22.58 -19.46
CA GLY E 231 16.00 -22.48 -20.61
C GLY E 231 15.30 -22.71 -21.93
N ALA E 232 14.40 -23.69 -21.95
CA ALA E 232 13.61 -23.98 -23.16
C ALA E 232 12.60 -22.84 -23.43
N ARG E 233 11.85 -22.44 -22.42
CA ARG E 233 10.86 -21.37 -22.58
C ARG E 233 11.48 -20.02 -22.94
N ALA E 234 12.71 -19.79 -22.48
CA ALA E 234 13.44 -18.56 -22.79
C ALA E 234 13.87 -18.46 -24.26
N ARG E 235 14.19 -19.60 -24.89
CA ARG E 235 14.70 -19.61 -26.27
C ARG E 235 13.65 -19.83 -27.38
N VAL E 236 12.43 -20.18 -26.99
CA VAL E 236 11.33 -20.41 -27.95
C VAL E 236 11.11 -19.25 -28.91
N ALA E 237 11.03 -18.04 -28.35
CA ALA E 237 10.91 -16.83 -29.15
C ALA E 237 12.03 -16.73 -30.20
N LEU E 238 13.23 -17.18 -29.85
CA LEU E 238 14.38 -17.08 -30.75
C LEU E 238 14.31 -18.12 -31.86
N THR E 239 13.92 -19.34 -31.49
CA THR E 239 13.63 -20.40 -32.46
C THR E 239 12.61 -19.92 -33.50
N GLY E 240 11.52 -19.28 -33.06
CA GLY E 240 10.50 -18.77 -33.98
C GLY E 240 11.04 -17.66 -34.87
N LEU E 241 11.82 -16.76 -34.25
CA LEU E 241 12.50 -15.67 -34.95
C LEU E 241 13.37 -16.24 -36.07
N THR E 242 14.10 -17.29 -35.75
CA THR E 242 14.96 -17.97 -36.71
C THR E 242 14.20 -18.51 -37.91
N VAL E 243 13.07 -19.18 -37.67
CA VAL E 243 12.20 -19.66 -38.73
C VAL E 243 11.73 -18.47 -39.58
N ALA E 244 11.24 -17.43 -38.91
CA ALA E 244 10.84 -16.17 -39.55
C ALA E 244 11.96 -15.56 -40.41
N GLU E 245 13.19 -15.56 -39.90
CA GLU E 245 14.33 -14.91 -40.57
C GLU E 245 14.71 -15.56 -41.91
N TYR E 246 14.48 -16.87 -42.02
CA TYR E 246 14.65 -17.54 -43.31
C TYR E 246 13.71 -16.97 -44.38
N PHE E 247 12.44 -16.81 -44.02
CA PHE E 247 11.45 -16.25 -44.94
C PHE E 247 11.78 -14.81 -45.34
N ARG E 248 12.13 -13.97 -44.37
CA ARG E 248 12.52 -12.59 -44.68
C ARG E 248 13.75 -12.53 -45.59
N ASP E 249 14.82 -13.22 -45.19
CA ASP E 249 16.11 -13.08 -45.85
C ASP E 249 16.26 -13.93 -47.11
N GLN E 250 15.99 -15.22 -47.00
CA GLN E 250 16.20 -16.14 -48.13
C GLN E 250 15.09 -16.06 -49.19
N GLU E 251 13.87 -15.69 -48.77
CA GLU E 251 12.75 -15.57 -49.69
C GLU E 251 12.31 -14.12 -49.94
N GLY E 252 12.95 -13.18 -49.26
CA GLY E 252 12.72 -11.75 -49.47
C GLY E 252 11.32 -11.29 -49.18
N GLN E 253 10.76 -11.78 -48.08
CA GLN E 253 9.34 -11.59 -47.80
C GLN E 253 9.03 -10.67 -46.63
N ASP E 254 7.74 -10.41 -46.45
CA ASP E 254 7.23 -9.79 -45.26
C ASP E 254 6.53 -10.87 -44.41
N VAL E 255 7.14 -11.17 -43.27
CA VAL E 255 6.73 -12.27 -42.39
C VAL E 255 6.06 -11.73 -41.14
N LEU E 256 5.15 -12.51 -40.57
CA LEU E 256 4.47 -12.17 -39.33
C LEU E 256 4.90 -13.09 -38.21
N LEU E 257 5.46 -12.53 -37.14
CA LEU E 257 5.80 -13.34 -35.99
C LEU E 257 4.87 -13.08 -34.83
N PHE E 258 4.12 -14.09 -34.46
CA PHE E 258 3.28 -14.03 -33.27
C PHE E 258 4.06 -14.58 -32.08
N ILE E 259 4.00 -13.86 -30.96
CA ILE E 259 4.63 -14.33 -29.72
C ILE E 259 3.59 -14.31 -28.61
N ASP E 260 3.25 -15.50 -28.11
CA ASP E 260 2.23 -15.66 -27.07
C ASP E 260 2.76 -16.51 -25.89
N ASN E 261 3.16 -15.84 -24.81
CA ASN E 261 3.19 -14.39 -24.75
C ASN E 261 4.47 -13.81 -24.18
N ILE E 262 4.63 -12.50 -24.30
CA ILE E 262 5.89 -11.85 -23.97
C ILE E 262 6.21 -11.91 -22.47
N PHE E 263 5.18 -11.89 -21.63
CA PHE E 263 5.36 -12.02 -20.19
C PHE E 263 6.08 -13.28 -19.82
N ARG E 264 5.71 -14.39 -20.46
CA ARG E 264 6.33 -15.67 -20.15
C ARG E 264 7.77 -15.79 -20.69
N PHE E 265 8.05 -15.09 -21.79
CA PHE E 265 9.42 -14.93 -22.25
C PHE E 265 10.27 -14.26 -21.18
N THR E 266 9.75 -13.19 -20.59
CA THR E 266 10.44 -12.47 -19.53
C THR E 266 10.56 -13.34 -18.27
N GLN E 267 9.47 -14.04 -17.95
CA GLN E 267 9.41 -14.93 -16.79
C GLN E 267 10.50 -16.01 -16.82
N ALA E 268 10.60 -16.68 -17.96
CA ALA E 268 11.62 -17.69 -18.16
C ALA E 268 13.03 -17.10 -18.07
N GLY E 269 13.22 -15.88 -18.57
CA GLY E 269 14.51 -15.18 -18.48
C GLY E 269 14.84 -14.95 -17.02
N SER E 270 13.82 -14.56 -16.26
CA SER E 270 13.97 -14.38 -14.83
C SER E 270 14.39 -15.69 -14.17
N GLU E 271 13.80 -16.81 -14.57
CA GLU E 271 14.14 -18.10 -13.95
C GLU E 271 15.55 -18.57 -14.29
N VAL E 272 15.96 -18.37 -15.54
CA VAL E 272 17.30 -18.73 -15.96
C VAL E 272 18.31 -17.95 -15.12
N SER E 273 18.06 -16.65 -14.96
CA SER E 273 18.99 -15.78 -14.21
C SER E 273 19.09 -16.22 -12.74
N ALA E 274 17.96 -16.64 -12.15
CA ALA E 274 17.95 -17.17 -10.78
C ALA E 274 18.72 -18.50 -10.66
N LEU E 275 18.54 -19.40 -11.64
CA LEU E 275 19.27 -20.67 -11.70
C LEU E 275 20.78 -20.44 -11.66
N LEU E 276 21.23 -19.45 -12.41
CA LEU E 276 22.62 -19.05 -12.44
C LEU E 276 23.07 -18.32 -11.16
N GLY E 277 22.16 -18.14 -10.21
CA GLY E 277 22.51 -17.55 -8.92
C GLY E 277 22.80 -16.07 -9.02
N ARG E 278 22.24 -15.41 -10.02
CA ARG E 278 22.44 -13.96 -10.15
C ARG E 278 21.50 -13.22 -9.21
N ILE E 279 22.01 -12.14 -8.62
CA ILE E 279 21.26 -11.30 -7.71
C ILE E 279 20.09 -10.63 -8.47
N PRO E 280 18.85 -10.87 -8.00
CA PRO E 280 17.70 -10.34 -8.71
C PRO E 280 17.65 -8.83 -8.66
N SER E 281 17.04 -8.24 -9.68
CA SER E 281 16.84 -6.79 -9.72
C SER E 281 15.49 -6.37 -9.10
N ALA E 282 14.99 -5.18 -9.46
CA ALA E 282 13.73 -4.66 -8.90
C ALA E 282 12.57 -5.64 -9.16
N VAL E 283 11.74 -5.87 -8.15
CA VAL E 283 10.56 -6.74 -8.27
C VAL E 283 10.89 -8.20 -8.64
N GLY E 284 12.13 -8.62 -8.40
CA GLY E 284 12.48 -10.03 -8.59
C GLY E 284 13.02 -10.40 -9.95
N TYR E 285 12.90 -9.49 -10.92
CA TYR E 285 13.34 -9.79 -12.28
C TYR E 285 14.85 -9.90 -12.41
N GLN E 286 15.29 -10.41 -13.55
CA GLN E 286 16.71 -10.61 -13.82
C GLN E 286 17.39 -9.26 -14.09
N PRO E 287 18.68 -9.11 -13.67
CA PRO E 287 19.48 -7.91 -13.94
C PRO E 287 19.55 -7.56 -15.42
N THR E 288 19.46 -8.59 -16.27
CA THR E 288 19.59 -8.44 -17.72
C THR E 288 18.22 -8.26 -18.36
N LEU E 289 17.23 -7.84 -17.59
CA LEU E 289 15.87 -7.71 -18.11
C LEU E 289 15.78 -6.97 -19.46
N ALA E 290 16.43 -5.80 -19.56
CA ALA E 290 16.31 -4.95 -20.76
C ALA E 290 17.21 -5.40 -21.92
N THR E 291 18.36 -5.99 -21.59
CA THR E 291 19.26 -6.51 -22.62
C THR E 291 18.73 -7.83 -23.18
N ASP E 292 18.23 -8.71 -22.31
CA ASP E 292 17.50 -9.93 -22.75
C ASP E 292 16.39 -9.60 -23.76
N MET E 293 15.59 -8.60 -23.44
CA MET E 293 14.50 -8.17 -24.28
C MET E 293 15.05 -7.57 -25.56
N GLY E 294 16.05 -6.70 -25.41
CA GLY E 294 16.64 -5.96 -26.53
C GLY E 294 17.28 -6.83 -27.58
N THR E 295 18.06 -7.83 -27.16
CA THR E 295 18.72 -8.75 -28.12
C THR E 295 17.71 -9.56 -28.94
N MET E 296 16.51 -9.75 -28.39
CA MET E 296 15.45 -10.47 -29.09
C MET E 296 14.60 -9.55 -29.99
N GLN E 297 14.06 -8.47 -29.40
CA GLN E 297 13.20 -7.55 -30.15
C GLN E 297 13.89 -6.89 -31.35
N GLU E 298 15.21 -6.70 -31.26
CA GLU E 298 15.93 -5.96 -32.29
C GLU E 298 16.12 -6.76 -33.58
N ARG E 299 15.77 -8.03 -33.53
CA ARG E 299 15.82 -8.88 -34.72
C ARG E 299 14.53 -8.75 -35.53
N ILE E 300 13.54 -8.10 -34.92
CA ILE E 300 12.29 -7.81 -35.60
C ILE E 300 12.41 -6.41 -36.21
N THR E 301 12.75 -6.34 -37.50
CA THR E 301 12.95 -5.08 -38.20
C THR E 301 12.65 -5.21 -39.68
N THR E 302 12.58 -4.07 -40.36
CA THR E 302 12.60 -4.03 -41.80
C THR E 302 14.05 -3.95 -42.28
N THR E 303 14.44 -4.86 -43.16
CA THR E 303 15.73 -4.78 -43.87
C THR E 303 15.48 -4.57 -45.36
N LYS E 304 16.54 -4.60 -46.17
CA LYS E 304 16.42 -4.44 -47.62
C LYS E 304 15.83 -5.68 -48.31
N LYS E 305 16.11 -6.85 -47.75
CA LYS E 305 15.55 -8.11 -48.24
C LYS E 305 14.05 -8.25 -47.92
N GLY E 306 13.63 -7.69 -46.80
CA GLY E 306 12.23 -7.72 -46.40
C GLY E 306 12.01 -7.27 -44.97
N SER E 307 10.93 -7.76 -44.36
CA SER E 307 10.60 -7.36 -42.98
C SER E 307 10.00 -8.50 -42.17
N ILE E 308 10.19 -8.45 -40.86
CA ILE E 308 9.40 -9.24 -39.92
C ILE E 308 8.59 -8.25 -39.09
N THR E 309 7.28 -8.47 -39.05
CA THR E 309 6.39 -7.71 -38.17
C THR E 309 5.94 -8.67 -37.05
N SER E 310 5.82 -8.17 -35.82
CA SER E 310 5.52 -9.06 -34.69
C SER E 310 4.35 -8.60 -33.83
N VAL E 311 3.36 -9.49 -33.68
CA VAL E 311 2.24 -9.28 -32.77
C VAL E 311 2.48 -10.08 -31.47
N GLN E 312 2.49 -9.36 -30.36
CA GLN E 312 2.94 -9.90 -29.08
C GLN E 312 1.86 -9.76 -28.01
N ALA E 313 1.30 -10.89 -27.58
CA ALA E 313 0.30 -10.91 -26.51
C ALA E 313 0.99 -10.48 -25.23
N ILE E 314 0.44 -9.48 -24.55
CA ILE E 314 1.07 -8.97 -23.32
C ILE E 314 0.18 -9.13 -22.10
N TYR E 315 0.71 -9.82 -21.10
CA TYR E 315 0.04 -9.95 -19.80
C TYR E 315 0.65 -8.94 -18.85
N VAL E 316 -0.22 -8.20 -18.16
CA VAL E 316 0.19 -7.17 -17.22
C VAL E 316 -0.05 -7.64 -15.78
N PRO E 317 1.02 -8.06 -15.07
CA PRO E 317 0.92 -8.51 -13.68
C PRO E 317 0.36 -7.43 -12.75
N ALA E 318 -0.58 -7.84 -11.91
CA ALA E 318 -1.25 -6.97 -10.94
C ALA E 318 -2.00 -5.79 -11.55
N ASP E 319 -2.29 -5.85 -12.85
CA ASP E 319 -2.88 -4.72 -13.61
C ASP E 319 -1.94 -3.50 -13.63
N ASP E 320 -0.66 -3.71 -13.37
CA ASP E 320 0.29 -2.65 -13.13
C ASP E 320 1.17 -2.44 -14.37
N LEU E 321 0.87 -1.39 -15.14
CA LEU E 321 1.63 -1.08 -16.34
C LEU E 321 3.08 -0.67 -16.07
N THR E 322 3.36 -0.28 -14.83
CA THR E 322 4.71 0.13 -14.43
C THR E 322 5.55 -1.06 -13.94
N ASP E 323 4.94 -2.23 -13.78
CA ASP E 323 5.69 -3.45 -13.49
C ASP E 323 6.84 -3.56 -14.49
N PRO E 324 8.07 -3.86 -14.02
CA PRO E 324 9.22 -3.89 -14.93
C PRO E 324 9.03 -4.70 -16.21
N ALA E 325 8.22 -5.75 -16.18
CA ALA E 325 8.04 -6.58 -17.37
C ALA E 325 7.27 -5.90 -18.51
N PRO E 326 6.01 -5.45 -18.28
CA PRO E 326 5.37 -4.71 -19.37
C PRO E 326 6.06 -3.39 -19.69
N ALA E 327 6.63 -2.74 -18.67
CA ALA E 327 7.33 -1.46 -18.85
C ALA E 327 8.50 -1.59 -19.84
N THR E 328 9.25 -2.69 -19.70
CA THR E 328 10.38 -2.94 -20.58
C THR E 328 9.95 -3.26 -22.02
N THR E 329 8.88 -4.04 -22.18
CA THR E 329 8.31 -4.40 -23.48
C THR E 329 7.76 -3.17 -24.21
N PHE E 330 7.04 -2.34 -23.46
CA PHE E 330 6.36 -1.14 -23.98
C PHE E 330 7.30 -0.23 -24.77
N ALA E 331 8.58 -0.21 -24.36
CA ALA E 331 9.61 0.56 -25.07
C ALA E 331 9.81 0.11 -26.52
N HIS E 332 9.55 -1.18 -26.79
CA HIS E 332 9.74 -1.74 -28.13
C HIS E 332 8.52 -1.71 -29.05
N LEU E 333 7.37 -1.33 -28.49
CA LEU E 333 6.09 -1.37 -29.23
C LEU E 333 5.83 -0.14 -30.09
N ASP E 334 5.30 -0.38 -31.29
CA ASP E 334 4.99 0.67 -32.26
C ASP E 334 3.48 0.88 -32.39
N ALA E 335 2.72 0.00 -31.72
CA ALA E 335 1.27 0.05 -31.72
C ALA E 335 0.72 -0.88 -30.64
N THR E 336 -0.50 -0.60 -30.20
CA THR E 336 -1.24 -1.45 -29.28
C THR E 336 -2.62 -1.77 -29.83
N THR E 337 -3.03 -3.02 -29.69
CA THR E 337 -4.38 -3.45 -30.06
C THR E 337 -5.05 -3.98 -28.80
N VAL E 338 -6.04 -3.23 -28.31
CA VAL E 338 -6.68 -3.52 -27.03
C VAL E 338 -8.02 -4.21 -27.24
N LEU E 339 -8.10 -5.49 -26.85
CA LEU E 339 -9.33 -6.26 -26.89
C LEU E 339 -10.06 -6.16 -25.54
N SER E 340 -11.38 -5.97 -25.61
CA SER E 340 -12.18 -5.67 -24.42
C SER E 340 -13.49 -6.46 -24.36
N ARG E 341 -13.86 -6.87 -23.16
CA ARG E 341 -15.11 -7.60 -22.91
C ARG E 341 -16.34 -6.70 -23.12
N ALA E 342 -16.21 -5.43 -22.72
CA ALA E 342 -17.29 -4.45 -22.85
C ALA E 342 -17.72 -4.27 -24.31
N ILE E 343 -16.73 -4.15 -25.19
CA ILE E 343 -16.96 -4.04 -26.64
C ILE E 343 -17.61 -5.32 -27.18
N ALA E 344 -17.17 -6.47 -26.65
CA ALA E 344 -17.72 -7.77 -27.02
C ALA E 344 -19.16 -7.93 -26.52
N GLU E 345 -19.41 -7.43 -25.30
CA GLU E 345 -20.74 -7.47 -24.70
C GLU E 345 -21.77 -6.61 -25.44
N LEU E 346 -21.28 -5.55 -26.10
CA LEU E 346 -22.11 -4.72 -26.97
C LEU E 346 -22.47 -5.44 -28.28
N GLY E 347 -21.77 -6.55 -28.56
CA GLY E 347 -22.00 -7.33 -29.76
C GLY E 347 -21.10 -6.93 -30.93
N ILE E 348 -19.99 -6.26 -30.62
CA ILE E 348 -19.05 -5.78 -31.64
C ILE E 348 -17.85 -6.70 -31.74
N TYR E 349 -17.61 -7.25 -32.94
CA TYR E 349 -16.46 -8.09 -33.22
C TYR E 349 -15.79 -7.70 -34.55
N PRO E 350 -14.45 -7.57 -34.56
CA PRO E 350 -13.52 -7.79 -33.44
C PRO E 350 -13.76 -6.84 -32.27
N ALA E 351 -13.50 -7.32 -31.06
CA ALA E 351 -13.77 -6.57 -29.84
C ALA E 351 -12.65 -5.59 -29.50
N VAL E 352 -12.24 -4.79 -30.49
CA VAL E 352 -11.17 -3.81 -30.30
C VAL E 352 -11.74 -2.52 -29.71
N ASP E 353 -11.10 -2.03 -28.65
CA ASP E 353 -11.47 -0.75 -28.04
C ASP E 353 -10.92 0.38 -28.92
N PRO E 354 -11.82 1.09 -29.63
CA PRO E 354 -11.37 2.08 -30.62
C PRO E 354 -10.66 3.31 -30.02
N LEU E 355 -10.82 3.53 -28.72
CA LEU E 355 -10.22 4.69 -28.04
C LEU E 355 -8.95 4.36 -27.25
N ASP E 356 -8.80 3.11 -26.81
CA ASP E 356 -7.65 2.68 -26.01
C ASP E 356 -6.50 2.15 -26.87
N SER E 357 -6.82 1.63 -28.05
CA SER E 357 -5.80 1.18 -29.01
C SER E 357 -5.02 2.39 -29.52
N THR E 358 -3.72 2.21 -29.74
CA THR E 358 -2.85 3.28 -30.21
C THR E 358 -1.91 2.81 -31.31
N SER E 359 -1.40 3.77 -32.08
CA SER E 359 -0.37 3.49 -33.07
C SER E 359 0.55 4.67 -33.26
N ARG E 360 1.86 4.39 -33.23
CA ARG E 360 2.88 5.43 -33.39
C ARG E 360 2.97 6.00 -34.80
N ILE E 361 2.49 5.24 -35.80
CA ILE E 361 2.53 5.71 -37.19
C ILE E 361 1.31 6.56 -37.59
N MET E 362 0.42 6.80 -36.63
CA MET E 362 -0.70 7.72 -36.84
C MET E 362 -0.21 9.17 -36.89
N ASP E 363 0.42 9.50 -38.01
CA ASP E 363 1.03 10.80 -38.27
C ASP E 363 0.73 11.10 -39.73
N PRO E 364 0.31 12.34 -40.04
CA PRO E 364 0.00 12.77 -41.40
C PRO E 364 1.09 12.46 -42.45
N ASN E 365 2.36 12.49 -42.03
CA ASN E 365 3.49 12.24 -42.94
C ASN E 365 3.67 10.76 -43.33
N ILE E 366 3.14 9.88 -42.49
CA ILE E 366 3.29 8.43 -42.68
C ILE E 366 2.08 7.80 -43.36
N VAL E 367 0.89 8.01 -42.78
CA VAL E 367 -0.33 7.36 -43.27
C VAL E 367 -1.07 8.17 -44.34
N GLY E 368 -0.70 9.44 -44.45
CA GLY E 368 -1.37 10.36 -45.38
C GLY E 368 -2.25 11.33 -44.63
N SER E 369 -2.54 12.46 -45.27
CA SER E 369 -3.39 13.49 -44.69
C SER E 369 -4.84 13.02 -44.56
N GLU E 370 -5.31 12.27 -45.57
CA GLU E 370 -6.68 11.77 -45.60
C GLU E 370 -6.94 10.74 -44.51
N HIS E 371 -5.97 9.85 -44.29
CA HIS E 371 -6.06 8.83 -43.26
C HIS E 371 -6.15 9.43 -41.86
N TYR E 372 -5.27 10.38 -41.57
CA TYR E 372 -5.17 11.00 -40.25
C TYR E 372 -6.43 11.77 -39.87
N ASP E 373 -6.94 12.56 -40.82
CA ASP E 373 -8.15 13.35 -40.62
C ASP E 373 -9.37 12.51 -40.28
N VAL E 374 -9.62 11.46 -41.08
CA VAL E 374 -10.76 10.56 -40.87
C VAL E 374 -10.62 9.87 -39.51
N ALA E 375 -9.44 9.31 -39.25
CA ALA E 375 -9.18 8.60 -38.00
C ALA E 375 -9.35 9.50 -36.78
N ARG E 376 -8.82 10.72 -36.84
CA ARG E 376 -8.98 11.70 -35.75
C ARG E 376 -10.41 12.22 -35.64
N GLY E 377 -11.13 12.20 -36.76
CA GLY E 377 -12.55 12.57 -36.81
C GLY E 377 -13.45 11.49 -36.24
N VAL E 378 -13.11 10.23 -36.52
CA VAL E 378 -13.82 9.08 -35.97
C VAL E 378 -13.54 8.92 -34.48
N GLN E 379 -12.32 9.24 -34.07
CA GLN E 379 -11.93 9.19 -32.68
C GLN E 379 -12.70 10.21 -31.85
N LYS E 380 -12.84 11.43 -32.39
CA LYS E 380 -13.52 12.53 -31.69
C LYS E 380 -15.01 12.27 -31.48
N ILE E 381 -15.69 11.80 -32.53
CA ILE E 381 -17.14 11.57 -32.46
C ILE E 381 -17.52 10.43 -31.51
N LEU E 382 -16.62 9.47 -31.33
CA LEU E 382 -16.80 8.41 -30.34
C LEU E 382 -16.60 8.97 -28.93
N GLN E 383 -15.65 9.89 -28.79
CA GLN E 383 -15.41 10.59 -27.52
C GLN E 383 -16.58 11.52 -27.16
N ASP E 384 -17.23 12.08 -28.16
CA ASP E 384 -18.44 12.88 -27.97
C ASP E 384 -19.55 11.98 -27.46
N TYR E 385 -19.74 10.85 -28.14
CA TYR E 385 -20.77 9.86 -27.81
C TYR E 385 -20.64 9.34 -26.38
N LYS E 386 -19.41 9.35 -25.85
CA LYS E 386 -19.16 8.91 -24.48
C LYS E 386 -19.65 9.95 -23.47
N SER E 387 -19.40 11.23 -23.75
CA SER E 387 -19.83 12.32 -22.87
C SER E 387 -21.33 12.60 -23.01
N LEU E 388 -21.88 12.32 -24.19
CA LEU E 388 -23.32 12.49 -24.45
C LEU E 388 -24.16 11.38 -23.80
N GLN E 389 -23.54 10.21 -23.61
CA GLN E 389 -24.21 9.07 -22.98
C GLN E 389 -24.19 9.16 -21.45
N ASP E 390 -23.38 10.08 -20.92
CA ASP E 390 -23.31 10.34 -19.48
C ASP E 390 -24.28 11.44 -19.06
N ILE E 391 -25.12 11.87 -20.00
CA ILE E 391 -26.17 12.85 -19.74
C ILE E 391 -27.55 12.18 -19.88
N ILE E 392 -27.64 11.22 -20.79
CA ILE E 392 -28.87 10.44 -20.99
C ILE E 392 -29.19 9.57 -19.76
N ALA E 393 -28.18 8.88 -19.24
CA ALA E 393 -28.32 7.99 -18.09
C ALA E 393 -28.73 8.74 -16.80
N ILE E 394 -28.16 9.91 -16.60
CA ILE E 394 -28.46 10.75 -15.44
C ILE E 394 -29.79 11.49 -15.63
N LEU E 395 -29.96 12.13 -16.78
CA LEU E 395 -31.14 12.95 -17.06
C LEU E 395 -32.11 12.26 -18.04
N GLY E 396 -31.84 12.41 -19.34
CA GLY E 396 -32.70 11.83 -20.38
C GLY E 396 -32.23 12.16 -21.79
N MET E 397 -32.85 11.50 -22.77
CA MET E 397 -32.48 11.67 -24.18
C MET E 397 -32.86 13.05 -24.71
N ASP E 398 -34.01 13.56 -24.28
CA ASP E 398 -34.51 14.85 -24.74
C ASP E 398 -34.08 16.00 -23.83
N GLU E 399 -32.94 15.81 -23.17
CA GLU E 399 -32.31 16.86 -22.36
C GLU E 399 -31.13 17.45 -23.12
N LEU E 400 -30.87 16.90 -24.31
CA LEU E 400 -29.79 17.36 -25.18
C LEU E 400 -30.31 18.18 -26.36
N SER E 401 -29.42 18.93 -27.02
CA SER E 401 -29.80 19.84 -28.09
C SER E 401 -30.17 19.14 -29.40
N GLU E 402 -30.21 19.91 -30.48
CA GLU E 402 -30.58 19.40 -31.80
C GLU E 402 -29.40 18.76 -32.52
N GLU E 403 -28.21 19.35 -32.34
CA GLU E 403 -26.98 18.84 -32.95
C GLU E 403 -26.43 17.64 -32.19
N ASP E 404 -26.85 17.49 -30.93
CA ASP E 404 -26.39 16.40 -30.06
C ASP E 404 -26.90 15.03 -30.53
N LYS E 405 -28.16 14.97 -30.95
CA LYS E 405 -28.75 13.72 -31.43
C LYS E 405 -28.18 13.29 -32.78
N LEU E 406 -27.67 14.25 -33.55
CA LEU E 406 -27.04 13.99 -34.84
C LEU E 406 -25.68 13.29 -34.68
N THR E 407 -24.91 13.75 -33.69
CA THR E 407 -23.60 13.14 -33.39
C THR E 407 -23.74 11.75 -32.78
N VAL E 408 -24.84 11.51 -32.07
CA VAL E 408 -25.14 10.20 -31.50
C VAL E 408 -25.49 9.20 -32.61
N SER E 409 -26.39 9.60 -33.51
CA SER E 409 -26.84 8.73 -34.60
C SER E 409 -25.69 8.28 -35.51
N ARG E 410 -24.77 9.20 -35.81
CA ARG E 410 -23.61 8.90 -36.65
C ARG E 410 -22.60 8.00 -35.93
N ALA E 411 -22.39 8.26 -34.64
CA ALA E 411 -21.42 7.52 -33.82
C ALA E 411 -21.84 6.08 -33.55
N ARG E 412 -23.16 5.84 -33.54
CA ARG E 412 -23.70 4.50 -33.37
C ARG E 412 -23.45 3.67 -34.64
N LYS E 413 -23.48 4.34 -35.79
CA LYS E 413 -23.22 3.69 -37.07
C LYS E 413 -21.73 3.54 -37.31
N ILE E 414 -20.95 4.41 -36.68
CA ILE E 414 -19.49 4.37 -36.78
C ILE E 414 -18.90 3.16 -36.04
N GLN E 415 -19.42 2.87 -34.86
CA GLN E 415 -18.99 1.69 -34.10
C GLN E 415 -19.50 0.38 -34.72
N ARG E 416 -20.58 0.47 -35.48
CA ARG E 416 -21.11 -0.69 -36.20
C ARG E 416 -20.34 -0.96 -37.50
N PHE E 417 -19.86 0.11 -38.13
CA PHE E 417 -18.99 -0.04 -39.31
C PHE E 417 -17.55 -0.34 -38.91
N LEU E 418 -17.27 -0.34 -37.61
CA LEU E 418 -15.99 -0.81 -37.10
C LEU E 418 -15.96 -2.33 -37.00
N SER E 419 -17.12 -2.92 -36.69
CA SER E 419 -17.27 -4.37 -36.62
C SER E 419 -17.16 -5.00 -38.02
N GLN E 420 -16.74 -6.27 -38.06
CA GLN E 420 -16.38 -6.94 -39.31
C GLN E 420 -16.55 -8.46 -39.19
N PRO E 421 -17.20 -9.08 -40.19
CA PRO E 421 -17.19 -10.54 -40.24
C PRO E 421 -15.83 -11.07 -40.70
N PHE E 422 -15.33 -12.09 -40.01
CA PHE E 422 -14.02 -12.66 -40.31
C PHE E 422 -14.12 -13.93 -41.15
N GLN E 423 -13.14 -14.14 -42.04
CA GLN E 423 -13.09 -15.34 -42.88
C GLN E 423 -12.94 -16.61 -42.04
N VAL E 424 -12.17 -16.48 -40.95
CA VAL E 424 -11.83 -17.58 -40.06
C VAL E 424 -12.96 -17.90 -39.07
N ALA E 425 -13.98 -17.04 -39.02
CA ALA E 425 -15.15 -17.24 -38.16
C ALA E 425 -16.38 -17.74 -38.93
N GLU E 426 -16.16 -18.14 -40.19
CA GLU E 426 -17.25 -18.58 -41.07
C GLU E 426 -17.83 -19.94 -40.70
N VAL E 427 -17.01 -20.79 -40.09
CA VAL E 427 -17.40 -22.17 -39.74
C VAL E 427 -18.47 -22.22 -38.64
N PHE E 428 -18.52 -21.18 -37.82
CA PHE E 428 -19.41 -21.17 -36.64
C PHE E 428 -20.67 -20.32 -36.79
N THR E 429 -20.50 -19.01 -37.04
CA THR E 429 -21.63 -18.08 -37.08
C THR E 429 -22.53 -18.26 -38.31
N GLY E 430 -21.95 -18.74 -39.41
CA GLY E 430 -22.70 -19.00 -40.64
C GLY E 430 -22.74 -17.82 -41.60
N HIS E 431 -21.92 -16.81 -41.33
CA HIS E 431 -21.81 -15.63 -42.19
C HIS E 431 -20.44 -15.53 -42.85
N LEU E 432 -20.43 -14.99 -44.07
CA LEU E 432 -19.21 -14.90 -44.86
C LEU E 432 -18.33 -13.75 -44.39
N GLY E 433 -17.03 -14.00 -44.30
CA GLY E 433 -16.06 -13.02 -43.81
C GLY E 433 -15.54 -12.09 -44.89
N LYS E 434 -15.11 -10.90 -44.49
CA LYS E 434 -14.69 -9.86 -45.43
C LYS E 434 -13.29 -9.31 -45.17
N LEU E 435 -12.54 -9.12 -46.25
CA LEU E 435 -11.25 -8.46 -46.22
C LEU E 435 -11.40 -7.11 -46.92
N VAL E 436 -11.24 -6.04 -46.14
CA VAL E 436 -11.49 -4.68 -46.62
C VAL E 436 -10.17 -3.93 -46.82
N PRO E 437 -9.93 -3.46 -48.06
CA PRO E 437 -8.76 -2.63 -48.35
C PRO E 437 -8.76 -1.32 -47.54
N LEU E 438 -7.58 -0.75 -47.35
CA LEU E 438 -7.41 0.50 -46.60
C LEU E 438 -8.19 1.67 -47.23
N LYS E 439 -8.13 1.77 -48.56
CA LYS E 439 -8.81 2.86 -49.28
C LYS E 439 -10.33 2.85 -49.14
N GLU E 440 -10.92 1.65 -49.02
CA GLU E 440 -12.37 1.51 -48.86
C GLU E 440 -12.78 1.72 -47.40
N THR E 441 -11.88 1.42 -46.48
CA THR E 441 -12.08 1.68 -45.05
C THR E 441 -12.15 3.18 -44.80
N ILE E 442 -11.19 3.92 -45.36
CA ILE E 442 -11.11 5.37 -45.19
C ILE E 442 -12.37 6.06 -45.75
N LYS E 443 -12.61 5.91 -47.05
CA LYS E 443 -13.73 6.60 -47.72
C LYS E 443 -15.11 6.17 -47.22
N GLY E 444 -15.17 4.96 -46.67
CA GLY E 444 -16.39 4.45 -46.02
C GLY E 444 -16.71 5.20 -44.74
N PHE E 445 -15.71 5.31 -43.86
CA PHE E 445 -15.86 6.03 -42.60
C PHE E 445 -16.03 7.54 -42.77
N GLN E 446 -15.40 8.10 -43.81
CA GLN E 446 -15.46 9.53 -44.09
C GLN E 446 -16.87 9.96 -44.49
N GLN E 447 -17.59 9.05 -45.17
CA GLN E 447 -18.96 9.27 -45.62
C GLN E 447 -19.98 9.26 -44.49
N ILE E 448 -19.65 8.58 -43.38
CA ILE E 448 -20.52 8.55 -42.20
C ILE E 448 -20.44 9.89 -41.46
N LEU E 449 -19.22 10.40 -41.32
CA LEU E 449 -18.95 11.68 -40.67
C LEU E 449 -19.50 12.87 -41.48
N ALA E 450 -19.53 12.70 -42.81
CA ALA E 450 -20.03 13.73 -43.71
C ALA E 450 -21.55 13.81 -43.71
N GLY E 451 -22.20 12.75 -43.23
CA GLY E 451 -23.65 12.71 -43.06
C GLY E 451 -24.39 12.06 -44.23
N GLU E 452 -23.64 11.52 -45.17
CA GLU E 452 -24.19 10.96 -46.41
C GLU E 452 -25.01 9.68 -46.23
N TYR E 453 -25.08 9.19 -44.99
CA TYR E 453 -25.83 7.98 -44.66
C TYR E 453 -26.73 8.13 -43.42
N ASP E 454 -27.21 9.36 -43.19
CA ASP E 454 -28.13 9.65 -42.08
C ASP E 454 -29.54 9.14 -42.34
N HIS E 455 -29.84 8.87 -43.61
CA HIS E 455 -31.14 8.37 -44.03
C HIS E 455 -31.25 6.85 -43.96
N LEU E 456 -30.16 6.20 -43.56
CA LEU E 456 -30.11 4.74 -43.46
C LEU E 456 -30.16 4.27 -42.01
N PRO E 457 -30.79 3.09 -41.78
CA PRO E 457 -30.83 2.50 -40.44
C PRO E 457 -29.46 1.98 -40.01
N GLU E 458 -29.25 1.87 -38.69
CA GLU E 458 -27.96 1.47 -38.11
C GLU E 458 -27.56 0.04 -38.48
N GLN E 459 -28.53 -0.86 -38.50
CA GLN E 459 -28.28 -2.29 -38.66
C GLN E 459 -27.71 -2.67 -40.04
N ALA E 460 -27.75 -1.73 -40.98
CA ALA E 460 -27.14 -1.90 -42.30
C ALA E 460 -25.62 -1.77 -42.24
N PHE E 461 -25.13 -1.02 -41.26
CA PHE E 461 -23.69 -0.79 -41.08
C PHE E 461 -23.04 -1.88 -40.23
N TYR E 462 -23.87 -2.70 -39.58
CA TYR E 462 -23.42 -3.71 -38.63
C TYR E 462 -22.99 -5.00 -39.33
N MET E 463 -21.80 -5.47 -38.96
CA MET E 463 -21.21 -6.72 -39.48
C MET E 463 -21.17 -6.83 -41.01
N VAL E 464 -20.58 -5.81 -41.65
CA VAL E 464 -20.37 -5.82 -43.11
C VAL E 464 -18.94 -5.48 -43.49
N GLY E 465 -18.63 -5.60 -44.78
CA GLY E 465 -17.30 -5.29 -45.31
C GLY E 465 -17.19 -3.84 -45.77
N PRO E 466 -17.08 -3.63 -47.10
CA PRO E 466 -17.03 -2.30 -47.69
C PRO E 466 -18.37 -1.58 -47.60
N ILE E 467 -18.35 -0.26 -47.77
CA ILE E 467 -19.56 0.56 -47.66
C ILE E 467 -20.64 0.21 -48.69
N GLU E 468 -20.23 -0.50 -49.74
CA GLU E 468 -21.15 -0.98 -50.79
C GLU E 468 -22.11 -2.02 -50.21
N GLU E 469 -21.67 -2.72 -49.18
CA GLU E 469 -22.50 -3.69 -48.45
C GLU E 469 -23.43 -2.98 -47.47
N ALA E 470 -22.99 -1.83 -46.97
CA ALA E 470 -23.79 -1.02 -46.05
C ALA E 470 -25.00 -0.38 -46.74
N VAL E 471 -24.85 -0.10 -48.03
CA VAL E 471 -25.95 0.42 -48.84
C VAL E 471 -26.90 -0.72 -49.22
N ALA E 472 -26.33 -1.84 -49.65
CA ALA E 472 -27.10 -2.99 -50.16
C ALA E 472 -27.86 -3.77 -49.09
N LYS E 473 -27.31 -3.85 -47.88
CA LYS E 473 -27.93 -4.57 -46.77
C LYS E 473 -29.24 -3.92 -46.33
N ALA E 474 -29.31 -2.60 -46.42
CA ALA E 474 -30.52 -1.84 -46.08
C ALA E 474 -31.69 -2.15 -47.02
N ASP E 475 -31.36 -2.42 -48.28
CA ASP E 475 -32.36 -2.77 -49.30
C ASP E 475 -32.95 -4.17 -49.06
N LYS E 476 -32.12 -5.09 -48.58
CA LYS E 476 -32.56 -6.47 -48.29
C LYS E 476 -33.47 -6.54 -47.07
N LEU E 477 -33.17 -5.72 -46.07
CA LEU E 477 -33.92 -5.69 -44.81
C LEU E 477 -35.32 -5.08 -44.97
N ALA E 478 -36.25 -5.55 -44.15
CA ALA E 478 -37.65 -5.10 -44.14
C ALA E 478 -38.34 -5.24 -45.50
N THR F 13 57.75 4.87 6.44
CA THR F 13 58.23 3.86 5.46
C THR F 13 57.37 3.84 4.19
N THR F 14 57.68 2.92 3.27
CA THR F 14 56.99 2.86 1.97
C THR F 14 56.27 1.53 1.71
N GLY F 15 55.07 1.61 1.15
CA GLY F 15 54.29 0.43 0.81
C GLY F 15 54.17 0.24 -0.69
N ARG F 16 53.56 -0.86 -1.11
CA ARG F 16 53.29 -1.16 -2.51
C ARG F 16 51.82 -1.46 -2.62
N ILE F 17 51.21 -0.98 -3.70
CA ILE F 17 49.80 -1.20 -3.99
C ILE F 17 49.57 -2.64 -4.47
N VAL F 18 48.59 -3.32 -3.88
CA VAL F 18 48.33 -4.72 -4.22
C VAL F 18 46.95 -4.94 -4.84
N ALA F 19 46.05 -3.97 -4.67
CA ALA F 19 44.73 -4.02 -5.27
C ALA F 19 44.12 -2.64 -5.44
N VAL F 20 43.34 -2.46 -6.51
CA VAL F 20 42.64 -1.22 -6.75
C VAL F 20 41.23 -1.51 -7.26
N ILE F 21 40.23 -0.99 -6.57
CA ILE F 21 38.88 -0.95 -7.14
C ILE F 21 38.20 0.36 -6.79
N GLY F 22 38.01 1.21 -7.81
CA GLY F 22 37.48 2.56 -7.61
C GLY F 22 38.30 3.25 -6.54
N ALA F 23 37.61 3.82 -5.57
CA ALA F 23 38.23 4.56 -4.48
C ALA F 23 38.99 3.73 -3.45
N VAL F 24 38.90 2.41 -3.51
CA VAL F 24 39.49 1.55 -2.46
C VAL F 24 40.74 0.85 -2.97
N VAL F 25 41.86 1.09 -2.27
CA VAL F 25 43.20 0.64 -2.68
C VAL F 25 43.81 -0.19 -1.55
N ASP F 26 44.32 -1.40 -1.83
CA ASP F 26 45.03 -2.14 -0.78
C ASP F 26 46.54 -1.94 -0.92
N VAL F 27 47.21 -1.76 0.21
CA VAL F 27 48.63 -1.42 0.25
C VAL F 27 49.35 -2.34 1.23
N GLN F 28 50.40 -2.99 0.77
CA GLN F 28 51.21 -3.86 1.61
C GLN F 28 52.51 -3.15 2.00
N PHE F 29 52.84 -3.18 3.29
CA PHE F 29 54.06 -2.60 3.85
C PHE F 29 54.95 -3.73 4.39
N ASP F 30 56.23 -3.73 4.03
CA ASP F 30 57.17 -4.71 4.60
C ASP F 30 57.61 -4.38 6.02
N GLU F 31 57.71 -3.07 6.31
CA GLU F 31 58.00 -2.60 7.66
C GLU F 31 57.13 -1.37 7.96
N GLY F 32 56.92 -1.13 9.25
CA GLY F 32 56.18 0.05 9.72
C GLY F 32 54.80 0.21 9.11
N LEU F 33 53.83 -0.50 9.68
CA LEU F 33 52.44 -0.39 9.24
C LEU F 33 51.81 0.91 9.74
N PRO F 34 51.29 1.74 8.81
CA PRO F 34 50.77 3.04 9.23
C PRO F 34 49.45 2.87 10.00
N PRO F 35 49.29 3.60 11.12
CA PRO F 35 48.02 3.58 11.84
C PRO F 35 46.81 3.94 10.99
N ILE F 36 45.64 3.53 11.45
CA ILE F 36 44.38 3.90 10.81
C ILE F 36 44.26 5.43 10.83
N LEU F 37 43.77 5.98 9.72
CA LEU F 37 43.59 7.43 9.48
C LEU F 37 44.82 8.16 8.93
N ASN F 38 46.01 7.55 9.02
CA ASN F 38 47.24 8.15 8.45
C ASN F 38 47.05 8.38 6.94
N ALA F 39 47.60 9.49 6.44
CA ALA F 39 47.55 9.83 5.01
C ALA F 39 48.75 9.23 4.29
N LEU F 40 48.48 8.43 3.25
CA LEU F 40 49.57 7.88 2.44
C LEU F 40 49.71 8.66 1.14
N GLU F 41 50.94 8.79 0.64
CA GLU F 41 51.16 9.54 -0.59
C GLU F 41 51.55 8.56 -1.72
N VAL F 42 50.75 8.53 -2.77
CA VAL F 42 51.11 7.71 -3.92
C VAL F 42 52.21 8.39 -4.73
N GLN F 43 53.24 7.61 -5.06
CA GLN F 43 54.36 8.12 -5.83
C GLN F 43 54.04 7.99 -7.31
N GLY F 44 54.69 8.80 -8.13
CA GLY F 44 54.57 8.70 -9.58
C GLY F 44 53.28 9.27 -10.13
N ARG F 45 52.82 10.38 -9.56
CA ARG F 45 51.61 11.03 -10.06
C ARG F 45 51.74 12.53 -10.23
N GLU F 46 51.03 13.05 -11.22
CA GLU F 46 51.11 14.46 -11.62
C GLU F 46 50.60 15.43 -10.56
N THR F 47 49.55 15.02 -9.84
CA THR F 47 49.05 15.80 -8.70
C THR F 47 48.93 14.89 -7.49
N ARG F 48 49.03 15.47 -6.30
CA ARG F 48 49.06 14.75 -5.03
C ARG F 48 47.85 13.82 -4.87
N LEU F 49 48.14 12.53 -4.72
CA LEU F 49 47.10 11.53 -4.45
C LEU F 49 47.28 10.94 -3.06
N VAL F 50 46.35 11.27 -2.17
CA VAL F 50 46.40 10.80 -0.81
C VAL F 50 45.49 9.60 -0.68
N LEU F 51 45.99 8.57 0.00
CA LEU F 51 45.16 7.44 0.42
C LEU F 51 45.06 7.49 1.95
N GLU F 52 43.85 7.49 2.48
CA GLU F 52 43.69 7.46 3.94
C GLU F 52 43.48 6.03 4.42
N VAL F 53 44.29 5.59 5.37
CA VAL F 53 44.21 4.23 5.92
C VAL F 53 42.86 4.06 6.67
N ALA F 54 42.10 3.04 6.28
CA ALA F 54 40.78 2.78 6.85
C ALA F 54 40.76 1.53 7.73
N GLN F 55 41.54 0.52 7.34
CA GLN F 55 41.48 -0.80 7.98
C GLN F 55 42.86 -1.47 7.92
N HIS F 56 43.16 -2.25 8.96
CA HIS F 56 44.29 -3.16 8.94
C HIS F 56 43.69 -4.54 8.66
N LEU F 57 44.04 -5.09 7.52
CA LEU F 57 43.44 -6.34 7.04
C LEU F 57 44.13 -7.58 7.59
N GLY F 58 45.32 -7.39 8.17
CA GLY F 58 46.22 -8.50 8.46
C GLY F 58 47.27 -8.71 7.38
N GLU F 59 48.26 -9.53 7.68
CA GLU F 59 49.36 -9.85 6.75
C GLU F 59 50.05 -8.57 6.23
N SER F 60 50.26 -7.62 7.13
CA SER F 60 50.90 -6.32 6.82
C SER F 60 50.28 -5.56 5.65
N THR F 61 48.96 -5.65 5.52
CA THR F 61 48.25 -4.98 4.45
C THR F 61 47.22 -4.05 5.05
N VAL F 62 47.09 -2.88 4.46
CA VAL F 62 46.09 -1.92 4.88
C VAL F 62 45.14 -1.70 3.74
N ARG F 63 43.89 -1.38 4.08
CA ARG F 63 42.92 -1.00 3.09
C ARG F 63 42.69 0.49 3.28
N THR F 64 42.65 1.22 2.16
CA THR F 64 42.65 2.68 2.20
C THR F 64 41.61 3.24 1.25
N ILE F 65 41.32 4.53 1.44
CA ILE F 65 40.32 5.25 0.63
C ILE F 65 41.07 6.39 -0.07
N ALA F 66 40.94 6.44 -1.41
CA ALA F 66 41.60 7.48 -2.19
C ALA F 66 40.85 8.81 -2.11
N MET F 67 41.60 9.91 -2.08
CA MET F 67 41.04 11.26 -2.01
C MET F 67 40.92 11.95 -3.36
N ASP F 68 41.34 11.24 -4.42
CA ASP F 68 41.17 11.69 -5.80
C ASP F 68 41.05 10.44 -6.67
N GLY F 69 40.92 10.61 -7.99
CA GLY F 69 40.71 9.49 -8.91
C GLY F 69 41.87 8.49 -8.87
N THR F 70 41.56 7.21 -9.04
CA THR F 70 42.58 6.17 -9.01
C THR F 70 42.96 5.60 -10.39
N GLU F 71 42.43 6.18 -11.48
CA GLU F 71 42.84 5.77 -12.84
C GLU F 71 44.35 5.94 -12.96
N GLY F 72 44.99 5.00 -13.65
CA GLY F 72 46.43 5.08 -13.88
C GLY F 72 47.27 4.38 -12.84
N LEU F 73 46.66 3.95 -11.74
CA LEU F 73 47.39 3.21 -10.71
C LEU F 73 47.70 1.79 -11.18
N VAL F 74 48.84 1.27 -10.72
CA VAL F 74 49.35 -0.02 -11.20
C VAL F 74 49.70 -0.82 -9.96
N ARG F 75 49.42 -2.12 -9.97
CA ARG F 75 49.84 -2.96 -8.85
C ARG F 75 51.36 -2.98 -8.77
N GLY F 76 51.89 -2.70 -7.59
CA GLY F 76 53.34 -2.58 -7.40
C GLY F 76 53.74 -1.15 -7.15
N GLN F 77 52.88 -0.19 -7.53
CA GLN F 77 53.23 1.24 -7.45
C GLN F 77 53.49 1.62 -6.00
N LYS F 78 54.47 2.48 -5.76
CA LYS F 78 54.93 2.79 -4.40
C LYS F 78 54.10 3.84 -3.69
N VAL F 79 54.04 3.73 -2.37
CA VAL F 79 53.21 4.60 -1.52
C VAL F 79 54.05 4.99 -0.29
N LEU F 80 54.00 6.26 0.09
CA LEU F 80 54.77 6.75 1.24
C LEU F 80 53.85 7.16 2.39
N ASP F 81 54.15 6.67 3.59
CA ASP F 81 53.43 7.03 4.81
C ASP F 81 53.87 8.41 5.26
N SER F 82 52.94 9.36 5.37
CA SER F 82 53.30 10.72 5.84
C SER F 82 53.55 10.77 7.35
N GLY F 83 53.07 9.76 8.06
CA GLY F 83 53.24 9.67 9.52
C GLY F 83 52.20 10.44 10.31
N ALA F 84 51.12 10.85 9.65
CA ALA F 84 50.05 11.61 10.32
C ALA F 84 48.80 11.57 9.46
N PRO F 85 47.63 11.92 10.03
CA PRO F 85 46.42 12.10 9.23
C PRO F 85 46.56 13.24 8.20
N ILE F 86 45.55 13.39 7.33
CA ILE F 86 45.50 14.52 6.41
C ILE F 86 45.56 15.79 7.25
N ARG F 87 46.48 16.69 6.93
CA ARG F 87 46.62 17.93 7.70
C ARG F 87 46.43 19.12 6.76
N ILE F 88 45.70 20.13 7.25
CA ILE F 88 45.33 21.30 6.42
C ILE F 88 45.73 22.66 7.05
N PRO F 89 45.88 23.71 6.21
CA PRO F 89 46.01 25.08 6.68
C PRO F 89 44.81 25.52 7.53
N VAL F 90 45.05 25.99 8.75
CA VAL F 90 44.01 26.64 9.57
C VAL F 90 44.51 28.01 10.05
N GLY F 91 43.59 28.92 10.33
CA GLY F 91 43.95 30.28 10.71
C GLY F 91 43.35 31.33 9.78
N PRO F 92 43.61 32.61 10.10
CA PRO F 92 43.01 33.73 9.40
C PRO F 92 43.36 33.77 7.92
N GLU F 93 44.48 33.14 7.55
CA GLU F 93 44.92 33.13 6.16
C GLU F 93 44.04 32.27 5.25
N THR F 94 43.12 31.50 5.86
CA THR F 94 42.13 30.70 5.11
C THR F 94 40.95 31.56 4.64
N LEU F 95 40.77 32.71 5.28
CA LEU F 95 39.62 33.56 4.97
C LEU F 95 39.78 34.17 3.59
N GLY F 96 38.70 34.13 2.81
CA GLY F 96 38.74 34.59 1.42
C GLY F 96 39.41 33.62 0.47
N ARG F 97 39.86 32.47 0.98
CA ARG F 97 40.50 31.45 0.12
C ARG F 97 39.56 30.30 -0.14
N ILE F 98 39.85 29.53 -1.20
CA ILE F 98 39.19 28.25 -1.43
C ILE F 98 40.18 27.06 -1.36
N MET F 99 39.85 26.06 -0.54
CA MET F 99 40.65 24.87 -0.32
C MET F 99 39.85 23.66 -0.76
N ASN F 100 40.53 22.61 -1.22
CA ASN F 100 39.88 21.30 -1.43
C ASN F 100 39.99 20.41 -0.16
N VAL F 101 39.63 19.12 -0.28
CA VAL F 101 39.66 18.16 0.84
C VAL F 101 40.98 18.09 1.59
N ILE F 102 42.08 18.14 0.84
CA ILE F 102 43.40 17.96 1.44
C ILE F 102 44.13 19.30 1.72
N GLY F 103 43.36 20.39 1.69
CA GLY F 103 43.86 21.72 2.09
C GLY F 103 44.62 22.47 1.01
N GLU F 104 44.64 21.96 -0.23
CA GLU F 104 45.32 22.65 -1.33
C GLU F 104 44.47 23.81 -1.80
N PRO F 105 45.12 24.96 -2.13
CA PRO F 105 44.40 26.08 -2.74
C PRO F 105 43.91 25.70 -4.13
N ILE F 106 42.65 26.02 -4.41
CA ILE F 106 42.05 25.76 -5.70
C ILE F 106 41.53 27.07 -6.34
N ASP F 107 42.03 28.21 -5.84
CA ASP F 107 41.60 29.52 -6.33
C ASP F 107 42.69 30.26 -7.12
N GLU F 108 43.74 29.53 -7.49
CA GLU F 108 44.86 30.06 -8.28
C GLU F 108 45.56 31.30 -7.69
N ARG F 109 45.54 31.41 -6.36
CA ARG F 109 46.14 32.57 -5.66
C ARG F 109 47.40 32.21 -4.85
N GLY F 110 47.96 31.02 -5.11
CA GLY F 110 49.23 30.62 -4.51
C GLY F 110 49.04 30.00 -3.14
N PRO F 111 50.15 29.77 -2.40
CA PRO F 111 50.07 29.10 -1.11
C PRO F 111 49.22 29.81 -0.06
N ILE F 112 48.63 29.02 0.83
CA ILE F 112 47.93 29.56 1.98
C ILE F 112 48.94 29.59 3.13
N LYS F 113 49.49 30.78 3.38
CA LYS F 113 50.62 30.96 4.29
C LYS F 113 50.19 31.05 5.76
N THR F 114 49.59 29.97 6.25
CA THR F 114 49.15 29.89 7.64
C THR F 114 50.33 29.58 8.56
N LYS F 115 50.20 29.97 9.83
CA LYS F 115 51.22 29.73 10.84
C LYS F 115 51.01 28.41 11.59
N GLN F 116 49.90 27.73 11.28
CA GLN F 116 49.58 26.44 11.88
C GLN F 116 48.91 25.53 10.87
N PHE F 117 49.04 24.23 11.09
CA PHE F 117 48.23 23.24 10.39
C PHE F 117 47.45 22.41 11.40
N ALA F 118 46.42 21.73 10.93
CA ALA F 118 45.65 20.85 11.80
C ALA F 118 45.20 19.61 11.02
N ALA F 119 45.24 18.47 11.70
CA ALA F 119 44.69 17.22 11.20
C ALA F 119 43.17 17.32 11.11
N ILE F 120 42.59 16.75 10.05
CA ILE F 120 41.14 16.87 9.80
C ILE F 120 40.31 15.90 10.64
N HIS F 121 40.99 14.97 11.31
CA HIS F 121 40.37 14.07 12.26
C HIS F 121 40.71 14.54 13.67
N ALA F 122 39.68 14.77 14.47
CA ALA F 122 39.90 15.16 15.86
C ALA F 122 38.81 14.60 16.76
N GLU F 123 39.14 14.39 18.03
CA GLU F 123 38.17 13.93 19.04
C GLU F 123 37.07 14.98 19.21
N ALA F 124 35.82 14.55 19.24
CA ALA F 124 34.72 15.46 19.55
C ALA F 124 34.91 16.04 20.95
N PRO F 125 34.55 17.32 21.14
CA PRO F 125 34.55 17.90 22.47
C PRO F 125 33.89 16.99 23.51
N GLU F 126 34.49 16.89 24.69
CA GLU F 126 33.96 16.07 25.77
C GLU F 126 32.70 16.70 26.38
N PHE F 127 31.92 15.85 27.05
CA PHE F 127 30.76 16.29 27.80
C PHE F 127 31.02 17.51 28.70
N VAL F 128 32.18 17.57 29.35
CA VAL F 128 32.53 18.69 30.25
C VAL F 128 32.64 20.02 29.51
N GLU F 129 32.95 19.96 28.22
CA GLU F 129 33.17 21.14 27.40
C GLU F 129 31.88 21.78 26.87
N MET F 130 30.73 21.17 27.15
CA MET F 130 29.47 21.61 26.57
C MET F 130 28.96 22.93 27.16
N SER F 131 28.28 23.73 26.33
CA SER F 131 27.57 24.92 26.80
C SER F 131 26.05 24.68 26.79
N VAL F 132 25.33 25.40 27.64
CA VAL F 132 23.87 25.29 27.66
C VAL F 132 23.17 26.62 27.40
N GLU F 133 23.90 27.56 26.79
CA GLU F 133 23.38 28.90 26.52
C GLU F 133 22.37 28.87 25.38
N GLN F 134 21.17 29.36 25.66
CA GLN F 134 20.09 29.43 24.68
C GLN F 134 19.71 30.88 24.43
N GLU F 135 19.99 31.36 23.22
CA GLU F 135 19.69 32.74 22.86
C GLU F 135 19.15 32.75 21.44
N ILE F 136 18.03 33.43 21.23
CA ILE F 136 17.38 33.48 19.91
C ILE F 136 18.26 34.12 18.85
N LEU F 137 18.23 33.55 17.66
CA LEU F 137 18.87 34.13 16.49
C LEU F 137 17.81 34.51 15.46
N VAL F 138 17.44 35.79 15.43
CA VAL F 138 16.38 36.27 14.51
C VAL F 138 16.85 36.25 13.06
N THR F 139 16.06 35.59 12.20
CA THR F 139 16.40 35.41 10.79
C THR F 139 15.76 36.42 9.85
N GLY F 140 14.66 37.03 10.28
CA GLY F 140 13.86 37.86 9.38
C GLY F 140 12.95 37.03 8.48
N ILE F 141 12.95 35.72 8.69
CA ILE F 141 12.09 34.80 7.94
C ILE F 141 10.91 34.38 8.83
N LYS F 142 9.70 34.78 8.42
CA LYS F 142 8.50 34.61 9.22
C LYS F 142 8.26 33.20 9.76
N VAL F 143 8.25 32.18 8.90
CA VAL F 143 7.94 30.79 9.36
C VAL F 143 8.93 30.31 10.41
N VAL F 144 10.20 30.64 10.20
CA VAL F 144 11.27 30.17 11.10
C VAL F 144 11.18 30.92 12.43
N ASP F 145 11.24 32.24 12.36
CA ASP F 145 11.18 33.08 13.55
C ASP F 145 9.94 32.78 14.39
N LEU F 146 8.80 32.57 13.74
CA LEU F 146 7.56 32.32 14.45
C LEU F 146 7.46 30.93 15.07
N LEU F 147 7.63 29.89 14.25
CA LEU F 147 7.28 28.52 14.64
C LEU F 147 8.41 27.68 15.21
N ALA F 148 9.62 27.90 14.71
CA ALA F 148 10.77 27.08 15.08
C ALA F 148 12.07 27.89 15.01
N PRO F 149 12.25 28.85 15.94
CA PRO F 149 13.39 29.79 15.87
C PRO F 149 14.75 29.16 16.10
N TYR F 150 15.75 29.75 15.45
CA TYR F 150 17.12 29.28 15.54
C TYR F 150 17.77 29.86 16.78
N ALA F 151 18.78 29.15 17.30
CA ALA F 151 19.55 29.67 18.43
C ALA F 151 20.97 30.00 18.02
N LYS F 152 21.47 31.12 18.53
CA LYS F 152 22.88 31.45 18.41
C LYS F 152 23.70 30.32 19.04
N GLY F 153 24.71 29.85 18.32
CA GLY F 153 25.54 28.75 18.81
C GLY F 153 24.86 27.39 18.77
N GLY F 154 23.66 27.33 18.18
CA GLY F 154 22.93 26.08 18.02
C GLY F 154 23.15 25.37 16.68
N LYS F 155 22.66 24.13 16.60
CA LYS F 155 22.71 23.33 15.38
C LYS F 155 21.39 23.36 14.64
N ILE F 156 21.46 23.83 13.40
CA ILE F 156 20.28 24.04 12.57
C ILE F 156 20.39 23.12 11.36
N GLY F 157 19.26 22.51 11.00
CA GLY F 157 19.18 21.62 9.84
C GLY F 157 18.01 21.94 8.93
N LEU F 158 18.27 21.91 7.62
CA LEU F 158 17.28 22.22 6.59
C LEU F 158 17.01 20.98 5.74
N PHE F 159 15.88 20.34 5.96
CA PHE F 159 15.54 19.10 5.26
C PHE F 159 14.73 19.35 4.01
N GLY F 160 15.06 18.65 2.93
CA GLY F 160 14.25 18.77 1.71
C GLY F 160 14.61 17.75 0.66
N GLY F 161 13.60 17.35 -0.11
CA GLY F 161 13.80 16.50 -1.28
C GLY F 161 14.41 17.32 -2.40
N ALA F 162 14.57 16.70 -3.56
CA ALA F 162 15.17 17.36 -4.74
C ALA F 162 14.42 18.63 -5.20
N GLY F 163 15.14 19.75 -5.20
CA GLY F 163 14.64 21.00 -5.74
C GLY F 163 13.53 21.69 -4.99
N VAL F 164 13.50 21.54 -3.67
CA VAL F 164 12.44 22.17 -2.88
C VAL F 164 12.84 23.50 -2.23
N GLY F 165 14.14 23.78 -2.14
CA GLY F 165 14.59 25.10 -1.70
C GLY F 165 15.64 25.19 -0.61
N LYS F 166 16.38 24.10 -0.40
CA LYS F 166 17.42 24.06 0.65
C LYS F 166 18.51 25.09 0.45
N THR F 167 19.00 25.20 -0.79
CA THR F 167 20.12 26.10 -1.14
C THR F 167 19.68 27.55 -1.16
N VAL F 168 18.53 27.81 -1.76
CA VAL F 168 17.93 29.15 -1.71
C VAL F 168 17.81 29.59 -0.24
N LEU F 169 17.29 28.71 0.61
CA LEU F 169 17.13 29.02 2.03
C LEU F 169 18.48 29.26 2.71
N ILE F 170 19.45 28.36 2.50
CA ILE F 170 20.76 28.55 3.11
C ILE F 170 21.43 29.87 2.67
N MET F 171 21.25 30.23 1.39
CA MET F 171 21.80 31.48 0.85
C MET F 171 21.08 32.71 1.41
N GLU F 172 19.79 32.58 1.72
CA GLU F 172 19.05 33.66 2.36
C GLU F 172 19.56 33.86 3.79
N LEU F 173 19.80 32.73 4.48
CA LEU F 173 20.32 32.74 5.84
C LEU F 173 21.71 33.39 5.90
N ILE F 174 22.58 33.05 4.96
CA ILE F 174 23.90 33.70 4.84
C ILE F 174 23.76 35.21 4.64
N ASN F 175 22.84 35.60 3.77
CA ASN F 175 22.56 37.02 3.53
C ASN F 175 21.95 37.73 4.74
N ASN F 176 21.05 37.05 5.45
CA ASN F 176 20.27 37.67 6.55
C ASN F 176 20.95 37.71 7.91
N VAL F 177 21.80 36.72 8.16
CA VAL F 177 22.39 36.49 9.48
C VAL F 177 23.89 36.83 9.56
N ALA F 178 24.64 36.58 8.49
CA ALA F 178 26.09 36.77 8.50
C ALA F 178 26.48 38.21 8.76
N LYS F 179 25.73 39.13 8.17
CA LYS F 179 25.95 40.57 8.34
C LYS F 179 25.82 40.95 9.82
N ALA F 180 24.70 40.56 10.43
CA ALA F 180 24.41 40.86 11.84
C ALA F 180 25.42 40.22 12.79
N HIS F 181 25.88 39.02 12.44
CA HIS F 181 26.94 38.33 13.18
C HIS F 181 28.26 39.08 13.01
N GLY F 182 29.01 39.23 14.10
CA GLY F 182 30.23 40.03 14.07
C GLY F 182 31.53 39.24 14.12
N GLY F 183 31.64 38.22 13.27
CA GLY F 183 32.81 37.33 13.26
C GLY F 183 33.07 36.65 11.93
N TYR F 184 33.56 35.41 11.99
CA TYR F 184 33.96 34.68 10.79
C TYR F 184 32.98 33.60 10.39
N SER F 185 32.91 33.34 9.08
CA SER F 185 32.10 32.25 8.51
C SER F 185 32.96 31.24 7.77
N VAL F 186 32.48 30.00 7.71
CA VAL F 186 33.04 28.95 6.86
C VAL F 186 31.90 28.34 6.05
N PHE F 187 32.09 28.23 4.73
CA PHE F 187 31.11 27.51 3.92
C PHE F 187 31.78 26.27 3.38
N ALA F 188 31.21 25.10 3.68
CA ALA F 188 31.68 23.83 3.07
C ALA F 188 30.68 23.32 2.04
N GLY F 189 31.14 23.19 0.80
CA GLY F 189 30.34 22.58 -0.27
C GLY F 189 30.68 21.11 -0.28
N VAL F 190 29.70 20.26 0.05
CA VAL F 190 29.87 18.80 0.11
C VAL F 190 28.92 18.16 -0.89
N GLY F 191 29.50 17.68 -2.00
CA GLY F 191 28.77 16.90 -3.00
C GLY F 191 27.67 17.65 -3.71
N GLU F 192 27.85 18.97 -3.82
CA GLU F 192 26.86 19.76 -4.52
C GLU F 192 27.39 20.33 -5.85
N ARG F 193 26.69 21.31 -6.43
CA ARG F 193 26.99 21.74 -7.79
C ARG F 193 28.24 22.64 -7.82
N THR F 194 29.17 22.35 -8.72
CA THR F 194 30.37 23.19 -8.84
C THR F 194 30.03 24.62 -9.24
N ARG F 195 29.06 24.80 -10.13
CA ARG F 195 28.66 26.16 -10.52
C ARG F 195 28.02 27.02 -9.40
N GLU F 196 27.44 26.36 -8.40
CA GLU F 196 26.93 27.07 -7.21
C GLU F 196 28.10 27.56 -6.40
N GLY F 197 29.17 26.78 -6.40
CA GLY F 197 30.42 27.22 -5.78
C GLY F 197 30.99 28.43 -6.49
N ASN F 198 30.99 28.40 -7.83
CA ASN F 198 31.48 29.54 -8.61
C ASN F 198 30.60 30.77 -8.41
N ASP F 199 29.27 30.58 -8.45
CA ASP F 199 28.34 31.68 -8.20
C ASP F 199 28.63 32.31 -6.84
N LEU F 200 28.72 31.48 -5.80
CA LEU F 200 28.90 31.96 -4.43
C LEU F 200 30.19 32.77 -4.27
N TYR F 201 31.30 32.23 -4.75
CA TYR F 201 32.60 32.88 -4.71
C TYR F 201 32.60 34.29 -5.32
N HIS F 202 32.12 34.40 -6.56
CA HIS F 202 32.12 35.68 -7.27
C HIS F 202 31.12 36.69 -6.70
N GLU F 203 30.00 36.20 -6.19
CA GLU F 203 29.04 37.07 -5.50
C GLU F 203 29.66 37.66 -4.24
N MET F 204 30.45 36.88 -3.52
CA MET F 204 31.12 37.39 -2.31
C MET F 204 32.24 38.40 -2.58
N ILE F 205 32.95 38.20 -3.70
CA ILE F 205 33.94 39.18 -4.18
C ILE F 205 33.24 40.51 -4.54
N GLU F 206 32.11 40.40 -5.22
CA GLU F 206 31.33 41.56 -5.62
C GLU F 206 30.82 42.34 -4.40
N SER F 207 30.22 41.63 -3.44
CA SER F 207 29.68 42.24 -2.23
C SER F 207 30.77 42.73 -1.27
N GLY F 208 31.94 42.12 -1.34
CA GLY F 208 33.06 42.52 -0.51
C GLY F 208 33.30 41.66 0.73
N VAL F 209 32.45 40.66 0.96
CA VAL F 209 32.67 39.78 2.12
C VAL F 209 33.92 38.92 1.91
N ILE F 210 34.25 38.67 0.65
CA ILE F 210 35.58 38.21 0.28
C ILE F 210 36.31 39.41 -0.34
N ASN F 211 37.52 39.66 0.12
CA ASN F 211 38.35 40.69 -0.47
C ASN F 211 39.63 40.05 -1.04
N LEU F 212 39.95 40.36 -2.29
CA LEU F 212 41.13 39.77 -2.94
C LEU F 212 42.40 40.61 -2.75
N LYS F 213 42.22 41.78 -2.14
CA LYS F 213 43.32 42.70 -1.87
C LYS F 213 43.78 42.67 -0.41
N ASP F 214 42.86 43.00 0.49
CA ASP F 214 43.16 43.16 1.91
C ASP F 214 42.96 41.86 2.71
N ALA F 215 43.31 41.90 3.99
CA ALA F 215 43.03 40.80 4.90
C ALA F 215 41.65 40.96 5.56
N THR F 216 40.71 41.56 4.83
CA THR F 216 39.38 41.86 5.38
C THR F 216 38.29 40.79 5.07
N SER F 217 38.65 39.72 4.37
CA SER F 217 37.70 38.65 4.07
C SER F 217 37.13 38.03 5.35
N LYS F 218 35.83 37.75 5.34
CA LYS F 218 35.14 37.19 6.52
C LYS F 218 34.63 35.76 6.31
N VAL F 219 34.97 35.15 5.18
CA VAL F 219 34.50 33.79 4.86
C VAL F 219 35.61 32.91 4.31
N ALA F 220 35.74 31.70 4.85
CA ALA F 220 36.66 30.70 4.33
C ALA F 220 35.84 29.66 3.54
N LEU F 221 36.28 29.33 2.33
CA LEU F 221 35.55 28.37 1.52
C LEU F 221 36.32 27.05 1.43
N VAL F 222 35.59 25.93 1.57
CA VAL F 222 36.12 24.57 1.36
C VAL F 222 35.14 23.78 0.48
N TYR F 223 35.62 23.20 -0.61
CA TYR F 223 34.73 22.58 -1.62
C TYR F 223 35.16 21.19 -2.07
N GLY F 224 34.19 20.28 -2.10
CA GLY F 224 34.40 18.96 -2.67
C GLY F 224 33.05 18.53 -3.24
N GLN F 225 32.83 18.83 -4.51
CA GLN F 225 31.48 18.78 -5.08
C GLN F 225 31.16 17.44 -5.74
N MET F 226 30.00 17.37 -6.41
CA MET F 226 29.51 16.10 -7.00
C MET F 226 30.27 15.57 -8.22
N ASN F 227 31.30 16.31 -8.66
CA ASN F 227 32.24 15.81 -9.68
C ASN F 227 33.33 14.90 -9.09
N GLU F 228 33.48 14.96 -7.77
CA GLU F 228 34.53 14.27 -7.01
C GLU F 228 34.22 12.81 -6.69
N PRO F 229 35.28 11.97 -6.62
CA PRO F 229 35.09 10.56 -6.24
C PRO F 229 34.74 10.49 -4.75
N PRO F 230 34.16 9.36 -4.29
CA PRO F 230 33.57 9.27 -2.94
C PRO F 230 34.46 9.56 -1.72
N GLY F 231 35.75 9.22 -1.79
CA GLY F 231 36.65 9.51 -0.67
C GLY F 231 36.69 10.99 -0.33
N ALA F 232 36.75 11.81 -1.36
CA ALA F 232 36.78 13.25 -1.21
C ALA F 232 35.44 13.78 -0.66
N ARG F 233 34.34 13.27 -1.21
CA ARG F 233 33.00 13.68 -0.74
C ARG F 233 32.75 13.26 0.70
N ALA F 234 33.35 12.13 1.11
CA ALA F 234 33.20 11.66 2.49
C ALA F 234 34.05 12.48 3.47
N ARG F 235 35.23 12.91 3.04
CA ARG F 235 36.13 13.64 3.95
C ARG F 235 36.01 15.16 4.00
N VAL F 236 35.45 15.76 2.96
CA VAL F 236 35.53 17.21 2.81
C VAL F 236 34.76 18.01 3.89
N ALA F 237 33.65 17.45 4.40
CA ALA F 237 32.95 18.08 5.54
C ALA F 237 33.87 18.18 6.77
N LEU F 238 34.74 17.18 6.94
CA LEU F 238 35.78 17.23 7.99
C LEU F 238 36.79 18.36 7.76
N THR F 239 37.18 18.57 6.50
CA THR F 239 38.04 19.71 6.15
C THR F 239 37.43 21.06 6.57
N GLY F 240 36.17 21.28 6.27
CA GLY F 240 35.50 22.54 6.60
C GLY F 240 35.32 22.73 8.10
N LEU F 241 34.92 21.66 8.75
CA LEU F 241 34.72 21.63 10.18
C LEU F 241 36.03 21.88 10.94
N THR F 242 37.14 21.42 10.38
CA THR F 242 38.44 21.64 11.01
C THR F 242 38.83 23.12 10.99
N VAL F 243 38.53 23.80 9.88
CA VAL F 243 38.73 25.25 9.76
C VAL F 243 37.86 26.02 10.76
N ALA F 244 36.59 25.65 10.86
CA ALA F 244 35.69 26.27 11.86
C ALA F 244 36.15 26.03 13.30
N GLU F 245 36.67 24.84 13.57
CA GLU F 245 37.13 24.46 14.93
C GLU F 245 38.26 25.35 15.44
N TYR F 246 39.18 25.69 14.55
CA TYR F 246 40.26 26.62 14.86
C TYR F 246 39.73 28.01 15.23
N PHE F 247 38.80 28.55 14.44
CA PHE F 247 38.23 29.85 14.77
C PHE F 247 37.50 29.85 16.12
N ARG F 248 36.78 28.76 16.41
CA ARG F 248 36.08 28.60 17.69
C ARG F 248 37.05 28.55 18.86
N ASP F 249 38.15 27.80 18.71
CA ASP F 249 39.06 27.53 19.82
C ASP F 249 40.24 28.49 19.96
N GLN F 250 40.98 28.70 18.87
CA GLN F 250 42.13 29.62 18.90
C GLN F 250 41.66 31.02 18.53
N GLU F 251 41.00 31.64 19.51
CA GLU F 251 40.34 32.95 19.43
C GLU F 251 39.27 32.97 20.50
N GLY F 252 38.67 31.80 20.73
CA GLY F 252 37.56 31.62 21.66
C GLY F 252 36.27 32.20 21.13
N GLN F 253 36.06 32.10 19.82
CA GLN F 253 35.16 33.02 19.13
C GLN F 253 33.89 32.48 18.47
N ASP F 254 33.05 33.41 18.02
CA ASP F 254 31.79 33.10 17.38
C ASP F 254 32.00 32.84 15.88
N VAL F 255 31.80 31.59 15.48
CA VAL F 255 31.92 31.19 14.08
C VAL F 255 30.56 30.81 13.53
N LEU F 256 30.33 31.14 12.27
CA LEU F 256 29.22 30.58 11.53
C LEU F 256 29.76 29.48 10.64
N LEU F 257 29.09 28.34 10.60
CA LEU F 257 29.49 27.24 9.71
C LEU F 257 28.30 26.84 8.84
N PHE F 258 28.46 26.88 7.52
CA PHE F 258 27.39 26.53 6.59
C PHE F 258 27.80 25.33 5.77
N ILE F 259 26.90 24.36 5.67
CA ILE F 259 27.20 23.15 4.92
C ILE F 259 26.05 22.83 4.00
N ASP F 260 26.39 22.66 2.72
CA ASP F 260 25.49 22.17 1.71
C ASP F 260 26.30 21.16 0.90
N ASN F 261 26.05 19.85 1.02
CA ASN F 261 24.90 19.26 1.71
C ASN F 261 25.39 18.04 2.53
N ILE F 262 25.05 18.00 3.81
CA ILE F 262 25.65 16.99 4.68
C ILE F 262 25.22 15.54 4.34
N PHE F 263 24.08 15.37 3.66
CA PHE F 263 23.66 14.05 3.21
C PHE F 263 24.75 13.38 2.38
N ARG F 264 25.50 14.19 1.63
CA ARG F 264 26.40 13.67 0.61
C ARG F 264 27.58 12.97 1.25
N PHE F 265 27.90 13.39 2.47
CA PHE F 265 28.82 12.70 3.37
C PHE F 265 28.42 11.24 3.63
N THR F 266 27.13 11.02 3.88
CA THR F 266 26.59 9.70 4.20
C THR F 266 26.49 8.87 2.93
N GLN F 267 26.04 9.52 1.86
CA GLN F 267 25.95 8.86 0.58
C GLN F 267 27.34 8.39 0.13
N ALA F 268 28.35 9.24 0.30
CA ALA F 268 29.71 8.88 -0.11
C ALA F 268 30.24 7.71 0.71
N GLY F 269 29.79 7.65 1.96
CA GLY F 269 30.14 6.54 2.86
C GLY F 269 29.57 5.22 2.36
N SER F 270 28.41 5.27 1.69
CA SER F 270 27.75 4.06 1.22
C SER F 270 28.38 3.54 -0.04
N GLU F 271 28.87 4.45 -0.89
CA GLU F 271 29.59 4.03 -2.10
C GLU F 271 30.90 3.27 -1.83
N VAL F 272 31.62 3.64 -0.77
CA VAL F 272 32.86 2.94 -0.43
C VAL F 272 32.65 1.73 0.50
N SER F 273 31.59 1.76 1.32
CA SER F 273 31.24 0.63 2.16
C SER F 273 31.03 -0.59 1.28
N ALA F 274 30.45 -0.33 0.12
CA ALA F 274 30.28 -1.33 -0.92
C ALA F 274 31.59 -2.09 -1.20
N LEU F 275 32.70 -1.37 -1.28
CA LEU F 275 34.00 -1.99 -1.59
C LEU F 275 34.88 -2.29 -0.39
N LEU F 276 34.52 -1.78 0.79
CA LEU F 276 35.32 -2.01 2.01
C LEU F 276 35.19 -3.42 2.63
N GLY F 277 34.17 -4.16 2.22
CA GLY F 277 33.94 -5.52 2.71
C GLY F 277 32.78 -5.69 3.70
N ARG F 278 32.08 -4.60 3.99
CA ARG F 278 31.04 -4.62 5.02
C ARG F 278 29.73 -5.23 4.54
N ILE F 279 29.08 -6.03 5.37
CA ILE F 279 27.72 -6.49 5.07
C ILE F 279 26.78 -5.30 5.16
N PRO F 280 25.96 -5.07 4.11
CA PRO F 280 25.07 -3.90 4.09
C PRO F 280 23.94 -3.96 5.13
N SER F 281 23.49 -2.78 5.53
CA SER F 281 22.39 -2.66 6.48
C SER F 281 21.13 -2.33 5.67
N ALA F 282 20.11 -1.77 6.32
CA ALA F 282 18.84 -1.45 5.65
C ALA F 282 19.02 -0.51 4.46
N VAL F 283 18.28 -0.78 3.39
CA VAL F 283 18.30 0.04 2.15
C VAL F 283 19.69 0.13 1.53
N GLY F 284 20.53 -0.88 1.79
CA GLY F 284 21.89 -0.90 1.23
C GLY F 284 22.90 0.07 1.82
N TYR F 285 22.54 0.75 2.91
CA TYR F 285 23.45 1.66 3.60
C TYR F 285 24.53 0.91 4.37
N GLN F 286 25.64 1.58 4.59
CA GLN F 286 26.76 1.08 5.39
C GLN F 286 26.21 0.77 6.79
N PRO F 287 26.73 -0.31 7.42
CA PRO F 287 26.21 -0.70 8.73
C PRO F 287 26.60 0.33 9.80
N THR F 288 27.59 1.16 9.47
CA THR F 288 28.11 2.18 10.34
C THR F 288 27.52 3.58 10.13
N LEU F 289 26.33 3.67 9.57
CA LEU F 289 25.73 4.96 9.22
C LEU F 289 25.63 5.92 10.40
N ALA F 290 25.07 5.43 11.51
CA ALA F 290 24.75 6.26 12.64
C ALA F 290 26.00 6.65 13.44
N THR F 291 26.95 5.73 13.59
CA THR F 291 28.22 6.04 14.26
C THR F 291 29.15 6.93 13.44
N ASP F 292 29.28 6.68 12.12
CA ASP F 292 30.02 7.63 11.24
C ASP F 292 29.46 9.05 11.39
N MET F 293 28.13 9.15 11.34
CA MET F 293 27.47 10.42 11.45
C MET F 293 27.75 11.06 12.80
N GLY F 294 27.62 10.29 13.88
CA GLY F 294 27.91 10.81 15.21
C GLY F 294 29.33 11.30 15.40
N THR F 295 30.30 10.58 14.86
CA THR F 295 31.69 10.95 15.05
C THR F 295 31.99 12.30 14.37
N MET F 296 31.31 12.56 13.27
CA MET F 296 31.44 13.81 12.53
C MET F 296 30.60 14.91 13.17
N GLN F 297 29.32 14.65 13.40
CA GLN F 297 28.41 15.67 13.90
C GLN F 297 28.81 16.23 15.27
N GLU F 298 29.35 15.37 16.14
CA GLU F 298 29.64 15.79 17.53
C GLU F 298 30.77 16.83 17.66
N ARG F 299 31.54 17.01 16.58
CA ARG F 299 32.55 18.06 16.48
C ARG F 299 31.95 19.38 15.99
N ILE F 300 30.80 19.31 15.31
CA ILE F 300 30.10 20.50 14.86
C ILE F 300 29.26 20.97 16.03
N THR F 301 29.87 21.75 16.91
CA THR F 301 29.26 22.09 18.20
C THR F 301 29.89 23.29 18.88
N THR F 302 29.06 24.08 19.57
CA THR F 302 29.53 25.12 20.49
C THR F 302 30.13 24.40 21.71
N THR F 303 31.16 25.02 22.28
CA THR F 303 31.77 24.57 23.53
C THR F 303 31.96 25.77 24.45
N LYS F 304 32.53 25.51 25.62
CA LYS F 304 32.86 26.57 26.60
C LYS F 304 33.94 27.52 26.10
N LYS F 305 34.73 27.10 25.11
CA LYS F 305 35.75 27.95 24.52
C LYS F 305 35.15 28.93 23.52
N GLY F 306 34.18 28.49 22.73
CA GLY F 306 33.51 29.36 21.78
C GLY F 306 32.29 28.77 21.10
N SER F 307 31.61 29.61 20.34
CA SER F 307 30.32 29.28 19.71
C SER F 307 30.48 29.01 18.22
N ILE F 308 29.83 27.94 17.77
CA ILE F 308 29.62 27.66 16.35
C ILE F 308 28.11 27.65 16.13
N THR F 309 27.59 28.60 15.35
CA THR F 309 26.23 28.49 14.84
C THR F 309 26.35 27.75 13.50
N SER F 310 25.80 26.54 13.45
CA SER F 310 25.91 25.74 12.23
C SER F 310 24.58 25.60 11.51
N VAL F 311 24.61 25.76 10.20
CA VAL F 311 23.44 25.54 9.37
C VAL F 311 23.77 24.50 8.32
N GLN F 312 23.07 23.37 8.36
CA GLN F 312 23.35 22.27 7.44
C GLN F 312 22.14 21.98 6.60
N ALA F 313 22.33 21.94 5.28
CA ALA F 313 21.31 21.48 4.36
C ALA F 313 21.33 19.96 4.32
N ILE F 314 20.14 19.37 4.29
CA ILE F 314 20.00 17.92 4.43
C ILE F 314 19.03 17.34 3.39
N TYR F 315 19.60 16.72 2.37
CA TYR F 315 18.84 16.05 1.32
C TYR F 315 18.04 14.86 1.85
N VAL F 316 16.85 14.68 1.27
CA VAL F 316 15.90 13.63 1.63
C VAL F 316 15.61 12.71 0.42
N PRO F 317 16.28 11.54 0.36
CA PRO F 317 16.15 10.60 -0.74
C PRO F 317 14.68 10.30 -1.05
N ALA F 318 14.32 10.48 -2.32
CA ALA F 318 12.95 10.24 -2.82
C ALA F 318 11.83 10.84 -1.93
N ASP F 319 12.10 12.00 -1.34
CA ASP F 319 11.15 12.71 -0.43
C ASP F 319 10.77 11.95 0.86
N ASP F 320 11.48 10.86 1.18
CA ASP F 320 11.17 9.98 2.32
C ASP F 320 11.95 10.34 3.59
N LEU F 321 11.28 11.01 4.53
CA LEU F 321 11.94 11.47 5.75
C LEU F 321 12.31 10.33 6.70
N THR F 322 11.75 9.15 6.46
CA THR F 322 12.06 7.93 7.24
C THR F 322 13.26 7.16 6.68
N ASP F 323 13.80 7.59 5.54
CA ASP F 323 15.04 7.02 5.02
C ASP F 323 16.11 7.12 6.13
N PRO F 324 16.92 6.04 6.34
CA PRO F 324 17.92 6.08 7.41
C PRO F 324 18.80 7.35 7.50
N ALA F 325 19.22 7.90 6.36
CA ALA F 325 20.06 9.11 6.38
C ALA F 325 19.40 10.34 7.03
N PRO F 326 18.27 10.84 6.48
CA PRO F 326 17.64 11.96 7.23
C PRO F 326 17.09 11.57 8.60
N ALA F 327 16.59 10.35 8.75
CA ALA F 327 16.04 9.88 10.03
C ALA F 327 17.08 9.97 11.16
N THR F 328 18.31 9.56 10.88
CA THR F 328 19.39 9.61 11.85
C THR F 328 19.90 11.03 12.13
N THR F 329 19.66 11.94 11.21
CA THR F 329 20.14 13.32 11.32
C THR F 329 19.36 14.17 12.34
N PHE F 330 18.05 13.94 12.49
CA PHE F 330 17.22 14.77 13.39
C PHE F 330 17.79 14.92 14.82
N ALA F 331 18.30 13.82 15.37
CA ALA F 331 18.79 13.80 16.75
C ALA F 331 19.99 14.71 16.96
N HIS F 332 20.59 15.16 15.87
CA HIS F 332 21.80 15.98 15.95
C HIS F 332 21.55 17.46 15.95
N LEU F 333 20.28 17.85 15.98
CA LEU F 333 19.90 19.21 15.69
C LEU F 333 19.17 19.85 16.85
N ASP F 334 19.27 21.18 16.92
CA ASP F 334 18.56 21.95 17.95
C ASP F 334 17.31 22.58 17.36
N ALA F 335 17.40 22.96 16.09
CA ALA F 335 16.26 23.46 15.32
C ALA F 335 16.25 22.77 13.97
N THR F 336 15.05 22.45 13.50
CA THR F 336 14.88 21.78 12.21
C THR F 336 13.88 22.56 11.39
N THR F 337 14.19 22.76 10.11
CA THR F 337 13.29 23.37 9.15
C THR F 337 13.05 22.30 8.11
N VAL F 338 11.80 21.84 8.00
CA VAL F 338 11.49 20.78 7.07
C VAL F 338 10.72 21.35 5.88
N LEU F 339 11.32 21.19 4.71
CA LEU F 339 10.69 21.67 3.48
C LEU F 339 9.88 20.55 2.86
N SER F 340 8.79 20.92 2.22
CA SER F 340 7.83 19.96 1.70
C SER F 340 7.51 20.28 0.26
N ARG F 341 7.58 19.26 -0.59
CA ARG F 341 7.29 19.43 -2.01
C ARG F 341 5.85 19.86 -2.21
N ALA F 342 4.93 19.24 -1.45
CA ALA F 342 3.51 19.57 -1.52
C ALA F 342 3.24 21.04 -1.21
N ILE F 343 3.99 21.59 -0.26
CA ILE F 343 3.86 22.99 0.12
C ILE F 343 4.40 23.89 -0.97
N ALA F 344 5.45 23.43 -1.64
CA ALA F 344 6.03 24.16 -2.75
C ALA F 344 5.06 24.20 -3.93
N GLU F 345 4.30 23.13 -4.11
CA GLU F 345 3.36 23.03 -5.23
C GLU F 345 2.08 23.84 -5.03
N LEU F 346 1.91 24.37 -3.82
CA LEU F 346 0.93 25.40 -3.55
C LEU F 346 1.57 26.76 -3.82
N GLY F 347 2.78 26.74 -4.36
CA GLY F 347 3.54 27.96 -4.65
C GLY F 347 4.02 28.71 -3.42
N ILE F 348 3.89 28.07 -2.25
CA ILE F 348 4.32 28.67 -1.01
C ILE F 348 5.85 28.53 -0.86
N TYR F 349 6.54 29.66 -0.87
CA TYR F 349 7.97 29.71 -0.60
C TYR F 349 8.27 30.68 0.55
N PRO F 350 9.19 30.31 1.45
CA PRO F 350 9.90 29.04 1.50
C PRO F 350 8.92 27.91 1.84
N ALA F 351 9.15 26.73 1.26
CA ALA F 351 8.21 25.62 1.37
C ALA F 351 8.30 24.89 2.72
N VAL F 352 8.39 25.65 3.81
CA VAL F 352 8.54 25.09 5.15
C VAL F 352 7.24 24.46 5.62
N ASP F 353 7.35 23.24 6.13
CA ASP F 353 6.17 22.55 6.68
C ASP F 353 5.98 23.06 8.10
N PRO F 354 4.90 23.79 8.36
CA PRO F 354 4.71 24.39 9.68
C PRO F 354 4.39 23.35 10.74
N LEU F 355 3.99 22.17 10.29
CA LEU F 355 3.60 21.10 11.18
C LEU F 355 4.67 20.02 11.27
N ASP F 356 5.89 20.33 10.81
CA ASP F 356 7.00 19.40 10.89
C ASP F 356 8.34 20.06 11.24
N SER F 357 8.30 21.32 11.63
CA SER F 357 9.50 22.06 11.95
C SER F 357 9.50 22.42 13.44
N THR F 358 10.62 22.16 14.12
CA THR F 358 10.70 22.27 15.58
C THR F 358 11.93 23.02 16.05
N SER F 359 11.89 23.52 17.28
CA SER F 359 13.04 24.18 17.87
C SER F 359 13.06 24.00 19.38
N ARG F 360 14.26 23.79 19.93
CA ARG F 360 14.46 23.67 21.37
C ARG F 360 14.06 24.92 22.16
N ILE F 361 14.24 26.09 21.55
CA ILE F 361 13.97 27.35 22.24
C ILE F 361 12.50 27.83 22.09
N MET F 362 11.67 27.03 21.41
CA MET F 362 10.23 27.30 21.36
C MET F 362 9.65 26.87 22.71
N ASP F 363 9.80 27.77 23.68
CA ASP F 363 9.49 27.55 25.09
C ASP F 363 9.07 28.93 25.62
N PRO F 364 7.91 28.99 26.31
CA PRO F 364 7.40 30.26 26.83
C PRO F 364 8.39 31.00 27.74
N ASN F 365 9.16 30.25 28.51
CA ASN F 365 10.19 30.83 29.39
C ASN F 365 11.35 31.46 28.62
N ILE F 366 11.47 31.15 27.33
CA ILE F 366 12.59 31.65 26.52
C ILE F 366 12.18 32.70 25.47
N VAL F 367 11.12 32.42 24.70
CA VAL F 367 10.64 33.37 23.68
C VAL F 367 9.55 34.33 24.17
N GLY F 368 9.05 34.06 25.37
CA GLY F 368 7.92 34.81 25.95
C GLY F 368 6.60 34.10 25.68
N SER F 369 5.62 34.33 26.55
CA SER F 369 4.31 33.68 26.42
C SER F 369 3.55 34.17 25.19
N GLU F 370 3.79 35.40 24.77
CA GLU F 370 3.09 35.98 23.61
C GLU F 370 3.53 35.31 22.31
N HIS F 371 4.85 35.32 22.05
CA HIS F 371 5.44 34.60 20.91
C HIS F 371 4.94 33.16 20.90
N TYR F 372 5.06 32.50 22.04
CA TYR F 372 4.67 31.10 22.18
C TYR F 372 3.19 30.84 21.86
N ASP F 373 2.29 31.58 22.53
CA ASP F 373 0.85 31.43 22.33
C ASP F 373 0.43 31.58 20.86
N VAL F 374 1.00 32.57 20.17
CA VAL F 374 0.72 32.82 18.75
C VAL F 374 1.23 31.67 17.87
N ALA F 375 2.45 31.21 18.13
CA ALA F 375 3.02 30.07 17.40
C ALA F 375 2.14 28.82 17.51
N ARG F 376 1.74 28.49 18.73
CA ARG F 376 0.88 27.33 18.99
C ARG F 376 -0.52 27.52 18.39
N GLY F 377 -1.05 28.74 18.48
CA GLY F 377 -2.32 29.11 17.86
C GLY F 377 -2.34 28.87 16.37
N VAL F 378 -1.25 29.25 15.68
CA VAL F 378 -1.05 29.00 14.24
C VAL F 378 -0.98 27.51 13.92
N GLN F 379 -0.20 26.77 14.71
CA GLN F 379 -0.07 25.35 14.48
C GLN F 379 -1.38 24.59 14.71
N LYS F 380 -2.12 25.02 15.74
CA LYS F 380 -3.42 24.42 16.07
C LYS F 380 -4.43 24.58 14.95
N ILE F 381 -4.47 25.76 14.34
CA ILE F 381 -5.44 26.04 13.28
C ILE F 381 -5.04 25.35 11.99
N LEU F 382 -3.73 25.18 11.78
CA LEU F 382 -3.24 24.49 10.60
C LEU F 382 -3.50 22.99 10.70
N GLN F 383 -3.37 22.44 11.92
CA GLN F 383 -3.64 21.02 12.17
C GLN F 383 -5.14 20.70 12.08
N ASP F 384 -5.96 21.53 12.73
CA ASP F 384 -7.41 21.43 12.66
C ASP F 384 -7.90 21.45 11.21
N TYR F 385 -7.33 22.35 10.40
CA TYR F 385 -7.61 22.41 8.97
C TYR F 385 -7.19 21.13 8.26
N LYS F 386 -5.97 20.65 8.56
CA LYS F 386 -5.48 19.39 8.01
C LYS F 386 -6.45 18.22 8.28
N SER F 387 -7.05 18.18 9.47
CA SER F 387 -8.04 17.14 9.85
C SER F 387 -9.35 17.18 9.07
N LEU F 388 -9.71 18.37 8.58
CA LEU F 388 -10.95 18.52 7.82
C LEU F 388 -10.80 18.09 6.38
N GLN F 389 -9.55 17.96 5.92
CA GLN F 389 -9.27 17.81 4.49
C GLN F 389 -9.69 16.47 3.86
N ASP F 390 -9.68 15.39 4.63
CA ASP F 390 -10.24 14.12 4.11
C ASP F 390 -11.74 14.20 3.86
N ILE F 391 -12.46 14.93 4.72
CA ILE F 391 -13.89 15.19 4.52
C ILE F 391 -14.14 16.16 3.36
N ILE F 392 -13.45 17.30 3.36
CA ILE F 392 -13.51 18.29 2.26
C ILE F 392 -13.16 17.62 0.93
N ALA F 393 -12.06 16.86 0.92
CA ALA F 393 -11.58 16.12 -0.25
C ALA F 393 -12.67 15.38 -1.02
N ILE F 394 -13.62 14.80 -0.29
CA ILE F 394 -14.73 14.05 -0.88
C ILE F 394 -16.03 14.86 -0.86
N LEU F 395 -16.44 15.32 0.33
CA LEU F 395 -17.75 15.94 0.51
C LEU F 395 -17.80 17.44 0.19
N GLY F 396 -16.64 18.05 -0.02
CA GLY F 396 -16.55 19.48 -0.29
C GLY F 396 -16.96 20.38 0.88
N MET F 397 -16.94 21.68 0.63
CA MET F 397 -17.10 22.68 1.67
C MET F 397 -18.52 22.81 2.27
N ASP F 398 -19.54 22.40 1.50
CA ASP F 398 -20.95 22.59 1.89
C ASP F 398 -21.41 21.76 3.09
N GLU F 399 -20.61 20.76 3.48
CA GLU F 399 -20.95 19.92 4.63
C GLU F 399 -20.43 20.49 5.94
N LEU F 400 -19.64 21.56 5.84
CA LEU F 400 -19.06 22.22 7.00
C LEU F 400 -19.97 23.27 7.62
N SER F 401 -19.95 23.38 8.94
CA SER F 401 -20.62 24.44 9.66
C SER F 401 -19.93 25.78 9.40
N GLU F 402 -20.61 26.87 9.75
CA GLU F 402 -20.10 28.22 9.53
C GLU F 402 -18.86 28.53 10.39
N GLU F 403 -18.71 27.82 11.50
CA GLU F 403 -17.51 27.96 12.35
C GLU F 403 -16.31 27.27 11.71
N ASP F 404 -16.55 26.12 11.06
CA ASP F 404 -15.50 25.39 10.37
C ASP F 404 -15.11 26.03 9.05
N LYS F 405 -16.05 26.74 8.42
CA LYS F 405 -15.76 27.52 7.22
C LYS F 405 -14.79 28.67 7.50
N LEU F 406 -14.80 29.15 8.75
CA LEU F 406 -13.93 30.22 9.19
C LEU F 406 -12.53 29.69 9.56
N THR F 407 -12.47 28.50 10.13
CA THR F 407 -11.19 27.83 10.39
C THR F 407 -10.46 27.56 9.07
N VAL F 408 -11.20 27.15 8.05
CA VAL F 408 -10.63 26.94 6.72
C VAL F 408 -10.14 28.26 6.12
N SER F 409 -10.95 29.31 6.27
CA SER F 409 -10.59 30.64 5.80
C SER F 409 -9.35 31.22 6.49
N ARG F 410 -9.36 31.19 7.82
CA ARG F 410 -8.25 31.71 8.62
C ARG F 410 -6.99 30.89 8.42
N ALA F 411 -7.14 29.58 8.18
CA ALA F 411 -5.99 28.70 7.98
C ALA F 411 -5.33 28.88 6.61
N ARG F 412 -6.14 29.12 5.57
CA ARG F 412 -5.61 29.31 4.22
C ARG F 412 -4.82 30.62 4.09
N LYS F 413 -5.23 31.63 4.85
CA LYS F 413 -4.57 32.93 4.88
C LYS F 413 -3.29 32.85 5.71
N ILE F 414 -3.32 32.06 6.79
CA ILE F 414 -2.16 31.83 7.63
C ILE F 414 -1.09 31.05 6.87
N GLN F 415 -1.53 30.05 6.09
CA GLN F 415 -0.63 29.32 5.20
C GLN F 415 0.08 30.29 4.26
N ARG F 416 -0.71 31.13 3.59
CA ARG F 416 -0.19 32.09 2.64
C ARG F 416 0.67 33.20 3.26
N PHE F 417 0.36 33.62 4.49
CA PHE F 417 1.16 34.67 5.14
C PHE F 417 2.52 34.17 5.63
N LEU F 418 2.66 32.85 5.81
CA LEU F 418 3.95 32.24 6.14
C LEU F 418 4.92 32.24 4.96
N SER F 419 4.42 32.50 3.76
CA SER F 419 5.25 32.64 2.58
C SER F 419 5.94 34.01 2.58
N GLN F 420 7.04 34.12 1.84
CA GLN F 420 7.85 35.34 1.88
C GLN F 420 8.77 35.42 0.67
N PRO F 421 8.90 36.61 0.06
CA PRO F 421 9.89 36.73 -1.02
C PRO F 421 11.30 36.91 -0.45
N PHE F 422 12.26 36.20 -1.04
CA PHE F 422 13.65 36.23 -0.60
C PHE F 422 14.49 37.14 -1.48
N GLN F 423 15.43 37.85 -0.88
CA GLN F 423 16.39 38.67 -1.63
C GLN F 423 17.10 37.85 -2.70
N VAL F 424 17.46 36.62 -2.37
CA VAL F 424 18.27 35.78 -3.24
C VAL F 424 17.45 35.10 -4.35
N ALA F 425 16.14 35.24 -4.28
CA ALA F 425 15.22 34.56 -5.18
C ALA F 425 14.57 35.47 -6.21
N GLU F 426 15.06 36.72 -6.31
CA GLU F 426 14.53 37.71 -7.25
C GLU F 426 14.70 37.30 -8.72
N VAL F 427 15.72 36.49 -8.98
CA VAL F 427 15.99 35.89 -10.30
C VAL F 427 14.88 34.93 -10.77
N PHE F 428 14.11 34.39 -9.82
CA PHE F 428 13.03 33.45 -10.10
C PHE F 428 11.63 34.04 -9.89
N THR F 429 11.52 34.99 -8.96
CA THR F 429 10.22 35.50 -8.51
C THR F 429 9.76 36.71 -9.31
N GLY F 430 10.64 37.68 -9.50
CA GLY F 430 10.27 38.97 -10.07
C GLY F 430 9.66 39.86 -8.99
N HIS F 431 9.98 39.54 -7.74
CA HIS F 431 9.53 40.32 -6.58
C HIS F 431 10.72 40.69 -5.69
N LEU F 432 10.60 41.86 -5.04
CA LEU F 432 11.62 42.35 -4.13
C LEU F 432 11.64 41.55 -2.81
N GLY F 433 12.84 41.14 -2.40
CA GLY F 433 13.02 40.39 -1.16
C GLY F 433 12.68 41.17 0.09
N LYS F 434 12.15 40.46 1.09
CA LYS F 434 11.67 41.09 2.31
C LYS F 434 12.27 40.48 3.57
N LEU F 435 12.57 41.36 4.53
CA LEU F 435 13.09 40.96 5.83
C LEU F 435 12.09 41.43 6.89
N VAL F 436 11.54 40.48 7.65
CA VAL F 436 10.48 40.82 8.62
C VAL F 436 10.94 40.69 10.07
N PRO F 437 10.94 41.81 10.82
CA PRO F 437 11.24 41.83 12.26
C PRO F 437 10.34 40.87 13.03
N LEU F 438 10.88 40.26 14.08
CA LEU F 438 10.14 39.28 14.90
C LEU F 438 8.83 39.84 15.47
N LYS F 439 8.89 41.06 16.01
CA LYS F 439 7.71 41.72 16.58
C LYS F 439 6.57 41.92 15.58
N GLU F 440 6.93 42.13 14.31
CA GLU F 440 5.96 42.28 13.24
C GLU F 440 5.39 40.95 12.76
N THR F 441 6.21 39.89 12.81
CA THR F 441 5.73 38.53 12.54
C THR F 441 4.74 38.09 13.62
N ILE F 442 5.07 38.34 14.88
CA ILE F 442 4.19 37.98 16.00
C ILE F 442 2.84 38.71 15.90
N LYS F 443 2.89 40.03 15.84
CA LYS F 443 1.68 40.88 15.74
C LYS F 443 0.85 40.51 14.53
N GLY F 444 1.50 40.29 13.39
CA GLY F 444 0.82 39.96 12.13
C GLY F 444 -0.05 38.72 12.21
N PHE F 445 0.53 37.61 12.67
CA PHE F 445 -0.21 36.36 12.82
C PHE F 445 -1.25 36.41 13.94
N GLN F 446 -0.92 37.13 15.01
CA GLN F 446 -1.79 37.28 16.16
C GLN F 446 -3.08 38.00 15.75
N GLN F 447 -2.97 38.91 14.79
CA GLN F 447 -4.14 39.63 14.26
C GLN F 447 -5.00 38.73 13.36
N ILE F 448 -4.37 37.94 12.50
CA ILE F 448 -5.11 37.00 11.65
C ILE F 448 -5.87 35.98 12.51
N LEU F 449 -5.19 35.42 13.51
CA LEU F 449 -5.82 34.52 14.49
C LEU F 449 -7.04 35.15 15.17
N ALA F 450 -6.95 36.46 15.45
CA ALA F 450 -8.03 37.18 16.13
C ALA F 450 -9.21 37.49 15.21
N GLY F 451 -9.04 37.23 13.92
CA GLY F 451 -10.06 37.49 12.92
C GLY F 451 -10.10 38.95 12.47
N GLU F 452 -9.02 39.68 12.76
CA GLU F 452 -8.90 41.11 12.42
C GLU F 452 -8.80 41.39 10.92
N TYR F 453 -8.50 40.34 10.15
CA TYR F 453 -8.40 40.47 8.70
C TYR F 453 -9.28 39.47 7.94
N ASP F 454 -10.39 39.07 8.55
CA ASP F 454 -11.35 38.14 7.96
C ASP F 454 -12.04 38.69 6.70
N HIS F 455 -11.83 39.97 6.41
CA HIS F 455 -12.48 40.66 5.28
C HIS F 455 -11.63 40.67 3.99
N LEU F 456 -10.34 40.34 4.11
CA LEU F 456 -9.43 40.36 2.98
C LEU F 456 -9.47 39.03 2.20
N PRO F 457 -9.23 39.07 0.87
CA PRO F 457 -9.09 37.83 0.10
C PRO F 457 -7.81 37.09 0.48
N GLU F 458 -7.77 35.78 0.21
CA GLU F 458 -6.61 34.94 0.53
C GLU F 458 -5.36 35.44 -0.17
N GLN F 459 -5.50 35.73 -1.46
CA GLN F 459 -4.37 36.00 -2.35
C GLN F 459 -3.61 37.29 -2.02
N ALA F 460 -4.18 38.13 -1.15
CA ALA F 460 -3.51 39.34 -0.67
C ALA F 460 -2.40 39.01 0.33
N PHE F 461 -2.47 37.81 0.90
CA PHE F 461 -1.48 37.35 1.89
C PHE F 461 -0.30 36.62 1.26
N TYR F 462 -0.36 36.41 -0.05
CA TYR F 462 0.66 35.65 -0.77
C TYR F 462 1.88 36.53 -1.13
N MET F 463 3.08 36.03 -0.84
CA MET F 463 4.36 36.69 -1.18
C MET F 463 4.49 38.15 -0.73
N VAL F 464 4.32 38.39 0.56
CA VAL F 464 4.46 39.74 1.13
C VAL F 464 5.36 39.69 2.37
N GLY F 465 5.69 40.86 2.90
CA GLY F 465 6.51 40.94 4.11
C GLY F 465 5.64 41.05 5.35
N PRO F 466 5.62 42.23 5.99
CA PRO F 466 4.82 42.48 7.18
C PRO F 466 3.35 42.57 6.82
N ILE F 467 2.47 42.53 7.82
CA ILE F 467 1.03 42.47 7.59
C ILE F 467 0.44 43.68 6.84
N GLU F 468 1.02 44.87 7.02
CA GLU F 468 0.53 46.08 6.36
C GLU F 468 0.58 45.98 4.83
N GLU F 469 1.46 45.12 4.32
CA GLU F 469 1.60 44.87 2.88
C GLU F 469 0.50 43.98 2.32
N ALA F 470 -0.15 43.18 3.18
CA ALA F 470 -1.34 42.42 2.78
C ALA F 470 -2.54 43.33 2.54
N VAL F 471 -2.79 44.22 3.50
CA VAL F 471 -3.84 45.24 3.41
C VAL F 471 -3.67 46.09 2.14
N ALA F 472 -2.42 46.45 1.84
CA ALA F 472 -2.09 47.23 0.65
C ALA F 472 -2.32 46.44 -0.63
N LYS F 473 -1.92 45.16 -0.63
CA LYS F 473 -2.11 44.29 -1.78
C LYS F 473 -3.59 44.00 -2.04
N ALA F 474 -4.39 44.00 -0.97
CA ALA F 474 -5.83 43.77 -1.06
C ALA F 474 -6.56 44.95 -1.72
N ASP F 475 -6.04 46.17 -1.51
CA ASP F 475 -6.60 47.38 -2.11
C ASP F 475 -6.18 47.60 -3.57
N LYS F 476 -5.15 46.86 -4.01
CA LYS F 476 -4.67 46.92 -5.39
C LYS F 476 -5.67 46.34 -6.38
N LEU F 477 -6.54 45.46 -5.90
CA LEU F 477 -7.54 44.79 -6.74
C LEU F 477 -8.96 45.06 -6.26
N ALA F 478 -9.89 45.19 -7.20
CA ALA F 478 -11.29 45.45 -6.90
C ALA F 478 -12.17 44.26 -7.24
N ALA G 1 3.07 6.28 3.97
CA ALA G 1 2.18 5.27 4.62
C ALA G 1 2.68 3.86 4.34
N THR G 2 2.22 2.92 5.16
CA THR G 2 2.58 1.51 5.01
C THR G 2 1.70 0.86 3.94
N LEU G 3 2.17 -0.25 3.38
CA LEU G 3 1.39 -1.01 2.43
C LEU G 3 -0.02 -1.33 2.96
N LYS G 4 -0.10 -1.77 4.20
CA LYS G 4 -1.39 -2.08 4.86
C LYS G 4 -2.30 -0.87 5.03
N ASP G 5 -1.72 0.28 5.37
CA ASP G 5 -2.47 1.54 5.45
C ASP G 5 -3.03 1.93 4.07
N ILE G 6 -2.18 1.89 3.03
CA ILE G 6 -2.60 2.21 1.65
C ILE G 6 -3.74 1.31 1.19
N THR G 7 -3.55 0.00 1.34
CA THR G 7 -4.54 -1.02 0.95
C THR G 7 -5.91 -0.80 1.62
N ARG G 8 -5.90 -0.57 2.93
CA ARG G 8 -7.12 -0.32 3.69
C ARG G 8 -7.81 0.96 3.23
N ARG G 9 -7.02 2.01 3.04
CA ARG G 9 -7.53 3.28 2.55
C ARG G 9 -8.11 3.18 1.13
N LEU G 10 -7.40 2.49 0.25
CA LEU G 10 -7.88 2.23 -1.11
C LEU G 10 -9.26 1.54 -1.08
N LYS G 11 -9.38 0.47 -0.28
CA LYS G 11 -10.65 -0.26 -0.16
C LYS G 11 -11.79 0.61 0.38
N SER G 12 -11.49 1.47 1.35
CA SER G 12 -12.51 2.37 1.91
C SER G 12 -13.08 3.34 0.85
N ILE G 13 -12.19 3.97 0.09
CA ILE G 13 -12.58 5.00 -0.85
C ILE G 13 -13.29 4.40 -2.06
N LYS G 14 -12.89 3.19 -2.45
CA LYS G 14 -13.61 2.44 -3.47
C LYS G 14 -15.05 2.17 -3.04
N ASN G 15 -15.25 1.83 -1.77
CA ASN G 15 -16.60 1.67 -1.23
C ASN G 15 -17.40 2.96 -1.22
N ILE G 16 -16.76 4.06 -0.81
CA ILE G 16 -17.37 5.39 -0.82
C ILE G 16 -17.76 5.81 -2.25
N GLN G 17 -16.89 5.52 -3.22
CA GLN G 17 -17.17 5.82 -4.63
C GLN G 17 -18.41 5.10 -5.14
N LYS G 18 -18.51 3.79 -4.85
CA LYS G 18 -19.65 2.98 -5.27
C LYS G 18 -20.96 3.48 -4.69
N ILE G 19 -20.94 3.88 -3.42
CA ILE G 19 -22.15 4.31 -2.74
C ILE G 19 -22.63 5.67 -3.25
N THR G 20 -21.69 6.62 -3.38
CA THR G 20 -22.01 7.95 -3.86
C THR G 20 -22.49 7.91 -5.31
N LYS G 21 -21.93 6.99 -6.09
CA LYS G 21 -22.40 6.74 -7.46
C LYS G 21 -23.85 6.23 -7.47
N SER G 22 -24.13 5.24 -6.62
CA SER G 22 -25.47 4.69 -6.49
C SER G 22 -26.49 5.72 -6.02
N MET G 23 -26.10 6.55 -5.05
CA MET G 23 -26.98 7.59 -4.52
C MET G 23 -27.16 8.78 -5.47
N LYS G 24 -26.22 8.95 -6.39
CA LYS G 24 -26.38 9.93 -7.46
C LYS G 24 -27.53 9.49 -8.35
N MET G 25 -27.53 8.21 -8.72
CA MET G 25 -28.59 7.60 -9.56
C MET G 25 -29.95 7.58 -8.87
N VAL G 26 -29.96 7.34 -7.57
CA VAL G 26 -31.18 7.39 -6.77
C VAL G 26 -31.77 8.80 -6.81
N ALA G 27 -30.91 9.79 -6.56
CA ALA G 27 -31.32 11.18 -6.55
C ALA G 27 -31.78 11.63 -7.93
N ALA G 28 -31.20 11.05 -8.99
CA ALA G 28 -31.55 11.38 -10.37
C ALA G 28 -32.96 10.93 -10.75
N ALA G 29 -33.34 9.73 -10.29
CA ALA G 29 -34.66 9.17 -10.56
C ALA G 29 -35.70 9.84 -9.65
N LYS G 30 -35.27 10.21 -8.45
CA LYS G 30 -36.11 10.97 -7.52
C LYS G 30 -36.31 12.40 -8.00
N TYR G 31 -35.27 13.00 -8.57
CA TYR G 31 -35.36 14.37 -9.09
C TYR G 31 -36.32 14.43 -10.29
N ALA G 32 -36.17 13.46 -11.21
CA ALA G 32 -37.04 13.37 -12.38
C ALA G 32 -38.50 13.32 -11.97
N ARG G 33 -38.79 12.58 -10.90
CA ARG G 33 -40.14 12.45 -10.37
C ARG G 33 -40.65 13.77 -9.76
N ALA G 34 -39.81 14.40 -8.96
CA ALA G 34 -40.12 15.69 -8.34
C ALA G 34 -40.44 16.77 -9.38
N GLU G 35 -39.68 16.77 -10.48
CA GLU G 35 -39.83 17.78 -11.53
C GLU G 35 -41.10 17.56 -12.36
N ARG G 36 -41.52 16.30 -12.51
CA ARG G 36 -42.82 15.97 -13.09
C ARG G 36 -43.95 16.45 -12.16
N GLU G 37 -43.85 16.10 -10.88
CA GLU G 37 -44.86 16.48 -9.88
C GLU G 37 -44.93 17.99 -9.65
N LEU G 38 -43.82 18.68 -9.90
CA LEU G 38 -43.79 20.14 -9.76
C LEU G 38 -44.63 20.86 -10.81
N LYS G 39 -44.76 20.25 -11.99
CA LYS G 39 -45.48 20.89 -13.09
C LYS G 39 -46.92 21.28 -12.71
N PRO G 40 -47.79 20.31 -12.34
CA PRO G 40 -49.14 20.70 -11.91
C PRO G 40 -49.14 21.49 -10.61
N ALA G 41 -48.20 21.19 -9.71
CA ALA G 41 -48.12 21.87 -8.41
C ALA G 41 -47.77 23.36 -8.52
N ARG G 42 -46.99 23.71 -9.55
CA ARG G 42 -46.71 25.10 -9.86
C ARG G 42 -47.95 25.84 -10.34
N VAL G 43 -48.74 25.22 -11.24
CA VAL G 43 -49.99 25.82 -11.68
C VAL G 43 -50.91 26.03 -10.48
N TYR G 44 -51.11 24.98 -9.69
CA TYR G 44 -51.92 25.03 -8.47
C TYR G 44 -51.45 26.11 -7.48
N GLY G 45 -50.19 26.05 -7.08
CA GLY G 45 -49.61 26.96 -6.09
C GLY G 45 -49.57 28.43 -6.50
N VAL G 46 -49.32 28.69 -7.77
CA VAL G 46 -49.33 30.06 -8.31
C VAL G 46 -50.76 30.60 -8.41
N GLY G 47 -51.70 29.72 -8.71
CA GLY G 47 -53.13 30.06 -8.70
C GLY G 47 -53.62 30.46 -7.32
N SER G 48 -53.05 29.82 -6.29
CA SER G 48 -53.37 30.16 -4.90
C SER G 48 -52.69 31.48 -4.47
N LEU G 49 -51.66 31.89 -5.20
CA LEU G 49 -50.96 33.14 -4.95
C LEU G 49 -51.59 34.34 -5.63
N ALA G 50 -52.55 34.09 -6.52
CA ALA G 50 -53.17 35.13 -7.35
C ALA G 50 -53.88 36.23 -6.56
N LEU G 51 -54.51 35.86 -5.45
CA LEU G 51 -55.26 36.80 -4.61
C LEU G 51 -54.40 37.96 -4.11
N TYR G 52 -53.26 37.65 -3.50
CA TYR G 52 -52.36 38.67 -2.94
C TYR G 52 -51.56 39.42 -4.00
N GLU G 53 -51.35 38.78 -5.15
CA GLU G 53 -50.58 39.39 -6.23
C GLU G 53 -51.47 40.15 -7.22
N LYS G 54 -52.68 40.48 -6.77
CA LYS G 54 -53.63 41.33 -7.50
C LYS G 54 -54.23 42.39 -6.56
N ALA G 55 -53.63 42.52 -5.37
CA ALA G 55 -54.09 43.47 -4.35
C ALA G 55 -52.95 43.90 -3.42
N ASP G 56 -52.89 45.20 -3.13
CA ASP G 56 -51.90 45.76 -2.20
C ASP G 56 -52.29 45.52 -0.75
N ILE G 57 -51.64 44.54 -0.12
CA ILE G 57 -51.96 44.16 1.25
C ILE G 57 -50.80 44.52 2.19
N LYS G 58 -51.14 45.14 3.31
CA LYS G 58 -50.15 45.50 4.34
C LYS G 58 -50.48 44.80 5.67
N THR G 59 -50.30 45.51 6.79
CA THR G 59 -50.66 44.98 8.11
C THR G 59 -51.27 46.06 9.00
N LYS G 65 -46.12 40.73 15.91
CA LYS G 65 -46.11 39.28 15.88
C LYS G 65 -45.89 38.76 14.46
N HIS G 66 -44.70 38.21 14.20
CA HIS G 66 -44.36 37.69 12.88
C HIS G 66 -43.88 36.23 12.92
N LEU G 67 -44.25 35.46 11.89
CA LEU G 67 -43.99 34.03 11.82
C LEU G 67 -43.11 33.67 10.64
N ILE G 68 -41.92 33.15 10.91
CA ILE G 68 -41.03 32.67 9.85
C ILE G 68 -41.07 31.15 9.74
N ILE G 69 -41.48 30.66 8.58
CA ILE G 69 -41.44 29.23 8.30
C ILE G 69 -40.31 28.96 7.31
N GLY G 70 -39.28 28.25 7.78
CA GLY G 70 -38.18 27.84 6.92
C GLY G 70 -38.36 26.41 6.46
N VAL G 71 -38.17 26.20 5.16
CA VAL G 71 -38.41 24.89 4.54
C VAL G 71 -37.17 24.30 3.85
N SER G 72 -36.70 23.17 4.36
CA SER G 72 -35.70 22.36 3.66
C SER G 72 -36.00 20.85 3.83
N SER G 73 -35.10 20.14 4.52
CA SER G 73 -35.26 18.71 4.81
C SER G 73 -34.36 18.29 5.96
N ASP G 74 -34.32 17.00 6.25
CA ASP G 74 -33.45 16.43 7.28
C ASP G 74 -32.12 15.96 6.71
N ARG G 75 -32.09 15.76 5.40
CA ARG G 75 -31.01 15.04 4.74
C ARG G 75 -29.82 15.92 4.38
N GLY G 76 -28.62 15.45 4.71
CA GLY G 76 -27.38 16.14 4.33
C GLY G 76 -27.08 16.06 2.84
N LEU G 77 -25.79 16.19 2.50
CA LEU G 77 -25.31 16.11 1.12
C LEU G 77 -26.25 16.64 0.02
N CYS G 78 -26.64 17.90 0.14
CA CYS G 78 -27.36 18.60 -0.92
C CYS G 78 -26.86 20.04 -1.08
N GLY G 79 -25.54 20.22 -1.02
CA GLY G 79 -24.93 21.54 -1.17
C GLY G 79 -25.39 22.59 -0.16
N ALA G 80 -25.70 23.77 -0.67
CA ALA G 80 -26.07 24.91 0.18
C ALA G 80 -27.58 25.07 0.37
N ILE G 81 -28.34 23.98 0.22
CA ILE G 81 -29.80 24.02 0.37
C ILE G 81 -30.26 24.55 1.74
N HIS G 82 -29.62 24.08 2.80
CA HIS G 82 -30.05 24.37 4.17
C HIS G 82 -29.45 25.69 4.66
N SER G 83 -28.16 25.91 4.37
CA SER G 83 -27.48 27.15 4.74
C SER G 83 -28.17 28.35 4.11
N SER G 84 -28.58 28.22 2.84
CA SER G 84 -29.30 29.27 2.11
C SER G 84 -30.53 29.75 2.85
N VAL G 85 -31.44 28.82 3.14
CA VAL G 85 -32.70 29.11 3.83
C VAL G 85 -32.46 29.65 5.24
N ALA G 86 -31.55 29.00 5.97
CA ALA G 86 -31.13 29.46 7.29
C ALA G 86 -30.52 30.87 7.29
N LYS G 87 -29.78 31.19 6.22
CA LYS G 87 -29.16 32.51 6.07
C LYS G 87 -30.21 33.60 5.89
N GLN G 88 -31.29 33.30 5.17
CA GLN G 88 -32.38 34.27 5.00
C GLN G 88 -33.32 34.31 6.19
N MET G 89 -33.38 33.20 6.94
CA MET G 89 -34.18 33.13 8.16
C MET G 89 -33.66 34.06 9.25
N LYS G 90 -32.36 33.97 9.54
CA LYS G 90 -31.71 34.86 10.50
C LYS G 90 -31.63 36.30 9.98
N SER G 91 -31.48 36.45 8.66
CA SER G 91 -31.37 37.76 8.02
C SER G 91 -32.67 38.55 8.15
N GLU G 92 -33.80 37.89 7.86
CA GLU G 92 -35.11 38.52 7.99
C GLU G 92 -35.56 38.65 9.45
N ALA G 93 -35.02 37.80 10.32
CA ALA G 93 -35.36 37.83 11.75
C ALA G 93 -34.75 39.04 12.45
N ALA G 94 -33.53 39.41 12.06
CA ALA G 94 -32.83 40.57 12.60
C ALA G 94 -33.41 41.88 12.08
N ASN G 95 -34.08 41.81 10.93
CA ASN G 95 -34.73 42.97 10.32
C ASN G 95 -36.10 43.28 10.92
N LEU G 96 -36.74 42.26 11.50
CA LEU G 96 -38.04 42.42 12.15
C LEU G 96 -37.90 42.67 13.64
N LYS G 101 -42.41 43.28 15.17
CA LYS G 101 -41.00 43.17 15.56
C LYS G 101 -40.76 41.99 16.51
N GLU G 102 -41.85 41.29 16.87
CA GLU G 102 -41.76 40.07 17.67
C GLU G 102 -41.76 38.86 16.73
N VAL G 103 -40.71 38.05 16.80
CA VAL G 103 -40.52 36.96 15.84
C VAL G 103 -40.58 35.57 16.49
N LYS G 104 -41.35 34.69 15.87
CA LYS G 104 -41.39 33.27 16.20
C LYS G 104 -41.07 32.47 14.95
N ILE G 105 -40.34 31.37 15.13
CA ILE G 105 -39.81 30.60 14.01
C ILE G 105 -40.34 29.15 14.00
N ILE G 106 -40.77 28.71 12.81
CA ILE G 106 -41.06 27.31 12.53
C ILE G 106 -40.03 26.80 11.53
N GLY G 107 -39.50 25.61 11.77
CA GLY G 107 -38.59 24.95 10.83
C GLY G 107 -39.15 23.63 10.35
N VAL G 108 -39.26 23.48 9.03
CA VAL G 108 -39.66 22.18 8.46
C VAL G 108 -38.46 21.51 7.77
N GLY G 109 -38.01 20.42 8.38
CA GLY G 109 -36.73 19.79 8.05
C GLY G 109 -35.76 20.02 9.19
N ASP G 110 -35.28 18.93 9.79
CA ASP G 110 -34.44 18.99 11.00
C ASP G 110 -33.15 19.82 10.85
N LYS G 111 -32.67 19.94 9.61
CA LYS G 111 -31.44 20.67 9.33
C LYS G 111 -31.59 22.18 9.57
N ILE G 112 -32.83 22.67 9.53
CA ILE G 112 -33.15 24.05 9.87
C ILE G 112 -32.83 24.28 11.34
N ARG G 113 -33.32 23.39 12.20
CA ARG G 113 -33.14 23.50 13.65
C ARG G 113 -31.68 23.37 14.05
N SER G 114 -30.93 22.53 13.33
CA SER G 114 -29.52 22.30 13.62
C SER G 114 -28.70 23.57 13.46
N ILE G 115 -28.96 24.32 12.39
CA ILE G 115 -28.21 25.54 12.08
C ILE G 115 -28.57 26.72 12.98
N LEU G 116 -29.85 26.82 13.35
CA LEU G 116 -30.36 28.00 14.08
C LEU G 116 -30.39 27.90 15.61
N HIS G 117 -30.37 26.67 16.14
CA HIS G 117 -30.63 26.42 17.57
C HIS G 117 -29.81 27.25 18.56
N ARG G 118 -28.51 27.42 18.29
CA ARG G 118 -27.60 28.09 19.25
C ARG G 118 -27.94 29.55 19.49
N THR G 119 -28.52 30.19 18.48
CA THR G 119 -28.85 31.62 18.55
C THR G 119 -30.36 31.90 18.64
N HIS G 120 -31.17 31.06 18.01
CA HIS G 120 -32.61 31.30 17.91
C HIS G 120 -33.50 30.25 18.60
N SER G 121 -32.92 29.51 19.55
CA SER G 121 -33.63 28.45 20.29
C SER G 121 -34.88 28.95 21.01
N ASP G 122 -34.82 30.16 21.55
CA ASP G 122 -35.92 30.79 22.26
C ASP G 122 -37.11 31.06 21.33
N GLN G 123 -36.81 31.42 20.09
CA GLN G 123 -37.82 31.85 19.13
C GLN G 123 -38.55 30.70 18.42
N PHE G 124 -38.09 29.47 18.64
CA PHE G 124 -38.69 28.31 17.97
C PHE G 124 -40.05 27.89 18.54
N LEU G 125 -41.06 27.88 17.67
CA LEU G 125 -42.40 27.44 18.05
C LEU G 125 -42.46 25.91 18.00
N VAL G 126 -42.29 25.36 16.80
CA VAL G 126 -42.28 23.90 16.59
C VAL G 126 -41.35 23.52 15.44
N THR G 127 -40.88 22.27 15.47
CA THR G 127 -40.06 21.71 14.40
C THR G 127 -40.77 20.49 13.79
N PHE G 128 -40.55 20.27 12.50
CA PHE G 128 -41.06 19.10 11.80
C PHE G 128 -39.89 18.31 11.23
N LYS G 129 -40.01 16.98 11.30
CA LYS G 129 -39.00 16.09 10.74
C LYS G 129 -39.64 15.08 9.79
N GLU G 130 -38.83 14.13 9.33
CA GLU G 130 -39.24 13.12 8.36
C GLU G 130 -39.52 13.76 7.00
N VAL G 131 -38.77 14.83 6.72
CA VAL G 131 -38.85 15.55 5.44
C VAL G 131 -37.70 15.09 4.54
N GLY G 132 -38.04 14.70 3.32
CA GLY G 132 -37.06 14.32 2.31
C GLY G 132 -36.89 12.83 2.06
N ARG G 133 -37.88 12.03 2.47
CA ARG G 133 -37.81 10.58 2.32
C ARG G 133 -38.86 10.06 1.34
N ARG G 134 -40.09 10.51 1.49
CA ARG G 134 -41.15 10.30 0.51
C ARG G 134 -41.52 11.66 -0.07
N PRO G 135 -41.80 11.73 -1.38
CA PRO G 135 -42.24 13.00 -1.96
C PRO G 135 -43.42 13.58 -1.18
N PRO G 136 -43.34 14.87 -0.80
CA PRO G 136 -44.36 15.51 0.01
C PRO G 136 -45.74 15.43 -0.63
N THR G 137 -46.77 15.44 0.20
CA THR G 137 -48.13 15.48 -0.30
C THR G 137 -48.83 16.71 0.30
N PHE G 138 -50.09 16.86 -0.06
CA PHE G 138 -50.94 17.88 0.55
C PHE G 138 -51.23 17.51 2.01
N GLY G 139 -51.27 16.21 2.28
CA GLY G 139 -51.37 15.71 3.66
C GLY G 139 -50.30 16.30 4.55
N ASP G 140 -49.06 16.35 4.04
CA ASP G 140 -47.92 16.89 4.77
C ASP G 140 -48.08 18.38 5.01
N ALA G 141 -48.58 19.09 4.00
CA ALA G 141 -48.93 20.50 4.12
C ALA G 141 -50.03 20.66 5.16
N SER G 142 -51.00 19.74 5.13
CA SER G 142 -52.11 19.72 6.09
C SER G 142 -51.63 19.50 7.52
N VAL G 143 -50.68 18.60 7.72
CA VAL G 143 -50.14 18.27 9.06
C VAL G 143 -49.42 19.47 9.68
N ILE G 144 -48.61 20.16 8.87
CA ILE G 144 -47.97 21.40 9.29
C ILE G 144 -49.02 22.46 9.55
N ALA G 145 -50.00 22.57 8.65
CA ALA G 145 -51.06 23.56 8.77
C ALA G 145 -51.82 23.41 10.09
N LEU G 146 -52.26 22.19 10.38
CA LEU G 146 -53.03 21.88 11.59
C LEU G 146 -52.23 22.11 12.86
N GLU G 147 -50.94 21.78 12.82
CA GLU G 147 -50.03 22.07 13.92
C GLU G 147 -49.41 23.46 13.75
N LEU G 148 -50.28 24.48 13.84
CA LEU G 148 -49.92 25.90 13.81
C LEU G 148 -51.18 26.69 14.15
N LEU G 149 -52.30 26.31 13.55
CA LEU G 149 -53.59 26.90 13.85
C LEU G 149 -54.08 26.44 15.23
N ASN G 150 -54.06 25.12 15.42
CA ASN G 150 -54.46 24.52 16.69
C ASN G 150 -53.25 24.21 17.56
N SER G 151 -52.41 25.23 17.77
CA SER G 151 -51.18 25.09 18.55
C SER G 151 -51.11 26.08 19.72
N GLY G 152 -51.51 27.33 19.45
CA GLY G 152 -51.55 28.35 20.49
C GLY G 152 -51.01 29.73 20.08
N TYR G 153 -50.18 29.77 19.04
CA TYR G 153 -49.58 31.03 18.61
C TYR G 153 -50.46 31.80 17.63
N GLU G 154 -50.71 33.07 17.95
CA GLU G 154 -51.54 33.94 17.15
C GLU G 154 -50.68 34.99 16.45
N PHE G 155 -50.31 34.72 15.20
CA PHE G 155 -49.45 35.62 14.43
C PHE G 155 -50.23 36.66 13.62
N ASP G 156 -49.69 37.87 13.59
CA ASP G 156 -50.29 38.97 12.82
C ASP G 156 -49.88 38.87 11.35
N GLU G 157 -48.59 38.71 11.09
CA GLU G 157 -48.10 38.43 9.75
C GLU G 157 -47.18 37.22 9.83
N GLY G 158 -46.80 36.71 8.66
CA GLY G 158 -45.86 35.60 8.58
C GLY G 158 -45.25 35.48 7.19
N SER G 159 -44.09 34.83 7.11
CA SER G 159 -43.52 34.52 5.81
C SER G 159 -42.85 33.15 5.77
N ILE G 160 -42.92 32.53 4.60
CA ILE G 160 -42.39 31.20 4.39
C ILE G 160 -41.16 31.28 3.48
N ILE G 161 -40.06 30.67 3.91
CA ILE G 161 -38.79 30.76 3.18
C ILE G 161 -38.36 29.37 2.70
N PHE G 162 -38.06 29.28 1.40
CA PHE G 162 -37.83 28.01 0.73
C PHE G 162 -37.01 28.17 -0.54
N ASN G 163 -36.53 27.05 -1.08
CA ASN G 163 -35.80 27.03 -2.34
C ASN G 163 -36.69 26.77 -3.55
N ARG G 164 -36.85 27.78 -4.40
CA ARG G 164 -37.63 27.66 -5.62
C ARG G 164 -36.77 27.07 -6.72
N PHE G 165 -37.25 25.98 -7.33
CA PHE G 165 -36.51 25.29 -8.38
C PHE G 165 -36.41 26.14 -9.65
N ARG G 166 -35.28 26.04 -10.34
CA ARG G 166 -35.06 26.76 -11.60
C ARG G 166 -34.50 25.86 -12.70
N SER G 167 -33.49 25.07 -12.35
CA SER G 167 -32.88 24.08 -13.25
C SER G 167 -32.16 23.02 -12.41
N VAL G 168 -31.60 22.01 -13.09
CA VAL G 168 -30.83 20.93 -12.44
C VAL G 168 -29.74 21.42 -11.49
N ILE G 169 -29.14 22.56 -11.82
CA ILE G 169 -27.99 23.08 -11.08
C ILE G 169 -28.26 24.40 -10.33
N SER G 170 -29.43 24.99 -10.56
CA SER G 170 -29.75 26.28 -9.94
C SER G 170 -31.09 26.33 -9.21
N TYR G 171 -31.11 27.12 -8.14
CA TYR G 171 -32.31 27.36 -7.35
C TYR G 171 -32.18 28.73 -6.68
N LYS G 172 -33.33 29.32 -6.34
CA LYS G 172 -33.34 30.62 -5.69
C LYS G 172 -34.09 30.54 -4.37
N THR G 173 -33.49 31.07 -3.33
CA THR G 173 -34.12 31.16 -2.01
C THR G 173 -35.10 32.34 -2.02
N GLU G 174 -36.37 32.03 -1.82
CA GLU G 174 -37.44 33.00 -1.93
C GLU G 174 -38.24 33.11 -0.64
N GLU G 175 -39.03 34.16 -0.55
CA GLU G 175 -39.93 34.37 0.58
C GLU G 175 -41.33 34.71 0.08
N LYS G 176 -42.34 34.00 0.60
CA LYS G 176 -43.74 34.31 0.32
C LYS G 176 -44.43 34.75 1.60
N PRO G 177 -45.36 35.73 1.50
CA PRO G 177 -46.05 36.20 2.70
C PRO G 177 -47.24 35.33 3.08
N ILE G 178 -47.54 35.27 4.38
CA ILE G 178 -48.77 34.67 4.88
C ILE G 178 -49.51 35.70 5.73
N PHE G 179 -50.46 36.38 5.12
CA PHE G 179 -51.31 37.35 5.81
C PHE G 179 -52.46 36.66 6.54
N SER G 180 -52.27 35.36 6.81
CA SER G 180 -53.33 34.48 7.34
C SER G 180 -54.08 35.02 8.56
N LEU G 181 -53.53 36.05 9.20
CA LEU G 181 -54.27 36.77 10.22
C LEU G 181 -55.65 37.08 9.66
N ASP G 182 -56.66 36.45 10.24
CA ASP G 182 -58.04 36.57 9.75
C ASP G 182 -58.61 37.97 10.02
N THR G 183 -57.82 38.82 10.65
CA THR G 183 -58.18 40.21 10.91
C THR G 183 -57.73 41.11 9.74
N ILE G 184 -56.63 40.73 9.11
CA ILE G 184 -56.03 41.53 8.04
C ILE G 184 -56.73 41.30 6.68
N SER G 185 -57.53 40.24 6.61
CA SER G 185 -58.32 39.94 5.41
C SER G 185 -59.47 40.95 5.19
N SER G 186 -59.65 41.85 6.15
CA SER G 186 -60.59 42.95 6.02
C SER G 186 -59.87 44.28 6.20
N ALA G 187 -59.35 44.82 5.10
CA ALA G 187 -58.52 46.02 5.12
C ALA G 187 -58.82 46.98 3.97
N GLU G 188 -57.76 47.48 3.33
CA GLU G 188 -57.85 48.54 2.33
C GLU G 188 -58.24 48.03 0.94
N SER G 189 -57.46 47.06 0.43
CA SER G 189 -57.63 46.56 -0.94
C SER G 189 -58.56 45.36 -1.03
N MET G 190 -58.76 44.67 0.10
CA MET G 190 -59.67 43.54 0.18
C MET G 190 -61.10 44.01 0.49
N SER G 191 -61.32 45.31 0.31
CA SER G 191 -62.62 45.95 0.53
C SER G 191 -63.66 45.53 -0.51
N ILE G 192 -63.19 45.14 -1.70
CA ILE G 192 -64.06 44.68 -2.78
C ILE G 192 -64.56 43.25 -2.55
N TYR G 193 -63.83 42.50 -1.73
CA TYR G 193 -64.25 41.16 -1.30
C TYR G 193 -65.04 41.29 0.01
N ASP G 194 -66.21 41.93 -0.08
CA ASP G 194 -66.98 42.23 1.11
C ASP G 194 -68.48 41.88 1.01
N ASP G 195 -68.78 40.62 1.28
CA ASP G 195 -70.15 40.12 1.44
C ASP G 195 -70.05 38.80 2.20
N ILE G 196 -68.81 38.28 2.27
CA ILE G 196 -68.47 37.02 2.90
C ILE G 196 -68.58 37.11 4.42
N ASP G 197 -69.32 36.18 5.02
CA ASP G 197 -69.38 36.05 6.47
C ASP G 197 -68.09 35.43 7.02
N ALA G 198 -67.78 35.70 8.28
CA ALA G 198 -66.51 35.28 8.89
C ALA G 198 -66.25 33.77 8.82
N ASP G 199 -67.33 32.99 8.77
CA ASP G 199 -67.26 31.53 8.74
C ASP G 199 -66.51 31.00 7.51
N VAL G 200 -66.88 31.49 6.34
CA VAL G 200 -66.30 31.04 5.07
C VAL G 200 -64.91 31.63 4.81
N LEU G 201 -64.71 32.90 5.17
CA LEU G 201 -63.38 33.52 5.12
C LEU G 201 -62.36 32.71 5.93
N ARG G 202 -62.81 32.21 7.08
CA ARG G 202 -61.99 31.34 7.92
C ARG G 202 -61.61 30.06 7.18
N ASN G 203 -62.59 29.43 6.53
CA ASN G 203 -62.37 28.20 5.75
C ASN G 203 -61.43 28.46 4.57
N TYR G 204 -61.61 29.60 3.91
CA TYR G 204 -60.73 30.04 2.83
C TYR G 204 -59.30 30.25 3.33
N GLN G 205 -59.18 31.04 4.40
CA GLN G 205 -57.90 31.37 5.02
C GLN G 205 -57.11 30.12 5.37
N GLU G 206 -57.77 29.15 5.99
CA GLU G 206 -57.15 27.88 6.37
C GLU G 206 -56.64 27.15 5.14
N TYR G 207 -57.51 26.97 4.14
CA TYR G 207 -57.14 26.26 2.92
C TYR G 207 -55.93 26.88 2.20
N SER G 208 -55.95 28.21 2.07
CA SER G 208 -54.83 28.93 1.46
C SER G 208 -53.53 28.82 2.26
N LEU G 209 -53.64 28.64 3.58
CA LEU G 209 -52.47 28.40 4.43
C LEU G 209 -51.84 27.05 4.10
N ALA G 210 -52.69 26.06 3.85
CA ALA G 210 -52.23 24.73 3.42
C ALA G 210 -51.63 24.79 2.01
N ASN G 211 -52.26 25.54 1.11
CA ASN G 211 -51.78 25.68 -0.27
C ASN G 211 -50.38 26.26 -0.38
N ILE G 212 -50.11 27.33 0.38
CA ILE G 212 -48.80 27.99 0.32
C ILE G 212 -47.68 27.11 0.90
N ILE G 213 -48.00 26.36 1.96
CA ILE G 213 -47.04 25.39 2.51
C ILE G 213 -46.85 24.19 1.57
N TYR G 214 -47.94 23.71 0.97
CA TYR G 214 -47.83 22.67 -0.07
C TYR G 214 -46.92 23.14 -1.21
N TYR G 215 -47.14 24.37 -1.66
CA TYR G 215 -46.34 24.97 -2.71
C TYR G 215 -44.84 25.02 -2.37
N SER G 216 -44.52 25.40 -1.14
CA SER G 216 -43.13 25.46 -0.70
C SER G 216 -42.51 24.06 -0.62
N LEU G 217 -43.30 23.09 -0.15
CA LEU G 217 -42.85 21.70 -0.03
C LEU G 217 -42.45 21.09 -1.37
N LYS G 218 -43.25 21.36 -2.41
CA LYS G 218 -43.02 20.80 -3.74
C LYS G 218 -41.85 21.44 -4.47
N GLU G 219 -41.68 22.74 -4.30
CA GLU G 219 -40.53 23.47 -4.85
C GLU G 219 -39.25 23.05 -4.15
N SER G 220 -39.27 23.04 -2.83
CA SER G 220 -38.09 22.68 -2.02
C SER G 220 -37.53 21.30 -2.36
N THR G 221 -38.43 20.32 -2.46
CA THR G 221 -38.06 18.93 -2.75
C THR G 221 -37.37 18.78 -4.11
N THR G 222 -37.88 19.46 -5.13
CA THR G 222 -37.27 19.42 -6.47
C THR G 222 -35.85 19.99 -6.43
N SER G 223 -35.72 21.14 -5.76
CA SER G 223 -34.41 21.77 -5.55
C SER G 223 -33.46 20.87 -4.75
N GLU G 224 -33.98 20.22 -3.70
CA GLU G 224 -33.18 19.38 -2.82
C GLU G 224 -32.67 18.11 -3.53
N GLN G 225 -33.54 17.49 -4.32
CA GLN G 225 -33.16 16.27 -5.05
C GLN G 225 -32.13 16.55 -6.15
N SER G 226 -32.35 17.63 -6.90
CA SER G 226 -31.37 18.06 -7.89
C SER G 226 -30.02 18.37 -7.26
N ALA G 227 -30.03 19.12 -6.15
CA ALA G 227 -28.81 19.42 -5.40
C ALA G 227 -28.14 18.18 -4.78
N ARG G 228 -28.95 17.18 -4.41
CA ARG G 228 -28.43 15.90 -3.89
C ARG G 228 -27.72 15.13 -4.98
N MET G 229 -28.31 15.13 -6.17
CA MET G 229 -27.72 14.51 -7.36
C MET G 229 -26.33 15.09 -7.64
N THR G 230 -26.24 16.41 -7.68
CA THR G 230 -25.00 17.14 -7.92
C THR G 230 -23.91 16.87 -6.86
N ALA G 231 -24.30 16.93 -5.59
CA ALA G 231 -23.36 16.68 -4.48
C ALA G 231 -22.77 15.27 -4.54
N MET G 232 -23.63 14.29 -4.87
CA MET G 232 -23.21 12.90 -4.98
C MET G 232 -22.35 12.68 -6.20
N ASP G 233 -22.68 13.39 -7.29
CA ASP G 233 -21.90 13.36 -8.52
C ASP G 233 -20.49 13.90 -8.26
N ASN G 234 -20.41 15.00 -7.52
CA ASN G 234 -19.13 15.62 -7.18
C ASN G 234 -18.34 14.72 -6.24
N ALA G 235 -19.03 14.13 -5.25
CA ALA G 235 -18.41 13.21 -4.29
C ALA G 235 -17.75 12.02 -4.97
N SER G 236 -18.44 11.44 -5.95
CA SER G 236 -17.96 10.25 -6.64
C SER G 236 -16.86 10.56 -7.64
N LYS G 237 -16.88 11.77 -8.19
CA LYS G 237 -15.79 12.24 -9.05
C LYS G 237 -14.51 12.51 -8.25
N ASN G 238 -14.67 13.12 -7.08
CA ASN G 238 -13.56 13.32 -6.15
C ASN G 238 -12.97 12.01 -5.62
N ALA G 239 -13.84 11.05 -5.32
CA ALA G 239 -13.43 9.73 -4.87
C ALA G 239 -12.64 9.01 -5.94
N SER G 240 -13.11 9.08 -7.19
CA SER G 240 -12.44 8.44 -8.32
C SER G 240 -11.04 8.98 -8.58
N GLU G 241 -10.88 10.28 -8.40
CA GLU G 241 -9.59 10.94 -8.51
C GLU G 241 -8.63 10.47 -7.41
N MET G 242 -9.12 10.40 -6.18
CA MET G 242 -8.33 9.84 -5.07
C MET G 242 -7.95 8.40 -5.32
N ILE G 243 -8.92 7.61 -5.78
CA ILE G 243 -8.68 6.20 -6.11
C ILE G 243 -7.55 6.05 -7.11
N ASP G 244 -7.58 6.87 -8.16
CA ASP G 244 -6.57 6.83 -9.20
C ASP G 244 -5.17 7.09 -8.64
N LYS G 245 -5.06 8.10 -7.78
CA LYS G 245 -3.81 8.51 -7.14
C LYS G 245 -3.28 7.48 -6.14
N LEU G 246 -4.19 6.95 -5.33
CA LEU G 246 -3.84 5.91 -4.36
C LEU G 246 -3.42 4.61 -5.01
N THR G 247 -4.06 4.25 -6.11
CA THR G 247 -3.70 3.04 -6.86
C THR G 247 -2.24 3.12 -7.36
N LEU G 248 -1.81 4.31 -7.75
CA LEU G 248 -0.45 4.51 -8.21
C LEU G 248 0.54 4.31 -7.07
N THR G 249 0.25 4.92 -5.93
CA THR G 249 1.03 4.74 -4.71
C THR G 249 1.02 3.28 -4.28
N PHE G 250 -0.15 2.64 -4.36
CA PHE G 250 -0.26 1.23 -4.02
C PHE G 250 0.72 0.37 -4.83
N ASN G 251 0.71 0.54 -6.15
CA ASN G 251 1.53 -0.27 -7.03
C ASN G 251 3.04 -0.04 -6.85
N ARG G 252 3.42 1.23 -6.71
CA ARG G 252 4.80 1.60 -6.36
C ARG G 252 5.24 0.89 -5.09
N THR G 253 4.43 1.03 -4.04
CA THR G 253 4.73 0.46 -2.71
C THR G 253 4.78 -1.07 -2.78
N ARG G 254 3.83 -1.65 -3.50
CA ARG G 254 3.78 -3.10 -3.72
C ARG G 254 5.11 -3.65 -4.28
N GLN G 255 5.60 -3.04 -5.36
CA GLN G 255 6.85 -3.40 -6.00
C GLN G 255 8.04 -3.21 -5.05
N ALA G 256 8.06 -2.08 -4.36
CA ALA G 256 9.13 -1.74 -3.42
C ALA G 256 9.23 -2.72 -2.24
N VAL G 257 8.10 -3.26 -1.78
CA VAL G 257 8.12 -4.27 -0.72
C VAL G 257 8.75 -5.58 -1.22
N ILE G 258 8.35 -6.06 -2.40
CA ILE G 258 9.00 -7.23 -3.00
C ILE G 258 10.53 -7.02 -3.11
N THR G 259 10.93 -5.89 -3.70
CA THR G 259 12.33 -5.53 -3.87
C THR G 259 13.08 -5.52 -2.53
N LYS G 260 12.56 -4.79 -1.55
CA LYS G 260 13.18 -4.70 -0.23
C LYS G 260 13.38 -6.07 0.46
N GLU G 261 12.30 -6.85 0.53
CA GLU G 261 12.29 -8.22 1.08
C GLU G 261 13.40 -9.08 0.48
N LEU G 262 13.43 -9.11 -0.85
CA LEU G 262 14.36 -9.92 -1.62
C LEU G 262 15.82 -9.51 -1.38
N ILE G 263 16.09 -8.21 -1.32
CA ILE G 263 17.45 -7.74 -1.02
C ILE G 263 17.92 -8.20 0.38
N GLU G 264 16.99 -8.24 1.35
CA GLU G 264 17.26 -8.76 2.70
C GLU G 264 17.64 -10.24 2.73
N ILE G 265 16.91 -11.04 1.96
CA ILE G 265 17.17 -12.48 1.90
C ILE G 265 18.51 -12.75 1.20
N ILE G 266 18.79 -12.00 0.14
CA ILE G 266 20.05 -12.08 -0.60
C ILE G 266 21.26 -11.67 0.27
N SER G 267 21.10 -10.60 1.05
CA SER G 267 22.12 -10.22 2.03
C SER G 267 22.34 -11.34 3.05
N GLY G 268 21.24 -11.88 3.59
CA GLY G 268 21.30 -13.01 4.53
C GLY G 268 22.03 -14.24 3.99
N ALA G 269 21.83 -14.51 2.72
CA ALA G 269 22.47 -15.63 2.03
C ALA G 269 23.97 -15.38 1.79
N ALA G 270 24.31 -14.17 1.35
CA ALA G 270 25.71 -13.81 1.07
C ALA G 270 26.59 -13.83 2.32
N ALA G 271 26.00 -13.49 3.46
CA ALA G 271 26.73 -13.36 4.73
C ALA G 271 27.16 -14.69 5.36
N LEU G 272 26.49 -15.77 4.97
CA LEU G 272 26.78 -17.10 5.52
C LEU G 272 28.18 -17.58 5.17
N GLN H 15 -65.04 36.94 -21.82
CA GLN H 15 -63.84 36.05 -21.69
C GLN H 15 -63.20 36.14 -20.30
N MET H 16 -63.23 35.02 -19.58
CA MET H 16 -62.60 34.91 -18.27
C MET H 16 -61.50 33.86 -18.28
N SER H 17 -60.33 34.22 -17.74
CA SER H 17 -59.20 33.29 -17.68
C SER H 17 -59.37 32.33 -16.50
N PHE H 18 -59.80 31.11 -16.84
CA PHE H 18 -60.15 30.09 -15.87
C PHE H 18 -58.96 29.19 -15.58
N THR H 19 -58.64 29.04 -14.30
CA THR H 19 -57.62 28.09 -13.87
C THR H 19 -58.27 27.07 -12.93
N PHE H 20 -58.10 25.80 -13.26
CA PHE H 20 -58.76 24.72 -12.53
C PHE H 20 -57.75 23.60 -12.31
N ALA H 21 -57.33 23.46 -11.06
CA ALA H 21 -56.33 22.48 -10.68
C ALA H 21 -56.53 21.87 -9.29
N SER H 22 -56.00 20.66 -9.14
CA SER H 22 -55.77 20.01 -7.86
C SER H 22 -54.27 20.13 -7.62
N PRO H 23 -53.79 19.75 -6.41
CA PRO H 23 -52.35 19.70 -6.19
C PRO H 23 -51.60 18.83 -7.21
N THR H 24 -52.30 17.85 -7.78
CA THR H 24 -51.66 16.83 -8.63
C THR H 24 -52.04 16.90 -10.12
N GLN H 25 -53.04 17.69 -10.47
CA GLN H 25 -53.60 17.69 -11.83
C GLN H 25 -54.08 19.08 -12.24
N VAL H 26 -53.79 19.47 -13.48
CA VAL H 26 -54.37 20.67 -14.09
C VAL H 26 -55.41 20.34 -15.17
N PHE H 27 -56.57 21.00 -15.05
CA PHE H 27 -57.68 20.82 -15.99
C PHE H 27 -57.81 22.01 -16.94
N PHE H 28 -57.61 23.21 -16.40
CA PHE H 28 -57.59 24.43 -17.19
C PHE H 28 -56.51 25.35 -16.65
N ASN H 29 -55.77 25.98 -17.55
CA ASN H 29 -54.74 26.92 -17.19
C ASN H 29 -54.92 28.21 -17.96
N SER H 30 -55.47 29.22 -17.27
CA SER H 30 -55.78 30.53 -17.87
C SER H 30 -56.56 30.39 -19.18
N ALA H 31 -57.55 29.50 -19.18
CA ALA H 31 -58.35 29.20 -20.37
C ALA H 31 -59.62 30.04 -20.45
N ASN H 32 -59.99 30.43 -21.68
CA ASN H 32 -61.18 31.24 -21.92
C ASN H 32 -62.44 30.37 -21.94
N VAL H 33 -63.23 30.47 -20.89
CA VAL H 33 -64.48 29.72 -20.80
C VAL H 33 -65.64 30.70 -20.59
N ARG H 34 -66.85 30.26 -20.92
CA ARG H 34 -68.01 31.14 -20.79
C ARG H 34 -68.56 31.17 -19.37
N GLN H 35 -68.73 30.00 -18.76
CA GLN H 35 -69.38 29.87 -17.45
C GLN H 35 -68.84 28.67 -16.66
N VAL H 36 -68.64 28.86 -15.37
CA VAL H 36 -68.26 27.79 -14.45
C VAL H 36 -69.25 27.69 -13.29
N ASP H 37 -69.88 26.52 -13.16
CA ASP H 37 -70.79 26.23 -12.03
C ASP H 37 -70.02 25.48 -10.94
N VAL H 38 -70.13 25.95 -9.71
CA VAL H 38 -69.27 25.50 -8.62
C VAL H 38 -70.10 25.02 -7.41
N PRO H 39 -69.70 23.87 -6.79
CA PRO H 39 -70.43 23.37 -5.62
C PRO H 39 -69.83 23.93 -4.34
N THR H 40 -70.58 24.80 -3.68
CA THR H 40 -70.03 25.62 -2.61
C THR H 40 -70.63 25.26 -1.24
N GLN H 41 -69.92 25.62 -0.18
CA GLN H 41 -70.33 25.32 1.21
C GLN H 41 -71.74 25.79 1.54
N THR H 42 -72.09 26.99 1.10
CA THR H 42 -73.43 27.53 1.31
C THR H 42 -74.05 27.85 -0.05
N GLY H 43 -74.57 26.83 -0.71
CA GLY H 43 -75.24 26.96 -2.01
C GLY H 43 -74.40 26.51 -3.19
N ALA H 44 -74.75 27.00 -4.37
CA ALA H 44 -73.96 26.77 -5.59
C ALA H 44 -73.80 28.08 -6.36
N PHE H 45 -72.59 28.33 -6.86
CA PHE H 45 -72.28 29.55 -7.58
C PHE H 45 -72.10 29.28 -9.06
N GLY H 46 -72.80 30.06 -9.89
CA GLY H 46 -72.54 30.11 -11.32
C GLY H 46 -71.67 31.31 -11.62
N ILE H 47 -70.52 31.08 -12.27
CA ILE H 47 -69.51 32.13 -12.46
C ILE H 47 -69.37 32.51 -13.93
N LEU H 48 -69.67 33.78 -14.22
CA LEU H 48 -69.51 34.37 -15.54
C LEU H 48 -68.36 35.38 -15.53
N ALA H 49 -67.97 35.84 -16.72
CA ALA H 49 -66.85 36.77 -16.89
C ALA H 49 -66.95 38.07 -16.08
N ALA H 50 -68.13 38.68 -16.03
CA ALA H 50 -68.31 39.95 -15.33
C ALA H 50 -68.76 39.80 -13.87
N HIS H 51 -68.21 38.79 -13.19
CA HIS H 51 -68.65 38.43 -11.84
C HIS H 51 -67.90 39.22 -10.78
N VAL H 52 -68.67 39.74 -9.82
CA VAL H 52 -68.13 40.49 -8.68
C VAL H 52 -67.10 39.67 -7.93
N PRO H 53 -65.99 40.31 -7.48
CA PRO H 53 -64.95 39.63 -6.71
C PRO H 53 -65.47 38.95 -5.45
N THR H 54 -65.11 37.68 -5.27
CA THR H 54 -65.60 36.86 -4.16
C THR H 54 -64.63 35.72 -3.81
N LEU H 55 -64.66 35.33 -2.54
CA LEU H 55 -63.92 34.17 -2.04
C LEU H 55 -64.94 33.18 -1.48
N GLN H 56 -64.59 31.90 -1.54
CA GLN H 56 -65.50 30.84 -1.13
C GLN H 56 -64.77 29.50 -1.10
N VAL H 57 -65.36 28.54 -0.38
CA VAL H 57 -64.81 27.20 -0.25
C VAL H 57 -65.85 26.18 -0.71
N LEU H 58 -65.39 24.96 -0.99
CA LEU H 58 -66.21 23.97 -1.70
C LEU H 58 -66.77 22.83 -0.85
N ARG H 59 -67.77 22.16 -1.41
CA ARG H 59 -68.32 20.90 -0.91
C ARG H 59 -68.01 19.83 -1.98
N PRO H 60 -68.09 18.54 -1.61
CA PRO H 60 -68.03 17.51 -2.65
C PRO H 60 -69.23 17.57 -3.63
N GLY H 61 -68.92 17.62 -4.92
CA GLY H 61 -69.94 17.70 -5.97
C GLY H 61 -69.35 17.90 -7.35
N LEU H 62 -70.19 18.30 -8.31
CA LEU H 62 -69.76 18.46 -9.68
C LEU H 62 -69.45 19.91 -10.03
N VAL H 63 -68.44 20.08 -10.90
CA VAL H 63 -68.16 21.36 -11.53
C VAL H 63 -68.54 21.25 -13.00
N VAL H 64 -69.27 22.24 -13.49
CA VAL H 64 -69.65 22.25 -14.89
C VAL H 64 -68.93 23.43 -15.56
N VAL H 65 -68.12 23.14 -16.58
CA VAL H 65 -67.44 24.18 -17.33
C VAL H 65 -68.12 24.33 -18.68
N HIS H 66 -68.71 25.50 -18.90
CA HIS H 66 -69.34 25.85 -20.16
C HIS H 66 -68.28 26.44 -21.08
N ALA H 67 -68.03 25.74 -22.18
CA ALA H 67 -66.96 26.12 -23.11
C ALA H 67 -67.34 27.28 -24.03
N GLU H 68 -66.32 28.03 -24.43
CA GLU H 68 -66.44 29.10 -25.42
C GLU H 68 -67.26 28.60 -26.61
N ASP H 69 -66.84 27.45 -27.15
CA ASP H 69 -67.53 26.79 -28.27
C ASP H 69 -68.48 25.70 -27.76
N GLY H 70 -69.75 25.82 -28.15
CA GLY H 70 -70.77 24.83 -27.80
C GLY H 70 -71.02 24.65 -26.31
N THR H 71 -70.97 23.39 -25.87
CA THR H 71 -71.47 23.01 -24.54
C THR H 71 -70.39 22.83 -23.44
N THR H 72 -70.53 21.75 -22.68
CA THR H 72 -69.94 21.65 -21.34
C THR H 72 -69.09 20.39 -21.09
N SER H 73 -68.29 20.45 -20.02
CA SER H 73 -67.55 19.29 -19.51
C SER H 73 -67.69 19.20 -17.98
N LYS H 74 -67.61 17.98 -17.45
CA LYS H 74 -67.94 17.70 -16.05
C LYS H 74 -66.76 17.13 -15.26
N TYR H 75 -66.63 17.56 -14.00
CA TYR H 75 -65.56 17.12 -13.11
C TYR H 75 -66.12 16.99 -11.69
N PHE H 76 -65.60 16.06 -10.92
CA PHE H 76 -65.99 15.92 -9.53
C PHE H 76 -64.91 16.51 -8.65
N VAL H 77 -65.32 17.36 -7.72
CA VAL H 77 -64.40 18.06 -6.83
C VAL H 77 -64.69 17.64 -5.39
N SER H 78 -63.64 17.43 -4.61
CA SER H 78 -63.76 16.98 -3.23
C SER H 78 -64.07 18.14 -2.28
N SER H 79 -63.34 19.23 -2.46
CA SER H 79 -63.28 20.34 -1.49
C SER H 79 -62.20 21.31 -1.97
N GLY H 80 -62.06 22.43 -1.27
CA GLY H 80 -61.06 23.43 -1.66
C GLY H 80 -61.61 24.84 -1.72
N SER H 81 -61.15 25.63 -2.69
CA SER H 81 -61.53 27.04 -2.75
C SER H 81 -61.79 27.55 -4.16
N VAL H 82 -62.49 28.68 -4.23
CA VAL H 82 -62.72 29.38 -5.49
C VAL H 82 -62.50 30.88 -5.30
N THR H 83 -61.74 31.47 -6.21
CA THR H 83 -61.36 32.87 -6.12
C THR H 83 -61.70 33.57 -7.43
N VAL H 84 -62.58 34.57 -7.35
CA VAL H 84 -62.92 35.40 -8.49
C VAL H 84 -62.46 36.84 -8.21
N ASN H 85 -61.71 37.41 -9.14
CA ASN H 85 -61.02 38.70 -8.90
C ASN H 85 -61.62 39.89 -9.63
N ALA H 86 -60.98 41.04 -9.49
CA ALA H 86 -61.40 42.28 -10.14
C ALA H 86 -61.30 42.13 -11.65
N ASP H 87 -60.16 41.60 -12.11
CA ASP H 87 -60.02 41.16 -13.50
C ASP H 87 -60.79 39.85 -13.65
N SER H 88 -60.98 39.42 -14.89
CA SER H 88 -61.82 38.25 -15.14
C SER H 88 -61.12 36.92 -14.82
N SER H 89 -60.08 36.97 -14.00
CA SER H 89 -59.36 35.76 -13.60
C SER H 89 -60.11 35.01 -12.51
N VAL H 90 -60.26 33.70 -12.71
CA VAL H 90 -60.89 32.82 -11.72
C VAL H 90 -60.03 31.57 -11.47
N GLN H 91 -59.69 31.33 -10.21
CA GLN H 91 -58.96 30.11 -9.84
C GLN H 91 -59.77 29.17 -8.95
N LEU H 92 -60.07 27.99 -9.50
CA LEU H 92 -60.72 26.91 -8.78
C LEU H 92 -59.67 25.89 -8.37
N LEU H 93 -59.50 25.72 -7.06
CA LEU H 93 -58.45 24.88 -6.50
C LEU H 93 -59.03 23.81 -5.60
N ALA H 94 -59.08 22.57 -6.10
CA ALA H 94 -59.64 21.46 -5.35
C ALA H 94 -58.55 20.56 -4.80
N GLU H 95 -58.76 19.99 -3.61
CA GLU H 95 -57.81 19.02 -3.07
C GLU H 95 -57.75 17.76 -3.94
N GLU H 96 -58.92 17.27 -4.34
CA GLU H 96 -59.05 16.18 -5.28
C GLU H 96 -60.01 16.56 -6.39
N ALA H 97 -59.60 16.32 -7.63
CA ALA H 97 -60.45 16.56 -8.79
C ALA H 97 -60.22 15.49 -9.85
N VAL H 98 -61.31 14.93 -10.33
CA VAL H 98 -61.27 13.79 -11.25
C VAL H 98 -62.40 13.94 -12.27
N THR H 99 -62.23 13.32 -13.44
CA THR H 99 -63.39 13.08 -14.30
C THR H 99 -64.09 11.84 -13.76
N LEU H 100 -65.41 11.78 -13.94
CA LEU H 100 -66.22 10.66 -13.46
C LEU H 100 -65.86 9.33 -14.15
N ASP H 101 -65.07 9.46 -15.22
CA ASP H 101 -64.51 8.32 -15.95
C ASP H 101 -63.52 7.53 -15.09
N MET H 102 -63.06 8.15 -14.01
CA MET H 102 -62.02 7.60 -13.15
C MET H 102 -62.55 6.85 -11.93
N LEU H 103 -63.83 7.06 -11.63
CA LEU H 103 -64.45 6.56 -10.40
C LEU H 103 -65.22 5.27 -10.62
N ASP H 104 -65.23 4.42 -9.59
CA ASP H 104 -66.01 3.18 -9.62
C ASP H 104 -67.27 3.35 -8.77
N LEU H 105 -68.40 3.00 -9.37
CA LEU H 105 -69.70 3.13 -8.71
C LEU H 105 -69.84 2.09 -7.60
N GLY H 106 -69.47 0.85 -7.91
CA GLY H 106 -69.50 -0.25 -6.95
C GLY H 106 -68.75 0.06 -5.66
N ALA H 107 -67.60 0.73 -5.80
CA ALA H 107 -66.77 1.12 -4.65
C ALA H 107 -67.38 2.23 -3.80
N ALA H 108 -67.91 3.27 -4.44
CA ALA H 108 -68.52 4.40 -3.74
C ALA H 108 -69.79 3.99 -3.00
N LYS H 109 -70.59 3.12 -3.63
CA LYS H 109 -71.78 2.54 -3.01
C LYS H 109 -71.41 1.64 -1.83
N ALA H 110 -70.36 0.84 -2.00
CA ALA H 110 -69.82 0.01 -0.92
C ALA H 110 -69.23 0.87 0.20
N ASN H 111 -68.60 1.98 -0.19
CA ASN H 111 -68.04 2.94 0.77
C ASN H 111 -69.12 3.72 1.54
N LEU H 112 -70.32 3.77 0.97
CA LEU H 112 -71.44 4.45 1.61
C LEU H 112 -71.96 3.65 2.80
N GLU H 113 -72.21 2.35 2.60
CA GLU H 113 -72.68 1.47 3.68
C GLU H 113 -71.65 1.28 4.80
N LYS H 114 -70.37 1.34 4.44
CA LYS H 114 -69.29 1.28 5.42
C LYS H 114 -69.34 2.48 6.37
N ALA H 115 -69.64 3.66 5.83
CA ALA H 115 -69.74 4.88 6.62
C ALA H 115 -71.09 4.99 7.34
N GLN H 116 -72.15 4.45 6.72
CA GLN H 116 -73.48 4.41 7.32
C GLN H 116 -73.49 3.48 8.55
N SER H 117 -72.60 2.50 8.54
CA SER H 117 -72.42 1.57 9.66
C SER H 117 -71.66 2.21 10.83
N GLU H 118 -70.69 3.06 10.52
CA GLU H 118 -69.91 3.79 11.54
C GLU H 118 -70.73 4.91 12.18
N LEU H 119 -71.73 5.41 11.45
CA LEU H 119 -72.60 6.50 11.91
C LEU H 119 -73.44 6.11 13.13
N LEU H 120 -73.90 4.87 13.16
CA LEU H 120 -74.78 4.39 14.24
C LEU H 120 -74.02 3.69 15.37
N GLY H 121 -72.73 4.01 15.51
CA GLY H 121 -71.88 3.36 16.51
C GLY H 121 -70.91 4.25 17.26
N ALA H 122 -70.47 5.33 16.61
CA ALA H 122 -69.47 6.24 17.17
C ALA H 122 -69.96 6.98 18.43
N ALA H 123 -69.11 7.00 19.45
CA ALA H 123 -69.44 7.63 20.73
C ALA H 123 -68.51 8.80 21.10
N ASP H 124 -68.14 9.58 20.09
CA ASP H 124 -67.31 10.77 20.28
C ASP H 124 -67.65 11.86 19.27
N GLU H 125 -67.78 13.09 19.76
CA GLU H 125 -68.23 14.24 18.94
C GLU H 125 -67.39 14.47 17.69
N ALA H 126 -66.06 14.55 17.86
CA ALA H 126 -65.13 14.81 16.76
C ALA H 126 -65.08 13.65 15.76
N THR H 127 -65.24 12.43 16.27
CA THR H 127 -65.22 11.23 15.45
C THR H 127 -66.53 11.10 14.64
N ARG H 128 -67.63 11.58 15.23
CA ARG H 128 -68.95 11.59 14.58
C ARG H 128 -68.95 12.43 13.30
N ALA H 129 -68.38 13.64 13.39
CA ALA H 129 -68.30 14.56 12.26
C ALA H 129 -67.45 13.98 11.13
N GLU H 130 -66.37 13.29 11.49
CA GLU H 130 -65.49 12.63 10.52
C GLU H 130 -66.21 11.52 9.75
N ILE H 131 -67.26 10.95 10.35
CA ILE H 131 -68.10 9.97 9.67
C ILE H 131 -69.10 10.67 8.72
N GLN H 132 -69.80 11.69 9.23
CA GLN H 132 -70.80 12.45 8.47
C GLN H 132 -70.22 13.08 7.20
N ILE H 133 -69.01 13.63 7.31
CA ILE H 133 -68.30 14.18 6.17
C ILE H 133 -68.07 13.10 5.09
N ARG H 134 -67.68 11.90 5.52
CA ARG H 134 -67.43 10.78 4.61
C ARG H 134 -68.72 10.27 3.94
N ILE H 135 -69.83 10.28 4.67
CA ILE H 135 -71.13 9.90 4.11
C ILE H 135 -71.55 10.92 3.05
N GLU H 136 -71.46 12.19 3.41
CA GLU H 136 -71.74 13.32 2.53
C GLU H 136 -70.90 13.27 1.24
N ALA H 137 -69.64 12.89 1.37
CA ALA H 137 -68.75 12.79 0.22
C ALA H 137 -69.13 11.63 -0.70
N ASN H 138 -69.33 10.44 -0.12
CA ASN H 138 -69.78 9.26 -0.85
C ASN H 138 -71.19 9.42 -1.42
N GLU H 139 -72.02 10.17 -0.71
CA GLU H 139 -73.38 10.51 -1.15
C GLU H 139 -73.31 11.21 -2.50
N ALA H 140 -72.48 12.25 -2.59
CA ALA H 140 -72.33 13.04 -3.82
C ALA H 140 -71.66 12.26 -4.96
N LEU H 141 -70.65 11.45 -4.61
CA LEU H 141 -70.03 10.53 -5.56
C LEU H 141 -71.05 9.61 -6.23
N VAL H 142 -71.87 8.94 -5.41
CA VAL H 142 -72.91 8.03 -5.89
C VAL H 142 -73.94 8.82 -6.70
N LYS H 143 -74.25 10.03 -6.22
CA LYS H 143 -75.21 10.90 -6.88
C LYS H 143 -74.72 11.24 -8.30
N ALA H 144 -73.43 11.49 -8.43
CA ALA H 144 -72.82 11.79 -9.72
C ALA H 144 -72.68 10.54 -10.60
N LEU H 145 -72.37 9.41 -9.98
CA LEU H 145 -72.14 8.16 -10.70
C LEU H 145 -73.40 7.31 -10.80
N VAL I 1 -70.45 28.19 11.53
CA VAL I 1 -70.50 27.05 12.49
C VAL I 1 -71.30 25.88 11.89
N ALA I 2 -70.59 25.03 11.14
CA ALA I 2 -71.17 23.80 10.60
C ALA I 2 -71.03 22.68 11.63
N TYR I 3 -71.72 21.56 11.42
CA TYR I 3 -71.70 20.45 12.38
C TYR I 3 -70.29 20.00 12.74
N TRP I 4 -69.37 20.14 11.79
CA TRP I 4 -67.98 19.76 11.99
C TRP I 4 -67.15 20.85 12.66
N ARG I 5 -67.49 22.12 12.42
CA ARG I 5 -66.76 23.23 13.04
C ARG I 5 -67.07 23.37 14.54
N GLN I 6 -68.33 23.11 14.91
CA GLN I 6 -68.73 23.08 16.32
C GLN I 6 -67.99 21.96 17.05
N ALA I 7 -67.64 20.91 16.30
CA ALA I 7 -66.89 19.77 16.85
C ALA I 7 -65.38 20.07 16.99
N GLY I 8 -64.97 21.27 16.60
CA GLY I 8 -63.58 21.71 16.75
C GLY I 8 -62.69 21.35 15.58
N LEU I 9 -63.30 20.93 14.48
CA LEU I 9 -62.58 20.53 13.27
C LEU I 9 -62.43 21.68 12.29
N SER I 10 -61.35 21.67 11.50
CA SER I 10 -61.04 22.74 10.55
C SER I 10 -61.41 22.37 9.13
N TYR I 11 -61.42 23.37 8.24
CA TYR I 11 -61.66 23.11 6.82
C TYR I 11 -60.56 22.24 6.20
N ILE I 12 -59.36 22.33 6.78
CA ILE I 12 -58.23 21.46 6.41
C ILE I 12 -58.62 19.99 6.63
N ARG I 13 -59.12 19.69 7.81
CA ARG I 13 -59.54 18.33 8.18
C ARG I 13 -60.75 17.87 7.35
N TYR I 14 -61.78 18.71 7.26
CA TYR I 14 -62.95 18.47 6.42
C TYR I 14 -62.53 18.09 5.00
N SER I 15 -61.65 18.91 4.43
CA SER I 15 -61.18 18.75 3.06
C SER I 15 -60.36 17.48 2.84
N GLN I 16 -59.66 17.06 3.89
CA GLN I 16 -58.82 15.86 3.86
C GLN I 16 -59.68 14.59 3.78
N ILE I 17 -60.76 14.56 4.55
CA ILE I 17 -61.70 13.43 4.51
C ILE I 17 -62.40 13.36 3.16
N CYS I 18 -62.87 14.51 2.68
CA CYS I 18 -63.50 14.62 1.37
C CYS I 18 -62.59 14.10 0.26
N ALA I 19 -61.31 14.51 0.33
CA ALA I 19 -60.29 14.13 -0.64
C ALA I 19 -60.01 12.62 -0.62
N LYS I 20 -59.93 12.07 0.58
CA LYS I 20 -59.69 10.65 0.78
C LYS I 20 -60.82 9.81 0.20
N ALA I 21 -62.06 10.25 0.41
CA ALA I 21 -63.24 9.52 -0.06
C ALA I 21 -63.30 9.45 -1.61
N VAL I 22 -62.92 10.53 -2.27
CA VAL I 22 -62.85 10.58 -3.72
C VAL I 22 -61.80 9.61 -4.26
N ARG I 23 -60.69 9.45 -3.52
CA ARG I 23 -59.64 8.50 -3.86
C ARG I 23 -60.10 7.07 -3.61
N ASP I 24 -60.73 6.83 -2.45
CA ASP I 24 -61.22 5.50 -2.08
C ASP I 24 -62.36 4.98 -2.98
N ALA I 25 -62.82 5.85 -3.89
CA ALA I 25 -63.88 5.52 -4.84
C ALA I 25 -63.38 5.36 -6.28
N LEU I 26 -62.07 5.51 -6.48
CA LEU I 26 -61.45 5.21 -7.77
C LEU I 26 -61.44 3.69 -8.01
N LYS I 27 -61.25 3.29 -9.27
CA LYS I 27 -61.08 1.87 -9.61
C LYS I 27 -59.62 1.47 -9.80
N THR I 28 -59.35 0.17 -9.77
CA THR I 28 -58.00 -0.39 -9.89
C THR I 28 -57.41 -0.15 -11.29
N GLU I 29 -56.97 1.09 -11.50
CA GLU I 29 -56.45 1.58 -12.77
C GLU I 29 -55.93 2.99 -12.52
N PHE I 30 -56.64 3.71 -11.67
CA PHE I 30 -56.26 5.04 -11.20
C PHE I 30 -55.89 4.96 -9.71
N LYS I 31 -56.26 3.85 -9.09
CA LYS I 31 -55.98 3.58 -7.67
C LYS I 31 -54.48 3.42 -7.42
N ALA I 32 -53.73 3.04 -8.46
CA ALA I 32 -52.28 2.94 -8.39
C ALA I 32 -51.63 4.28 -8.00
N ASN I 33 -52.30 5.37 -8.34
CA ASN I 33 -51.82 6.71 -7.99
C ASN I 33 -52.53 7.27 -6.76
N ALA I 34 -53.08 6.39 -5.95
CA ALA I 34 -53.26 6.67 -4.52
C ALA I 34 -51.92 6.73 -3.79
N MET I 35 -51.14 5.68 -3.93
CA MET I 35 -49.89 5.54 -3.18
C MET I 35 -49.07 6.83 -3.24
N LYS I 36 -48.79 7.29 -4.46
CA LYS I 36 -47.68 8.19 -4.70
C LYS I 36 -48.09 9.55 -4.13
N THR I 37 -49.41 9.72 -3.98
CA THR I 37 -50.04 10.85 -3.32
C THR I 37 -50.58 10.36 -1.96
N SER I 38 -51.25 11.24 -1.23
CA SER I 38 -51.91 10.90 0.05
C SER I 38 -50.99 10.21 1.08
N GLY I 39 -49.91 10.88 1.44
CA GLY I 39 -48.95 10.32 2.40
C GLY I 39 -49.11 10.86 3.81
N SER I 40 -48.32 10.33 4.73
CA SER I 40 -48.29 10.79 6.11
C SER I 40 -46.87 10.64 6.67
N THR I 41 -45.90 11.11 5.90
CA THR I 41 -44.48 10.98 6.25
C THR I 41 -44.10 11.95 7.37
N ILE I 42 -44.36 13.24 7.16
CA ILE I 42 -43.90 14.31 8.06
C ILE I 42 -44.43 14.14 9.47
N LYS I 43 -43.53 14.33 10.45
CA LYS I 43 -43.85 14.11 11.84
C LYS I 43 -43.41 15.29 12.71
N ILE I 44 -44.16 15.54 13.78
CA ILE I 44 -43.87 16.64 14.69
C ILE I 44 -42.65 16.34 15.57
N VAL I 45 -41.99 17.39 16.06
CA VAL I 45 -40.85 17.23 16.96
C VAL I 45 -41.16 17.88 18.30
N LYS I 46 -41.41 17.03 19.31
CA LYS I 46 -41.57 17.49 20.68
C LYS I 46 -40.32 17.13 21.49
N VAL I 47 -40.16 17.78 22.65
CA VAL I 47 -38.95 17.70 23.49
C VAL I 47 -37.64 17.57 22.69
N VAL J 8 -16.50 -6.25 -7.60
CA VAL J 8 -16.05 -7.63 -7.93
C VAL J 8 -15.69 -8.46 -6.68
N ARG J 9 -14.60 -8.08 -6.02
CA ARG J 9 -14.17 -8.69 -4.76
C ARG J 9 -14.97 -8.11 -3.59
N SER J 10 -15.39 -8.97 -2.67
CA SER J 10 -16.12 -8.57 -1.48
C SER J 10 -15.33 -7.58 -0.61
N SER J 11 -16.02 -6.56 -0.07
CA SER J 11 -15.35 -5.47 0.66
C SER J 11 -16.18 -4.79 1.75
N ALA J 12 -17.26 -5.43 2.22
CA ALA J 12 -18.13 -4.84 3.26
C ALA J 12 -17.38 -4.50 4.54
N GLY J 13 -17.60 -3.27 5.04
CA GLY J 13 -17.00 -2.85 6.31
C GLY J 13 -15.62 -2.22 6.16
N ALA J 14 -15.21 -1.99 4.91
CA ALA J 14 -13.90 -1.41 4.64
C ALA J 14 -13.74 0.00 5.18
N VAL J 15 -14.83 0.77 5.27
CA VAL J 15 -14.75 2.15 5.77
C VAL J 15 -14.37 2.21 7.27
N ARG J 16 -15.09 1.44 8.10
CA ARG J 16 -14.71 1.25 9.51
C ARG J 16 -13.29 0.68 9.66
N ASP J 17 -12.95 -0.30 8.82
CA ASP J 17 -11.65 -0.99 8.87
C ASP J 17 -10.43 -0.09 8.66
N ALA J 18 -10.64 1.02 7.95
CA ALA J 18 -9.54 1.94 7.64
C ALA J 18 -9.21 2.81 8.85
N GLY J 19 -9.95 2.99 9.96
CA GLY J 19 -9.89 3.99 11.00
C GLY J 19 -9.72 5.40 10.44
N GLY J 20 -10.25 5.62 9.25
CA GLY J 20 -10.15 6.92 8.60
C GLY J 20 -11.25 7.88 9.04
N ALA J 21 -11.07 9.15 8.72
CA ALA J 21 -12.05 10.17 9.07
C ALA J 21 -13.47 9.67 8.89
N PHE J 22 -13.76 9.18 7.68
CA PHE J 22 -15.09 8.66 7.36
C PHE J 22 -15.47 7.53 8.32
N GLY J 23 -14.46 6.77 8.76
CA GLY J 23 -14.70 5.67 9.67
C GLY J 23 -15.08 6.14 11.06
N LYS J 24 -14.36 7.03 11.56
CA LYS J 24 -14.54 7.64 12.88
C LYS J 24 -15.84 8.45 12.96
N ARG J 25 -16.18 9.13 11.86
CA ARG J 25 -17.41 9.90 11.75
C ARG J 25 -18.64 9.00 11.82
N GLU J 26 -18.59 7.86 11.13
CA GLU J 26 -19.74 6.95 11.08
C GLU J 26 -20.02 6.33 12.45
N GLN J 27 -18.94 6.02 13.17
CA GLN J 27 -19.00 5.50 14.52
C GLN J 27 -19.68 6.49 15.48
N ALA J 28 -19.30 7.76 15.36
CA ALA J 28 -19.91 8.82 16.16
C ALA J 28 -21.37 9.05 15.79
N GLU J 29 -21.68 8.94 14.50
CA GLU J 29 -23.04 9.11 14.00
C GLU J 29 -23.98 8.02 14.51
N GLU J 30 -23.53 6.77 14.52
CA GLU J 30 -24.31 5.67 15.11
C GLU J 30 -24.55 5.90 16.59
N GLU J 31 -23.49 6.29 17.30
CA GLU J 31 -23.54 6.51 18.75
C GLU J 31 -24.54 7.61 19.10
N ARG J 32 -24.46 8.72 18.38
CA ARG J 32 -25.41 9.84 18.55
C ARG J 32 -26.86 9.34 18.44
N TYR J 33 -27.14 8.60 17.38
CA TYR J 33 -28.46 8.05 17.11
C TYR J 33 -28.97 7.17 18.25
N PHE J 34 -28.12 6.27 18.72
CA PHE J 34 -28.54 5.30 19.72
C PHE J 34 -28.56 5.84 21.16
N ARG J 35 -27.86 6.93 21.43
CA ARG J 35 -28.00 7.63 22.70
C ARG J 35 -29.32 8.42 22.80
N ALA J 36 -29.79 8.92 21.65
CA ALA J 36 -31.08 9.61 21.57
C ALA J 36 -32.21 8.60 21.71
N ARG J 37 -32.01 7.40 21.15
CA ARG J 37 -32.94 6.28 21.29
C ARG J 37 -33.05 5.80 22.73
N ALA J 38 -31.90 5.66 23.39
CA ALA J 38 -31.84 5.25 24.79
C ALA J 38 -32.60 6.21 25.72
N LYS J 39 -32.49 7.51 25.46
CA LYS J 39 -33.23 8.52 26.23
C LYS J 39 -34.74 8.32 26.11
N GLU J 40 -35.20 8.12 24.89
CA GLU J 40 -36.60 7.85 24.58
C GLU J 40 -37.08 6.54 25.20
N GLN J 41 -36.24 5.50 25.13
CA GLN J 41 -36.60 4.18 25.64
C GLN J 41 -36.62 4.06 27.16
N LEU J 42 -35.73 4.79 27.84
CA LEU J 42 -35.69 4.81 29.30
C LEU J 42 -36.84 5.62 29.92
N ALA J 43 -37.24 6.70 29.25
CA ALA J 43 -38.44 7.45 29.63
C ALA J 43 -39.70 6.61 29.45
N ALA J 44 -39.81 5.92 28.31
CA ALA J 44 -40.95 5.05 28.03
C ALA J 44 -41.03 3.90 29.04
N LEU J 45 -39.87 3.50 29.54
CA LEU J 45 -39.75 2.44 30.54
C LEU J 45 -40.10 2.97 31.92
N LYS J 46 -39.80 4.25 32.16
CA LYS J 46 -40.19 4.95 33.39
C LYS J 46 -41.72 5.09 33.51
N LYS J 47 -42.38 5.38 32.39
CA LYS J 47 -43.83 5.59 32.39
C LYS J 47 -44.61 4.28 32.30
N HIS J 48 -43.91 3.20 31.97
CA HIS J 48 -44.50 1.86 32.02
C HIS J 48 -44.37 1.30 33.44
N HIS J 49 -43.45 1.89 34.20
CA HIS J 49 -43.20 1.52 35.61
C HIS J 49 -44.42 1.83 36.49
N GLU J 50 -45.17 2.86 36.09
CA GLU J 50 -46.54 3.14 36.58
C GLU J 50 -47.11 4.39 35.91
#